data_7ST9
#
_entry.id   7ST9
#
_cell.length_a   1.00
_cell.length_b   1.00
_cell.length_c   1.00
_cell.angle_alpha   90.00
_cell.angle_beta   90.00
_cell.angle_gamma   90.00
#
_symmetry.space_group_name_H-M   'P 1'
#
loop_
_entity.id
_entity.type
_entity.pdbx_description
1 polymer 'Checkpoint protein RAD24'
2 polymer 'Replication factor C subunit 4'
3 polymer 'Replication factor C subunit 3'
4 polymer 'Replication factor C subunit 2'
5 polymer 'Replication factor C subunit 5'
6 polymer 'DNA damage checkpoint control protein RAD17'
7 polymer 'DNA damage checkpoint protein 1'
8 polymer 'DNA damage checkpoint control protein MEC3'
9 polymer 'DNA (50-MER)'
10 polymer "DNA (5'-D(P*CP*GP*CP*TP*CP*CP*TP*TP*CP*CP*TP*GP*AP*CP*TP*CP*GP*TP*CP*C)-3')"
11 non-polymer 'PHOSPHOTHIOPHOSPHORIC ACID-ADENYLATE ESTER'
12 non-polymer 'MAGNESIUM ION'
13 non-polymer 'GLUTAMIC ACID'
14 non-polymer THREONINE
15 non-polymer "ADENOSINE-5'-DIPHOSPHATE"
16 water water
#
loop_
_entity_poly.entity_id
_entity_poly.type
_entity_poly.pdbx_seq_one_letter_code
_entity_poly.pdbx_strand_id
1 'polypeptide(L)'
;MDSTNLNKRPLLQYSLSSLGSQITKWSSSRPTSPVRKARSTENDFLSKQDTSSILPSINDDGGEQWYEKFKPNCLEQVAI
HKRKLKDVQEALDAMFLPNAKHRILLLSGPSGCSKSTVIKELSKILVPKYRQNSNGTSFRSTPNEHKVTEFRGDCIVNDL
PQMESFSEFLKGARYLVMSNLSLILIEDLPNVFHIDTRRRFQQLILQWLYSSEPLLPPLVICITECEIPENDNNYRKFGI
DYTFSAETIMNKEILMHPRLKRIKFNPINSTLLKKHLKFICVQNMKMLKEKNKWNKRQEVIDYIAQETGDIRSAITTLQF
WATSSGSLPISTRESTISYFHAIGKVIHGSHSTNNDNEMINNLFENSNNLLSKEDFKLGILENYNTFNKGEFSISDASSI
VDCLSECDNMNGLPESNEYGLREVRKTFRNISKQGHNHGTVYFPREWKVRKLQNSFKVQAEDWLNVSLYKYNAVHSFRNI
TLEFGYYAPLIRKCQSYKKKYILYYLKNLPSGSSGPKQTMDKFSDIMKVENGIDVVDRIGGPIEALSVEDGLAPLMDNDS
NNCDHLEDQKKERDRRLRMLIDQYERNVMMANDDLEDEETSFNDDPIVDSDSDNSNNIGNETFGRSDEDESLCEILSQRQ
PRKAPVISESLSDSDLEILGLNLEVLFQGPGGDYKDDDDKDYKDDDDKDYKDDDDK
;
A
2 'polypeptide(L)'
;MSKTLSLQLPWVEKYRPQVLSDIVGNKETIDRLQQIAKDGNMPHMIISGMPGIGKTTSVHCLAHELLGRSYADGVLELNA
SDDRGIDVVRNQIKHFAQKKLHLPPGKHKIVILDEADSMTAGAQQALRRTMELYSNSTRFAFACNQSNKIIEPLQSRCAI
LRYSKLSDEDVLKRLLQIIKLEDVKYTNDGLEAIIFTAEGDMRQAINNLQSTVAGHGLVNADNVFKIVDSPHPLIVKKML
LASNLEDSIQILRTDLWKKGYSSIDIVTTSFRVTKNLAQVKESVRLEMIKEIGLTHMRILEGVGTYLQLASMLAKIHKLN
NKA
;
B
3 'polypeptide(L)'
;MSTSTEKRSKENLPWVEKYRPETLDEVYGQNEVITTVRKFVDEGKLPHLLFYGPPGTGKTSTIVALAREIYGKNYSNMVL
ELNASDDRGIDVVRNQIKDFASTRQIFSKGFKLIILDEADAMTNAAQNALRRVIERYTKNTRFCVLANYAHKLTPALLSR
CTRFRFQPLPQEAIERRIANVLVHEKLKLSPNAEKALIELSNGDMRRVLNVLQSCKATLDNPDEDEISDDVIYECCGAPR
PSDLKAVLKSILEDDWGTAHYTLNKVRSAKGLALIDLIEGIVKILEDYELQNEETRVHLLTKLADIEYSISKGGNDQIQG
SAVIGAIKASFENETVKANV
;
C
4 'polypeptide(L)'
;MFEGFGPNKKRKISKLAAEQSLAQQPWVEKYRPKNLDEVTAQDHAVTVLKKTLKSANLPHMLFYGPPGTGKTSTILALTK
ELYGPDLMKSRILELNASDERGISIVREKVKNFARLTVSKPSKHDLENYPCPPYKIIILDEADSMTADAQSALRRTMETY
SGVTRFCLICNYVTRIIDPLASRCSKFRFKALDASNAIDRLRFISEQENVKCDDGVLERILDISAGDLRRGITLLQSASK
GAQYLGDGKNITSTQVEELAGVVPHDILIEIVEKVKSGDFDEIKKYVNTFMKSGWSAASVVNQLHEYYITNDNFDTNFKN
QISWLLFTTDSRLNNGTNEHIQLLNLLVKISQL
;
D
5 'polypeptide(L)'
;MSLWVDKYRPKSLNALSHNEELTNFLKSLSDQPRDLPHLLLYGPNGTGKKTRCMALLESIFGPGVYRLKIDVRQFVTASN
RKLELNVVSSPYHLEITPSDMGNNDRIVIQELLKEVAQMEQVDFQDSKDGLAHRYKCVIINEANSLTKDAQAALRRTMEK
YSKNIRLIMVCDSMSPIIAPIKSRCLLIRCPAPSDSEISTILSDVVTNERIQLETKDILKRIAQASNGNLRVSLLMLESM
ALNNELALKSSSPIIKPDWIIVIHKLTRKIVKERSVNSLIECRAVLYDLLAHCIPANIILKELTFSLLDVETLNTTNKSS
IIEYSSVFDERLSLGNKAIFHLEGFIAKVMCCLD
;
E
6 'polypeptide(L)'
;MRINSELANKFSASTVHLEHITTALSCLTPFGSKDDVLIFIDADGLSFVRENNHVIKIQLLLSRELFMSYSYRNETEDHM
KLCVKINHILDSVSVMNRNSDDIVECTLSYDGHGSPFVLIFEDSFISERVEYSTYLIKDFDTNGLELDRERISFEAIIKG
EALHSALKDLKEIGCKECYVYAKTEANDENVFALISKSQLGFSKIKLPSNRSILEKLQVFDGDSTTVIDGFAVIGFFDFT
SFDKIRKSTKIASKVLFRMDVHGVLSVNILSQTDDVIITDTTRPSNNRPGSIRQLQLPKDYPGIVIEVCMLEKESIDEAA
QTEIELLMETNELGNRNSFKKSTIRKRYGTDKGNETSNDNLLQLNGKKIKLPSEEENNKNRESEDEENHCKYPTKDIPIF
F
;
F
7 'polypeptide(L)'
;MDYKDDDDKDYKDDDDKDYKDDDDKLEVLFQGPGMSFKATITESGKQNIWFRAIYVLSTIQDDIKITVTTNELIAWSMNE
TDTTLCQVRFQKSFFEEYEFKPHEIVFGENGVQVIEDTYGNSHKLYSFRVNGRHLTTISRKPDGDGIKSFTIAVNNTSTC
PESLANRLIVVIEMDSLIVKEYCPQFQPIKYDPIIINLKYKRRFLDVFGTAASDRNPQEPLDPKLLDVFTNTERELTSAL
FNEEVESDIRKRNQLTAADEINYICCNSTLLKNFLDNCNVNVTDEVKLEINVHRLSITAFTKAVYGKNNDLLRNALSMSN
TISTLDLEHYCLFTTIEDEKQDKRSHSKRREHMKSIIFKLKDFKNFITIGPSWKTTQDGNDNISLWFCHPGDPILMQMQK
PGVKLELVEVTDSNINDDILEGKFIKTAISGSKEEAGLKDNKESCESPLKSKTALKRENLPHSVAGTRNSPLKVSYLTPD
NGSTVAKTYRNNTARKLFVEEQSQSTNYEQDKRFRQASSVHMNMNREQSFDIGTTHEVACPRNESNSLKRSIADICNETE
DPTQQSTFAKRADTTVTWGKALPAADDEVSCSNIDRKGMLKKEKLKHMQGLLNSQNDTSNHKKQDNKEMEDGLGLTQVEK
PRGIFD
;
G
8 'polypeptide(L)'
;MKLKLIVNGCEAPDDYKLLRTTINTVASLRKTAILRFNSERLTIISTPKSSLNSSNNGTILRGDTGQLWCTIPHDVFRLY
TVISARELNTITMECNCDSLLSVFKRYDRVMNQGSSSNMTIKLQSMPEWNTNNGTLSGGTAGGVDTTSKPNPICALGITF
EEIVHTSGPNDAIVMNGGVDEHNGLPTTVGTGNLLASNKVIMHSFKVPVKLLFRAQDTRIQEPMINYIQLMMYKLPPISG
EFGSAFHGFIRRVERYSNVNHIHLMGVKKKEHGNEGDDVELKIIVNELDWHLEICWNGPLDSVIQRQEGLTDNPSQNQHI
DTDGRQEEGSLPIIEADKPMSSLYTNTRDREMEENIRYDEDLLRIEDSSIADTRGNIYTADTSGDTEFNDISVMVEKAEQ
ESSSTHEVIIRCKDWKVCSKLYAAFEEVVLAISHDESCVFHCSLDRGSLEDSEDVEKPRERGQIIYYIARSKGL
;
H
9 'polydeoxyribonucleotide'
;(DG)(DG)(DA)(DC)(DG)(DA)(DG)(DT)(DC)(DA)(DG)(DG)(DA)(DA)(DG)(DG)(DA)(DG)(DC)(DG)
(DT)(DT)(DT)(DT)(DT)(DT)(DT)(DT)(DT)(DT)(DT)(DT)(DT)(DT)(DT)(DT)(DT)(DT)(DT)(DT)
(DT)(DT)(DT)(DT)(DT)(DT)(DT)(DT)(DT)(DT)
;
J
10 'polydeoxyribonucleotide'
;(DA)(DC)(DG)(DC)(DT)(DC)(DC)(DT)(DT)(DC)(DC)(DT)(DG)(DA)(DC)(DT)(DC)(DG)(DT)(DC)
(DC)
;
I
#
loop_
_chem_comp.id
_chem_comp.type
_chem_comp.name
_chem_comp.formula
ADP non-polymer ADENOSINE-5'-DIPHOSPHATE 'C10 H15 N5 O10 P2'
AGS non-polymer 'PHOSPHOTHIOPHOSPHORIC ACID-ADENYLATE ESTER' 'C10 H16 N5 O12 P3 S'
DA DNA linking 2'-DEOXYADENOSINE-5'-MONOPHOSPHATE 'C10 H14 N5 O6 P'
DC DNA linking 2'-DEOXYCYTIDINE-5'-MONOPHOSPHATE 'C9 H14 N3 O7 P'
DG DNA linking 2'-DEOXYGUANOSINE-5'-MONOPHOSPHATE 'C10 H14 N5 O7 P'
DT DNA linking THYMIDINE-5'-MONOPHOSPHATE 'C10 H15 N2 O8 P'
MG non-polymer 'MAGNESIUM ION' 'Mg 2'
#
# COMPACT_ATOMS: atom_id res chain seq x y z
N GLY A 63 -46.79 -19.27 -2.37
CA GLY A 63 -45.97 -18.49 -3.27
C GLY A 63 -44.71 -19.22 -3.70
N GLU A 64 -44.85 -20.50 -4.03
CA GLU A 64 -43.71 -21.29 -4.45
C GLU A 64 -43.20 -20.82 -5.81
N GLN A 65 -41.88 -20.73 -5.94
CA GLN A 65 -41.27 -20.32 -7.19
C GLN A 65 -41.30 -21.46 -8.20
N TRP A 66 -41.52 -21.11 -9.46
CA TRP A 66 -41.70 -22.13 -10.50
C TRP A 66 -40.45 -22.98 -10.68
N TYR A 67 -39.28 -22.35 -10.70
CA TYR A 67 -38.05 -23.11 -10.94
C TYR A 67 -37.82 -24.17 -9.88
N GLU A 68 -38.40 -24.01 -8.70
CA GLU A 68 -38.34 -25.03 -7.66
C GLU A 68 -39.56 -25.94 -7.70
N LYS A 69 -40.74 -25.37 -7.98
CA LYS A 69 -41.96 -26.16 -7.99
C LYS A 69 -41.90 -27.23 -9.08
N PHE A 70 -41.42 -26.88 -10.26
CA PHE A 70 -41.33 -27.79 -11.40
C PHE A 70 -39.92 -28.34 -11.59
N LYS A 71 -39.19 -28.55 -10.50
CA LYS A 71 -37.84 -29.08 -10.61
C LYS A 71 -37.89 -30.52 -11.10
N PRO A 72 -36.86 -30.98 -11.81
CA PRO A 72 -36.87 -32.37 -12.31
C PRO A 72 -36.96 -33.38 -11.17
N ASN A 73 -37.69 -34.46 -11.43
CA ASN A 73 -37.79 -35.58 -10.49
C ASN A 73 -37.05 -36.81 -10.98
N CYS A 74 -36.41 -36.74 -12.14
CA CYS A 74 -35.63 -37.87 -12.66
C CYS A 74 -34.63 -37.33 -13.67
N LEU A 75 -33.63 -38.17 -13.99
CA LEU A 75 -32.58 -37.75 -14.89
C LEU A 75 -33.11 -37.43 -16.28
N GLU A 76 -34.21 -38.07 -16.69
CA GLU A 76 -34.73 -37.88 -18.03
C GLU A 76 -35.25 -36.47 -18.27
N GLN A 77 -35.63 -35.74 -17.21
CA GLN A 77 -36.18 -34.41 -17.34
C GLN A 77 -35.15 -33.31 -17.20
N VAL A 78 -33.87 -33.65 -17.01
CA VAL A 78 -32.84 -32.63 -16.83
C VAL A 78 -32.54 -31.98 -18.19
N ALA A 79 -32.48 -30.65 -18.20
CA ALA A 79 -32.21 -29.89 -19.42
C ALA A 79 -30.71 -29.88 -19.67
N ILE A 80 -30.23 -30.98 -20.24
CA ILE A 80 -28.80 -31.18 -20.50
C ILE A 80 -28.64 -31.80 -21.87
N HIS A 81 -27.63 -31.35 -22.61
CA HIS A 81 -27.31 -31.96 -23.90
C HIS A 81 -26.97 -33.43 -23.70
N LYS A 82 -27.44 -34.26 -24.64
CA LYS A 82 -27.33 -35.71 -24.47
C LYS A 82 -25.88 -36.15 -24.38
N ARG A 83 -25.01 -35.62 -25.24
CA ARG A 83 -23.61 -36.03 -25.24
C ARG A 83 -22.92 -35.62 -23.95
N LYS A 84 -23.18 -34.40 -23.47
CA LYS A 84 -22.60 -33.97 -22.20
C LYS A 84 -23.08 -34.84 -21.05
N LEU A 85 -24.36 -35.17 -21.03
CA LEU A 85 -24.88 -36.06 -20.00
C LEU A 85 -24.20 -37.42 -20.04
N LYS A 86 -24.02 -37.97 -21.24
CA LYS A 86 -23.34 -39.27 -21.36
C LYS A 86 -21.92 -39.18 -20.84
N ASP A 87 -21.19 -38.12 -21.22
CA ASP A 87 -19.81 -37.96 -20.78
C ASP A 87 -19.74 -37.88 -19.26
N VAL A 88 -20.59 -37.05 -18.66
CA VAL A 88 -20.58 -36.88 -17.21
C VAL A 88 -20.92 -38.20 -16.52
N GLN A 89 -21.94 -38.90 -17.02
CA GLN A 89 -22.35 -40.15 -16.40
C GLN A 89 -21.25 -41.19 -16.46
N GLU A 90 -20.59 -41.32 -17.62
CA GLU A 90 -19.49 -42.27 -17.73
C GLU A 90 -18.34 -41.90 -16.81
N ALA A 91 -17.99 -40.61 -16.74
CA ALA A 91 -16.90 -40.20 -15.86
C ALA A 91 -17.22 -40.53 -14.41
N LEU A 92 -18.44 -40.20 -13.96
CA LEU A 92 -18.80 -40.47 -12.57
C LEU A 92 -18.84 -41.97 -12.29
N ASP A 93 -19.41 -42.75 -13.21
CA ASP A 93 -19.49 -44.19 -13.01
C ASP A 93 -18.10 -44.79 -12.90
N ALA A 94 -17.16 -44.35 -13.74
CA ALA A 94 -15.78 -44.80 -13.61
C ALA A 94 -15.20 -44.38 -12.26
N MET A 95 -15.50 -43.15 -11.83
CA MET A 95 -15.00 -42.68 -10.55
C MET A 95 -15.48 -43.54 -9.39
N PHE A 96 -16.68 -44.11 -9.51
CA PHE A 96 -17.23 -44.92 -8.43
C PHE A 96 -16.59 -46.29 -8.30
N LEU A 97 -15.57 -46.61 -9.11
CA LEU A 97 -14.93 -47.90 -9.05
C LEU A 97 -14.02 -48.00 -7.82
N PRO A 98 -13.71 -49.22 -7.38
CA PRO A 98 -12.89 -49.36 -6.17
C PRO A 98 -11.52 -48.70 -6.27
N ASN A 99 -10.90 -48.76 -7.45
CA ASN A 99 -9.58 -48.18 -7.69
C ASN A 99 -9.64 -47.22 -8.86
N ALA A 100 -10.64 -46.34 -8.84
CA ALA A 100 -10.84 -45.40 -9.94
C ALA A 100 -9.60 -44.52 -10.13
N LYS A 101 -9.24 -44.30 -11.40
CA LYS A 101 -8.12 -43.43 -11.69
C LYS A 101 -8.40 -41.98 -11.28
N HIS A 102 -9.63 -41.52 -11.51
CA HIS A 102 -9.99 -40.14 -11.23
C HIS A 102 -10.54 -40.02 -9.81
N ARG A 103 -10.04 -39.03 -9.06
CA ARG A 103 -10.48 -38.78 -7.71
C ARG A 103 -11.36 -37.54 -7.57
N ILE A 104 -11.15 -36.53 -8.42
CA ILE A 104 -11.94 -35.31 -8.40
C ILE A 104 -12.52 -35.07 -9.78
N LEU A 105 -13.83 -34.85 -9.85
CA LEU A 105 -14.51 -34.42 -11.06
C LEU A 105 -14.83 -32.93 -10.93
N LEU A 106 -14.22 -32.12 -11.79
CA LEU A 106 -14.40 -30.68 -11.75
C LEU A 106 -15.35 -30.27 -12.88
N LEU A 107 -16.47 -29.67 -12.51
CA LEU A 107 -17.45 -29.18 -13.46
C LEU A 107 -17.45 -27.65 -13.44
N SER A 108 -17.29 -27.05 -14.61
CA SER A 108 -17.25 -25.60 -14.75
C SER A 108 -18.20 -25.17 -15.85
N GLY A 109 -18.76 -23.97 -15.70
CA GLY A 109 -19.68 -23.43 -16.67
C GLY A 109 -20.40 -22.20 -16.16
N PRO A 110 -21.28 -21.63 -16.97
CA PRO A 110 -22.01 -20.43 -16.58
C PRO A 110 -23.13 -20.77 -15.58
N SER A 111 -23.73 -19.72 -15.05
CA SER A 111 -24.79 -19.88 -14.06
C SER A 111 -26.00 -20.59 -14.65
N GLY A 112 -26.61 -21.46 -13.86
CA GLY A 112 -27.85 -22.10 -14.24
C GLY A 112 -27.78 -22.98 -15.48
N CYS A 113 -26.76 -23.85 -15.56
CA CYS A 113 -26.64 -24.79 -16.67
C CYS A 113 -26.77 -26.24 -16.21
N SER A 114 -27.37 -26.47 -15.04
CA SER A 114 -27.75 -27.81 -14.60
C SER A 114 -26.57 -28.64 -14.11
N LYS A 115 -25.50 -28.00 -13.64
CA LYS A 115 -24.37 -28.75 -13.11
C LYS A 115 -24.77 -29.49 -11.84
N SER A 116 -25.18 -28.75 -10.81
CA SER A 116 -25.55 -29.37 -9.55
C SER A 116 -26.79 -30.25 -9.72
N THR A 117 -27.74 -29.82 -10.55
CA THR A 117 -28.95 -30.61 -10.76
C THR A 117 -28.62 -31.97 -11.36
N VAL A 118 -27.80 -31.98 -12.42
CA VAL A 118 -27.46 -33.25 -13.05
C VAL A 118 -26.61 -34.10 -12.11
N ILE A 119 -25.72 -33.47 -11.34
CA ILE A 119 -24.92 -34.22 -10.39
C ILE A 119 -25.81 -34.92 -9.36
N LYS A 120 -26.79 -34.20 -8.83
CA LYS A 120 -27.69 -34.80 -7.84
C LYS A 120 -28.54 -35.90 -8.47
N GLU A 121 -29.05 -35.68 -9.67
CA GLU A 121 -29.88 -36.70 -10.32
C GLU A 121 -29.07 -37.95 -10.59
N LEU A 122 -27.82 -37.80 -11.03
CA LEU A 122 -26.96 -38.96 -11.26
C LEU A 122 -26.61 -39.65 -9.96
N SER A 123 -26.38 -38.89 -8.89
CA SER A 123 -26.07 -39.49 -7.60
C SER A 123 -27.23 -40.33 -7.11
N LYS A 124 -28.46 -39.86 -7.30
CA LYS A 124 -29.63 -40.59 -6.81
C LYS A 124 -29.68 -42.00 -7.38
N ILE A 125 -29.07 -42.23 -8.53
CA ILE A 125 -29.01 -43.56 -9.14
C ILE A 125 -27.71 -44.28 -8.78
N LEU A 126 -26.58 -43.55 -8.80
CA LEU A 126 -25.28 -44.21 -8.65
C LEU A 126 -25.04 -44.65 -7.20
N VAL A 127 -25.35 -43.80 -6.22
CA VAL A 127 -25.03 -44.12 -4.83
C VAL A 127 -25.72 -45.39 -4.38
N PRO A 128 -27.02 -45.59 -4.59
CA PRO A 128 -27.63 -46.87 -4.19
C PRO A 128 -27.02 -48.06 -4.92
N LYS A 129 -26.62 -47.90 -6.18
CA LYS A 129 -26.06 -49.01 -6.93
C LYS A 129 -24.75 -49.50 -6.34
N TYR A 130 -23.89 -48.57 -5.91
CA TYR A 130 -22.55 -48.91 -5.45
C TYR A 130 -22.42 -48.95 -3.94
N ARG A 131 -23.35 -48.36 -3.19
CA ARG A 131 -23.27 -48.40 -1.74
C ARG A 131 -23.44 -49.83 -1.26
N GLN A 132 -22.54 -50.26 -0.38
CA GLN A 132 -22.62 -51.60 0.19
C GLN A 132 -23.75 -51.67 1.22
N ASN A 133 -24.44 -52.79 1.25
CA ASN A 133 -25.52 -52.98 2.21
C ASN A 133 -24.97 -53.02 3.63
N SER A 134 -25.61 -52.29 4.53
CA SER A 134 -25.17 -52.27 5.92
C SER A 134 -25.42 -53.61 6.58
N ASN A 135 -24.52 -53.96 7.50
CA ASN A 135 -24.64 -55.21 8.26
C ASN A 135 -25.58 -55.01 9.45
N GLY A 136 -26.81 -54.62 9.14
CA GLY A 136 -27.79 -54.35 10.18
C GLY A 136 -27.38 -53.22 11.10
N THR A 137 -26.71 -52.21 10.55
CA THR A 137 -26.25 -51.07 11.33
C THR A 137 -26.58 -49.77 10.58
N SER A 138 -27.05 -48.79 11.33
CA SER A 138 -27.39 -47.48 10.76
C SER A 138 -27.71 -46.54 11.89
N PHE A 139 -27.57 -45.24 11.62
CA PHE A 139 -27.85 -44.23 12.64
C PHE A 139 -29.28 -44.35 13.16
N ARG A 140 -30.25 -44.15 12.29
CA ARG A 140 -31.67 -44.17 12.65
C ARG A 140 -32.37 -45.33 11.95
N SER A 141 -33.68 -45.45 12.24
CA SER A 141 -34.46 -46.54 11.66
C SER A 141 -34.51 -46.41 10.14
N THR A 142 -34.66 -45.19 9.62
CA THR A 142 -34.76 -44.99 8.20
C THR A 142 -33.43 -45.33 7.52
N PRO A 143 -33.46 -45.63 6.22
CA PRO A 143 -32.21 -45.99 5.52
C PRO A 143 -31.21 -44.86 5.40
N ASN A 144 -31.47 -43.69 5.99
CA ASN A 144 -30.53 -42.58 5.98
C ASN A 144 -30.19 -42.15 4.54
N GLU A 145 -31.23 -41.63 3.88
CA GLU A 145 -31.09 -41.20 2.49
C GLU A 145 -30.28 -39.91 2.42
N HIS A 146 -28.96 -40.06 2.36
CA HIS A 146 -28.01 -38.94 2.33
C HIS A 146 -27.06 -39.12 1.14
N LYS A 147 -27.63 -39.35 -0.03
CA LYS A 147 -26.82 -39.70 -1.20
C LYS A 147 -25.75 -38.65 -1.48
N VAL A 148 -26.01 -37.39 -1.19
CA VAL A 148 -25.10 -36.29 -1.48
C VAL A 148 -24.73 -35.60 -0.18
N THR A 149 -23.44 -35.39 0.04
CA THR A 149 -22.91 -34.65 1.17
C THR A 149 -22.32 -33.35 0.65
N GLU A 150 -22.89 -32.23 1.08
CA GLU A 150 -22.53 -30.91 0.56
C GLU A 150 -21.83 -30.09 1.63
N PHE A 151 -20.83 -29.31 1.22
CA PHE A 151 -20.12 -28.43 2.12
C PHE A 151 -20.86 -27.10 2.26
N ARG A 152 -20.94 -26.61 3.49
CA ARG A 152 -21.60 -25.35 3.79
C ARG A 152 -20.54 -24.32 4.16
N GLY A 153 -20.50 -23.21 3.42
CA GLY A 153 -19.51 -22.18 3.66
C GLY A 153 -19.86 -21.21 4.76
N ASP A 154 -21.13 -21.15 5.16
CA ASP A 154 -21.58 -20.24 6.20
C ASP A 154 -21.63 -20.89 7.57
N CYS A 155 -21.30 -22.18 7.67
CA CYS A 155 -21.33 -22.85 8.97
C CYS A 155 -20.19 -22.35 9.85
N ILE A 156 -20.53 -21.98 11.08
CA ILE A 156 -19.55 -21.52 12.06
C ILE A 156 -19.75 -22.32 13.35
N VAL A 157 -18.68 -22.93 13.82
CA VAL A 157 -18.70 -23.68 15.08
C VAL A 157 -17.81 -22.95 16.08
N ASN A 158 -17.99 -23.29 17.36
CA ASN A 158 -17.34 -22.55 18.42
C ASN A 158 -15.83 -22.75 18.42
N ASP A 159 -15.38 -24.01 18.32
CA ASP A 159 -13.99 -24.37 18.55
C ASP A 159 -13.23 -24.59 17.25
N LEU A 160 -13.49 -23.79 16.22
CA LEU A 160 -12.81 -23.97 14.94
C LEU A 160 -12.58 -22.64 14.23
N PRO A 161 -11.34 -22.30 13.88
CA PRO A 161 -11.12 -21.12 13.04
C PRO A 161 -11.79 -21.29 11.68
N GLN A 162 -12.17 -20.15 11.08
CA GLN A 162 -12.92 -20.19 9.84
C GLN A 162 -12.15 -20.92 8.75
N MET A 163 -10.87 -20.56 8.55
CA MET A 163 -10.10 -21.15 7.46
C MET A 163 -9.96 -22.67 7.59
N GLU A 164 -10.07 -23.21 8.80
CA GLU A 164 -9.97 -24.64 9.00
C GLU A 164 -11.27 -25.38 8.72
N SER A 165 -12.39 -24.67 8.57
CA SER A 165 -13.68 -25.33 8.42
C SER A 165 -13.65 -26.36 7.29
N PHE A 166 -13.22 -25.92 6.09
CA PHE A 166 -13.16 -26.84 4.97
C PHE A 166 -12.25 -28.02 5.29
N SER A 167 -11.10 -27.76 5.91
CA SER A 167 -10.20 -28.84 6.28
C SER A 167 -10.93 -29.87 7.13
N GLU A 168 -11.77 -29.42 8.06
CA GLU A 168 -12.55 -30.35 8.87
C GLU A 168 -13.50 -31.16 8.00
N PHE A 169 -14.21 -30.48 7.09
CA PHE A 169 -15.21 -31.16 6.30
C PHE A 169 -14.61 -32.36 5.56
N LEU A 170 -13.51 -32.13 4.84
CA LEU A 170 -12.88 -33.23 4.13
C LEU A 170 -12.46 -34.33 5.09
N LYS A 171 -11.91 -33.95 6.26
CA LYS A 171 -11.47 -34.96 7.21
C LYS A 171 -12.62 -35.84 7.65
N GLY A 172 -13.87 -35.37 7.55
CA GLY A 172 -15.01 -36.22 7.80
C GLY A 172 -15.43 -36.94 6.54
N ALA A 173 -15.44 -36.22 5.42
CA ALA A 173 -15.93 -36.80 4.17
C ALA A 173 -15.13 -38.04 3.77
N ARG A 174 -13.87 -38.13 4.20
CA ARG A 174 -13.05 -39.29 3.87
C ARG A 174 -13.71 -40.58 4.32
N TYR A 175 -14.49 -40.55 5.41
CA TYR A 175 -15.03 -41.77 5.97
C TYR A 175 -16.27 -42.28 5.25
N LEU A 176 -16.86 -41.50 4.35
CA LEU A 176 -18.11 -41.86 3.70
C LEU A 176 -17.82 -42.77 2.49
N VAL A 177 -17.41 -43.99 2.79
CA VAL A 177 -17.09 -45.00 1.79
C VAL A 177 -17.72 -46.33 2.19
N MET A 178 -17.85 -47.22 1.21
CA MET A 178 -18.35 -48.57 1.40
C MET A 178 -19.77 -48.49 1.95
N SER A 179 -20.07 -49.09 3.10
CA SER A 179 -21.44 -49.05 3.63
C SER A 179 -21.91 -47.64 3.94
N ASN A 180 -20.98 -46.70 4.12
CA ASN A 180 -21.30 -45.29 4.35
C ASN A 180 -21.07 -44.45 3.10
N LEU A 181 -21.15 -45.08 1.92
CA LEU A 181 -20.82 -44.39 0.69
C LEU A 181 -21.72 -43.19 0.45
N SER A 182 -21.11 -42.07 0.06
CA SER A 182 -21.85 -40.87 -0.29
C SER A 182 -21.00 -40.05 -1.25
N LEU A 183 -21.66 -39.30 -2.12
CA LEU A 183 -20.97 -38.44 -3.09
C LEU A 183 -20.73 -37.07 -2.47
N ILE A 184 -19.48 -36.64 -2.46
CA ILE A 184 -19.10 -35.35 -1.88
C ILE A 184 -19.24 -34.29 -2.97
N LEU A 185 -20.04 -33.26 -2.70
CA LEU A 185 -20.28 -32.18 -3.65
C LEU A 185 -19.83 -30.86 -3.03
N ILE A 186 -19.02 -30.11 -3.76
CA ILE A 186 -18.51 -28.81 -3.31
C ILE A 186 -19.02 -27.78 -4.29
N GLU A 187 -20.14 -27.14 -3.96
CA GLU A 187 -20.68 -26.03 -4.72
C GLU A 187 -20.52 -24.69 -3.99
N ASP A 188 -20.82 -24.65 -2.70
CA ASP A 188 -20.59 -23.45 -1.88
C ASP A 188 -19.16 -23.50 -1.37
N LEU A 189 -18.26 -22.86 -2.11
CA LEU A 189 -16.85 -22.90 -1.78
C LEU A 189 -16.56 -22.04 -0.55
N PRO A 190 -15.41 -22.26 0.11
CA PRO A 190 -14.99 -21.33 1.16
C PRO A 190 -14.71 -19.95 0.60
N ASN A 191 -14.37 -18.99 1.46
CA ASN A 191 -14.10 -17.62 1.04
C ASN A 191 -12.75 -17.57 0.34
N VAL A 192 -12.73 -18.00 -0.92
CA VAL A 192 -11.50 -18.04 -1.69
C VAL A 192 -10.98 -16.66 -2.05
N PHE A 193 -11.78 -15.61 -1.89
CA PHE A 193 -11.28 -14.27 -2.11
C PHE A 193 -10.23 -13.87 -1.08
N HIS A 194 -10.26 -14.49 0.11
CA HIS A 194 -9.20 -14.31 1.08
C HIS A 194 -7.99 -15.13 0.67
N ILE A 195 -6.83 -14.48 0.56
CA ILE A 195 -5.66 -15.14 -0.01
C ILE A 195 -5.26 -16.36 0.80
N ASP A 196 -5.21 -16.22 2.12
CA ASP A 196 -4.82 -17.34 2.98
C ASP A 196 -5.82 -18.48 2.87
N THR A 197 -7.11 -18.16 2.84
CA THR A 197 -8.13 -19.20 2.71
C THR A 197 -7.99 -19.92 1.37
N ARG A 198 -7.73 -19.18 0.29
CA ARG A 198 -7.53 -19.82 -1.01
C ARG A 198 -6.32 -20.73 -1.00
N ARG A 199 -5.22 -20.28 -0.38
CA ARG A 199 -4.03 -21.12 -0.31
C ARG A 199 -4.31 -22.40 0.47
N ARG A 200 -5.02 -22.28 1.61
CA ARG A 200 -5.37 -23.47 2.38
C ARG A 200 -6.27 -24.39 1.57
N PHE A 201 -7.23 -23.83 0.83
CA PHE A 201 -8.11 -24.65 0.01
C PHE A 201 -7.33 -25.41 -1.06
N GLN A 202 -6.40 -24.73 -1.72
CA GLN A 202 -5.58 -25.40 -2.73
C GLN A 202 -4.72 -26.49 -2.11
N GLN A 203 -4.15 -26.23 -0.94
CA GLN A 203 -3.35 -27.25 -0.27
C GLN A 203 -4.19 -28.46 0.07
N LEU A 204 -5.41 -28.25 0.56
CA LEU A 204 -6.29 -29.36 0.91
C LEU A 204 -6.67 -30.16 -0.34
N ILE A 205 -6.96 -29.46 -1.44
CA ILE A 205 -7.29 -30.17 -2.68
C ILE A 205 -6.10 -31.01 -3.14
N LEU A 206 -4.90 -30.45 -3.09
CA LEU A 206 -3.71 -31.20 -3.48
C LEU A 206 -3.51 -32.42 -2.59
N GLN A 207 -3.69 -32.25 -1.28
CA GLN A 207 -3.53 -33.37 -0.36
C GLN A 207 -4.55 -34.47 -0.66
N TRP A 208 -5.79 -34.09 -0.96
CA TRP A 208 -6.77 -35.08 -1.35
C TRP A 208 -6.35 -35.80 -2.63
N LEU A 209 -5.82 -35.05 -3.60
CA LEU A 209 -5.38 -35.67 -4.86
C LEU A 209 -4.21 -36.63 -4.62
N TYR A 210 -3.27 -36.23 -3.78
CA TYR A 210 -2.07 -37.02 -3.51
C TYR A 210 -2.21 -37.94 -2.30
N SER A 211 -3.41 -38.03 -1.73
CA SER A 211 -3.59 -38.86 -0.54
C SER A 211 -3.27 -40.32 -0.83
N SER A 212 -2.70 -41.00 0.16
CA SER A 212 -2.36 -42.40 0.06
C SER A 212 -3.47 -43.31 0.59
N GLU A 213 -4.62 -42.76 0.95
CA GLU A 213 -5.70 -43.58 1.48
C GLU A 213 -6.19 -44.54 0.42
N PRO A 214 -6.23 -45.85 0.69
CA PRO A 214 -6.74 -46.79 -0.33
C PRO A 214 -8.17 -46.50 -0.77
N LEU A 215 -9.02 -46.07 0.14
CA LEU A 215 -10.44 -45.86 -0.14
C LEU A 215 -10.78 -44.38 0.04
N LEU A 216 -11.41 -43.79 -0.98
CA LEU A 216 -11.94 -42.44 -0.90
C LEU A 216 -13.26 -42.40 -1.64
N PRO A 217 -14.16 -41.49 -1.27
CA PRO A 217 -15.41 -41.33 -2.01
C PRO A 217 -15.22 -40.40 -3.20
N PRO A 218 -16.07 -40.51 -4.23
CA PRO A 218 -15.97 -39.56 -5.34
C PRO A 218 -16.19 -38.13 -4.87
N LEU A 219 -15.34 -37.23 -5.33
CA LEU A 219 -15.42 -35.82 -4.97
C LEU A 219 -15.72 -35.01 -6.23
N VAL A 220 -16.82 -34.26 -6.20
CA VAL A 220 -17.26 -33.45 -7.32
C VAL A 220 -17.23 -31.99 -6.89
N ILE A 221 -16.53 -31.16 -7.66
CA ILE A 221 -16.45 -29.73 -7.42
C ILE A 221 -17.14 -29.03 -8.58
N CYS A 222 -18.20 -28.28 -8.27
CA CYS A 222 -18.95 -27.52 -9.26
C CYS A 222 -18.63 -26.04 -9.07
N ILE A 223 -18.00 -25.45 -10.08
CA ILE A 223 -17.60 -24.04 -10.05
C ILE A 223 -18.39 -23.31 -11.12
N THR A 224 -19.17 -22.31 -10.70
CA THR A 224 -19.90 -21.46 -11.62
C THR A 224 -19.01 -20.27 -11.98
N GLU A 225 -18.67 -20.17 -13.26
CA GLU A 225 -17.74 -19.15 -13.73
C GLU A 225 -18.48 -17.86 -14.04
N CYS A 226 -18.04 -16.77 -13.42
CA CYS A 226 -18.64 -15.46 -13.66
C CYS A 226 -17.58 -14.38 -13.44
N GLU A 227 -17.83 -13.22 -14.02
CA GLU A 227 -16.93 -12.08 -13.89
C GLU A 227 -17.28 -11.29 -12.64
N ILE A 228 -16.26 -10.77 -11.96
CA ILE A 228 -16.43 -9.96 -10.77
C ILE A 228 -16.57 -8.51 -11.22
N PRO A 229 -17.73 -7.88 -11.06
CA PRO A 229 -17.84 -6.47 -11.45
C PRO A 229 -16.90 -5.59 -10.64
N GLU A 230 -16.36 -4.56 -11.29
CA GLU A 230 -15.46 -3.64 -10.62
C GLU A 230 -16.15 -3.00 -9.43
N ASN A 231 -15.48 -3.03 -8.28
CA ASN A 231 -16.05 -2.54 -7.03
C ASN A 231 -15.13 -1.49 -6.43
N ASP A 232 -15.74 -0.46 -5.84
CA ASP A 232 -14.95 0.64 -5.29
C ASP A 232 -14.19 0.23 -4.04
N ASN A 233 -14.70 -0.75 -3.30
CA ASN A 233 -14.08 -1.16 -2.04
C ASN A 233 -12.95 -2.16 -2.22
N ASN A 234 -12.73 -2.67 -3.44
CA ASN A 234 -11.68 -3.66 -3.67
C ASN A 234 -10.38 -2.99 -4.12
N TYR A 235 -10.41 -2.30 -5.26
CA TYR A 235 -9.23 -1.63 -5.80
C TYR A 235 -8.02 -2.58 -5.83
N ARG A 236 -8.27 -3.83 -6.21
CA ARG A 236 -7.23 -4.84 -6.35
C ARG A 236 -7.32 -5.44 -7.75
N LYS A 237 -6.16 -5.73 -8.33
CA LYS A 237 -6.06 -6.19 -9.71
C LYS A 237 -5.43 -7.57 -9.80
N PHE A 238 -5.83 -8.47 -8.90
CA PHE A 238 -5.40 -9.86 -8.97
C PHE A 238 -6.32 -10.64 -9.90
N GLY A 239 -5.90 -11.89 -10.19
CA GLY A 239 -6.68 -12.71 -11.10
C GLY A 239 -8.07 -13.01 -10.59
N ILE A 240 -8.18 -13.39 -9.31
CA ILE A 240 -9.46 -13.80 -8.76
C ILE A 240 -10.41 -12.60 -8.67
N ASP A 241 -9.88 -11.42 -8.33
CA ASP A 241 -10.74 -10.25 -8.20
C ASP A 241 -11.31 -9.80 -9.54
N TYR A 242 -10.77 -10.28 -10.66
CA TYR A 242 -11.32 -9.96 -11.97
C TYR A 242 -12.31 -11.02 -12.44
N THR A 243 -11.96 -12.29 -12.28
CA THR A 243 -12.79 -13.39 -12.76
C THR A 243 -12.84 -14.49 -11.71
N PHE A 244 -14.04 -15.04 -11.51
CA PHE A 244 -14.26 -16.19 -10.63
C PHE A 244 -14.39 -17.42 -11.52
N SER A 245 -13.33 -18.23 -11.56
CA SER A 245 -13.30 -19.39 -12.45
C SER A 245 -12.35 -20.44 -11.87
N ALA A 246 -12.31 -21.59 -12.53
CA ALA A 246 -11.46 -22.68 -12.06
C ALA A 246 -9.99 -22.29 -12.09
N GLU A 247 -9.55 -21.60 -13.15
CA GLU A 247 -8.15 -21.22 -13.25
C GLU A 247 -7.74 -20.27 -12.12
N THR A 248 -8.58 -19.28 -11.82
CA THR A 248 -8.26 -18.33 -10.76
C THR A 248 -8.45 -18.91 -9.37
N ILE A 249 -9.26 -19.96 -9.23
CA ILE A 249 -9.47 -20.59 -7.94
C ILE A 249 -8.49 -21.73 -7.69
N MET A 250 -8.28 -22.57 -8.69
CA MET A 250 -7.30 -23.64 -8.61
C MET A 250 -5.96 -23.14 -9.14
N ASN A 251 -4.97 -24.03 -9.16
CA ASN A 251 -3.65 -23.74 -9.72
C ASN A 251 -3.34 -24.79 -10.80
N LYS A 252 -2.19 -24.59 -11.47
CA LYS A 252 -1.83 -25.46 -12.57
C LYS A 252 -1.64 -26.90 -12.10
N GLU A 253 -1.01 -27.09 -10.94
CA GLU A 253 -0.73 -28.43 -10.45
C GLU A 253 -2.02 -29.23 -10.25
N ILE A 254 -3.05 -28.60 -9.67
CA ILE A 254 -4.30 -29.29 -9.44
C ILE A 254 -4.99 -29.60 -10.77
N LEU A 255 -5.08 -28.60 -11.65
CA LEU A 255 -5.81 -28.77 -12.90
C LEU A 255 -5.18 -29.84 -13.79
N MET A 256 -3.86 -29.88 -13.84
CA MET A 256 -3.14 -30.83 -14.67
C MET A 256 -2.85 -32.14 -13.96
N HIS A 257 -3.32 -32.31 -12.73
CA HIS A 257 -3.09 -33.55 -12.01
C HIS A 257 -3.75 -34.71 -12.78
N PRO A 258 -3.05 -35.83 -12.98
CA PRO A 258 -3.65 -36.93 -13.77
C PRO A 258 -4.89 -37.52 -13.14
N ARG A 259 -5.09 -37.35 -11.84
CA ARG A 259 -6.25 -37.92 -11.14
C ARG A 259 -7.43 -36.95 -11.09
N LEU A 260 -7.34 -35.79 -11.74
CA LEU A 260 -8.42 -34.83 -11.79
C LEU A 260 -8.95 -34.72 -13.21
N LYS A 261 -10.25 -34.91 -13.37
CA LYS A 261 -10.91 -34.81 -14.67
C LYS A 261 -11.78 -33.56 -14.69
N ARG A 262 -11.66 -32.77 -15.76
CA ARG A 262 -12.40 -31.53 -15.92
C ARG A 262 -13.37 -31.65 -17.08
N ILE A 263 -14.63 -31.27 -16.84
CA ILE A 263 -15.65 -31.22 -17.88
C ILE A 263 -16.24 -29.81 -17.89
N LYS A 264 -16.29 -29.19 -19.06
CA LYS A 264 -16.80 -27.84 -19.22
C LYS A 264 -18.23 -27.89 -19.73
N PHE A 265 -19.11 -27.12 -19.10
CA PHE A 265 -20.52 -27.06 -19.47
C PHE A 265 -20.78 -25.82 -20.31
N ASN A 266 -21.72 -25.95 -21.23
CA ASN A 266 -22.15 -24.86 -22.10
C ASN A 266 -23.53 -24.37 -21.71
N PRO A 267 -23.89 -23.14 -22.08
CA PRO A 267 -25.26 -22.68 -21.84
C PRO A 267 -26.27 -23.58 -22.54
N ILE A 268 -27.42 -23.76 -21.89
CA ILE A 268 -28.44 -24.65 -22.44
C ILE A 268 -28.92 -24.09 -23.77
N ASN A 269 -28.97 -24.95 -24.79
CA ASN A 269 -29.33 -24.50 -26.12
C ASN A 269 -30.83 -24.21 -26.21
N SER A 270 -31.24 -23.68 -27.36
CA SER A 270 -32.62 -23.22 -27.51
C SER A 270 -33.62 -24.36 -27.52
N THR A 271 -33.25 -25.51 -28.10
CA THR A 271 -34.22 -26.60 -28.23
C THR A 271 -34.69 -27.09 -26.86
N LEU A 272 -33.76 -27.42 -25.98
CA LEU A 272 -34.13 -27.93 -24.66
C LEU A 272 -34.88 -26.88 -23.86
N LEU A 273 -34.43 -25.64 -23.90
CA LEU A 273 -35.08 -24.59 -23.13
C LEU A 273 -36.51 -24.37 -23.61
N LYS A 274 -36.71 -24.35 -24.92
CA LYS A 274 -38.06 -24.22 -25.47
C LYS A 274 -38.92 -25.41 -25.06
N LYS A 275 -38.38 -26.62 -25.13
CA LYS A 275 -39.15 -27.79 -24.73
C LYS A 275 -39.59 -27.68 -23.27
N HIS A 276 -38.68 -27.28 -22.39
CA HIS A 276 -38.99 -27.25 -20.97
C HIS A 276 -39.96 -26.10 -20.64
N LEU A 277 -39.79 -24.95 -21.29
CA LEU A 277 -40.75 -23.87 -21.09
C LEU A 277 -42.13 -24.26 -21.60
N LYS A 278 -42.19 -24.97 -22.72
CA LYS A 278 -43.48 -25.47 -23.21
C LYS A 278 -44.11 -26.42 -22.21
N PHE A 279 -43.32 -27.31 -21.63
CA PHE A 279 -43.84 -28.23 -20.62
C PHE A 279 -44.38 -27.44 -19.41
N ILE A 280 -43.63 -26.43 -18.96
CA ILE A 280 -44.07 -25.65 -17.81
C ILE A 280 -45.38 -24.93 -18.13
N CYS A 281 -45.48 -24.34 -19.33
CA CYS A 281 -46.70 -23.65 -19.72
C CYS A 281 -47.87 -24.62 -19.78
N VAL A 282 -47.64 -25.82 -20.31
CA VAL A 282 -48.72 -26.81 -20.38
C VAL A 282 -49.18 -27.19 -18.98
N GLN A 283 -48.24 -27.37 -18.05
CA GLN A 283 -48.62 -27.69 -16.68
C GLN A 283 -49.48 -26.60 -16.07
N ASN A 284 -49.31 -25.35 -16.50
CA ASN A 284 -50.08 -24.21 -16.01
C ASN A 284 -51.08 -23.73 -17.07
N MET A 285 -51.67 -24.69 -17.80
CA MET A 285 -52.56 -24.32 -18.89
C MET A 285 -53.81 -23.59 -18.38
N LYS A 286 -54.35 -24.03 -17.24
CA LYS A 286 -55.61 -23.47 -16.77
C LYS A 286 -55.50 -21.98 -16.50
N MET A 287 -54.49 -21.58 -15.72
CA MET A 287 -54.35 -20.16 -15.37
C MET A 287 -54.01 -19.32 -16.59
N LEU A 288 -53.16 -19.84 -17.48
CA LEU A 288 -52.81 -19.09 -18.69
C LEU A 288 -54.02 -18.87 -19.57
N LYS A 289 -54.86 -19.91 -19.74
CA LYS A 289 -56.08 -19.74 -20.52
C LYS A 289 -57.04 -18.78 -19.84
N GLU A 290 -57.15 -18.85 -18.52
CA GLU A 290 -58.04 -17.93 -17.81
C GLU A 290 -57.60 -16.49 -17.99
N LYS A 291 -56.29 -16.24 -17.93
CA LYS A 291 -55.75 -14.89 -18.06
C LYS A 291 -55.59 -14.45 -19.52
N ASN A 292 -55.88 -15.32 -20.48
CA ASN A 292 -55.88 -15.06 -21.91
C ASN A 292 -54.47 -14.99 -22.49
N LYS A 293 -53.42 -15.09 -21.68
CA LYS A 293 -52.06 -15.04 -22.21
C LYS A 293 -51.65 -16.34 -22.89
N TRP A 294 -52.45 -17.40 -22.75
CA TRP A 294 -52.07 -18.70 -23.31
C TRP A 294 -51.78 -18.60 -24.80
N ASN A 295 -52.65 -17.91 -25.54
CA ASN A 295 -52.48 -17.81 -26.98
C ASN A 295 -51.13 -17.22 -27.35
N LYS A 296 -50.56 -16.37 -26.49
CA LYS A 296 -49.29 -15.71 -26.77
C LYS A 296 -48.09 -16.44 -26.18
N ARG A 297 -48.29 -17.61 -25.57
CA ARG A 297 -47.18 -18.29 -24.89
C ARG A 297 -46.00 -18.48 -25.85
N GLN A 298 -46.26 -19.06 -27.02
CA GLN A 298 -45.18 -19.26 -27.99
C GLN A 298 -44.43 -17.95 -28.22
N GLU A 299 -45.17 -16.86 -28.43
CA GLU A 299 -44.54 -15.59 -28.77
C GLU A 299 -43.49 -15.18 -27.74
N VAL A 300 -43.68 -15.55 -26.48
CA VAL A 300 -42.69 -15.21 -25.46
C VAL A 300 -41.65 -16.32 -25.32
N ILE A 301 -42.06 -17.58 -25.46
CA ILE A 301 -41.12 -18.68 -25.24
C ILE A 301 -39.96 -18.57 -26.21
N ASP A 302 -40.26 -18.43 -27.50
CA ASP A 302 -39.20 -18.27 -28.48
C ASP A 302 -38.32 -17.07 -28.17
N TYR A 303 -38.91 -16.02 -27.59
CA TYR A 303 -38.10 -14.89 -27.15
C TYR A 303 -37.17 -15.29 -26.02
N ILE A 304 -37.72 -15.95 -24.98
CA ILE A 304 -36.90 -16.30 -23.82
C ILE A 304 -35.78 -17.23 -24.24
N ALA A 305 -36.10 -18.26 -25.02
CA ALA A 305 -35.08 -19.17 -25.51
C ALA A 305 -34.02 -18.44 -26.32
N GLN A 306 -34.38 -17.33 -26.95
CA GLN A 306 -33.43 -16.58 -27.75
C GLN A 306 -32.61 -15.60 -26.91
N GLU A 307 -32.98 -15.39 -25.65
CA GLU A 307 -32.36 -14.36 -24.83
C GLU A 307 -31.29 -14.88 -23.87
N THR A 308 -31.44 -16.09 -23.35
CA THR A 308 -30.49 -16.60 -22.36
C THR A 308 -30.44 -18.12 -22.42
N GLY A 309 -29.32 -18.66 -21.94
CA GLY A 309 -29.16 -20.09 -21.79
C GLY A 309 -29.28 -20.55 -20.36
N ASP A 310 -29.82 -19.69 -19.50
CA ASP A 310 -29.98 -19.99 -18.07
C ASP A 310 -31.40 -20.50 -17.85
N ILE A 311 -31.52 -21.77 -17.47
CA ILE A 311 -32.84 -22.37 -17.30
C ILE A 311 -33.57 -21.72 -16.13
N ARG A 312 -32.87 -21.48 -15.01
CA ARG A 312 -33.52 -20.87 -13.86
C ARG A 312 -34.00 -19.46 -14.19
N SER A 313 -33.16 -18.67 -14.85
CA SER A 313 -33.55 -17.32 -15.23
C SER A 313 -34.74 -17.34 -16.19
N ALA A 314 -34.71 -18.27 -17.15
CA ALA A 314 -35.82 -18.37 -18.10
C ALA A 314 -37.13 -18.72 -17.39
N ILE A 315 -37.08 -19.67 -16.45
CA ILE A 315 -38.28 -20.06 -15.73
C ILE A 315 -38.80 -18.89 -14.89
N THR A 316 -37.89 -18.16 -14.24
CA THR A 316 -38.31 -17.02 -13.44
C THR A 316 -38.95 -15.95 -14.31
N THR A 317 -38.36 -15.68 -15.49
CA THR A 317 -38.93 -14.70 -16.39
C THR A 317 -40.31 -15.12 -16.88
N LEU A 318 -40.46 -16.41 -17.21
CA LEU A 318 -41.76 -16.91 -17.64
C LEU A 318 -42.80 -16.76 -16.54
N GLN A 319 -42.43 -17.09 -15.30
CA GLN A 319 -43.37 -16.93 -14.19
C GLN A 319 -43.76 -15.48 -14.01
N PHE A 320 -42.78 -14.57 -14.07
CA PHE A 320 -43.07 -13.15 -13.89
C PHE A 320 -44.00 -12.65 -14.99
N TRP A 321 -43.76 -13.06 -16.24
CA TRP A 321 -44.62 -12.63 -17.33
C TRP A 321 -46.03 -13.20 -17.18
N ALA A 322 -46.15 -14.47 -16.81
CA ALA A 322 -47.46 -15.10 -16.73
C ALA A 322 -48.29 -14.51 -15.58
N THR A 323 -47.69 -14.37 -14.40
CA THR A 323 -48.42 -13.86 -13.26
C THR A 323 -48.87 -12.42 -13.45
N SER A 324 -48.25 -11.67 -14.35
CA SER A 324 -48.59 -10.27 -14.56
C SER A 324 -49.80 -10.18 -15.49
N SER A 325 -50.86 -9.52 -15.02
CA SER A 325 -52.03 -9.31 -15.86
C SER A 325 -51.76 -8.25 -16.93
N GLY A 326 -50.88 -7.30 -16.64
CA GLY A 326 -50.51 -6.28 -17.60
C GLY A 326 -49.40 -6.73 -18.51
N SER A 327 -48.85 -5.76 -19.25
CA SER A 327 -47.78 -6.01 -20.21
C SER A 327 -46.53 -5.26 -19.76
N LEU A 328 -45.40 -5.95 -19.73
CA LEU A 328 -44.11 -5.40 -19.36
C LEU A 328 -43.06 -5.88 -20.35
N PRO A 329 -41.95 -5.15 -20.47
CA PRO A 329 -40.86 -5.61 -21.36
C PRO A 329 -40.13 -6.80 -20.76
N ILE A 330 -40.25 -7.96 -21.42
CA ILE A 330 -39.61 -9.17 -20.91
C ILE A 330 -38.09 -9.03 -20.99
N SER A 331 -37.41 -9.34 -19.90
CA SER A 331 -35.96 -9.26 -19.84
C SER A 331 -35.44 -10.34 -18.91
N THR A 332 -34.25 -10.85 -19.23
CA THR A 332 -33.56 -11.86 -18.44
C THR A 332 -32.25 -11.28 -17.90
N ARG A 333 -31.54 -12.11 -17.15
CA ARG A 333 -30.25 -11.67 -16.62
C ARG A 333 -29.27 -11.44 -17.75
N GLU A 334 -28.47 -10.38 -17.62
CA GLU A 334 -27.45 -10.10 -18.63
C GLU A 334 -26.35 -11.15 -18.57
N SER A 335 -25.81 -11.50 -19.74
CA SER A 335 -24.76 -12.49 -19.87
C SER A 335 -23.52 -11.83 -20.46
N THR A 336 -22.40 -11.93 -19.76
CA THR A 336 -21.15 -11.38 -20.25
C THR A 336 -20.63 -12.21 -21.42
N ILE A 337 -19.94 -11.53 -22.34
CA ILE A 337 -19.34 -12.19 -23.48
C ILE A 337 -17.89 -12.51 -23.16
N SER A 338 -17.36 -13.55 -23.80
CA SER A 338 -16.01 -14.01 -23.54
C SER A 338 -14.98 -13.12 -24.23
N TYR A 339 -13.71 -13.37 -23.92
CA TYR A 339 -12.62 -12.59 -24.50
C TYR A 339 -12.60 -12.71 -26.01
N PHE A 340 -12.63 -13.95 -26.51
CA PHE A 340 -12.61 -14.15 -27.96
C PHE A 340 -13.89 -13.65 -28.62
N HIS A 341 -15.02 -13.75 -27.92
CA HIS A 341 -16.25 -13.17 -28.45
C HIS A 341 -16.12 -11.65 -28.60
N ALA A 342 -15.53 -10.99 -27.61
CA ALA A 342 -15.32 -9.56 -27.70
C ALA A 342 -14.36 -9.21 -28.84
N ILE A 343 -13.30 -9.99 -29.00
CA ILE A 343 -12.36 -9.76 -30.10
C ILE A 343 -13.09 -9.89 -31.44
N GLY A 344 -13.91 -10.93 -31.58
CA GLY A 344 -14.66 -11.11 -32.81
C GLY A 344 -15.65 -10.00 -33.07
N LYS A 345 -16.32 -9.52 -32.01
CA LYS A 345 -17.22 -8.39 -32.17
C LYS A 345 -16.47 -7.15 -32.65
N VAL A 346 -15.30 -6.89 -32.08
CA VAL A 346 -14.52 -5.72 -32.48
C VAL A 346 -14.07 -5.85 -33.93
N ILE A 347 -13.62 -7.02 -34.33
CA ILE A 347 -13.05 -7.19 -35.67
C ILE A 347 -14.14 -7.23 -36.72
N HIS A 348 -15.08 -8.18 -36.60
CA HIS A 348 -16.09 -8.42 -37.62
C HIS A 348 -17.40 -7.68 -37.36
N GLY A 349 -17.68 -7.29 -36.13
CA GLY A 349 -18.94 -6.65 -35.80
C GLY A 349 -19.94 -7.63 -35.22
N SER A 350 -21.15 -7.12 -35.02
CA SER A 350 -22.24 -7.88 -34.41
C SER A 350 -23.39 -8.02 -35.38
N HIS A 351 -23.95 -9.22 -35.45
CA HIS A 351 -25.09 -9.47 -36.34
C HIS A 351 -26.31 -8.67 -35.90
N SER A 352 -26.60 -8.67 -34.60
CA SER A 352 -27.83 -8.03 -34.13
C SER A 352 -27.80 -6.53 -34.37
N THR A 353 -26.67 -5.88 -34.09
CA THR A 353 -26.57 -4.43 -34.17
C THR A 353 -25.84 -4.05 -35.45
N ASN A 354 -26.47 -3.19 -36.26
CA ASN A 354 -25.85 -2.65 -37.45
C ASN A 354 -25.13 -1.32 -37.19
N ASN A 355 -25.40 -0.67 -36.06
CA ASN A 355 -24.76 0.59 -35.71
C ASN A 355 -23.53 0.31 -34.86
N ASP A 356 -22.35 0.70 -35.38
CA ASP A 356 -21.11 0.43 -34.67
C ASP A 356 -21.03 1.20 -33.35
N ASN A 357 -21.51 2.46 -33.36
CA ASN A 357 -21.43 3.27 -32.14
C ASN A 357 -22.21 2.63 -31.00
N GLU A 358 -23.43 2.16 -31.28
CA GLU A 358 -24.23 1.53 -30.24
C GLU A 358 -23.57 0.26 -29.73
N MET A 359 -23.01 -0.55 -30.64
CA MET A 359 -22.34 -1.77 -30.23
C MET A 359 -21.15 -1.46 -29.33
N ILE A 360 -20.33 -0.47 -29.71
CA ILE A 360 -19.17 -0.12 -28.91
C ILE A 360 -19.60 0.42 -27.55
N ASN A 361 -20.62 1.28 -27.52
CA ASN A 361 -21.10 1.81 -26.25
C ASN A 361 -21.59 0.70 -25.33
N ASN A 362 -22.37 -0.23 -25.87
CA ASN A 362 -22.86 -1.34 -25.06
C ASN A 362 -21.71 -2.21 -24.57
N LEU A 363 -20.74 -2.47 -25.44
CA LEU A 363 -19.59 -3.29 -25.05
C LEU A 363 -18.82 -2.64 -23.90
N PHE A 364 -18.61 -1.34 -23.97
CA PHE A 364 -17.90 -0.65 -22.90
C PHE A 364 -18.73 -0.59 -21.62
N GLU A 365 -20.04 -0.39 -21.75
CA GLU A 365 -20.90 -0.29 -20.57
C GLU A 365 -20.96 -1.63 -19.83
N ASN A 366 -21.10 -2.74 -20.56
CA ASN A 366 -21.34 -4.04 -19.95
C ASN A 366 -20.09 -4.91 -19.88
N SER A 367 -18.98 -4.50 -20.49
CA SER A 367 -17.75 -5.30 -20.50
C SER A 367 -16.54 -4.43 -20.21
N ASN A 368 -16.70 -3.48 -19.27
CA ASN A 368 -15.61 -2.56 -18.97
C ASN A 368 -14.40 -3.31 -18.41
N ASN A 369 -14.63 -4.29 -17.55
CA ASN A 369 -13.51 -5.01 -16.94
C ASN A 369 -12.64 -5.66 -18.01
N LEU A 370 -13.26 -6.33 -18.97
CA LEU A 370 -12.51 -7.04 -20.00
C LEU A 370 -11.80 -6.07 -20.94
N LEU A 371 -12.48 -4.98 -21.32
CA LEU A 371 -11.90 -4.07 -22.30
C LEU A 371 -10.77 -3.24 -21.69
N SER A 372 -10.90 -2.85 -20.42
CA SER A 372 -9.89 -2.00 -19.81
C SER A 372 -8.57 -2.74 -19.64
N LYS A 373 -8.61 -4.05 -19.43
CA LYS A 373 -7.38 -4.81 -19.21
C LYS A 373 -6.45 -4.67 -20.41
N GLU A 374 -5.15 -4.56 -20.12
CA GLU A 374 -4.18 -4.27 -21.17
C GLU A 374 -4.00 -5.44 -22.15
N ASP A 375 -4.48 -6.64 -21.81
CA ASP A 375 -4.32 -7.77 -22.72
C ASP A 375 -5.28 -7.71 -23.90
N PHE A 376 -6.37 -6.95 -23.79
CA PHE A 376 -7.32 -6.86 -24.91
C PHE A 376 -6.67 -6.17 -26.10
N LYS A 377 -5.92 -5.09 -25.86
CA LYS A 377 -5.22 -4.42 -26.96
C LYS A 377 -4.19 -5.35 -27.58
N LEU A 378 -3.49 -6.14 -26.76
CA LEU A 378 -2.56 -7.12 -27.30
C LEU A 378 -3.27 -8.13 -28.18
N GLY A 379 -4.43 -8.62 -27.74
CA GLY A 379 -5.19 -9.56 -28.54
C GLY A 379 -5.62 -8.97 -29.87
N ILE A 380 -6.08 -7.72 -29.84
CA ILE A 380 -6.45 -7.05 -31.09
C ILE A 380 -5.23 -6.95 -32.01
N LEU A 381 -4.09 -6.53 -31.46
CA LEU A 381 -2.88 -6.36 -32.26
C LEU A 381 -2.46 -7.68 -32.88
N GLU A 382 -2.58 -8.78 -32.13
CA GLU A 382 -2.11 -10.07 -32.61
C GLU A 382 -3.15 -10.85 -33.40
N ASN A 383 -4.40 -10.39 -33.45
CA ASN A 383 -5.44 -11.11 -34.17
C ASN A 383 -6.08 -10.33 -35.31
N TYR A 384 -5.80 -9.04 -35.47
CA TYR A 384 -6.42 -8.29 -36.56
C TYR A 384 -6.05 -8.87 -37.92
N ASN A 385 -4.91 -9.55 -38.02
CA ASN A 385 -4.49 -10.14 -39.28
C ASN A 385 -5.35 -11.33 -39.68
N THR A 386 -6.10 -11.90 -38.73
CA THR A 386 -6.98 -13.03 -39.07
C THR A 386 -8.04 -12.66 -40.08
N PHE A 387 -8.37 -11.37 -40.21
CA PHE A 387 -9.37 -10.95 -41.17
C PHE A 387 -8.95 -11.34 -42.58
N ASN A 388 -9.85 -12.04 -43.29
CA ASN A 388 -9.58 -12.50 -44.64
C ASN A 388 -8.30 -13.34 -44.72
N LYS A 389 -7.89 -13.93 -43.59
CA LYS A 389 -6.64 -14.67 -43.51
C LYS A 389 -5.47 -13.80 -43.96
N GLY A 390 -5.50 -12.53 -43.58
CA GLY A 390 -4.44 -11.60 -43.93
C GLY A 390 -4.29 -11.34 -45.41
N GLU A 391 -5.39 -11.09 -46.11
CA GLU A 391 -5.39 -10.81 -47.53
C GLU A 391 -5.99 -9.43 -47.83
N PHE A 392 -5.67 -8.45 -47.00
CA PHE A 392 -6.08 -7.06 -47.21
C PHE A 392 -4.85 -6.18 -47.34
N SER A 393 -5.10 -4.92 -47.71
CA SER A 393 -4.01 -4.01 -47.99
C SER A 393 -3.18 -3.75 -46.74
N ILE A 394 -1.88 -3.54 -46.94
CA ILE A 394 -0.98 -3.20 -45.83
C ILE A 394 -1.35 -1.85 -45.24
N SER A 395 -2.05 -0.99 -45.99
CA SER A 395 -2.43 0.31 -45.47
C SER A 395 -3.38 0.19 -44.28
N ASP A 396 -4.35 -0.71 -44.36
CA ASP A 396 -5.29 -0.89 -43.25
C ASP A 396 -4.58 -1.41 -42.01
N ALA A 397 -3.69 -2.39 -42.18
CA ALA A 397 -2.93 -2.89 -41.04
C ALA A 397 -2.07 -1.80 -40.44
N SER A 398 -1.44 -0.99 -41.29
CA SER A 398 -0.62 0.11 -40.78
C SER A 398 -1.47 1.10 -39.98
N SER A 399 -2.66 1.42 -40.48
CA SER A 399 -3.53 2.34 -39.76
C SER A 399 -3.92 1.76 -38.40
N ILE A 400 -4.28 0.47 -38.37
CA ILE A 400 -4.69 -0.15 -37.12
C ILE A 400 -3.54 -0.14 -36.11
N VAL A 401 -2.35 -0.54 -36.55
CA VAL A 401 -1.22 -0.62 -35.64
C VAL A 401 -0.79 0.77 -35.17
N ASP A 402 -0.86 1.76 -36.07
CA ASP A 402 -0.52 3.13 -35.67
C ASP A 402 -1.50 3.64 -34.62
N CYS A 403 -2.79 3.34 -34.80
CA CYS A 403 -3.77 3.75 -33.80
C CYS A 403 -3.51 3.07 -32.46
N LEU A 404 -3.17 1.77 -32.48
CA LEU A 404 -2.85 1.09 -31.24
C LEU A 404 -1.62 1.69 -30.56
N SER A 405 -0.60 2.03 -31.35
CA SER A 405 0.59 2.67 -30.79
C SER A 405 0.25 4.01 -30.17
N GLU A 406 -0.59 4.81 -30.85
CA GLU A 406 -1.01 6.09 -30.27
C GLU A 406 -1.78 5.88 -28.98
N CYS A 407 -2.65 4.87 -28.94
CA CYS A 407 -3.40 4.58 -27.72
C CYS A 407 -2.48 4.18 -26.58
N ASP A 408 -1.39 3.48 -26.89
CA ASP A 408 -0.47 3.07 -25.83
C ASP A 408 0.19 4.26 -25.14
N ASN A 409 0.13 5.45 -25.74
CA ASN A 409 0.74 6.65 -25.18
C ASN A 409 -0.27 7.53 -24.45
N MET A 410 -1.43 6.99 -24.08
CA MET A 410 -2.51 7.77 -23.50
C MET A 410 -2.73 7.46 -22.02
N ASN A 411 -1.76 6.81 -21.38
CA ASN A 411 -1.80 6.58 -19.93
C ASN A 411 -3.09 5.86 -19.52
N GLY A 412 -3.54 4.94 -20.37
CA GLY A 412 -4.66 4.09 -20.02
C GLY A 412 -5.95 4.83 -19.71
N LEU A 413 -6.23 5.90 -20.43
CA LEU A 413 -7.50 6.60 -20.27
C LEU A 413 -8.60 5.84 -21.03
N PRO A 414 -9.86 5.97 -20.59
CA PRO A 414 -10.95 5.32 -21.35
C PRO A 414 -11.03 5.80 -22.79
N GLU A 415 -10.73 7.07 -23.04
CA GLU A 415 -10.76 7.59 -24.41
C GLU A 415 -9.82 6.81 -25.30
N SER A 416 -8.67 6.38 -24.78
CA SER A 416 -7.72 5.64 -25.60
C SER A 416 -8.31 4.32 -26.07
N ASN A 417 -8.91 3.55 -25.14
CA ASN A 417 -9.51 2.28 -25.52
C ASN A 417 -10.66 2.49 -26.50
N GLU A 418 -11.51 3.50 -26.23
CA GLU A 418 -12.61 3.77 -27.14
C GLU A 418 -12.11 4.08 -28.54
N TYR A 419 -11.09 4.95 -28.63
CA TYR A 419 -10.54 5.33 -29.93
C TYR A 419 -9.96 4.12 -30.65
N GLY A 420 -9.20 3.29 -29.94
CA GLY A 420 -8.61 2.13 -30.58
C GLY A 420 -9.65 1.17 -31.12
N LEU A 421 -10.63 0.82 -30.29
CA LEU A 421 -11.65 -0.12 -30.73
C LEU A 421 -12.46 0.44 -31.89
N ARG A 422 -12.82 1.72 -31.81
CA ARG A 422 -13.60 2.33 -32.88
C ARG A 422 -12.80 2.36 -34.18
N GLU A 423 -11.51 2.69 -34.11
CA GLU A 423 -10.69 2.69 -35.31
C GLU A 423 -10.62 1.31 -35.94
N VAL A 424 -10.42 0.27 -35.11
CA VAL A 424 -10.34 -1.08 -35.64
C VAL A 424 -11.66 -1.47 -36.31
N ARG A 425 -12.78 -1.21 -35.62
CA ARG A 425 -14.07 -1.59 -36.16
C ARG A 425 -14.36 -0.85 -37.47
N LYS A 426 -14.09 0.46 -37.51
CA LYS A 426 -14.36 1.23 -38.73
C LYS A 426 -13.49 0.75 -39.88
N THR A 427 -12.20 0.48 -39.61
CA THR A 427 -11.32 0.02 -40.66
C THR A 427 -11.79 -1.32 -41.21
N PHE A 428 -12.20 -2.24 -40.34
CA PHE A 428 -12.62 -3.54 -40.82
C PHE A 428 -13.97 -3.48 -41.52
N ARG A 429 -14.85 -2.56 -41.11
CA ARG A 429 -16.13 -2.41 -41.78
C ARG A 429 -15.97 -1.79 -43.16
N ASN A 430 -14.97 -0.91 -43.32
CA ASN A 430 -14.77 -0.27 -44.61
C ASN A 430 -14.37 -1.26 -45.71
N ILE A 431 -13.91 -2.46 -45.34
CA ILE A 431 -13.46 -3.45 -46.29
C ILE A 431 -14.22 -4.76 -46.18
N SER A 432 -15.32 -4.78 -45.44
CA SER A 432 -16.10 -5.99 -45.29
C SER A 432 -16.73 -6.38 -46.61
N LYS A 433 -16.68 -7.68 -46.93
CA LYS A 433 -17.27 -8.21 -48.16
C LYS A 433 -17.81 -9.61 -47.88
N GLN A 434 -18.80 -10.00 -48.68
CA GLN A 434 -19.42 -11.31 -48.49
C GLN A 434 -18.43 -12.44 -48.72
N GLY A 435 -17.62 -12.33 -49.77
CA GLY A 435 -16.69 -13.39 -50.11
C GLY A 435 -15.37 -13.30 -49.37
N HIS A 436 -15.38 -13.61 -48.07
CA HIS A 436 -14.18 -13.54 -47.24
C HIS A 436 -14.08 -14.80 -46.39
N ASN A 437 -12.86 -15.31 -46.25
CA ASN A 437 -12.56 -16.44 -45.39
C ASN A 437 -11.59 -15.97 -44.30
N HIS A 438 -11.97 -16.19 -43.05
CA HIS A 438 -11.24 -15.67 -41.91
C HIS A 438 -10.39 -16.76 -41.27
N GLY A 439 -9.36 -16.33 -40.53
CA GLY A 439 -8.45 -17.23 -39.87
C GLY A 439 -8.85 -17.50 -38.43
N THR A 440 -7.96 -18.20 -37.73
CA THR A 440 -8.20 -18.59 -36.34
C THR A 440 -7.64 -17.54 -35.39
N VAL A 441 -8.38 -17.30 -34.32
CA VAL A 441 -7.99 -16.31 -33.30
C VAL A 441 -7.14 -17.02 -32.25
N TYR A 442 -6.11 -16.32 -31.77
CA TYR A 442 -5.19 -16.88 -30.80
C TYR A 442 -4.90 -15.86 -29.71
N PHE A 443 -4.57 -16.36 -28.52
CA PHE A 443 -4.22 -15.49 -27.41
C PHE A 443 -2.83 -14.88 -27.64
N PRO A 444 -2.61 -13.65 -27.17
CA PRO A 444 -1.28 -13.03 -27.34
C PRO A 444 -0.20 -13.81 -26.60
N ARG A 445 1.04 -13.72 -27.11
CA ARG A 445 2.17 -14.48 -26.62
C ARG A 445 3.11 -13.67 -25.75
N GLU A 446 2.61 -12.59 -25.14
CA GLU A 446 3.48 -11.75 -24.31
C GLU A 446 3.99 -12.52 -23.10
N TRP A 447 3.17 -13.38 -22.51
CA TRP A 447 3.56 -14.10 -21.31
C TRP A 447 4.73 -15.03 -21.57
N LYS A 448 4.76 -15.68 -22.74
CA LYS A 448 5.92 -16.49 -23.10
C LYS A 448 7.19 -15.63 -23.12
N VAL A 449 7.09 -14.43 -23.69
CA VAL A 449 8.24 -13.54 -23.76
C VAL A 449 8.69 -13.16 -22.35
N ARG A 450 7.74 -12.89 -21.46
CA ARG A 450 8.11 -12.53 -20.09
C ARG A 450 8.81 -13.70 -19.39
N LYS A 451 8.32 -14.93 -19.58
CA LYS A 451 8.98 -16.08 -18.99
C LYS A 451 10.39 -16.26 -19.53
N LEU A 452 10.56 -16.10 -20.85
CA LEU A 452 11.89 -16.21 -21.43
C LEU A 452 12.81 -15.12 -20.90
N GLN A 453 12.29 -13.91 -20.72
CA GLN A 453 13.09 -12.83 -20.16
C GLN A 453 13.52 -13.13 -18.74
N ASN A 454 12.62 -13.69 -17.93
CA ASN A 454 12.99 -14.05 -16.56
C ASN A 454 14.08 -15.11 -16.56
N SER A 455 13.95 -16.12 -17.41
CA SER A 455 14.99 -17.15 -17.51
C SER A 455 16.32 -16.52 -17.93
N PHE A 456 16.28 -15.61 -18.90
CA PHE A 456 17.50 -14.94 -19.34
C PHE A 456 18.13 -14.15 -18.20
N LYS A 457 17.31 -13.47 -17.39
CA LYS A 457 17.85 -12.70 -16.28
C LYS A 457 18.52 -13.62 -15.26
N VAL A 458 17.91 -14.77 -14.97
CA VAL A 458 18.53 -15.71 -14.04
C VAL A 458 19.87 -16.19 -14.59
N GLN A 459 19.91 -16.55 -15.87
CA GLN A 459 21.16 -17.01 -16.46
C GLN A 459 22.22 -15.91 -16.46
N ALA A 460 21.81 -14.67 -16.73
CA ALA A 460 22.75 -13.56 -16.73
C ALA A 460 23.31 -13.33 -15.33
N GLU A 461 22.48 -13.42 -14.30
CA GLU A 461 22.97 -13.30 -12.93
C GLU A 461 23.96 -14.41 -12.61
N ASP A 462 23.68 -15.64 -13.06
CA ASP A 462 24.62 -16.73 -12.84
C ASP A 462 25.96 -16.45 -13.50
N TRP A 463 25.92 -15.98 -14.76
CA TRP A 463 27.14 -15.66 -15.47
C TRP A 463 27.91 -14.53 -14.77
N LEU A 464 27.19 -13.53 -14.28
CA LEU A 464 27.83 -12.42 -13.57
C LEU A 464 28.50 -12.91 -12.30
N ASN A 465 27.84 -13.81 -11.56
CA ASN A 465 28.45 -14.38 -10.36
C ASN A 465 29.73 -15.13 -10.72
N VAL A 466 29.67 -15.94 -11.77
CA VAL A 466 30.85 -16.70 -12.19
C VAL A 466 31.99 -15.75 -12.52
N SER A 467 31.70 -14.71 -13.31
CA SER A 467 32.74 -13.76 -13.69
C SER A 467 33.34 -13.07 -12.48
N LEU A 468 32.48 -12.60 -11.57
CA LEU A 468 32.97 -11.88 -10.39
C LEU A 468 33.86 -12.78 -9.54
N TYR A 469 33.45 -14.03 -9.33
CA TYR A 469 34.15 -14.90 -8.39
C TYR A 469 35.30 -15.67 -9.01
N LYS A 470 35.45 -15.67 -10.33
CA LYS A 470 36.56 -16.39 -10.96
C LYS A 470 37.54 -15.51 -11.71
N TYR A 471 37.15 -14.29 -12.10
CA TYR A 471 38.02 -13.41 -12.85
C TYR A 471 38.08 -11.99 -12.29
N ASN A 472 37.42 -11.72 -11.17
CA ASN A 472 37.47 -10.39 -10.54
C ASN A 472 37.05 -9.31 -11.53
N ALA A 473 36.03 -9.61 -12.34
CA ALA A 473 35.52 -8.70 -13.34
C ALA A 473 34.05 -8.41 -13.07
N VAL A 474 33.67 -7.14 -13.14
CA VAL A 474 32.30 -6.69 -12.92
C VAL A 474 31.78 -6.13 -14.24
N HIS A 475 30.64 -6.66 -14.69
CA HIS A 475 30.03 -6.26 -15.94
C HIS A 475 28.56 -5.96 -15.73
N SER A 476 28.05 -5.02 -16.53
CA SER A 476 26.67 -4.61 -16.42
C SER A 476 25.74 -5.59 -17.13
N PHE A 477 24.49 -5.63 -16.67
CA PHE A 477 23.50 -6.50 -17.30
C PHE A 477 23.24 -6.09 -18.75
N ARG A 478 23.26 -4.78 -19.03
CA ARG A 478 23.06 -4.31 -20.39
C ARG A 478 24.13 -4.85 -21.32
N ASN A 479 25.38 -4.80 -20.89
CA ASN A 479 26.47 -5.32 -21.72
C ASN A 479 26.34 -6.83 -21.91
N ILE A 480 25.83 -7.54 -20.90
CA ILE A 480 25.59 -8.96 -21.04
C ILE A 480 24.53 -9.21 -22.11
N THR A 481 23.44 -8.45 -22.07
CA THR A 481 22.39 -8.62 -23.08
C THR A 481 22.89 -8.28 -24.47
N LEU A 482 23.79 -7.30 -24.58
CA LEU A 482 24.24 -6.83 -25.89
C LEU A 482 25.43 -7.63 -26.43
N GLU A 483 26.52 -7.71 -25.65
CA GLU A 483 27.79 -8.23 -26.18
C GLU A 483 28.25 -9.51 -25.49
N PHE A 484 28.38 -9.50 -24.16
CA PHE A 484 29.02 -10.63 -23.48
C PHE A 484 28.21 -11.91 -23.62
N GLY A 485 26.87 -11.80 -23.55
CA GLY A 485 26.03 -12.98 -23.51
C GLY A 485 26.22 -13.91 -24.70
N TYR A 486 26.71 -13.40 -25.83
CA TYR A 486 27.00 -14.21 -27.00
C TYR A 486 28.48 -14.49 -27.17
N TYR A 487 29.34 -13.49 -26.96
CA TYR A 487 30.77 -13.66 -27.24
C TYR A 487 31.42 -14.55 -26.19
N ALA A 488 31.14 -14.32 -24.90
CA ALA A 488 31.80 -15.09 -23.86
C ALA A 488 31.54 -16.58 -23.97
N PRO A 489 30.29 -17.05 -24.11
CA PRO A 489 30.08 -18.50 -24.25
C PRO A 489 30.82 -19.09 -25.45
N LEU A 490 30.87 -18.38 -26.57
CA LEU A 490 31.59 -18.90 -27.73
C LEU A 490 33.08 -19.05 -27.44
N ILE A 491 33.67 -18.04 -26.79
CA ILE A 491 35.09 -18.11 -26.45
C ILE A 491 35.34 -19.28 -25.49
N ARG A 492 34.49 -19.44 -24.49
CA ARG A 492 34.69 -20.50 -23.52
C ARG A 492 34.51 -21.88 -24.17
N LYS A 493 33.55 -22.00 -25.08
CA LYS A 493 33.37 -23.27 -25.79
C LYS A 493 34.59 -23.61 -26.63
N CYS A 494 35.13 -22.62 -27.36
CA CYS A 494 36.34 -22.87 -28.15
C CYS A 494 37.50 -23.27 -27.25
N GLN A 495 37.66 -22.57 -26.12
CA GLN A 495 38.74 -22.90 -25.20
C GLN A 495 38.58 -24.30 -24.64
N SER A 496 37.36 -24.70 -24.31
CA SER A 496 37.12 -26.05 -23.79
C SER A 496 37.43 -27.10 -24.85
N TYR A 497 37.03 -26.85 -26.09
CA TYR A 497 37.33 -27.79 -27.16
C TYR A 497 38.85 -27.93 -27.34
N LYS A 498 39.57 -26.81 -27.33
CA LYS A 498 41.03 -26.87 -27.46
C LYS A 498 41.65 -27.61 -26.28
N LYS A 499 41.14 -27.38 -25.07
CA LYS A 499 41.66 -28.08 -23.90
C LYS A 499 41.44 -29.57 -24.02
N LYS A 500 40.25 -29.99 -24.46
CA LYS A 500 39.98 -31.41 -24.62
C LYS A 500 40.90 -32.02 -25.67
N TYR A 501 41.09 -31.32 -26.80
CA TYR A 501 41.98 -31.84 -27.83
C TYR A 501 43.41 -31.97 -27.32
N ILE A 502 43.89 -30.97 -26.58
CA ILE A 502 45.25 -31.02 -26.05
C ILE A 502 45.39 -32.15 -25.04
N LEU A 503 44.39 -32.34 -24.18
CA LEU A 503 44.45 -33.43 -23.21
C LEU A 503 44.47 -34.78 -23.91
N TYR A 504 43.65 -34.94 -24.96
CA TYR A 504 43.65 -36.19 -25.71
C TYR A 504 45.01 -36.43 -26.36
N TYR A 505 45.59 -35.39 -26.95
CA TYR A 505 46.90 -35.53 -27.57
C TYR A 505 47.96 -35.92 -26.55
N LEU A 506 47.93 -35.29 -25.37
CA LEU A 506 48.90 -35.63 -24.33
C LEU A 506 48.72 -37.07 -23.86
N LYS A 507 47.47 -37.50 -23.68
CA LYS A 507 47.22 -38.88 -23.26
C LYS A 507 47.72 -39.87 -24.31
N ASN A 508 47.48 -39.57 -25.59
CA ASN A 508 47.94 -40.45 -26.66
C ASN A 508 49.41 -40.22 -27.01
N LEU A 509 50.03 -39.16 -26.49
CA LEU A 509 51.43 -38.89 -26.78
C LEU A 509 52.33 -39.72 -25.88
N ASP A 521 52.41 -24.92 -22.20
CA ASP A 521 52.76 -23.66 -21.58
C ASP A 521 52.41 -22.49 -22.49
N LYS A 522 52.52 -22.71 -23.80
CA LYS A 522 52.20 -21.64 -24.75
C LYS A 522 50.75 -21.22 -24.65
N PHE A 523 49.85 -22.19 -24.51
CA PHE A 523 48.42 -21.94 -24.40
C PHE A 523 47.94 -22.01 -22.96
N SER A 524 48.78 -21.60 -22.01
CA SER A 524 48.52 -21.87 -20.60
C SER A 524 47.20 -21.29 -20.13
N ASP A 525 46.66 -20.30 -20.85
CA ASP A 525 45.39 -19.70 -20.49
C ASP A 525 44.19 -20.47 -21.03
N ILE A 526 44.39 -21.55 -21.77
CA ILE A 526 43.28 -22.26 -22.39
C ILE A 526 42.75 -23.39 -21.51
N MET A 527 43.63 -24.14 -20.84
CA MET A 527 43.15 -25.24 -19.99
C MET A 527 42.80 -24.77 -18.58
N LYS A 528 42.55 -23.47 -18.38
CA LYS A 528 42.07 -22.95 -17.11
C LYS A 528 40.55 -22.93 -17.02
N VAL A 529 39.85 -23.44 -18.03
CA VAL A 529 38.39 -23.44 -18.06
C VAL A 529 37.88 -24.71 -17.39
N GLU A 530 36.99 -24.54 -16.42
CA GLU A 530 36.40 -25.67 -15.72
C GLU A 530 35.11 -26.10 -16.42
N ASN A 531 34.93 -27.41 -16.56
CA ASN A 531 33.78 -27.92 -17.29
C ASN A 531 32.47 -27.55 -16.62
N GLY A 532 32.42 -27.65 -15.29
CA GLY A 532 31.17 -27.48 -14.58
C GLY A 532 30.92 -26.08 -14.05
N ILE A 533 31.92 -25.21 -14.11
CA ILE A 533 31.80 -23.87 -13.57
C ILE A 533 31.80 -22.78 -14.65
N ASP A 534 32.34 -23.06 -15.83
CA ASP A 534 32.43 -22.05 -16.89
C ASP A 534 31.23 -22.18 -17.82
N VAL A 535 30.59 -21.05 -18.10
CA VAL A 535 29.45 -21.01 -19.02
C VAL A 535 29.97 -21.02 -20.45
N VAL A 536 29.49 -21.98 -21.25
CA VAL A 536 29.95 -22.14 -22.62
C VAL A 536 28.77 -22.14 -23.58
N ASP A 537 27.60 -21.76 -23.07
CA ASP A 537 26.37 -21.76 -23.86
C ASP A 537 25.82 -20.34 -23.96
N ARG A 538 25.27 -20.00 -25.11
CA ARG A 538 24.69 -18.68 -25.32
C ARG A 538 23.61 -18.42 -24.28
N ILE A 539 23.69 -17.25 -23.63
CA ILE A 539 22.71 -16.90 -22.61
C ILE A 539 21.36 -16.68 -23.28
N GLY A 540 20.33 -17.33 -22.76
CA GLY A 540 19.00 -17.26 -23.31
C GLY A 540 18.74 -18.18 -24.48
N GLY A 541 19.73 -18.98 -24.89
CA GLY A 541 19.56 -19.88 -26.00
C GLY A 541 19.82 -19.20 -27.33
N PRO A 542 19.85 -19.98 -28.41
CA PRO A 542 20.06 -19.39 -29.74
C PRO A 542 18.88 -18.53 -30.17
N ILE A 543 19.18 -17.54 -31.02
CA ILE A 543 18.15 -16.67 -31.58
C ILE A 543 17.71 -17.35 -32.87
N GLU A 544 16.71 -18.23 -32.76
CA GLU A 544 16.25 -19.01 -33.90
C GLU A 544 15.56 -18.16 -34.96
N ALA A 545 15.23 -16.90 -34.66
CA ALA A 545 14.55 -16.05 -35.62
C ALA A 545 15.33 -15.98 -36.93
N LEU A 546 14.72 -16.49 -37.99
CA LEU A 546 15.35 -16.51 -39.31
C LEU A 546 16.70 -17.21 -39.25
N SER A 547 16.76 -18.30 -38.50
CA SER A 547 18.00 -19.06 -38.35
C SER A 547 19.07 -18.21 -37.69
N ASP A 564 8.68 -26.38 -13.34
CA ASP A 564 9.29 -25.18 -12.78
C ASP A 564 10.73 -25.03 -13.24
N HIS A 565 10.91 -24.72 -14.52
CA HIS A 565 12.24 -24.55 -15.07
C HIS A 565 12.98 -23.39 -14.40
N LEU A 566 12.27 -22.29 -14.13
CA LEU A 566 12.90 -21.14 -13.50
C LEU A 566 13.41 -21.48 -12.11
N GLU A 567 12.63 -22.25 -11.34
CA GLU A 567 13.07 -22.64 -10.01
C GLU A 567 14.32 -23.50 -10.07
N ASP A 568 14.35 -24.46 -11.01
CA ASP A 568 15.54 -25.29 -11.17
C ASP A 568 16.76 -24.46 -11.57
N GLN A 569 16.56 -23.50 -12.47
CA GLN A 569 17.67 -22.64 -12.87
C GLN A 569 18.18 -21.82 -11.69
N LYS A 570 17.27 -21.30 -10.86
CA LYS A 570 17.68 -20.54 -9.69
C LYS A 570 18.43 -21.43 -8.70
N LYS A 571 17.97 -22.67 -8.52
CA LYS A 571 18.68 -23.59 -7.63
C LYS A 571 20.08 -23.87 -8.14
N GLU A 572 20.22 -24.10 -9.45
CA GLU A 572 21.55 -24.33 -10.02
C GLU A 572 22.43 -23.11 -9.86
N ARG A 573 21.87 -21.92 -10.06
CA ARG A 573 22.62 -20.68 -9.89
C ARG A 573 23.12 -20.55 -8.45
N ASP A 574 22.24 -20.84 -7.48
CA ASP A 574 22.63 -20.76 -6.08
C ASP A 574 23.72 -21.77 -5.76
N ARG A 575 23.61 -22.98 -6.29
CA ARG A 575 24.64 -24.00 -6.07
C ARG A 575 25.99 -23.53 -6.61
N ARG A 576 26.00 -23.07 -7.87
CA ARG A 576 27.25 -22.63 -8.46
C ARG A 576 27.81 -21.42 -7.73
N LEU A 577 26.94 -20.56 -7.22
CA LEU A 577 27.40 -19.45 -6.39
C LEU A 577 28.04 -19.93 -5.10
N ARG A 578 27.47 -20.98 -4.50
CA ARG A 578 28.07 -21.54 -3.28
C ARG A 578 29.46 -22.10 -3.57
N MET A 579 29.60 -22.84 -4.68
CA MET A 579 30.93 -23.31 -5.05
C MET A 579 31.89 -22.16 -5.33
N LEU A 580 31.42 -21.11 -5.99
CA LEU A 580 32.27 -19.97 -6.27
C LEU A 580 32.73 -19.30 -4.97
N ILE A 581 31.81 -19.14 -4.01
CA ILE A 581 32.17 -18.54 -2.73
C ILE A 581 33.17 -19.43 -2.00
N ASP A 582 32.99 -20.76 -2.09
CA ASP A 582 33.95 -21.67 -1.47
C ASP A 582 35.33 -21.49 -2.10
N GLN A 583 35.41 -21.36 -3.42
CA GLN A 583 36.73 -21.26 -4.14
C GLN A 583 37.47 -19.99 -3.70
N TYR A 584 36.75 -18.88 -3.45
CA TYR A 584 37.35 -17.57 -3.09
C TYR A 584 37.57 -17.44 -1.57
N GLU A 585 36.78 -18.15 -0.75
CA GLU A 585 36.85 -18.02 0.74
C GLU A 585 38.30 -18.28 1.20
N ARG A 586 38.93 -19.37 0.74
CA ARG A 586 40.29 -19.75 1.22
C ARG A 586 41.36 -18.85 0.58
N ASN A 587 41.11 -18.27 -0.60
CA ASN A 587 42.13 -17.47 -1.34
C ASN A 587 42.66 -16.32 -0.47
N VAL A 588 41.79 -15.63 0.29
CA VAL A 588 42.20 -14.42 1.08
C VAL A 588 43.28 -14.84 2.10
N MET A 589 42.99 -15.83 2.95
CA MET A 589 43.89 -16.29 4.04
C MET A 589 45.11 -16.97 3.40
N MET A 590 44.92 -17.69 2.29
CA MET A 590 46.02 -18.46 1.63
C MET A 590 47.15 -17.49 1.28
N ALA A 591 46.85 -16.33 0.66
CA ALA A 591 47.86 -15.31 0.29
C ALA A 591 47.18 -13.97 -0.05
N ASN A 592 47.86 -12.83 0.18
CA ASN A 592 47.36 -11.47 -0.17
C ASN A 592 48.49 -10.69 -0.85
N ASP A 593 48.18 -9.81 -1.82
CA ASP A 593 49.20 -9.03 -2.56
C ASP A 593 49.94 -8.12 -1.57
N ASP A 594 49.20 -7.46 -0.65
CA ASP A 594 49.80 -6.53 0.34
C ASP A 594 50.81 -5.63 -0.41
N LEU A 595 52.08 -5.53 0.03
CA LEU A 595 53.12 -4.69 -0.61
C LEU A 595 54.40 -5.52 -0.84
N GLU A 596 55.43 -4.95 -1.48
CA GLU A 596 56.71 -5.62 -1.68
C GLU A 596 57.57 -5.44 -0.43
N ASP A 597 58.01 -6.55 0.15
CA ASP A 597 58.82 -6.56 1.36
C ASP A 597 60.06 -7.43 1.14
N GLU A 598 60.84 -7.60 2.21
CA GLU A 598 62.05 -8.41 2.17
C GLU A 598 61.67 -9.87 2.44
N GLU A 599 61.08 -10.50 1.43
CA GLU A 599 60.66 -11.90 1.57
C GLU A 599 61.85 -12.82 1.77
N THR A 600 62.99 -12.51 1.13
CA THR A 600 64.17 -13.35 1.30
C THR A 600 64.63 -13.38 2.75
N SER A 601 64.63 -12.23 3.42
CA SER A 601 65.01 -12.18 4.83
C SER A 601 64.06 -12.99 5.69
N PHE A 602 62.78 -13.04 5.32
CA PHE A 602 61.81 -13.83 6.08
C PHE A 602 62.18 -15.31 6.06
N ASN A 603 62.59 -15.82 4.89
CA ASN A 603 63.01 -17.21 4.79
C ASN A 603 64.35 -17.45 5.49
N ASP A 604 65.13 -16.40 5.74
CA ASP A 604 66.42 -16.56 6.40
C ASP A 604 66.29 -16.83 7.89
N ASP A 605 65.09 -16.70 8.46
CA ASP A 605 64.84 -16.95 9.88
C ASP A 605 63.65 -17.91 9.98
N PRO A 606 63.87 -19.19 9.67
CA PRO A 606 62.75 -20.14 9.62
C PRO A 606 62.33 -20.63 11.00
N ILE A 607 61.05 -20.96 11.08
CA ILE A 607 60.47 -21.52 12.30
C ILE A 607 61.27 -22.74 12.73
N VAL A 608 61.39 -22.95 14.04
CA VAL A 608 62.05 -24.12 14.60
C VAL A 608 61.10 -24.73 15.62
N ASP A 609 60.70 -25.99 15.39
CA ASP A 609 59.80 -26.71 16.27
C ASP A 609 60.49 -27.97 16.76
N SER A 610 60.70 -28.06 18.08
CA SER A 610 61.34 -29.21 18.67
C SER A 610 61.20 -29.12 20.19
N ASP A 611 61.10 -30.27 20.83
CA ASP A 611 60.96 -30.34 22.28
C ASP A 611 62.26 -30.84 22.92
N LEU B 7 -38.12 22.09 13.54
CA LEU B 7 -37.86 22.69 12.24
C LEU B 7 -38.68 21.99 11.16
N GLN B 8 -38.70 22.58 9.97
CA GLN B 8 -39.46 22.06 8.84
C GLN B 8 -38.54 21.27 7.92
N LEU B 9 -38.94 20.04 7.61
CA LEU B 9 -38.13 19.18 6.76
C LEU B 9 -38.04 19.76 5.36
N PRO B 10 -36.95 19.49 4.64
CA PRO B 10 -36.92 19.86 3.22
C PRO B 10 -37.97 19.09 2.43
N TRP B 11 -38.45 19.71 1.36
CA TRP B 11 -39.58 19.16 0.61
C TRP B 11 -39.25 17.79 0.04
N VAL B 12 -37.98 17.52 -0.27
CA VAL B 12 -37.63 16.21 -0.85
C VAL B 12 -37.98 15.09 0.14
N GLU B 13 -37.67 15.29 1.41
CA GLU B 13 -37.97 14.29 2.43
C GLU B 13 -39.38 14.46 3.00
N LYS B 14 -39.88 15.68 3.06
CA LYS B 14 -41.22 15.91 3.61
C LYS B 14 -42.29 15.23 2.77
N TYR B 15 -42.15 15.29 1.44
CA TYR B 15 -43.16 14.79 0.52
C TYR B 15 -42.74 13.47 -0.14
N ARG B 16 -41.92 12.69 0.54
CA ARG B 16 -41.62 11.35 0.05
C ARG B 16 -42.89 10.52 0.08
N PRO B 17 -43.28 9.87 -1.03
CA PRO B 17 -44.53 9.10 -1.03
C PRO B 17 -44.53 8.00 0.02
N GLN B 18 -45.68 7.80 0.66
CA GLN B 18 -45.90 6.67 1.56
C GLN B 18 -46.52 5.47 0.88
N VAL B 19 -47.20 5.65 -0.25
CA VAL B 19 -47.91 4.57 -0.92
C VAL B 19 -47.49 4.53 -2.38
N LEU B 20 -47.69 3.37 -3.00
CA LEU B 20 -47.32 3.20 -4.40
C LEU B 20 -48.16 4.09 -5.31
N SER B 21 -49.40 4.39 -4.91
CA SER B 21 -50.27 5.19 -5.76
C SER B 21 -49.73 6.60 -5.97
N ASP B 22 -48.94 7.11 -5.02
CA ASP B 22 -48.40 8.46 -5.12
C ASP B 22 -47.13 8.53 -5.95
N ILE B 23 -46.62 7.40 -6.43
CA ILE B 23 -45.40 7.35 -7.23
C ILE B 23 -45.77 7.53 -8.69
N VAL B 24 -45.09 8.45 -9.37
CA VAL B 24 -45.35 8.74 -10.77
C VAL B 24 -44.18 8.21 -11.60
N GLY B 25 -44.46 7.95 -12.86
CA GLY B 25 -43.44 7.45 -13.78
C GLY B 25 -43.37 5.94 -13.77
N ASN B 26 -42.88 5.39 -14.88
CA ASN B 26 -42.79 3.94 -15.06
C ASN B 26 -44.12 3.28 -14.74
N LYS B 27 -45.18 3.77 -15.40
CA LYS B 27 -46.52 3.38 -15.03
C LYS B 27 -46.70 1.86 -15.05
N GLU B 28 -46.17 1.19 -16.07
CA GLU B 28 -46.29 -0.26 -16.12
C GLU B 28 -45.57 -0.91 -14.95
N THR B 29 -44.36 -0.44 -14.63
CA THR B 29 -43.61 -1.01 -13.52
C THR B 29 -44.31 -0.79 -12.19
N ILE B 30 -44.85 0.41 -11.96
CA ILE B 30 -45.54 0.68 -10.71
C ILE B 30 -46.82 -0.13 -10.62
N ASP B 31 -47.51 -0.32 -11.76
CA ASP B 31 -48.70 -1.16 -11.77
C ASP B 31 -48.36 -2.60 -11.42
N ARG B 32 -47.26 -3.11 -11.97
CA ARG B 32 -46.82 -4.46 -11.62
C ARG B 32 -46.48 -4.55 -10.14
N LEU B 33 -45.83 -3.53 -9.59
CA LEU B 33 -45.51 -3.53 -8.17
C LEU B 33 -46.79 -3.53 -7.32
N GLN B 34 -47.79 -2.74 -7.73
CA GLN B 34 -49.06 -2.74 -7.01
C GLN B 34 -49.74 -4.10 -7.09
N GLN B 35 -49.68 -4.74 -8.26
CA GLN B 35 -50.23 -6.07 -8.40
C GLN B 35 -49.56 -7.05 -7.44
N ILE B 36 -48.22 -7.01 -7.38
CA ILE B 36 -47.50 -7.88 -6.46
C ILE B 36 -47.90 -7.58 -5.02
N ALA B 37 -48.00 -6.30 -4.69
CA ALA B 37 -48.34 -5.92 -3.31
C ALA B 37 -49.71 -6.45 -2.92
N LYS B 38 -50.69 -6.35 -3.81
CA LYS B 38 -52.02 -6.83 -3.51
C LYS B 38 -52.16 -8.35 -3.65
N ASP B 39 -51.20 -9.01 -4.30
CA ASP B 39 -51.24 -10.47 -4.42
C ASP B 39 -50.49 -11.14 -3.27
N GLY B 40 -49.21 -10.83 -3.11
CA GLY B 40 -48.44 -11.35 -1.99
C GLY B 40 -47.22 -12.16 -2.39
N ASN B 41 -47.34 -12.95 -3.46
CA ASN B 41 -46.25 -13.84 -3.85
C ASN B 41 -45.11 -13.06 -4.48
N MET B 42 -44.37 -12.32 -3.66
CA MET B 42 -43.26 -11.52 -4.14
C MET B 42 -42.05 -12.40 -4.39
N PRO B 43 -41.47 -12.40 -5.58
CA PRO B 43 -40.23 -13.14 -5.82
C PRO B 43 -39.01 -12.25 -5.57
N HIS B 44 -37.84 -12.89 -5.60
CA HIS B 44 -36.59 -12.13 -5.58
C HIS B 44 -36.58 -11.17 -6.75
N MET B 45 -36.24 -9.92 -6.49
CA MET B 45 -36.32 -8.89 -7.51
C MET B 45 -35.11 -7.98 -7.45
N ILE B 46 -34.76 -7.43 -8.61
CA ILE B 46 -33.70 -6.43 -8.75
C ILE B 46 -34.32 -5.20 -9.40
N ILE B 47 -34.03 -4.03 -8.83
CA ILE B 47 -34.56 -2.76 -9.30
C ILE B 47 -33.38 -1.89 -9.71
N SER B 48 -33.29 -1.58 -11.01
CA SER B 48 -32.18 -0.82 -11.56
C SER B 48 -32.70 0.45 -12.24
N GLY B 49 -31.89 1.50 -12.18
CA GLY B 49 -32.25 2.75 -12.82
C GLY B 49 -31.37 3.88 -12.34
N MET B 50 -31.60 5.04 -12.94
CA MET B 50 -30.83 6.24 -12.65
C MET B 50 -31.24 6.85 -11.31
N PRO B 51 -30.41 7.72 -10.75
CA PRO B 51 -30.71 8.29 -9.42
C PRO B 51 -32.01 9.08 -9.40
N GLY B 52 -32.68 9.02 -8.25
CA GLY B 52 -33.83 9.88 -7.99
C GLY B 52 -35.05 9.64 -8.85
N ILE B 53 -35.42 8.38 -9.06
CA ILE B 53 -36.61 8.04 -9.84
C ILE B 53 -37.59 7.19 -9.06
N GLY B 54 -37.34 6.91 -7.79
CA GLY B 54 -38.29 6.23 -6.93
C GLY B 54 -37.97 4.79 -6.59
N LYS B 55 -36.76 4.32 -6.86
CA LYS B 55 -36.44 2.92 -6.58
C LYS B 55 -36.54 2.62 -5.09
N THR B 56 -35.87 3.41 -4.25
CA THR B 56 -35.94 3.22 -2.81
C THR B 56 -37.37 3.40 -2.31
N THR B 57 -38.04 4.46 -2.79
CA THR B 57 -39.41 4.70 -2.38
C THR B 57 -40.30 3.53 -2.81
N SER B 58 -40.13 3.04 -4.03
CA SER B 58 -40.97 1.95 -4.50
C SER B 58 -40.78 0.70 -3.66
N VAL B 59 -39.52 0.31 -3.40
CA VAL B 59 -39.28 -0.90 -2.63
C VAL B 59 -39.82 -0.76 -1.21
N HIS B 60 -39.60 0.40 -0.58
CA HIS B 60 -40.07 0.58 0.79
C HIS B 60 -41.60 0.58 0.86
N CYS B 61 -42.26 1.24 -0.10
CA CYS B 61 -43.72 1.25 -0.12
C CYS B 61 -44.26 -0.15 -0.35
N LEU B 62 -43.65 -0.92 -1.26
CA LEU B 62 -44.09 -2.28 -1.50
C LEU B 62 -43.95 -3.12 -0.24
N ALA B 63 -42.81 -3.01 0.45
CA ALA B 63 -42.61 -3.78 1.66
C ALA B 63 -43.63 -3.40 2.73
N HIS B 64 -43.87 -2.10 2.91
CA HIS B 64 -44.82 -1.65 3.91
C HIS B 64 -46.22 -2.18 3.61
N GLU B 65 -46.67 -2.05 2.36
CA GLU B 65 -48.01 -2.51 2.02
C GLU B 65 -48.13 -4.02 2.16
N LEU B 66 -47.08 -4.75 1.77
CA LEU B 66 -47.12 -6.21 1.87
C LEU B 66 -47.23 -6.66 3.32
N LEU B 67 -46.38 -6.11 4.20
CA LEU B 67 -46.26 -6.65 5.54
C LEU B 67 -47.16 -5.98 6.57
N GLY B 68 -47.83 -4.88 6.22
CA GLY B 68 -48.79 -4.30 7.14
C GLY B 68 -48.16 -3.97 8.48
N ARG B 69 -48.82 -4.41 9.56
CA ARG B 69 -48.30 -4.17 10.90
C ARG B 69 -46.99 -4.90 11.15
N SER B 70 -46.74 -5.98 10.42
CA SER B 70 -45.56 -6.81 10.62
C SER B 70 -44.32 -6.25 9.91
N TYR B 71 -44.34 -4.99 9.48
CA TYR B 71 -43.19 -4.43 8.78
C TYR B 71 -41.96 -4.42 9.66
N ALA B 72 -42.12 -4.09 10.94
CA ALA B 72 -40.97 -3.98 11.84
C ALA B 72 -40.24 -5.31 11.97
N ASP B 73 -40.97 -6.40 12.14
CA ASP B 73 -40.36 -7.70 12.39
C ASP B 73 -40.17 -8.53 11.12
N GLY B 74 -40.65 -8.06 9.97
CA GLY B 74 -40.58 -8.85 8.75
C GLY B 74 -39.66 -8.28 7.69
N VAL B 75 -39.07 -7.11 7.95
CA VAL B 75 -38.22 -6.43 6.99
C VAL B 75 -36.84 -6.24 7.61
N LEU B 76 -35.80 -6.59 6.86
CA LEU B 76 -34.41 -6.32 7.25
C LEU B 76 -33.79 -5.47 6.17
N GLU B 77 -33.44 -4.23 6.51
CA GLU B 77 -32.91 -3.26 5.56
C GLU B 77 -31.42 -3.06 5.81
N LEU B 78 -30.64 -3.13 4.73
CA LEU B 78 -29.21 -2.87 4.80
C LEU B 78 -28.79 -2.08 3.57
N ASN B 79 -27.88 -1.12 3.75
CA ASN B 79 -27.40 -0.28 2.68
C ASN B 79 -25.90 -0.09 2.81
N ALA B 80 -25.34 0.72 1.93
CA ALA B 80 -23.89 0.90 1.89
C ALA B 80 -23.34 1.56 3.15
N SER B 81 -24.19 2.23 3.92
CA SER B 81 -23.73 2.88 5.16
C SER B 81 -23.64 1.92 6.33
N ASP B 82 -24.13 0.70 6.19
CA ASP B 82 -24.05 -0.33 7.21
C ASP B 82 -22.96 -1.33 6.88
N ASP B 83 -22.55 -2.11 7.88
CA ASP B 83 -21.64 -3.21 7.65
C ASP B 83 -22.35 -4.30 6.85
N ARG B 84 -21.76 -4.69 5.73
CA ARG B 84 -22.38 -5.68 4.85
C ARG B 84 -21.35 -6.67 4.33
N GLY B 85 -20.32 -6.98 5.11
CA GLY B 85 -19.29 -7.90 4.71
C GLY B 85 -19.76 -9.34 4.77
N ILE B 86 -18.81 -10.25 4.54
CA ILE B 86 -19.14 -11.67 4.50
C ILE B 86 -19.62 -12.14 5.87
N ASP B 87 -19.05 -11.59 6.94
CA ASP B 87 -19.49 -11.97 8.29
C ASP B 87 -20.95 -11.57 8.52
N VAL B 88 -21.35 -10.42 8.00
CA VAL B 88 -22.73 -9.99 8.15
C VAL B 88 -23.67 -10.98 7.46
N VAL B 89 -23.31 -11.40 6.24
CA VAL B 89 -24.10 -12.41 5.55
C VAL B 89 -24.13 -13.70 6.35
N ARG B 90 -22.99 -14.08 6.94
CA ARG B 90 -22.89 -15.33 7.68
C ARG B 90 -23.77 -15.33 8.92
N ASN B 91 -23.91 -14.19 9.59
CA ASN B 91 -24.58 -14.14 10.88
C ASN B 91 -25.93 -13.43 10.84
N GLN B 92 -25.96 -12.15 10.48
CA GLN B 92 -27.19 -11.38 10.66
C GLN B 92 -28.26 -11.77 9.64
N ILE B 93 -27.90 -11.75 8.35
CA ILE B 93 -28.84 -12.12 7.31
C ILE B 93 -29.27 -13.57 7.48
N LYS B 94 -28.32 -14.45 7.81
CA LYS B 94 -28.65 -15.86 8.00
C LYS B 94 -29.65 -16.04 9.14
N HIS B 95 -29.43 -15.37 10.27
CA HIS B 95 -30.35 -15.50 11.39
C HIS B 95 -31.71 -14.92 11.06
N PHE B 96 -31.75 -13.79 10.34
CA PHE B 96 -33.03 -13.23 9.94
C PHE B 96 -33.79 -14.19 9.02
N ALA B 97 -33.08 -14.80 8.06
CA ALA B 97 -33.73 -15.73 7.14
C ALA B 97 -34.17 -17.00 7.85
N GLN B 98 -33.46 -17.41 8.90
CA GLN B 98 -33.85 -18.59 9.66
C GLN B 98 -35.03 -18.32 10.59
N LYS B 99 -35.32 -17.07 10.89
CA LYS B 99 -36.38 -16.75 11.84
C LYS B 99 -37.71 -17.27 11.36
N LYS B 100 -38.47 -17.88 12.28
CA LYS B 100 -39.80 -18.40 12.00
C LYS B 100 -40.81 -17.34 12.40
N LEU B 101 -41.38 -16.67 11.40
CA LEU B 101 -42.32 -15.58 11.61
C LEU B 101 -43.66 -15.95 10.96
N HIS B 102 -44.74 -15.82 11.74
CA HIS B 102 -46.07 -16.11 11.24
C HIS B 102 -46.61 -14.90 10.49
N LEU B 103 -46.85 -15.06 9.20
CA LEU B 103 -47.30 -13.99 8.33
C LEU B 103 -48.57 -14.44 7.60
N PRO B 104 -49.36 -13.50 7.09
CA PRO B 104 -50.56 -13.88 6.36
C PRO B 104 -50.19 -14.72 5.14
N PRO B 105 -51.09 -15.60 4.70
CA PRO B 105 -50.75 -16.48 3.57
C PRO B 105 -50.30 -15.69 2.36
N GLY B 106 -49.25 -16.18 1.70
CA GLY B 106 -48.68 -15.51 0.56
C GLY B 106 -47.70 -14.41 0.89
N LYS B 107 -47.41 -14.17 2.16
CA LYS B 107 -46.50 -13.11 2.58
C LYS B 107 -45.19 -13.72 3.08
N HIS B 108 -44.09 -13.04 2.80
CA HIS B 108 -42.76 -13.52 3.16
C HIS B 108 -41.97 -12.37 3.77
N LYS B 109 -40.95 -12.73 4.57
CA LYS B 109 -40.01 -11.74 5.05
C LYS B 109 -39.23 -11.16 3.87
N ILE B 110 -38.87 -9.89 4.00
CA ILE B 110 -38.21 -9.15 2.93
C ILE B 110 -36.86 -8.67 3.44
N VAL B 111 -35.81 -8.94 2.67
CA VAL B 111 -34.47 -8.40 2.92
C VAL B 111 -34.21 -7.37 1.84
N ILE B 112 -34.18 -6.10 2.23
CA ILE B 112 -33.90 -5.00 1.31
C ILE B 112 -32.41 -4.73 1.37
N LEU B 113 -31.74 -4.82 0.22
CA LEU B 113 -30.32 -4.52 0.10
C LEU B 113 -30.21 -3.31 -0.83
N ASP B 114 -30.30 -2.12 -0.25
CA ASP B 114 -30.17 -0.90 -1.04
C ASP B 114 -28.72 -0.70 -1.44
N GLU B 115 -28.52 -0.20 -2.65
CA GLU B 115 -27.17 -0.03 -3.20
C GLU B 115 -26.41 -1.36 -3.19
N ALA B 116 -27.12 -2.44 -3.56
CA ALA B 116 -26.53 -3.77 -3.53
C ALA B 116 -25.30 -3.88 -4.42
N ASP B 117 -25.16 -3.00 -5.41
CA ASP B 117 -24.02 -3.07 -6.31
C ASP B 117 -22.70 -2.97 -5.56
N SER B 118 -22.68 -2.23 -4.44
CA SER B 118 -21.45 -2.01 -3.69
C SER B 118 -21.05 -3.19 -2.81
N MET B 119 -21.87 -4.23 -2.74
CA MET B 119 -21.53 -5.39 -1.91
C MET B 119 -20.26 -6.07 -2.43
N THR B 120 -19.46 -6.58 -1.50
CA THR B 120 -18.21 -7.22 -1.87
C THR B 120 -18.47 -8.57 -2.55
N ALA B 121 -17.46 -9.02 -3.30
CA ALA B 121 -17.59 -10.26 -4.05
C ALA B 121 -17.84 -11.44 -3.12
N GLY B 122 -17.11 -11.52 -2.01
CA GLY B 122 -17.30 -12.61 -1.07
C GLY B 122 -18.71 -12.65 -0.50
N ALA B 123 -19.24 -11.49 -0.12
CA ALA B 123 -20.59 -11.44 0.42
C ALA B 123 -21.62 -11.85 -0.63
N GLN B 124 -21.44 -11.39 -1.88
CA GLN B 124 -22.35 -11.77 -2.95
C GLN B 124 -22.33 -13.27 -3.19
N GLN B 125 -21.13 -13.86 -3.19
CA GLN B 125 -21.03 -15.31 -3.37
C GLN B 125 -21.69 -16.04 -2.20
N ALA B 126 -21.51 -15.53 -0.97
CA ALA B 126 -22.13 -16.15 0.18
C ALA B 126 -23.65 -16.07 0.12
N LEU B 127 -24.20 -15.00 -0.46
CA LEU B 127 -25.66 -14.85 -0.55
C LEU B 127 -26.30 -15.95 -1.37
N ARG B 128 -25.55 -16.63 -2.23
CA ARG B 128 -26.13 -17.67 -3.08
C ARG B 128 -26.76 -18.78 -2.24
N ARG B 129 -26.01 -19.30 -1.27
CA ARG B 129 -26.52 -20.39 -0.44
C ARG B 129 -27.68 -19.92 0.41
N THR B 130 -27.62 -18.69 0.92
CA THR B 130 -28.74 -18.16 1.70
C THR B 130 -30.01 -18.12 0.88
N MET B 131 -29.91 -17.60 -0.35
CA MET B 131 -31.09 -17.55 -1.22
C MET B 131 -31.58 -18.96 -1.55
N GLU B 132 -30.67 -19.89 -1.81
CA GLU B 132 -31.07 -21.25 -2.13
C GLU B 132 -31.79 -21.91 -0.96
N LEU B 133 -31.33 -21.66 0.26
CA LEU B 133 -31.85 -22.39 1.42
C LEU B 133 -33.13 -21.76 1.97
N TYR B 134 -33.22 -20.43 1.98
CA TYR B 134 -34.28 -19.73 2.70
C TYR B 134 -35.19 -18.95 1.77
N SER B 135 -35.36 -19.41 0.53
CA SER B 135 -36.27 -18.75 -0.39
C SER B 135 -37.73 -19.05 -0.07
N ASN B 136 -38.01 -20.11 0.70
CA ASN B 136 -39.38 -20.47 1.01
C ASN B 136 -40.04 -19.40 1.89
N SER B 137 -39.30 -18.84 2.84
CA SER B 137 -39.84 -17.88 3.79
C SER B 137 -39.26 -16.48 3.65
N THR B 138 -38.22 -16.29 2.84
CA THR B 138 -37.55 -15.01 2.71
C THR B 138 -37.40 -14.65 1.24
N ARG B 139 -37.51 -13.36 0.94
CA ARG B 139 -37.34 -12.85 -0.41
C ARG B 139 -36.45 -11.62 -0.37
N PHE B 140 -35.68 -11.44 -1.44
CA PHE B 140 -34.65 -10.41 -1.51
C PHE B 140 -35.04 -9.37 -2.56
N ALA B 141 -34.92 -8.10 -2.20
CA ALA B 141 -35.17 -6.98 -3.10
C ALA B 141 -33.88 -6.18 -3.19
N PHE B 142 -33.13 -6.37 -4.27
CA PHE B 142 -31.93 -5.60 -4.53
C PHE B 142 -32.29 -4.30 -5.23
N ALA B 143 -31.65 -3.22 -4.83
CA ALA B 143 -31.80 -1.92 -5.48
C ALA B 143 -30.40 -1.44 -5.88
N CYS B 144 -30.26 -1.03 -7.13
CA CYS B 144 -28.95 -0.62 -7.64
C CYS B 144 -29.15 0.33 -8.81
N ASN B 145 -28.05 0.94 -9.23
CA ASN B 145 -28.03 1.76 -10.43
C ASN B 145 -27.52 1.01 -11.65
N GLN B 146 -26.58 0.10 -11.47
CA GLN B 146 -26.05 -0.74 -12.55
C GLN B 146 -26.40 -2.19 -12.24
N SER B 147 -27.35 -2.74 -13.00
CA SER B 147 -27.79 -4.11 -12.74
C SER B 147 -26.67 -5.11 -12.97
N ASN B 148 -25.72 -4.80 -13.87
CA ASN B 148 -24.64 -5.73 -14.17
C ASN B 148 -23.64 -5.85 -13.03
N LYS B 149 -23.69 -4.96 -12.04
CA LYS B 149 -22.75 -5.03 -10.92
C LYS B 149 -23.14 -6.09 -9.89
N ILE B 150 -24.29 -6.73 -10.06
CA ILE B 150 -24.67 -7.88 -9.25
C ILE B 150 -24.25 -9.14 -9.99
N ILE B 151 -23.57 -10.05 -9.30
CA ILE B 151 -22.99 -11.21 -9.97
C ILE B 151 -24.09 -12.04 -10.63
N GLU B 152 -23.73 -12.69 -11.73
CA GLU B 152 -24.71 -13.43 -12.52
C GLU B 152 -25.42 -14.52 -11.72
N PRO B 153 -24.76 -15.29 -10.85
CA PRO B 153 -25.51 -16.32 -10.09
C PRO B 153 -26.65 -15.74 -9.27
N LEU B 154 -26.48 -14.54 -8.72
CA LEU B 154 -27.58 -13.91 -8.00
C LEU B 154 -28.65 -13.39 -8.95
N GLN B 155 -28.23 -12.80 -10.07
CA GLN B 155 -29.19 -12.32 -11.06
C GLN B 155 -30.08 -13.46 -11.57
N SER B 156 -29.53 -14.67 -11.64
CA SER B 156 -30.28 -15.79 -12.21
C SER B 156 -31.55 -16.08 -11.42
N ARG B 157 -31.59 -15.79 -10.12
CA ARG B 157 -32.75 -16.09 -9.25
C ARG B 157 -33.77 -14.94 -9.20
N CYS B 158 -33.45 -13.76 -9.74
CA CYS B 158 -34.25 -12.57 -9.50
C CYS B 158 -34.94 -12.10 -10.78
N ALA B 159 -36.13 -11.53 -10.60
CA ALA B 159 -36.81 -10.85 -11.69
C ALA B 159 -36.25 -9.43 -11.82
N ILE B 160 -35.87 -9.07 -13.04
CA ILE B 160 -35.25 -7.78 -13.30
C ILE B 160 -36.34 -6.75 -13.52
N LEU B 161 -36.09 -5.52 -13.06
CA LEU B 161 -37.03 -4.43 -13.22
C LEU B 161 -36.23 -3.16 -13.43
N ARG B 162 -36.27 -2.62 -14.64
CA ARG B 162 -35.48 -1.46 -15.01
C ARG B 162 -36.40 -0.23 -15.05
N TYR B 163 -36.04 0.80 -14.31
CA TYR B 163 -36.79 2.04 -14.27
C TYR B 163 -36.25 3.00 -15.32
N SER B 164 -37.16 3.63 -16.05
CA SER B 164 -36.78 4.62 -17.06
C SER B 164 -36.83 6.02 -16.46
N LYS B 165 -36.14 6.96 -17.14
CA LYS B 165 -36.15 8.34 -16.70
C LYS B 165 -37.56 8.91 -16.76
N LEU B 166 -37.91 9.72 -15.76
CA LEU B 166 -39.25 10.26 -15.68
C LEU B 166 -39.51 11.26 -16.81
N SER B 167 -40.72 11.23 -17.36
CA SER B 167 -41.10 12.16 -18.40
C SER B 167 -41.51 13.50 -17.79
N ASP B 168 -41.55 14.53 -18.65
CA ASP B 168 -41.93 15.86 -18.17
C ASP B 168 -43.35 15.88 -17.62
N GLU B 169 -44.23 15.04 -18.16
CA GLU B 169 -45.63 15.08 -17.74
C GLU B 169 -45.80 14.62 -16.29
N ASP B 170 -45.17 13.51 -15.93
CA ASP B 170 -45.29 13.00 -14.56
C ASP B 170 -44.62 13.95 -13.58
N VAL B 171 -43.46 14.50 -13.95
CA VAL B 171 -42.78 15.47 -13.09
C VAL B 171 -43.68 16.67 -12.87
N LEU B 172 -44.31 17.17 -13.93
CA LEU B 172 -45.22 18.31 -13.80
C LEU B 172 -46.40 17.96 -12.91
N LYS B 173 -46.96 16.77 -13.07
CA LYS B 173 -48.11 16.36 -12.26
C LYS B 173 -47.76 16.35 -10.78
N ARG B 174 -46.66 15.70 -10.43
CA ARG B 174 -46.29 15.64 -9.02
C ARG B 174 -45.86 17.00 -8.49
N LEU B 175 -45.22 17.82 -9.33
CA LEU B 175 -44.90 19.18 -8.92
C LEU B 175 -46.15 19.99 -8.61
N LEU B 176 -47.19 19.83 -9.44
CA LEU B 176 -48.45 20.51 -9.19
C LEU B 176 -49.09 20.01 -7.90
N GLN B 177 -48.99 18.71 -7.63
CA GLN B 177 -49.50 18.19 -6.36
C GLN B 177 -48.78 18.83 -5.19
N ILE B 178 -47.45 18.91 -5.27
CA ILE B 178 -46.67 19.50 -4.18
C ILE B 178 -47.01 20.98 -4.01
N ILE B 179 -47.19 21.69 -5.12
CA ILE B 179 -47.52 23.11 -5.05
C ILE B 179 -48.90 23.29 -4.41
N LYS B 180 -49.87 22.45 -4.80
CA LYS B 180 -51.19 22.53 -4.18
C LYS B 180 -51.10 22.29 -2.68
N LEU B 181 -50.30 21.30 -2.26
CA LEU B 181 -50.13 21.05 -0.84
C LEU B 181 -49.49 22.24 -0.13
N GLU B 182 -48.48 22.85 -0.75
CA GLU B 182 -47.74 23.94 -0.14
C GLU B 182 -48.33 25.32 -0.42
N ASP B 183 -49.31 25.41 -1.33
CA ASP B 183 -49.91 26.69 -1.70
C ASP B 183 -48.85 27.66 -2.21
N VAL B 184 -48.19 27.25 -3.29
CA VAL B 184 -47.07 27.99 -3.87
C VAL B 184 -47.56 28.71 -5.12
N LYS B 185 -47.29 30.02 -5.19
CA LYS B 185 -47.59 30.79 -6.39
C LYS B 185 -46.52 30.56 -7.44
N TYR B 186 -46.93 30.41 -8.69
CA TYR B 186 -46.02 30.02 -9.76
C TYR B 186 -46.55 30.52 -11.09
N THR B 187 -45.80 30.22 -12.15
CA THR B 187 -46.22 30.45 -13.52
C THR B 187 -45.82 29.25 -14.36
N ASN B 188 -46.48 29.09 -15.50
CA ASN B 188 -46.21 27.93 -16.35
C ASN B 188 -44.75 27.90 -16.79
N ASP B 189 -44.21 29.05 -17.20
CA ASP B 189 -42.82 29.09 -17.65
C ASP B 189 -41.86 28.68 -16.54
N GLY B 190 -42.17 29.03 -15.29
CA GLY B 190 -41.33 28.60 -14.19
C GLY B 190 -41.30 27.09 -14.03
N LEU B 191 -42.46 26.44 -14.12
CA LEU B 191 -42.50 24.99 -14.03
C LEU B 191 -41.77 24.35 -15.21
N GLU B 192 -41.92 24.93 -16.41
CA GLU B 192 -41.18 24.41 -17.56
C GLU B 192 -39.67 24.52 -17.33
N ALA B 193 -39.21 25.65 -16.79
CA ALA B 193 -37.79 25.80 -16.51
C ALA B 193 -37.31 24.81 -15.47
N ILE B 194 -38.11 24.59 -14.42
CA ILE B 194 -37.74 23.62 -13.40
C ILE B 194 -37.61 22.23 -14.01
N ILE B 195 -38.59 21.85 -14.84
CA ILE B 195 -38.55 20.52 -15.47
C ILE B 195 -37.33 20.41 -16.39
N PHE B 196 -37.04 21.46 -17.16
CA PHE B 196 -35.89 21.43 -18.05
C PHE B 196 -34.60 21.25 -17.26
N THR B 197 -34.47 21.96 -16.14
CA THR B 197 -33.24 21.86 -15.36
C THR B 197 -33.14 20.52 -14.61
N ALA B 198 -34.29 19.91 -14.30
CA ALA B 198 -34.25 18.66 -13.53
C ALA B 198 -33.63 17.52 -14.33
N GLU B 199 -33.80 17.53 -15.66
CA GLU B 199 -33.22 16.49 -16.53
C GLU B 199 -33.70 15.10 -16.11
N GLY B 200 -34.96 15.01 -15.70
CA GLY B 200 -35.57 13.74 -15.37
C GLY B 200 -35.33 13.25 -13.96
N ASP B 201 -34.51 13.94 -13.17
CA ASP B 201 -34.27 13.58 -11.78
C ASP B 201 -35.25 14.37 -10.92
N MET B 202 -36.18 13.67 -10.28
CA MET B 202 -37.22 14.36 -9.52
C MET B 202 -36.71 14.88 -8.18
N ARG B 203 -35.72 14.24 -7.57
CA ARG B 203 -35.13 14.78 -6.36
C ARG B 203 -34.57 16.17 -6.61
N GLN B 204 -33.86 16.33 -7.72
CA GLN B 204 -33.35 17.65 -8.11
C GLN B 204 -34.49 18.60 -8.43
N ALA B 205 -35.56 18.11 -9.05
CA ALA B 205 -36.69 18.96 -9.36
C ALA B 205 -37.30 19.54 -8.09
N ILE B 206 -37.52 18.71 -7.08
CA ILE B 206 -38.11 19.17 -5.83
C ILE B 206 -37.15 20.11 -5.10
N ASN B 207 -35.86 19.78 -5.10
CA ASN B 207 -34.88 20.65 -4.45
C ASN B 207 -34.88 22.04 -5.10
N ASN B 208 -34.88 22.08 -6.43
CA ASN B 208 -34.86 23.36 -7.14
C ASN B 208 -36.17 24.11 -6.93
N LEU B 209 -37.30 23.40 -6.90
CA LEU B 209 -38.57 24.07 -6.62
C LEU B 209 -38.56 24.71 -5.24
N GLN B 210 -38.07 23.98 -4.23
CA GLN B 210 -38.00 24.55 -2.89
C GLN B 210 -37.06 25.75 -2.85
N SER B 211 -35.90 25.64 -3.50
CA SER B 211 -34.96 26.75 -3.51
C SER B 211 -35.56 27.98 -4.17
N THR B 212 -36.26 27.79 -5.29
CA THR B 212 -36.90 28.91 -5.97
C THR B 212 -38.00 29.52 -5.13
N VAL B 213 -38.84 28.68 -4.53
CA VAL B 213 -39.94 29.19 -3.70
C VAL B 213 -39.39 30.02 -2.55
N ALA B 214 -38.34 29.52 -1.89
CA ALA B 214 -37.72 30.31 -0.83
C ALA B 214 -37.16 31.61 -1.40
N GLY B 215 -36.41 31.53 -2.49
CA GLY B 215 -35.68 32.70 -2.98
C GLY B 215 -36.57 33.88 -3.27
N HIS B 216 -37.68 33.66 -3.97
CA HIS B 216 -38.53 34.75 -4.43
C HIS B 216 -40.01 34.54 -4.17
N GLY B 217 -40.47 33.31 -3.92
CA GLY B 217 -41.87 33.07 -3.66
C GLY B 217 -42.65 32.73 -4.90
N LEU B 218 -42.34 33.40 -6.00
CA LEU B 218 -42.99 33.15 -7.29
C LEU B 218 -42.02 32.41 -8.20
N VAL B 219 -42.48 31.30 -8.76
CA VAL B 219 -41.63 30.44 -9.59
C VAL B 219 -41.80 30.91 -11.03
N ASN B 220 -40.91 31.79 -11.47
CA ASN B 220 -40.83 32.25 -12.84
C ASN B 220 -39.56 31.69 -13.49
N ALA B 221 -39.54 31.72 -14.83
CA ALA B 221 -38.37 31.26 -15.56
C ALA B 221 -37.15 32.10 -15.20
N ASP B 222 -37.31 33.42 -15.20
CA ASP B 222 -36.19 34.29 -14.81
C ASP B 222 -35.80 34.05 -13.35
N ASN B 223 -36.80 33.90 -12.47
CA ASN B 223 -36.50 33.62 -11.06
C ASN B 223 -35.89 32.24 -10.88
N VAL B 224 -36.31 31.27 -11.70
CA VAL B 224 -35.74 29.93 -11.61
C VAL B 224 -34.28 29.94 -12.05
N PHE B 225 -33.96 30.66 -13.11
CA PHE B 225 -32.61 30.67 -13.65
C PHE B 225 -31.66 31.55 -12.86
N LYS B 226 -32.16 32.33 -11.89
CA LYS B 226 -31.26 33.12 -11.06
C LYS B 226 -30.37 32.23 -10.22
N ILE B 227 -30.91 31.13 -9.69
CA ILE B 227 -30.16 30.20 -8.86
C ILE B 227 -29.78 28.95 -9.63
N VAL B 228 -30.76 28.28 -10.23
CA VAL B 228 -30.51 27.05 -10.97
C VAL B 228 -29.94 27.39 -12.34
N ASP B 229 -28.95 26.62 -12.78
CA ASP B 229 -28.31 26.81 -14.07
C ASP B 229 -28.74 25.71 -15.03
N SER B 230 -28.71 26.02 -16.31
CA SER B 230 -29.04 25.02 -17.32
C SER B 230 -28.02 23.89 -17.27
N PRO B 231 -28.42 22.64 -17.48
CA PRO B 231 -27.47 21.53 -17.42
C PRO B 231 -26.33 21.74 -18.41
N HIS B 232 -25.09 21.67 -17.89
CA HIS B 232 -23.91 21.95 -18.71
C HIS B 232 -23.68 20.92 -19.81
N PRO B 233 -24.16 19.67 -19.69
CA PRO B 233 -24.01 18.76 -20.84
C PRO B 233 -24.65 19.29 -22.12
N LEU B 234 -25.82 19.94 -22.01
CA LEU B 234 -26.45 20.51 -23.19
C LEU B 234 -25.61 21.66 -23.75
N ILE B 235 -25.02 22.47 -22.88
CA ILE B 235 -24.13 23.54 -23.33
C ILE B 235 -22.93 22.95 -24.06
N VAL B 236 -22.37 21.88 -23.53
CA VAL B 236 -21.22 21.24 -24.17
C VAL B 236 -21.61 20.68 -25.54
N LYS B 237 -22.81 20.08 -25.62
CA LYS B 237 -23.27 19.57 -26.91
C LYS B 237 -23.43 20.71 -27.91
N LYS B 238 -24.01 21.83 -27.49
CA LYS B 238 -24.14 22.98 -28.39
C LYS B 238 -22.77 23.47 -28.83
N MET B 239 -21.81 23.51 -27.91
CA MET B 239 -20.46 23.93 -28.26
C MET B 239 -19.85 23.01 -29.29
N LEU B 240 -20.00 21.69 -29.10
CA LEU B 240 -19.38 20.73 -30.01
C LEU B 240 -20.04 20.77 -31.39
N LEU B 241 -21.35 20.98 -31.44
CA LEU B 241 -22.10 20.94 -32.70
C LEU B 241 -22.06 22.26 -33.45
N ALA B 242 -21.43 23.30 -32.91
CA ALA B 242 -21.37 24.58 -33.60
C ALA B 242 -20.65 24.43 -34.94
N SER B 243 -21.22 25.02 -35.98
CA SER B 243 -20.65 24.92 -37.32
C SER B 243 -19.49 25.88 -37.54
N ASN B 244 -19.29 26.86 -36.66
CA ASN B 244 -18.22 27.84 -36.77
C ASN B 244 -17.33 27.75 -35.54
N LEU B 245 -16.02 27.84 -35.77
CA LEU B 245 -15.08 27.81 -34.65
C LEU B 245 -15.33 28.99 -33.71
N GLU B 246 -15.67 30.15 -34.27
CA GLU B 246 -15.93 31.32 -33.43
C GLU B 246 -17.10 31.08 -32.50
N ASP B 247 -18.17 30.45 -33.00
CA ASP B 247 -19.33 30.17 -32.15
C ASP B 247 -18.96 29.21 -31.03
N SER B 248 -18.20 28.17 -31.34
CA SER B 248 -17.77 27.23 -30.29
C SER B 248 -16.92 27.93 -29.25
N ILE B 249 -15.99 28.78 -29.68
CA ILE B 249 -15.13 29.48 -28.74
C ILE B 249 -15.96 30.44 -27.88
N GLN B 250 -16.93 31.12 -28.48
CA GLN B 250 -17.77 32.04 -27.73
C GLN B 250 -18.59 31.29 -26.68
N ILE B 251 -19.14 30.13 -27.04
CA ILE B 251 -19.88 29.34 -26.07
C ILE B 251 -18.97 28.90 -24.94
N LEU B 252 -17.79 28.36 -25.30
CA LEU B 252 -16.85 27.90 -24.27
C LEU B 252 -16.50 29.02 -23.31
N ARG B 253 -16.26 30.23 -23.83
CA ARG B 253 -15.90 31.34 -22.97
C ARG B 253 -17.07 31.79 -22.11
N THR B 254 -18.14 32.26 -22.74
CA THR B 254 -19.22 32.89 -21.99
C THR B 254 -19.96 31.91 -21.11
N ASP B 255 -20.36 30.76 -21.66
CA ASP B 255 -21.29 29.88 -20.96
C ASP B 255 -20.61 28.90 -20.02
N LEU B 256 -19.33 28.58 -20.24
CA LEU B 256 -18.63 27.59 -19.42
C LEU B 256 -17.48 28.19 -18.62
N TRP B 257 -16.52 28.83 -19.27
CA TRP B 257 -15.31 29.27 -18.56
C TRP B 257 -15.62 30.41 -17.61
N LYS B 258 -16.33 31.44 -18.08
CA LYS B 258 -16.65 32.59 -17.24
C LYS B 258 -17.60 32.25 -16.10
N LYS B 259 -18.26 31.09 -16.14
CA LYS B 259 -19.16 30.68 -15.07
C LYS B 259 -18.46 29.85 -14.00
N GLY B 260 -17.17 29.58 -14.15
CA GLY B 260 -16.42 28.87 -13.13
C GLY B 260 -16.32 27.38 -13.31
N TYR B 261 -16.77 26.84 -14.45
CA TYR B 261 -16.64 25.41 -14.69
C TYR B 261 -15.18 25.05 -14.92
N SER B 262 -14.70 24.02 -14.21
CA SER B 262 -13.32 23.60 -14.34
C SER B 262 -13.07 22.93 -15.68
N SER B 263 -11.82 23.02 -16.14
CA SER B 263 -11.47 22.45 -17.44
C SER B 263 -11.63 20.94 -17.44
N ILE B 264 -11.27 20.29 -16.34
CA ILE B 264 -11.40 18.83 -16.26
C ILE B 264 -12.85 18.42 -16.41
N ASP B 265 -13.77 19.12 -15.73
CA ASP B 265 -15.19 18.84 -15.89
C ASP B 265 -15.62 19.05 -17.33
N ILE B 266 -15.13 20.12 -17.96
CA ILE B 266 -15.52 20.41 -19.35
C ILE B 266 -15.10 19.28 -20.27
N VAL B 267 -13.87 18.79 -20.13
CA VAL B 267 -13.38 17.75 -21.03
C VAL B 267 -14.10 16.43 -20.76
N THR B 268 -14.34 16.09 -19.49
CA THR B 268 -15.08 14.86 -19.20
C THR B 268 -16.49 14.91 -19.79
N THR B 269 -17.17 16.05 -19.63
CA THR B 269 -18.49 16.19 -20.21
C THR B 269 -18.45 16.14 -21.73
N SER B 270 -17.39 16.72 -22.33
CA SER B 270 -17.26 16.66 -23.77
C SER B 270 -17.13 15.23 -24.25
N PHE B 271 -16.32 14.42 -23.57
CA PHE B 271 -16.20 13.01 -23.93
C PHE B 271 -17.54 12.29 -23.81
N ARG B 272 -18.24 12.51 -22.69
CA ARG B 272 -19.52 11.84 -22.49
C ARG B 272 -20.53 12.24 -23.57
N VAL B 273 -20.58 13.53 -23.92
CA VAL B 273 -21.52 13.99 -24.93
C VAL B 273 -21.15 13.43 -26.30
N THR B 274 -19.87 13.48 -26.66
CA THR B 274 -19.44 12.97 -27.95
C THR B 274 -19.75 11.48 -28.09
N LYS B 275 -19.74 10.74 -26.98
CA LYS B 275 -20.09 9.33 -27.04
C LYS B 275 -21.51 9.10 -27.55
N ASN B 276 -22.39 10.10 -27.45
CA ASN B 276 -23.80 9.94 -27.80
C ASN B 276 -24.24 10.87 -28.92
N LEU B 277 -23.31 11.38 -29.72
CA LEU B 277 -23.65 12.23 -30.85
C LEU B 277 -24.10 11.34 -32.01
N ALA B 278 -25.42 11.29 -32.23
CA ALA B 278 -25.97 10.42 -33.26
C ALA B 278 -25.74 10.98 -34.66
N GLN B 279 -25.83 12.31 -34.81
CA GLN B 279 -25.75 12.90 -36.15
C GLN B 279 -24.38 12.66 -36.79
N VAL B 280 -23.30 12.80 -36.00
CA VAL B 280 -21.96 12.75 -36.58
C VAL B 280 -21.64 11.34 -37.08
N LYS B 281 -20.70 11.27 -38.01
CA LYS B 281 -20.23 10.01 -38.55
C LYS B 281 -19.28 9.32 -37.57
N GLU B 282 -19.00 8.04 -37.83
CA GLU B 282 -18.17 7.26 -36.91
C GLU B 282 -16.72 7.71 -36.95
N SER B 283 -16.18 7.96 -38.16
CA SER B 283 -14.79 8.41 -38.27
C SER B 283 -14.60 9.74 -37.56
N VAL B 284 -15.49 10.70 -37.81
CA VAL B 284 -15.42 12.00 -37.15
C VAL B 284 -15.55 11.83 -35.65
N ARG B 285 -16.47 10.97 -35.21
CA ARG B 285 -16.67 10.76 -33.78
C ARG B 285 -15.41 10.22 -33.11
N LEU B 286 -14.77 9.23 -33.73
CA LEU B 286 -13.58 8.64 -33.12
C LEU B 286 -12.41 9.62 -33.13
N GLU B 287 -12.30 10.43 -34.18
CA GLU B 287 -11.26 11.46 -34.19
C GLU B 287 -11.49 12.49 -33.09
N MET B 288 -12.76 12.89 -32.89
CA MET B 288 -13.07 13.82 -31.80
C MET B 288 -12.75 13.21 -30.46
N ILE B 289 -13.05 11.92 -30.28
CA ILE B 289 -12.71 11.23 -29.03
C ILE B 289 -11.21 11.25 -28.81
N LYS B 290 -10.44 11.01 -29.87
CA LYS B 290 -8.98 11.03 -29.75
C LYS B 290 -8.48 12.40 -29.32
N GLU B 291 -9.00 13.46 -29.96
CA GLU B 291 -8.57 14.81 -29.58
C GLU B 291 -8.96 15.14 -28.15
N ILE B 292 -10.17 14.75 -27.74
CA ILE B 292 -10.61 15.01 -26.37
C ILE B 292 -9.71 14.27 -25.39
N GLY B 293 -9.34 13.03 -25.71
CA GLY B 293 -8.45 12.28 -24.84
C GLY B 293 -7.08 12.90 -24.72
N LEU B 294 -6.54 13.39 -25.84
CA LEU B 294 -5.25 14.08 -25.78
C LEU B 294 -5.33 15.32 -24.90
N THR B 295 -6.40 16.11 -25.06
CA THR B 295 -6.56 17.30 -24.22
C THR B 295 -6.70 16.92 -22.75
N HIS B 296 -7.44 15.83 -22.47
CA HIS B 296 -7.58 15.37 -21.10
C HIS B 296 -6.24 14.96 -20.51
N MET B 297 -5.42 14.27 -21.30
CA MET B 297 -4.09 13.90 -20.84
C MET B 297 -3.26 15.14 -20.52
N ARG B 298 -3.33 16.16 -21.37
CA ARG B 298 -2.61 17.40 -21.10
C ARG B 298 -3.11 18.06 -19.82
N ILE B 299 -4.43 18.07 -19.62
CA ILE B 299 -4.98 18.70 -18.43
C ILE B 299 -4.54 17.98 -17.17
N LEU B 300 -4.55 16.64 -17.20
CA LEU B 300 -4.15 15.87 -16.02
C LEU B 300 -2.71 16.16 -15.63
N GLU B 301 -1.85 16.48 -16.60
CA GLU B 301 -0.46 16.80 -16.28
C GLU B 301 -0.32 18.14 -15.58
N GLY B 302 -1.34 18.98 -15.63
CA GLY B 302 -1.32 20.26 -14.92
C GLY B 302 -1.65 21.45 -15.79
N VAL B 303 -1.64 21.27 -17.11
CA VAL B 303 -1.94 22.39 -18.03
C VAL B 303 -3.44 22.37 -18.25
N GLY B 304 -4.18 22.90 -17.28
CA GLY B 304 -5.62 23.07 -17.38
C GLY B 304 -6.01 24.47 -17.80
N THR B 305 -5.55 24.94 -18.94
CA THR B 305 -5.74 26.31 -19.36
C THR B 305 -6.83 26.41 -20.42
N TYR B 306 -7.41 27.61 -20.54
CA TYR B 306 -8.41 27.88 -21.56
C TYR B 306 -7.83 27.69 -22.96
N LEU B 307 -6.54 27.96 -23.13
CA LEU B 307 -5.91 27.80 -24.43
C LEU B 307 -5.98 26.35 -24.91
N GLN B 308 -5.79 25.40 -23.99
CA GLN B 308 -5.86 23.99 -24.38
C GLN B 308 -7.26 23.62 -24.85
N LEU B 309 -8.30 24.10 -24.16
CA LEU B 309 -9.66 23.83 -24.59
C LEU B 309 -9.96 24.47 -25.94
N ALA B 310 -9.46 25.70 -26.15
CA ALA B 310 -9.64 26.33 -27.45
C ALA B 310 -8.96 25.54 -28.57
N SER B 311 -7.76 25.02 -28.29
CA SER B 311 -7.07 24.20 -29.28
C SER B 311 -7.83 22.92 -29.56
N MET B 312 -8.40 22.32 -28.51
CA MET B 312 -9.21 21.12 -28.71
C MET B 312 -10.41 21.42 -29.61
N LEU B 313 -11.08 22.56 -29.38
CA LEU B 313 -12.20 22.94 -30.22
C LEU B 313 -11.76 23.17 -31.65
N ALA B 314 -10.61 23.81 -31.85
CA ALA B 314 -10.11 24.04 -33.19
C ALA B 314 -9.82 22.72 -33.91
N LYS B 315 -9.22 21.76 -33.21
CA LYS B 315 -8.95 20.46 -33.81
C LYS B 315 -10.25 19.74 -34.16
N ILE B 316 -11.26 19.82 -33.29
CA ILE B 316 -12.54 19.20 -33.60
C ILE B 316 -13.15 19.83 -34.84
N HIS B 317 -13.09 21.16 -34.94
CA HIS B 317 -13.65 21.81 -36.12
C HIS B 317 -12.90 21.39 -37.38
N LYS B 318 -11.57 21.27 -37.30
CA LYS B 318 -10.81 20.73 -38.42
C LYS B 318 -11.31 19.35 -38.80
N LEU B 319 -11.53 18.50 -37.80
CA LEU B 319 -12.05 17.16 -38.08
C LEU B 319 -13.39 17.24 -38.82
N ASN B 320 -14.25 18.18 -38.43
CA ASN B 320 -15.52 18.33 -39.12
C ASN B 320 -15.33 18.68 -40.59
N ASN B 321 -14.38 19.57 -40.88
CA ASN B 321 -14.11 19.97 -42.26
C ASN B 321 -13.35 18.87 -42.99
N SER C 9 -3.02 39.44 17.31
CA SER C 9 -2.70 38.18 16.67
C SER C 9 -3.05 38.21 15.19
N LYS C 10 -4.14 38.90 14.86
CA LYS C 10 -4.56 39.00 13.46
C LYS C 10 -3.53 39.76 12.63
N GLU C 11 -2.77 40.66 13.25
CA GLU C 11 -1.79 41.45 12.51
C GLU C 11 -0.71 40.55 11.91
N ASN C 12 -0.28 39.54 12.66
CA ASN C 12 0.79 38.66 12.17
C ASN C 12 0.31 37.72 11.06
N LEU C 13 -1.00 37.56 10.89
CA LEU C 13 -1.51 36.61 9.91
C LEU C 13 -1.28 37.13 8.49
N PRO C 14 -1.14 36.22 7.52
CA PRO C 14 -1.15 36.65 6.12
C PRO C 14 -2.49 37.27 5.75
N TRP C 15 -2.46 38.20 4.80
CA TRP C 15 -3.67 38.94 4.45
C TRP C 15 -4.79 38.02 3.96
N VAL C 16 -4.43 36.89 3.34
CA VAL C 16 -5.45 35.97 2.85
C VAL C 16 -6.29 35.42 4.01
N GLU C 17 -5.65 35.20 5.16
CA GLU C 17 -6.37 34.72 6.34
C GLU C 17 -6.81 35.87 7.24
N LYS C 18 -6.07 36.99 7.24
CA LYS C 18 -6.45 38.12 8.09
C LYS C 18 -7.78 38.73 7.67
N TYR C 19 -8.11 38.66 6.39
CA TYR C 19 -9.33 39.29 5.86
C TYR C 19 -10.39 38.26 5.50
N ARG C 20 -10.37 37.11 6.16
CA ARG C 20 -11.40 36.11 5.93
C ARG C 20 -12.74 36.63 6.43
N PRO C 21 -13.79 36.58 5.62
CA PRO C 21 -15.10 37.07 6.10
C PRO C 21 -15.55 36.35 7.35
N GLU C 22 -16.07 37.10 8.31
CA GLU C 22 -16.62 36.54 9.54
C GLU C 22 -18.14 36.47 9.53
N THR C 23 -18.80 37.34 8.77
CA THR C 23 -20.25 37.34 8.65
C THR C 23 -20.63 37.30 7.18
N LEU C 24 -21.85 36.83 6.90
CA LEU C 24 -22.30 36.71 5.53
C LEU C 24 -22.37 38.06 4.83
N ASP C 25 -22.43 39.16 5.58
CA ASP C 25 -22.43 40.48 4.97
C ASP C 25 -21.09 40.82 4.33
N GLU C 26 -20.01 40.15 4.74
CA GLU C 26 -18.68 40.42 4.22
C GLU C 26 -18.35 39.61 2.97
N VAL C 27 -19.22 38.69 2.56
CA VAL C 27 -18.99 37.88 1.37
C VAL C 27 -19.59 38.61 0.17
N TYR C 28 -18.74 38.98 -0.78
CA TYR C 28 -19.14 39.76 -1.95
C TYR C 28 -19.10 38.89 -3.19
N GLY C 29 -19.81 39.35 -4.23
CA GLY C 29 -19.79 38.71 -5.52
C GLY C 29 -20.68 37.50 -5.66
N GLN C 30 -21.44 37.14 -4.62
CA GLN C 30 -22.32 35.98 -4.62
C GLN C 30 -23.69 36.36 -4.08
N ASN C 31 -24.24 37.46 -4.61
CA ASN C 31 -25.44 38.05 -4.02
C ASN C 31 -26.60 37.06 -4.00
N GLU C 32 -26.82 36.36 -5.11
CA GLU C 32 -27.98 35.46 -5.19
C GLU C 32 -27.84 34.31 -4.20
N VAL C 33 -26.69 33.64 -4.21
CA VAL C 33 -26.48 32.51 -3.31
C VAL C 33 -26.57 32.97 -1.86
N ILE C 34 -25.92 34.10 -1.55
CA ILE C 34 -25.89 34.59 -0.18
C ILE C 34 -27.29 34.93 0.31
N THR C 35 -28.07 35.63 -0.53
CA THR C 35 -29.43 35.97 -0.16
C THR C 35 -30.26 34.71 0.07
N THR C 36 -30.10 33.72 -0.80
CA THR C 36 -30.86 32.48 -0.65
C THR C 36 -30.54 31.80 0.67
N VAL C 37 -29.24 31.69 1.00
CA VAL C 37 -28.88 30.98 2.23
C VAL C 37 -29.30 31.78 3.46
N ARG C 38 -29.15 33.11 3.41
CA ARG C 38 -29.53 33.94 4.53
C ARG C 38 -31.02 33.80 4.82
N LYS C 39 -31.84 33.83 3.77
CA LYS C 39 -33.27 33.68 3.98
C LYS C 39 -33.64 32.25 4.39
N PHE C 40 -32.88 31.26 3.92
CA PHE C 40 -33.11 29.89 4.38
C PHE C 40 -32.88 29.77 5.88
N VAL C 41 -31.79 30.34 6.38
CA VAL C 41 -31.54 30.29 7.82
C VAL C 41 -32.56 31.12 8.56
N ASP C 42 -32.99 32.24 7.98
CA ASP C 42 -34.03 33.06 8.61
C ASP C 42 -35.31 32.24 8.78
N GLU C 43 -35.66 31.44 7.79
CA GLU C 43 -36.84 30.57 7.88
C GLU C 43 -36.52 29.21 8.49
N GLY C 44 -35.25 28.94 8.79
CA GLY C 44 -34.89 27.67 9.41
C GLY C 44 -35.27 26.46 8.58
N LYS C 45 -35.01 26.52 7.27
CA LYS C 45 -35.35 25.45 6.33
C LYS C 45 -34.17 25.11 5.45
N LEU C 46 -33.00 24.97 6.06
CA LEU C 46 -31.79 24.71 5.30
C LEU C 46 -31.83 23.30 4.70
N PRO C 47 -31.66 23.16 3.38
CA PRO C 47 -31.52 21.82 2.81
C PRO C 47 -30.08 21.37 2.72
N HIS C 48 -29.83 20.16 2.25
CA HIS C 48 -28.47 19.74 1.97
C HIS C 48 -27.89 20.59 0.85
N LEU C 49 -26.67 21.08 1.04
CA LEU C 49 -26.09 22.08 0.16
C LEU C 49 -24.86 21.53 -0.57
N LEU C 50 -24.68 22.00 -1.80
CA LEU C 50 -23.45 21.80 -2.55
C LEU C 50 -22.99 23.16 -3.04
N PHE C 51 -21.72 23.48 -2.78
CA PHE C 51 -21.10 24.72 -3.23
C PHE C 51 -20.03 24.34 -4.25
N TYR C 52 -20.30 24.61 -5.52
CA TYR C 52 -19.37 24.26 -6.60
C TYR C 52 -18.75 25.54 -7.15
N GLY C 53 -17.43 25.58 -7.25
CA GLY C 53 -16.78 26.74 -7.82
C GLY C 53 -15.27 26.66 -7.88
N PRO C 54 -14.67 27.63 -8.57
CA PRO C 54 -13.21 27.64 -8.71
C PRO C 54 -12.53 28.18 -7.47
N PRO C 55 -11.20 28.09 -7.40
CA PRO C 55 -10.51 28.44 -6.15
C PRO C 55 -10.72 29.90 -5.74
N GLY C 56 -10.81 30.12 -4.44
CA GLY C 56 -10.82 31.47 -3.90
C GLY C 56 -12.04 32.30 -4.28
N THR C 57 -13.22 31.70 -4.25
CA THR C 57 -14.45 32.42 -4.54
C THR C 57 -15.34 32.63 -3.32
N GLY C 58 -14.99 32.05 -2.18
CA GLY C 58 -15.71 32.26 -0.94
C GLY C 58 -16.59 31.11 -0.47
N LYS C 59 -16.32 29.89 -0.92
CA LYS C 59 -17.16 28.76 -0.51
C LYS C 59 -16.94 28.43 0.97
N THR C 60 -15.69 28.19 1.36
CA THR C 60 -15.39 27.88 2.75
C THR C 60 -15.77 29.04 3.65
N SER C 61 -15.44 30.26 3.25
CA SER C 61 -15.81 31.43 4.04
C SER C 61 -17.33 31.53 4.19
N THR C 62 -18.06 31.32 3.09
CA THR C 62 -19.52 31.42 3.15
C THR C 62 -20.10 30.37 4.09
N ILE C 63 -19.64 29.13 4.00
CA ILE C 63 -20.22 28.08 4.84
C ILE C 63 -19.88 28.31 6.30
N VAL C 64 -18.66 28.75 6.60
CA VAL C 64 -18.31 29.04 7.99
C VAL C 64 -19.14 30.20 8.52
N ALA C 65 -19.33 31.25 7.71
CA ALA C 65 -20.15 32.36 8.15
C ALA C 65 -21.60 31.94 8.38
N LEU C 66 -22.13 31.07 7.52
CA LEU C 66 -23.49 30.57 7.72
C LEU C 66 -23.58 29.78 9.01
N ALA C 67 -22.58 28.95 9.31
CA ALA C 67 -22.57 28.21 10.57
C ALA C 67 -22.54 29.17 11.75
N ARG C 68 -21.71 30.21 11.67
CA ARG C 68 -21.66 31.21 12.74
C ARG C 68 -23.02 31.86 12.94
N GLU C 69 -23.68 32.23 11.84
CA GLU C 69 -24.99 32.86 11.96
C GLU C 69 -26.01 31.92 12.58
N ILE C 70 -25.99 30.64 12.18
CA ILE C 70 -26.96 29.68 12.69
C ILE C 70 -26.75 29.44 14.18
N TYR C 71 -25.50 29.18 14.58
CA TYR C 71 -25.18 28.77 15.95
C TYR C 71 -24.47 29.86 16.74
N GLY C 72 -24.51 31.11 16.27
CA GLY C 72 -23.83 32.18 16.98
C GLY C 72 -22.33 31.94 17.02
N LYS C 73 -21.74 32.09 18.21
CA LYS C 73 -20.31 31.96 18.39
C LYS C 73 -19.89 30.59 18.92
N ASN C 74 -20.84 29.67 19.11
CA ASN C 74 -20.55 28.33 19.61
C ASN C 74 -20.73 27.28 18.52
N TYR C 75 -20.55 27.66 17.26
CA TYR C 75 -20.78 26.73 16.16
C TYR C 75 -19.83 25.54 16.21
N SER C 76 -18.64 25.71 16.80
CA SER C 76 -17.67 24.63 16.83
C SER C 76 -18.17 23.42 17.62
N ASN C 77 -19.19 23.61 18.47
CA ASN C 77 -19.67 22.52 19.30
C ASN C 77 -20.69 21.64 18.58
N MET C 78 -21.40 22.17 17.58
CA MET C 78 -22.43 21.42 16.87
C MET C 78 -22.19 21.41 15.36
N VAL C 79 -20.96 21.68 14.92
CA VAL C 79 -20.58 21.60 13.52
C VAL C 79 -19.43 20.62 13.40
N LEU C 80 -19.58 19.62 12.53
CA LEU C 80 -18.54 18.64 12.28
C LEU C 80 -17.92 18.94 10.92
N GLU C 81 -16.68 19.43 10.92
CA GLU C 81 -15.99 19.84 9.71
C GLU C 81 -14.92 18.82 9.37
N LEU C 82 -14.92 18.35 8.12
CA LEU C 82 -13.90 17.44 7.63
C LEU C 82 -13.44 17.89 6.25
N ASN C 83 -12.15 17.76 5.98
CA ASN C 83 -11.58 18.21 4.72
C ASN C 83 -10.58 17.14 4.24
N ALA C 84 -9.86 17.47 3.16
CA ALA C 84 -8.93 16.52 2.56
C ALA C 84 -7.73 16.22 3.45
N SER C 85 -7.42 17.11 4.39
CA SER C 85 -6.30 16.84 5.29
C SER C 85 -6.61 15.74 6.28
N ASP C 86 -7.88 15.40 6.47
CA ASP C 86 -8.30 14.31 7.33
C ASP C 86 -8.63 13.08 6.49
N ASP C 87 -8.45 11.91 7.09
CA ASP C 87 -8.86 10.67 6.44
C ASP C 87 -10.38 10.57 6.46
N ARG C 88 -10.97 10.28 5.31
CA ARG C 88 -12.41 10.20 5.14
C ARG C 88 -12.80 8.95 4.36
N GLY C 89 -12.18 7.83 4.69
CA GLY C 89 -12.49 6.57 4.04
C GLY C 89 -13.86 6.07 4.47
N ILE C 90 -14.21 4.90 3.93
CA ILE C 90 -15.53 4.33 4.21
C ILE C 90 -15.69 4.03 5.69
N ASP C 91 -14.61 3.62 6.36
CA ASP C 91 -14.69 3.39 7.79
C ASP C 91 -15.01 4.67 8.55
N VAL C 92 -14.40 5.79 8.14
CA VAL C 92 -14.69 7.07 8.78
C VAL C 92 -16.15 7.43 8.59
N VAL C 93 -16.67 7.27 7.38
CA VAL C 93 -18.08 7.57 7.11
C VAL C 93 -18.97 6.68 7.98
N ARG C 94 -18.66 5.40 8.05
CA ARG C 94 -19.50 4.47 8.80
C ARG C 94 -19.50 4.79 10.29
N ASN C 95 -18.35 5.15 10.85
CA ASN C 95 -18.28 5.35 12.30
C ASN C 95 -18.47 6.81 12.71
N GLN C 96 -17.55 7.69 12.33
CA GLN C 96 -17.53 9.03 12.91
C GLN C 96 -18.69 9.87 12.41
N ILE C 97 -18.82 9.98 11.09
CA ILE C 97 -19.89 10.80 10.52
C ILE C 97 -21.25 10.25 10.90
N LYS C 98 -21.41 8.92 10.85
CA LYS C 98 -22.69 8.31 11.18
C LYS C 98 -23.06 8.57 12.64
N ASP C 99 -22.09 8.40 13.56
CA ASP C 99 -22.39 8.62 14.97
C ASP C 99 -22.72 10.08 15.24
N PHE C 100 -21.99 11.01 14.62
CA PHE C 100 -22.30 12.42 14.81
C PHE C 100 -23.68 12.77 14.27
N ALA C 101 -24.03 12.23 13.10
CA ALA C 101 -25.31 12.56 12.48
C ALA C 101 -26.50 11.91 13.19
N SER C 102 -26.27 10.83 13.94
CA SER C 102 -27.34 10.08 14.58
C SER C 102 -27.48 10.42 16.06
N THR C 103 -26.78 11.44 16.55
CA THR C 103 -26.84 11.85 17.94
C THR C 103 -27.57 13.18 18.07
N ARG C 104 -28.14 13.40 19.25
CA ARG C 104 -28.91 14.60 19.50
C ARG C 104 -28.00 15.83 19.60
N GLN C 105 -28.62 17.01 19.47
CA GLN C 105 -27.89 18.26 19.57
C GLN C 105 -27.41 18.48 21.00
N ILE C 106 -26.39 19.34 21.13
CA ILE C 106 -25.78 19.59 22.43
C ILE C 106 -26.80 20.16 23.40
N PHE C 107 -27.57 21.15 22.95
CA PHE C 107 -28.60 21.79 23.76
C PHE C 107 -29.89 21.92 22.97
N SER C 108 -30.18 20.94 22.13
CA SER C 108 -31.37 20.97 21.28
C SER C 108 -31.40 22.23 20.43
N LYS C 109 -30.24 22.60 19.87
CA LYS C 109 -30.13 23.80 19.03
C LYS C 109 -30.47 23.45 17.59
N GLY C 110 -31.74 23.13 17.38
CA GLY C 110 -32.18 22.78 16.05
C GLY C 110 -31.46 21.57 15.52
N PHE C 111 -30.95 21.66 14.30
CA PHE C 111 -30.29 20.56 13.63
C PHE C 111 -28.78 20.74 13.65
N LYS C 112 -28.07 19.63 13.47
CA LYS C 112 -26.62 19.63 13.40
C LYS C 112 -26.16 19.84 11.96
N LEU C 113 -24.91 20.27 11.81
CA LEU C 113 -24.34 20.57 10.51
C LEU C 113 -23.06 19.78 10.31
N ILE C 114 -22.94 19.12 9.15
CA ILE C 114 -21.74 18.41 8.76
C ILE C 114 -21.23 19.06 7.48
N ILE C 115 -19.98 19.53 7.52
CA ILE C 115 -19.34 20.20 6.39
C ILE C 115 -18.27 19.25 5.86
N LEU C 116 -18.38 18.91 4.58
CA LEU C 116 -17.39 18.08 3.89
C LEU C 116 -16.69 18.98 2.87
N ASP C 117 -15.67 19.69 3.34
CA ASP C 117 -14.91 20.56 2.45
C ASP C 117 -14.00 19.72 1.55
N GLU C 118 -13.90 20.15 0.29
CA GLU C 118 -13.07 19.45 -0.69
C GLU C 118 -13.50 18.00 -0.83
N ALA C 119 -14.82 17.79 -0.92
CA ALA C 119 -15.37 16.45 -1.01
C ALA C 119 -15.00 15.74 -2.31
N ASP C 120 -14.52 16.47 -3.32
CA ASP C 120 -14.08 15.83 -4.55
C ASP C 120 -12.85 14.96 -4.35
N ALA C 121 -12.19 15.06 -3.18
CA ALA C 121 -11.06 14.21 -2.85
C ALA C 121 -11.47 12.91 -2.17
N MET C 122 -12.75 12.71 -1.88
CA MET C 122 -13.22 11.50 -1.23
C MET C 122 -13.35 10.36 -2.24
N THR C 123 -13.22 9.14 -1.74
CA THR C 123 -13.29 7.96 -2.58
C THR C 123 -14.74 7.65 -2.95
N ASN C 124 -14.90 6.84 -4.00
CA ASN C 124 -16.24 6.46 -4.45
C ASN C 124 -16.98 5.66 -3.38
N ALA C 125 -16.27 4.77 -2.69
CA ALA C 125 -16.92 3.95 -1.67
C ALA C 125 -17.47 4.81 -0.53
N ALA C 126 -16.70 5.79 -0.07
CA ALA C 126 -17.17 6.66 1.00
C ALA C 126 -18.38 7.48 0.54
N GLN C 127 -18.33 8.01 -0.68
CA GLN C 127 -19.45 8.77 -1.20
C GLN C 127 -20.71 7.90 -1.28
N ASN C 128 -20.55 6.65 -1.74
CA ASN C 128 -21.69 5.74 -1.80
C ASN C 128 -22.25 5.47 -0.41
N ALA C 129 -21.37 5.27 0.57
CA ALA C 129 -21.83 5.07 1.94
C ALA C 129 -22.56 6.31 2.47
N LEU C 130 -22.19 7.49 1.99
CA LEU C 130 -22.79 8.73 2.50
C LEU C 130 -24.26 8.90 2.10
N ARG C 131 -24.73 8.20 1.07
CA ARG C 131 -26.07 8.47 0.54
C ARG C 131 -27.14 8.23 1.59
N ARG C 132 -27.14 7.04 2.19
CA ARG C 132 -28.19 6.72 3.15
C ARG C 132 -27.99 7.44 4.47
N VAL C 133 -26.75 7.78 4.81
CA VAL C 133 -26.53 8.62 5.99
C VAL C 133 -27.18 9.98 5.80
N ILE C 134 -27.00 10.57 4.61
CA ILE C 134 -27.63 11.86 4.33
C ILE C 134 -29.15 11.72 4.36
N GLU C 135 -29.68 10.68 3.73
CA GLU C 135 -31.13 10.57 3.59
C GLU C 135 -31.81 10.27 4.93
N ARG C 136 -31.28 9.30 5.68
CA ARG C 136 -31.96 8.84 6.88
C ARG C 136 -32.05 9.92 7.95
N TYR C 137 -30.95 10.65 8.18
CA TYR C 137 -30.85 11.59 9.28
C TYR C 137 -31.04 13.04 8.83
N THR C 138 -31.88 13.26 7.82
CA THR C 138 -32.12 14.62 7.34
C THR C 138 -32.79 15.47 8.40
N LYS C 139 -33.65 14.88 9.22
CA LYS C 139 -34.37 15.64 10.24
C LYS C 139 -33.41 16.25 11.26
N ASN C 140 -32.42 15.48 11.71
CA ASN C 140 -31.52 15.93 12.76
C ASN C 140 -30.24 16.57 12.22
N THR C 141 -29.90 16.35 10.95
CA THR C 141 -28.63 16.79 10.42
C THR C 141 -28.80 17.29 8.98
N ARG C 142 -27.94 18.23 8.60
CA ARG C 142 -27.85 18.72 7.23
C ARG C 142 -26.40 18.68 6.78
N PHE C 143 -26.19 18.27 5.54
CA PHE C 143 -24.86 18.11 4.98
C PHE C 143 -24.54 19.26 4.03
N CYS C 144 -23.29 19.71 4.05
CA CYS C 144 -22.79 20.70 3.11
C CYS C 144 -21.53 20.15 2.46
N VAL C 145 -21.53 20.09 1.12
CA VAL C 145 -20.40 19.61 0.34
C VAL C 145 -19.84 20.81 -0.43
N LEU C 146 -18.52 20.87 -0.53
CA LEU C 146 -17.83 21.91 -1.27
C LEU C 146 -16.91 21.26 -2.29
N ALA C 147 -16.87 21.82 -3.50
CA ALA C 147 -16.10 21.19 -4.57
C ALA C 147 -15.65 22.20 -5.61
N ASN C 148 -14.52 21.87 -6.25
CA ASN C 148 -14.07 22.56 -7.45
C ASN C 148 -14.24 21.73 -8.72
N TYR C 149 -14.32 20.40 -8.58
CA TYR C 149 -14.45 19.50 -9.72
C TYR C 149 -15.65 18.59 -9.49
N ALA C 150 -16.70 18.80 -10.28
CA ALA C 150 -17.92 18.02 -10.09
C ALA C 150 -17.79 16.59 -10.60
N HIS C 151 -16.93 16.36 -11.59
CA HIS C 151 -16.79 15.02 -12.16
C HIS C 151 -16.32 14.00 -11.14
N LYS C 152 -15.72 14.45 -10.03
CA LYS C 152 -15.29 13.53 -8.98
C LYS C 152 -16.42 13.12 -8.05
N LEU C 153 -17.57 13.80 -8.11
CA LEU C 153 -18.70 13.48 -7.25
C LEU C 153 -19.63 12.50 -7.97
N THR C 154 -20.09 11.49 -7.23
CA THR C 154 -20.97 10.49 -7.81
C THR C 154 -22.33 11.11 -8.14
N PRO C 155 -23.05 10.57 -9.13
CA PRO C 155 -24.36 11.14 -9.48
C PRO C 155 -25.34 11.15 -8.33
N ALA C 156 -25.34 10.13 -7.48
CA ALA C 156 -26.29 10.07 -6.37
C ALA C 156 -26.07 11.23 -5.41
N LEU C 157 -24.82 11.50 -5.05
CA LEU C 157 -24.52 12.59 -4.14
C LEU C 157 -24.94 13.94 -4.73
N LEU C 158 -24.67 14.14 -6.02
CA LEU C 158 -25.10 15.37 -6.67
C LEU C 158 -26.62 15.50 -6.66
N SER C 159 -27.32 14.37 -6.89
CA SER C 159 -28.78 14.40 -6.87
C SER C 159 -29.32 14.74 -5.49
N ARG C 160 -28.64 14.31 -4.42
CA ARG C 160 -29.12 14.54 -3.07
C ARG C 160 -28.94 15.96 -2.58
N CYS C 161 -28.14 16.78 -3.26
CA CYS C 161 -27.75 18.10 -2.76
C CYS C 161 -28.33 19.20 -3.65
N THR C 162 -28.73 20.29 -3.00
CA THR C 162 -29.14 21.51 -3.71
C THR C 162 -27.88 22.26 -4.13
N ARG C 163 -27.75 22.52 -5.43
CA ARG C 163 -26.50 23.04 -5.99
C ARG C 163 -26.50 24.56 -6.03
N PHE C 164 -25.36 25.14 -5.65
CA PHE C 164 -25.12 26.57 -5.75
C PHE C 164 -23.75 26.77 -6.37
N ARG C 165 -23.69 27.60 -7.41
CA ARG C 165 -22.47 27.85 -8.16
C ARG C 165 -21.88 29.18 -7.71
N PHE C 166 -20.62 29.14 -7.27
CA PHE C 166 -19.86 30.34 -6.95
C PHE C 166 -19.12 30.78 -8.21
N GLN C 167 -19.59 31.87 -8.81
CA GLN C 167 -18.98 32.37 -10.03
C GLN C 167 -17.65 33.03 -9.72
N PRO C 168 -16.79 33.21 -10.74
CA PRO C 168 -15.60 34.03 -10.55
C PRO C 168 -15.99 35.43 -10.10
N LEU C 169 -15.18 35.99 -9.21
CA LEU C 169 -15.57 37.23 -8.55
C LEU C 169 -15.76 38.34 -9.57
N PRO C 170 -16.90 39.03 -9.56
CA PRO C 170 -17.07 40.19 -10.45
C PRO C 170 -16.14 41.32 -10.06
N GLN C 171 -15.93 42.23 -11.01
CA GLN C 171 -14.99 43.33 -10.78
C GLN C 171 -15.43 44.21 -9.61
N GLU C 172 -16.72 44.53 -9.53
CA GLU C 172 -17.19 45.48 -8.51
C GLU C 172 -16.94 44.94 -7.10
N ALA C 173 -17.19 43.65 -6.90
CA ALA C 173 -16.94 43.06 -5.58
C ALA C 173 -15.44 43.15 -5.23
N ILE C 174 -14.57 42.90 -6.21
CA ILE C 174 -13.14 43.00 -5.97
C ILE C 174 -12.76 44.43 -5.61
N GLU C 175 -13.34 45.42 -6.30
CA GLU C 175 -13.06 46.81 -5.99
C GLU C 175 -13.50 47.16 -4.57
N ARG C 176 -14.68 46.70 -4.17
CA ARG C 176 -15.16 46.98 -2.82
C ARG C 176 -14.26 46.34 -1.77
N ARG C 177 -13.86 45.10 -1.98
CA ARG C 177 -12.97 44.44 -1.03
C ARG C 177 -11.61 45.13 -0.98
N ILE C 178 -11.10 45.58 -2.12
CA ILE C 178 -9.82 46.28 -2.15
C ILE C 178 -9.93 47.59 -1.40
N ALA C 179 -11.05 48.31 -1.56
CA ALA C 179 -11.25 49.54 -0.81
C ALA C 179 -11.28 49.26 0.69
N ASN C 180 -11.96 48.18 1.10
CA ASN C 180 -11.98 47.82 2.51
C ASN C 180 -10.58 47.54 3.03
N VAL C 181 -9.78 46.80 2.27
CA VAL C 181 -8.41 46.49 2.69
C VAL C 181 -7.58 47.77 2.76
N LEU C 182 -7.75 48.67 1.79
CA LEU C 182 -6.98 49.90 1.78
C LEU C 182 -7.33 50.81 2.96
N VAL C 183 -8.61 50.86 3.34
CA VAL C 183 -8.96 51.65 4.53
C VAL C 183 -8.45 50.97 5.78
N HIS C 184 -8.50 49.64 5.84
CA HIS C 184 -7.94 48.92 6.99
C HIS C 184 -6.47 49.22 7.14
N GLU C 185 -5.67 48.89 6.13
CA GLU C 185 -4.27 49.27 6.12
C GLU C 185 -4.13 50.77 5.84
N LYS C 186 -2.91 51.28 5.99
CA LYS C 186 -2.60 52.65 5.60
C LYS C 186 -1.93 52.65 4.23
N LEU C 187 -2.71 52.22 3.24
CA LEU C 187 -2.21 51.95 1.90
C LEU C 187 -3.00 52.75 0.87
N LYS C 188 -2.31 53.18 -0.19
CA LYS C 188 -2.92 53.91 -1.29
C LYS C 188 -2.70 53.15 -2.58
N LEU C 189 -3.75 53.05 -3.40
CA LEU C 189 -3.70 52.31 -4.66
C LEU C 189 -4.17 53.22 -5.80
N SER C 190 -3.44 53.18 -6.91
CA SER C 190 -3.79 53.99 -8.07
C SER C 190 -4.87 53.29 -8.91
N PRO C 191 -5.70 54.06 -9.62
CA PRO C 191 -6.73 53.41 -10.45
C PRO C 191 -6.16 52.45 -11.48
N ASN C 192 -5.06 52.81 -12.13
CA ASN C 192 -4.43 51.89 -13.08
C ASN C 192 -3.89 50.65 -12.37
N ALA C 193 -3.31 50.84 -11.19
CA ALA C 193 -2.85 49.69 -10.41
C ALA C 193 -4.00 48.77 -10.05
N GLU C 194 -5.14 49.35 -9.64
CA GLU C 194 -6.30 48.54 -9.32
C GLU C 194 -6.81 47.80 -10.55
N LYS C 195 -6.81 48.46 -11.70
CA LYS C 195 -7.25 47.80 -12.93
C LYS C 195 -6.34 46.62 -13.26
N ALA C 196 -5.03 46.81 -13.15
CA ALA C 196 -4.10 45.72 -13.41
C ALA C 196 -4.29 44.58 -12.41
N LEU C 197 -4.52 44.92 -11.14
CA LEU C 197 -4.73 43.89 -10.13
C LEU C 197 -5.97 43.07 -10.42
N ILE C 198 -7.07 43.74 -10.81
CA ILE C 198 -8.28 43.00 -11.16
C ILE C 198 -8.03 42.13 -12.38
N GLU C 199 -7.33 42.67 -13.38
CA GLU C 199 -7.07 41.90 -14.59
C GLU C 199 -6.29 40.64 -14.29
N LEU C 200 -5.26 40.74 -13.44
CA LEU C 200 -4.45 39.58 -13.11
C LEU C 200 -5.10 38.68 -12.06
N SER C 201 -6.14 39.14 -11.38
CA SER C 201 -6.79 38.32 -10.36
C SER C 201 -7.44 37.08 -10.97
N ASN C 202 -8.06 37.22 -12.14
CA ASN C 202 -8.81 36.13 -12.77
C ASN C 202 -9.93 35.64 -11.85
N GLY C 203 -10.56 36.57 -11.13
CA GLY C 203 -11.67 36.22 -10.28
C GLY C 203 -11.31 35.49 -9.01
N ASP C 204 -10.06 35.59 -8.55
CA ASP C 204 -9.59 34.94 -7.34
C ASP C 204 -9.19 36.00 -6.34
N MET C 205 -9.84 36.03 -5.18
CA MET C 205 -9.55 37.05 -4.18
C MET C 205 -8.23 36.76 -3.47
N ARG C 206 -7.85 35.48 -3.35
CA ARG C 206 -6.58 35.14 -2.73
C ARG C 206 -5.41 35.78 -3.47
N ARG C 207 -5.43 35.72 -4.80
CA ARG C 207 -4.38 36.35 -5.58
C ARG C 207 -4.34 37.86 -5.35
N VAL C 208 -5.51 38.49 -5.30
CA VAL C 208 -5.56 39.93 -5.06
C VAL C 208 -4.91 40.27 -3.72
N LEU C 209 -5.29 39.54 -2.67
CA LEU C 209 -4.76 39.84 -1.35
C LEU C 209 -3.26 39.59 -1.28
N ASN C 210 -2.78 38.48 -1.85
CA ASN C 210 -1.36 38.18 -1.81
C ASN C 210 -0.56 39.24 -2.57
N VAL C 211 -1.04 39.64 -3.75
CA VAL C 211 -0.31 40.64 -4.53
C VAL C 211 -0.33 41.98 -3.82
N LEU C 212 -1.45 42.32 -3.16
CA LEU C 212 -1.50 43.57 -2.43
C LEU C 212 -0.53 43.57 -1.26
N GLN C 213 -0.43 42.45 -0.54
CA GLN C 213 0.54 42.36 0.55
C GLN C 213 1.96 42.49 0.02
N SER C 214 2.27 41.82 -1.08
CA SER C 214 3.60 41.93 -1.66
C SER C 214 3.89 43.37 -2.10
N CYS C 215 2.89 44.05 -2.68
CA CYS C 215 3.07 45.43 -3.10
C CYS C 215 3.35 46.33 -1.90
N LYS C 216 2.59 46.15 -0.81
CA LYS C 216 2.85 46.94 0.39
C LYS C 216 4.26 46.68 0.91
N ALA C 217 4.71 45.42 0.88
CA ALA C 217 6.07 45.12 1.27
C ALA C 217 7.07 45.85 0.37
N THR C 218 6.77 45.93 -0.92
CA THR C 218 7.70 46.55 -1.87
C THR C 218 7.88 48.04 -1.59
N LEU C 219 6.85 48.72 -1.11
CA LEU C 219 6.95 50.16 -0.86
C LEU C 219 8.03 50.44 0.16
N ASP C 220 8.88 51.43 -0.15
CA ASP C 220 9.89 51.86 0.81
C ASP C 220 9.26 52.54 2.02
N ASN C 221 8.27 53.39 1.78
CA ASN C 221 7.57 54.13 2.84
C ASN C 221 6.07 53.94 2.64
N PRO C 222 5.51 52.83 3.11
CA PRO C 222 4.07 52.59 2.89
C PRO C 222 3.17 53.63 3.53
N ASP C 223 3.67 54.36 4.53
CA ASP C 223 2.83 55.36 5.19
C ASP C 223 2.42 56.46 4.23
N GLU C 224 3.22 56.73 3.20
CA GLU C 224 2.93 57.79 2.24
C GLU C 224 3.06 57.38 0.79
N ASP C 225 3.83 56.34 0.47
CA ASP C 225 4.00 55.93 -0.92
C ASP C 225 2.74 55.31 -1.47
N GLU C 226 2.45 55.59 -2.73
CA GLU C 226 1.27 55.07 -3.42
C GLU C 226 1.67 53.94 -4.35
N ILE C 227 0.85 52.90 -4.40
CA ILE C 227 1.12 51.75 -5.26
C ILE C 227 0.67 52.08 -6.68
N SER C 228 1.60 51.99 -7.62
CA SER C 228 1.32 52.17 -9.03
C SER C 228 1.33 50.83 -9.75
N ASP C 229 0.86 50.83 -11.00
CA ASP C 229 0.87 49.61 -11.80
C ASP C 229 2.28 49.07 -11.95
N ASP C 230 3.28 49.96 -12.01
CA ASP C 230 4.66 49.50 -12.11
C ASP C 230 5.05 48.67 -10.89
N VAL C 231 4.59 49.06 -9.71
CA VAL C 231 4.87 48.29 -8.50
C VAL C 231 4.26 46.90 -8.61
N ILE C 232 3.02 46.81 -9.10
CA ILE C 232 2.37 45.51 -9.24
C ILE C 232 3.14 44.64 -10.22
N TYR C 233 3.55 45.21 -11.35
CA TYR C 233 4.28 44.42 -12.34
C TYR C 233 5.62 43.96 -11.79
N GLU C 234 6.31 44.83 -11.05
CA GLU C 234 7.58 44.44 -10.43
C GLU C 234 7.37 43.30 -9.44
N CYS C 235 6.35 43.41 -8.58
CA CYS C 235 6.11 42.38 -7.59
C CYS C 235 5.77 41.05 -8.25
N CYS C 236 4.92 41.09 -9.29
CA CYS C 236 4.55 39.88 -10.00
C CYS C 236 5.52 39.52 -11.11
N GLY C 237 6.44 40.42 -11.47
CA GLY C 237 7.34 40.16 -12.57
C GLY C 237 6.64 39.87 -13.88
N ALA C 238 5.44 40.40 -14.06
CA ALA C 238 4.64 40.14 -15.24
C ALA C 238 4.91 41.18 -16.32
N PRO C 239 4.70 40.84 -17.60
CA PRO C 239 4.89 41.83 -18.66
C PRO C 239 3.86 42.95 -18.58
N ARG C 240 4.28 44.13 -19.01
CA ARG C 240 3.37 45.24 -19.17
C ARG C 240 2.57 45.08 -20.46
N PRO C 241 1.39 45.71 -20.55
CA PRO C 241 0.65 45.65 -21.82
C PRO C 241 1.43 46.23 -22.98
N SER C 242 2.23 47.28 -22.73
CA SER C 242 3.02 47.87 -23.80
C SER C 242 4.04 46.89 -24.36
N ASP C 243 4.66 46.10 -23.48
CA ASP C 243 5.64 45.11 -23.94
C ASP C 243 4.97 44.08 -24.84
N LEU C 244 3.80 43.58 -24.44
CA LEU C 244 3.08 42.61 -25.26
C LEU C 244 2.71 43.21 -26.60
N LYS C 245 2.21 44.45 -26.59
CA LYS C 245 1.83 45.09 -27.85
C LYS C 245 3.04 45.26 -28.77
N ALA C 246 4.17 45.69 -28.21
CA ALA C 246 5.37 45.87 -29.02
C ALA C 246 5.84 44.54 -29.59
N VAL C 247 5.83 43.48 -28.79
CA VAL C 247 6.28 42.17 -29.28
C VAL C 247 5.38 41.70 -30.40
N LEU C 248 4.07 41.82 -30.22
CA LEU C 248 3.13 41.38 -31.26
C LEU C 248 3.30 42.20 -32.52
N LYS C 249 3.48 43.52 -32.39
CA LYS C 249 3.67 44.37 -33.56
C LYS C 249 4.93 43.97 -34.31
N SER C 250 6.03 43.74 -33.60
CA SER C 250 7.26 43.33 -34.24
C SER C 250 7.10 41.98 -34.94
N ILE C 251 6.40 41.04 -34.30
CA ILE C 251 6.20 39.73 -34.90
C ILE C 251 5.38 39.85 -36.18
N LEU C 252 4.33 40.68 -36.15
CA LEU C 252 3.41 40.75 -37.28
C LEU C 252 3.84 41.72 -38.37
N GLU C 253 4.87 42.54 -38.14
CA GLU C 253 5.27 43.51 -39.15
C GLU C 253 6.73 43.44 -39.55
N ASP C 254 7.63 43.18 -38.60
CA ASP C 254 9.06 43.22 -38.88
C ASP C 254 9.57 41.87 -39.38
N ASP C 255 10.83 41.85 -39.77
CA ASP C 255 11.46 40.65 -40.31
C ASP C 255 11.83 39.71 -39.17
N TRP C 256 12.35 38.53 -39.53
CA TRP C 256 12.68 37.53 -38.51
C TRP C 256 13.77 38.03 -37.57
N GLY C 257 14.83 38.62 -38.12
CA GLY C 257 15.89 39.13 -37.27
C GLY C 257 15.42 40.22 -36.34
N THR C 258 14.65 41.17 -36.87
CA THR C 258 14.12 42.26 -36.04
C THR C 258 13.19 41.72 -34.95
N ALA C 259 12.33 40.77 -35.31
CA ALA C 259 11.41 40.20 -34.32
C ALA C 259 12.18 39.46 -33.23
N HIS C 260 13.20 38.68 -33.62
CA HIS C 260 14.01 37.98 -32.65
C HIS C 260 14.70 38.95 -31.70
N TYR C 261 15.30 40.01 -32.26
CA TYR C 261 15.97 41.00 -31.42
C TYR C 261 14.99 41.68 -30.49
N THR C 262 13.80 42.04 -31.00
CA THR C 262 12.81 42.71 -30.17
C THR C 262 12.36 41.83 -29.02
N LEU C 263 12.09 40.55 -29.31
CA LEU C 263 11.67 39.63 -28.25
C LEU C 263 12.77 39.48 -27.21
N ASN C 264 14.02 39.30 -27.66
CA ASN C 264 15.13 39.14 -26.72
C ASN C 264 15.29 40.37 -25.85
N LYS C 265 15.20 41.56 -26.44
CA LYS C 265 15.36 42.79 -25.67
C LYS C 265 14.21 42.96 -24.66
N VAL C 266 12.98 42.72 -25.10
CA VAL C 266 11.84 42.89 -24.19
C VAL C 266 11.93 41.91 -23.03
N ARG C 267 12.42 40.69 -23.30
CA ARG C 267 12.54 39.71 -22.23
C ARG C 267 13.68 40.05 -21.29
N SER C 268 14.82 40.51 -21.83
CA SER C 268 15.99 40.80 -21.01
C SER C 268 15.84 42.10 -20.23
N ALA C 269 14.96 43.00 -20.64
CA ALA C 269 14.81 44.26 -19.93
C ALA C 269 14.39 44.04 -18.49
N LYS C 270 13.45 43.11 -18.25
CA LYS C 270 12.93 42.87 -16.91
C LYS C 270 12.90 41.38 -16.56
N GLY C 271 13.59 40.54 -17.32
CA GLY C 271 13.58 39.11 -17.01
C GLY C 271 12.22 38.47 -17.12
N LEU C 272 11.45 38.83 -18.14
CA LEU C 272 10.11 38.28 -18.30
C LEU C 272 10.18 36.82 -18.72
N ALA C 273 9.16 36.06 -18.35
CA ALA C 273 9.03 34.67 -18.72
C ALA C 273 8.26 34.54 -20.03
N LEU C 274 8.65 33.55 -20.85
CA LEU C 274 8.02 33.38 -22.15
C LEU C 274 6.56 32.99 -22.04
N ILE C 275 6.20 32.19 -21.03
CA ILE C 275 4.82 31.74 -20.87
C ILE C 275 3.90 32.92 -20.62
N ASP C 276 4.35 33.89 -19.84
CA ASP C 276 3.55 35.09 -19.60
C ASP C 276 3.31 35.87 -20.88
N LEU C 277 4.36 36.01 -21.70
CA LEU C 277 4.20 36.69 -22.99
C LEU C 277 3.23 35.93 -23.88
N ILE C 278 3.32 34.61 -23.89
CA ILE C 278 2.41 33.81 -24.71
C ILE C 278 0.97 34.01 -24.26
N GLU C 279 0.74 33.99 -22.95
CA GLU C 279 -0.62 34.18 -22.44
C GLU C 279 -1.16 35.56 -22.80
N GLY C 280 -0.33 36.60 -22.63
CA GLY C 280 -0.76 37.94 -22.98
C GLY C 280 -1.08 38.08 -24.45
N ILE C 281 -0.24 37.51 -25.31
CA ILE C 281 -0.46 37.61 -26.75
C ILE C 281 -1.72 36.83 -27.13
N VAL C 282 -1.96 35.69 -26.49
CA VAL C 282 -3.18 34.93 -26.77
C VAL C 282 -4.40 35.76 -26.39
N LYS C 283 -4.36 36.41 -25.22
CA LYS C 283 -5.48 37.25 -24.82
C LYS C 283 -5.69 38.38 -25.82
N ILE C 284 -4.60 39.00 -26.29
CA ILE C 284 -4.72 40.09 -27.26
C ILE C 284 -5.33 39.58 -28.56
N LEU C 285 -4.86 38.43 -29.05
CA LEU C 285 -5.33 37.89 -30.32
C LEU C 285 -6.75 37.37 -30.24
N GLU C 286 -7.23 37.02 -29.05
CA GLU C 286 -8.61 36.56 -28.94
C GLU C 286 -9.61 37.63 -29.37
N ASP C 287 -9.22 38.91 -29.30
CA ASP C 287 -10.08 39.99 -29.73
C ASP C 287 -9.80 40.43 -31.17
N TYR C 288 -8.79 39.87 -31.82
CA TYR C 288 -8.48 40.25 -33.20
C TYR C 288 -9.59 39.80 -34.14
N GLU C 289 -9.88 40.65 -35.12
CA GLU C 289 -10.87 40.32 -36.16
C GLU C 289 -10.15 39.63 -37.31
N LEU C 290 -10.38 38.33 -37.45
CA LEU C 290 -9.71 37.52 -38.47
C LEU C 290 -10.68 37.23 -39.61
N GLN C 291 -10.28 37.57 -40.83
CA GLN C 291 -11.10 37.27 -42.00
C GLN C 291 -10.90 35.85 -42.51
N ASN C 292 -9.85 35.17 -42.07
CA ASN C 292 -9.60 33.78 -42.42
C ASN C 292 -9.65 32.95 -41.14
N GLU C 293 -10.45 31.89 -41.16
CA GLU C 293 -10.66 31.11 -39.95
C GLU C 293 -9.57 30.07 -39.72
N GLU C 294 -8.90 29.62 -40.78
CA GLU C 294 -7.80 28.67 -40.59
C GLU C 294 -6.68 29.30 -39.77
N THR C 295 -6.52 30.62 -39.83
CA THR C 295 -5.51 31.29 -39.02
C THR C 295 -5.74 31.05 -37.54
N ARG C 296 -7.00 31.15 -37.09
CA ARG C 296 -7.31 30.89 -35.69
C ARG C 296 -6.98 29.45 -35.32
N VAL C 297 -7.32 28.50 -36.20
CA VAL C 297 -7.04 27.10 -35.92
C VAL C 297 -5.54 26.89 -35.72
N HIS C 298 -4.74 27.38 -36.67
CA HIS C 298 -3.30 27.18 -36.58
C HIS C 298 -2.72 27.88 -35.34
N LEU C 299 -3.16 29.11 -35.08
CA LEU C 299 -2.69 29.82 -33.89
C LEU C 299 -2.97 29.02 -32.64
N LEU C 300 -4.21 28.58 -32.45
CA LEU C 300 -4.58 27.88 -31.24
C LEU C 300 -3.78 26.59 -31.10
N THR C 301 -3.71 25.79 -32.16
CA THR C 301 -3.03 24.50 -32.07
C THR C 301 -1.54 24.69 -31.75
N LYS C 302 -0.86 25.54 -32.51
CA LYS C 302 0.57 25.71 -32.32
C LYS C 302 0.90 26.32 -30.97
N LEU C 303 0.12 27.32 -30.53
CA LEU C 303 0.39 27.94 -29.24
C LEU C 303 0.11 26.99 -28.09
N ALA C 304 -0.94 26.16 -28.21
CA ALA C 304 -1.17 25.16 -27.18
C ALA C 304 -0.02 24.15 -27.12
N ASP C 305 0.48 23.74 -28.28
CA ASP C 305 1.63 22.83 -28.31
C ASP C 305 2.84 23.47 -27.64
N ILE C 306 3.10 24.74 -27.93
CA ILE C 306 4.25 25.42 -27.34
C ILE C 306 4.08 25.53 -25.84
N GLU C 307 2.88 25.86 -25.37
CA GLU C 307 2.63 25.93 -23.93
C GLU C 307 2.88 24.59 -23.27
N TYR C 308 2.38 23.51 -23.88
CA TYR C 308 2.59 22.18 -23.31
C TYR C 308 4.08 21.84 -23.24
N SER C 309 4.82 22.15 -24.30
CA SER C 309 6.26 21.89 -24.29
C SER C 309 6.96 22.70 -23.21
N ILE C 310 6.58 23.98 -23.06
CA ILE C 310 7.20 24.82 -22.05
C ILE C 310 6.93 24.27 -20.66
N SER C 311 5.73 23.70 -20.45
CA SER C 311 5.39 23.16 -19.14
C SER C 311 6.36 22.08 -18.69
N LYS C 312 7.07 21.43 -19.61
CA LYS C 312 8.01 20.37 -19.29
C LYS C 312 9.46 20.83 -19.35
N GLY C 313 9.70 22.13 -19.50
CA GLY C 313 11.06 22.65 -19.58
C GLY C 313 11.48 22.89 -21.02
N GLY C 314 12.67 22.40 -21.37
CA GLY C 314 13.16 22.53 -22.73
C GLY C 314 14.04 23.75 -22.93
N ASN C 315 14.28 24.06 -24.20
CA ASN C 315 15.13 25.16 -24.59
C ASN C 315 14.29 26.42 -24.78
N ASP C 316 14.68 27.49 -24.07
CA ASP C 316 13.87 28.71 -24.06
C ASP C 316 13.96 29.46 -25.39
N GLN C 317 15.17 29.60 -25.93
CA GLN C 317 15.33 30.33 -27.19
C GLN C 317 14.60 29.63 -28.33
N ILE C 318 14.69 28.31 -28.39
CA ILE C 318 13.99 27.57 -29.44
C ILE C 318 12.49 27.76 -29.30
N GLN C 319 11.99 27.76 -28.06
CA GLN C 319 10.54 27.96 -27.85
C GLN C 319 10.11 29.36 -28.28
N GLY C 320 10.91 30.38 -27.98
CA GLY C 320 10.57 31.72 -28.43
C GLY C 320 10.57 31.84 -29.94
N SER C 321 11.58 31.28 -30.59
CA SER C 321 11.59 31.26 -32.05
C SER C 321 10.38 30.50 -32.60
N ALA C 322 9.99 29.42 -31.91
CA ALA C 322 8.81 28.68 -32.33
C ALA C 322 7.56 29.53 -32.24
N VAL C 323 7.42 30.32 -31.18
CA VAL C 323 6.27 31.20 -31.06
C VAL C 323 6.25 32.19 -32.21
N ILE C 324 7.40 32.81 -32.49
CA ILE C 324 7.47 33.78 -33.59
C ILE C 324 7.07 33.13 -34.90
N GLY C 325 7.65 31.97 -35.21
CA GLY C 325 7.37 31.31 -36.46
C GLY C 325 5.93 30.86 -36.57
N ALA C 326 5.37 30.35 -35.48
CA ALA C 326 3.97 29.92 -35.49
C ALA C 326 3.04 31.09 -35.78
N ILE C 327 3.27 32.23 -35.13
CA ILE C 327 2.41 33.39 -35.38
C ILE C 327 2.54 33.84 -36.83
N LYS C 328 3.78 33.91 -37.33
CA LYS C 328 3.99 34.37 -38.70
C LYS C 328 3.32 33.45 -39.71
N ALA C 329 3.52 32.13 -39.54
CA ALA C 329 2.93 31.17 -40.46
C ALA C 329 1.40 31.21 -40.39
N SER C 330 0.85 31.32 -39.18
CA SER C 330 -0.60 31.38 -39.04
C SER C 330 -1.16 32.60 -39.76
N PHE C 331 -0.50 33.76 -39.62
CA PHE C 331 -1.01 34.97 -40.25
C PHE C 331 -0.65 35.05 -41.74
N GLU C 332 0.21 34.17 -42.23
CA GLU C 332 0.51 34.15 -43.67
C GLU C 332 -0.62 33.54 -44.48
N ASN C 333 -1.52 32.80 -43.86
CA ASN C 333 -2.62 32.15 -44.57
C ASN C 333 -3.46 33.17 -45.33
N GLU D 19 43.51 25.74 6.23
CA GLU D 19 43.32 26.15 4.84
C GLU D 19 42.75 25.00 4.01
N GLN D 20 43.22 23.78 4.28
CA GLN D 20 42.74 22.63 3.55
C GLN D 20 41.26 22.36 3.82
N SER D 21 40.81 22.61 5.05
CA SER D 21 39.41 22.37 5.38
C SER D 21 38.48 23.24 4.54
N LEU D 22 38.83 24.53 4.37
CA LEU D 22 37.99 25.41 3.58
C LEU D 22 38.04 25.04 2.09
N ALA D 23 39.18 24.53 1.62
CA ALA D 23 39.34 24.13 0.23
C ALA D 23 38.90 22.70 -0.03
N GLN D 24 38.03 22.16 0.82
CA GLN D 24 37.54 20.79 0.69
C GLN D 24 36.10 20.74 0.20
N GLN D 25 35.62 21.82 -0.43
CA GLN D 25 34.25 21.88 -0.91
C GLN D 25 34.21 22.34 -2.36
N PRO D 26 33.28 21.82 -3.17
CA PRO D 26 33.08 22.38 -4.51
C PRO D 26 32.64 23.84 -4.41
N TRP D 27 33.01 24.60 -5.45
CA TRP D 27 32.78 26.04 -5.41
C TRP D 27 31.29 26.38 -5.29
N VAL D 28 30.41 25.54 -5.85
CA VAL D 28 28.98 25.82 -5.78
C VAL D 28 28.52 25.81 -4.33
N GLU D 29 28.94 24.81 -3.56
CA GLU D 29 28.59 24.76 -2.14
C GLU D 29 29.44 25.72 -1.32
N LYS D 30 30.70 25.93 -1.71
CA LYS D 30 31.57 26.84 -0.97
C LYS D 30 31.02 28.26 -0.99
N TYR D 31 30.50 28.70 -2.13
CA TYR D 31 30.03 30.06 -2.31
C TYR D 31 28.50 30.16 -2.32
N ARG D 32 27.83 29.25 -1.64
CA ARG D 32 26.39 29.37 -1.47
C ARG D 32 26.09 30.60 -0.62
N PRO D 33 25.13 31.44 -1.01
CA PRO D 33 24.89 32.66 -0.23
C PRO D 33 24.55 32.34 1.22
N LYS D 34 25.13 33.13 2.12
CA LYS D 34 24.91 32.96 3.55
C LYS D 34 23.73 33.78 4.05
N ASN D 35 23.63 35.02 3.61
CA ASN D 35 22.54 35.92 3.99
C ASN D 35 21.81 36.38 2.74
N LEU D 36 20.63 36.98 2.95
CA LEU D 36 19.83 37.44 1.83
C LEU D 36 20.53 38.53 1.01
N ASP D 37 21.50 39.23 1.61
CA ASP D 37 22.24 40.23 0.86
C ASP D 37 23.07 39.61 -0.25
N GLU D 38 23.55 38.38 -0.05
CA GLU D 38 24.40 37.73 -1.05
C GLU D 38 23.61 37.20 -2.24
N VAL D 39 22.30 37.03 -2.11
CA VAL D 39 21.48 36.61 -3.25
C VAL D 39 21.47 37.72 -4.29
N THR D 40 21.68 37.35 -5.55
CA THR D 40 21.80 38.31 -6.64
C THR D 40 20.69 38.11 -7.66
N ALA D 41 20.29 39.22 -8.29
CA ALA D 41 19.39 39.27 -9.44
C ALA D 41 17.94 38.90 -9.10
N GLN D 42 17.62 38.63 -7.83
CA GLN D 42 16.27 38.27 -7.42
C GLN D 42 15.72 39.28 -6.42
N ASP D 43 15.98 40.56 -6.68
CA ASP D 43 15.61 41.60 -5.72
C ASP D 43 14.09 41.73 -5.57
N HIS D 44 13.34 41.49 -6.66
CA HIS D 44 11.89 41.69 -6.60
C HIS D 44 11.24 40.90 -5.48
N ALA D 45 11.79 39.72 -5.16
CA ALA D 45 11.29 38.93 -4.04
C ALA D 45 12.13 39.06 -2.78
N VAL D 46 13.44 39.31 -2.95
CA VAL D 46 14.33 39.44 -1.80
C VAL D 46 13.94 40.65 -0.96
N THR D 47 13.50 41.73 -1.61
CA THR D 47 13.08 42.92 -0.87
C THR D 47 11.90 42.60 0.04
N VAL D 48 10.90 41.89 -0.49
CA VAL D 48 9.74 41.53 0.31
C VAL D 48 10.16 40.62 1.46
N LEU D 49 11.00 39.62 1.17
CA LEU D 49 11.44 38.72 2.22
C LEU D 49 12.20 39.46 3.31
N LYS D 50 13.07 40.41 2.92
CA LYS D 50 13.83 41.17 3.89
C LYS D 50 12.93 42.02 4.76
N LYS D 51 12.00 42.74 4.15
CA LYS D 51 11.08 43.56 4.95
C LYS D 51 10.17 42.71 5.82
N THR D 52 9.99 41.43 5.49
CA THR D 52 9.24 40.54 6.37
C THR D 52 9.95 40.38 7.71
N LEU D 53 11.27 40.56 7.75
CA LEU D 53 11.99 40.43 9.03
C LEU D 53 11.54 41.48 10.03
N LYS D 54 11.07 42.63 9.55
CA LYS D 54 10.54 43.69 10.41
C LYS D 54 9.03 43.65 10.53
N SER D 55 8.32 43.35 9.44
CA SER D 55 6.87 43.30 9.50
C SER D 55 6.37 42.06 10.23
N ALA D 56 7.14 40.97 10.21
CA ALA D 56 6.74 39.71 10.83
C ALA D 56 5.38 39.26 10.31
N ASN D 57 5.19 39.39 8.99
CA ASN D 57 3.94 39.08 8.32
C ASN D 57 4.20 38.15 7.14
N LEU D 58 5.01 37.13 7.36
CA LEU D 58 5.41 36.23 6.30
C LEU D 58 4.20 35.45 5.77
N PRO D 59 3.91 35.51 4.48
CA PRO D 59 2.82 34.69 3.92
C PRO D 59 3.34 33.32 3.47
N HIS D 60 2.39 32.48 3.08
CA HIS D 60 2.76 31.23 2.43
C HIS D 60 3.40 31.54 1.08
N MET D 61 4.50 30.87 0.78
CA MET D 61 5.33 31.21 -0.37
C MET D 61 5.38 30.06 -1.36
N LEU D 62 5.40 30.41 -2.64
CA LEU D 62 5.60 29.46 -3.73
C LEU D 62 6.72 30.04 -4.61
N PHE D 63 7.94 29.59 -4.37
CA PHE D 63 9.06 29.93 -5.24
C PHE D 63 9.06 29.01 -6.44
N TYR D 64 9.12 29.60 -7.64
CA TYR D 64 9.21 28.78 -8.83
C TYR D 64 10.18 29.40 -9.82
N GLY D 65 10.96 28.54 -10.48
CA GLY D 65 11.90 29.02 -11.48
C GLY D 65 12.82 27.96 -12.05
N PRO D 66 13.59 28.33 -13.06
CA PRO D 66 14.46 27.36 -13.75
C PRO D 66 15.62 26.95 -12.86
N PRO D 67 16.37 25.91 -13.25
CA PRO D 67 17.38 25.34 -12.36
C PRO D 67 18.46 26.35 -11.98
N GLY D 68 18.94 26.24 -10.74
CA GLY D 68 20.09 27.00 -10.29
C GLY D 68 19.91 28.50 -10.30
N THR D 69 18.76 28.99 -9.83
CA THR D 69 18.50 30.42 -9.78
C THR D 69 18.51 31.00 -8.38
N GLY D 70 18.65 30.17 -7.35
CA GLY D 70 18.78 30.64 -5.99
C GLY D 70 17.56 30.49 -5.11
N LYS D 71 16.72 29.49 -5.35
CA LYS D 71 15.50 29.32 -4.55
C LYS D 71 15.83 28.68 -3.20
N THR D 72 16.49 27.51 -3.22
CA THR D 72 16.88 26.85 -1.99
C THR D 72 17.81 27.73 -1.16
N SER D 73 18.77 28.37 -1.81
CA SER D 73 19.66 29.28 -1.10
C SER D 73 18.87 30.40 -0.43
N THR D 74 17.90 30.97 -1.16
CA THR D 74 17.12 32.07 -0.59
C THR D 74 16.34 31.62 0.63
N ILE D 75 15.69 30.46 0.56
CA ILE D 75 14.88 30.02 1.70
C ILE D 75 15.78 29.70 2.89
N LEU D 76 16.93 29.06 2.65
CA LEU D 76 17.83 28.75 3.75
C LEU D 76 18.35 30.04 4.40
N ALA D 77 18.73 31.03 3.59
CA ALA D 77 19.20 32.29 4.15
C ALA D 77 18.09 32.99 4.94
N LEU D 78 16.86 32.96 4.43
CA LEU D 78 15.75 33.59 5.14
C LEU D 78 15.54 32.92 6.50
N THR D 79 15.54 31.59 6.53
CA THR D 79 15.35 30.89 7.79
C THR D 79 16.47 31.21 8.78
N LYS D 80 17.72 31.21 8.30
CA LYS D 80 18.85 31.52 9.16
C LYS D 80 18.72 32.92 9.74
N GLU D 81 18.34 33.90 8.91
CA GLU D 81 18.20 35.27 9.41
C GLU D 81 17.04 35.38 10.38
N LEU D 82 15.94 34.66 10.14
CA LEU D 82 14.77 34.78 11.00
C LEU D 82 15.03 34.19 12.38
N TYR D 83 15.57 32.98 12.43
CA TYR D 83 15.66 32.24 13.69
C TYR D 83 17.06 32.16 14.26
N GLY D 84 18.03 31.72 13.47
CA GLY D 84 19.40 31.58 13.94
C GLY D 84 19.81 30.14 14.09
N PRO D 85 21.09 29.91 14.38
CA PRO D 85 21.60 28.52 14.42
C PRO D 85 20.87 27.63 15.41
N ASP D 86 20.49 28.16 16.57
CA ASP D 86 19.90 27.33 17.62
C ASP D 86 18.40 27.17 17.46
N LEU D 87 17.67 28.28 17.29
CA LEU D 87 16.21 28.21 17.23
C LEU D 87 15.73 27.49 15.99
N MET D 88 16.47 27.61 14.87
CA MET D 88 16.04 26.99 13.62
C MET D 88 15.70 25.52 13.81
N LYS D 89 16.50 24.81 14.59
CA LYS D 89 16.32 23.37 14.73
C LYS D 89 14.94 23.01 15.25
N SER D 90 14.26 23.94 15.92
CA SER D 90 12.92 23.69 16.44
C SER D 90 11.83 24.43 15.69
N ARG D 91 12.19 25.29 14.73
CA ARG D 91 11.21 26.08 14.01
C ARG D 91 11.13 25.76 12.52
N ILE D 92 11.93 24.81 12.04
CA ILE D 92 12.02 24.50 10.62
C ILE D 92 11.76 23.02 10.42
N LEU D 93 10.93 22.68 9.43
CA LEU D 93 10.75 21.31 8.98
C LEU D 93 10.94 21.27 7.47
N GLU D 94 12.00 20.62 7.01
CA GLU D 94 12.35 20.57 5.60
C GLU D 94 12.08 19.18 5.04
N LEU D 95 11.39 19.12 3.90
CA LEU D 95 11.17 17.87 3.17
C LEU D 95 11.42 18.13 1.69
N ASN D 96 12.04 17.15 1.03
CA ASN D 96 12.39 17.30 -0.38
C ASN D 96 12.12 15.97 -1.08
N ALA D 97 12.57 15.87 -2.33
CA ALA D 97 12.27 14.69 -3.14
C ALA D 97 12.92 13.43 -2.58
N SER D 98 14.03 13.57 -1.85
CA SER D 98 14.69 12.41 -1.27
C SER D 98 13.91 11.83 -0.09
N ASP D 99 12.88 12.51 0.39
CA ASP D 99 12.05 12.03 1.48
C ASP D 99 10.74 11.45 0.96
N GLU D 100 10.16 10.56 1.76
CA GLU D 100 8.84 10.05 1.45
C GLU D 100 7.79 11.13 1.73
N ARG D 101 6.95 11.40 0.74
CA ARG D 101 5.97 12.48 0.82
C ARG D 101 4.62 12.02 0.28
N GLY D 102 4.20 10.83 0.67
CA GLY D 102 2.90 10.32 0.29
C GLY D 102 1.78 11.02 1.04
N ILE D 103 0.54 10.66 0.68
CA ILE D 103 -0.62 11.29 1.28
C ILE D 103 -0.63 11.05 2.79
N SER D 104 -0.25 9.86 3.22
CA SER D 104 -0.20 9.57 4.65
C SER D 104 0.80 10.46 5.36
N ILE D 105 1.96 10.69 4.74
CA ILE D 105 2.96 11.58 5.34
C ILE D 105 2.39 12.98 5.49
N VAL D 106 1.75 13.49 4.43
CA VAL D 106 1.18 14.84 4.49
C VAL D 106 0.13 14.92 5.58
N ARG D 107 -0.70 13.89 5.72
CA ARG D 107 -1.80 13.92 6.66
C ARG D 107 -1.36 13.69 8.11
N GLU D 108 -0.19 13.10 8.33
CA GLU D 108 0.26 12.82 9.69
C GLU D 108 1.44 13.69 10.11
N LYS D 109 2.58 13.60 9.44
CA LYS D 109 3.79 14.26 9.92
C LYS D 109 3.74 15.76 9.70
N VAL D 110 3.40 16.18 8.48
CA VAL D 110 3.30 17.60 8.17
C VAL D 110 2.22 18.24 9.02
N LYS D 111 1.07 17.56 9.16
CA LYS D 111 -0.02 18.09 9.97
C LYS D 111 0.40 18.23 11.44
N ASN D 112 1.10 17.22 11.97
CA ASN D 112 1.54 17.28 13.35
C ASN D 112 2.50 18.44 13.57
N PHE D 113 3.46 18.61 12.67
CA PHE D 113 4.41 19.71 12.83
C PHE D 113 3.71 21.06 12.71
N ALA D 114 2.77 21.19 11.76
CA ALA D 114 2.05 22.45 11.59
C ALA D 114 1.23 22.79 12.83
N ARG D 115 0.75 21.79 13.54
CA ARG D 115 -0.02 22.00 14.76
C ARG D 115 0.84 22.17 16.00
N LEU D 116 2.15 21.97 15.89
CA LEU D 116 3.02 22.07 17.05
C LEU D 116 3.01 23.48 17.62
N THR D 117 3.03 23.58 18.95
CA THR D 117 3.12 24.87 19.59
C THR D 117 4.46 25.53 19.30
N VAL D 118 4.45 26.86 19.21
CA VAL D 118 5.66 27.60 18.92
C VAL D 118 6.61 27.49 20.10
N SER D 119 7.84 27.08 19.82
CA SER D 119 8.83 26.86 20.88
C SER D 119 9.27 28.18 21.49
N LYS D 120 9.60 28.12 22.78
CA LYS D 120 10.02 29.33 23.50
C LYS D 120 11.42 29.75 23.06
N PRO D 121 11.61 30.95 22.54
CA PRO D 121 12.97 31.42 22.27
C PRO D 121 13.72 31.71 23.56
N SER D 122 15.03 31.56 23.50
CA SER D 122 15.88 31.89 24.64
C SER D 122 16.19 33.38 24.64
N LYS D 123 16.73 33.86 25.78
CA LYS D 123 17.04 35.27 25.90
C LYS D 123 18.06 35.71 24.86
N HIS D 124 19.08 34.88 24.62
CA HIS D 124 20.07 35.19 23.60
C HIS D 124 19.41 35.27 22.22
N ASP D 125 18.53 34.33 21.91
CA ASP D 125 17.84 34.36 20.62
C ASP D 125 17.01 35.63 20.48
N LEU D 126 16.25 35.98 21.52
CA LEU D 126 15.42 37.18 21.46
C LEU D 126 16.27 38.43 21.27
N GLU D 127 17.39 38.52 21.98
CA GLU D 127 18.24 39.71 21.88
C GLU D 127 19.00 39.76 20.56
N ASN D 128 19.23 38.63 19.91
CA ASN D 128 20.05 38.58 18.71
C ASN D 128 19.26 38.44 17.41
N TYR D 129 18.05 37.87 17.46
CA TYR D 129 17.28 37.60 16.26
C TYR D 129 15.83 37.98 16.49
N PRO D 130 15.10 38.34 15.42
CA PRO D 130 13.69 38.72 15.60
C PRO D 130 12.83 37.63 16.18
N CYS D 131 13.07 36.37 15.82
CA CYS D 131 12.32 35.23 16.33
C CYS D 131 10.82 35.44 16.15
N PRO D 132 10.31 35.39 14.91
CA PRO D 132 8.87 35.53 14.72
C PRO D 132 8.14 34.37 15.36
N PRO D 133 6.88 34.60 15.80
CA PRO D 133 6.12 33.59 16.54
C PRO D 133 5.42 32.55 15.67
N TYR D 134 6.17 31.94 14.75
CA TYR D 134 5.63 30.85 13.95
C TYR D 134 6.78 30.00 13.42
N LYS D 135 6.44 28.80 12.99
CA LYS D 135 7.37 27.87 12.38
C LYS D 135 7.31 27.97 10.86
N ILE D 136 8.22 27.26 10.20
CA ILE D 136 8.28 27.24 8.74
C ILE D 136 8.41 25.79 8.28
N ILE D 137 7.57 25.40 7.31
CA ILE D 137 7.64 24.10 6.66
C ILE D 137 8.06 24.34 5.22
N ILE D 138 9.20 23.77 4.84
CA ILE D 138 9.75 23.91 3.50
C ILE D 138 9.52 22.60 2.76
N LEU D 139 8.88 22.68 1.59
CA LEU D 139 8.66 21.53 0.72
C LEU D 139 9.43 21.79 -0.57
N ASP D 140 10.72 21.43 -0.55
CA ASP D 140 11.54 21.57 -1.74
C ASP D 140 11.16 20.52 -2.78
N GLU D 141 11.33 20.88 -4.05
CA GLU D 141 10.93 20.02 -5.16
C GLU D 141 9.46 19.60 -5.01
N ALA D 142 8.61 20.57 -4.66
CA ALA D 142 7.21 20.28 -4.44
C ALA D 142 6.52 19.75 -5.68
N ASP D 143 7.06 20.03 -6.87
CA ASP D 143 6.45 19.56 -8.10
C ASP D 143 6.52 18.05 -8.27
N SER D 144 7.30 17.36 -7.43
CA SER D 144 7.34 15.89 -7.47
C SER D 144 6.21 15.25 -6.66
N MET D 145 5.48 16.02 -5.86
CA MET D 145 4.41 15.47 -5.05
C MET D 145 3.17 15.20 -5.89
N THR D 146 2.41 14.18 -5.50
CA THR D 146 1.21 13.82 -6.22
C THR D 146 0.11 14.86 -5.98
N ALA D 147 -0.88 14.84 -6.87
CA ALA D 147 -1.99 15.79 -6.77
C ALA D 147 -2.81 15.56 -5.50
N ASP D 148 -3.06 14.29 -5.16
CA ASP D 148 -3.82 14.01 -3.94
C ASP D 148 -3.07 14.46 -2.70
N ALA D 149 -1.76 14.20 -2.64
CA ALA D 149 -0.96 14.67 -1.51
C ALA D 149 -0.99 16.19 -1.43
N GLN D 150 -0.92 16.87 -2.58
CA GLN D 150 -1.03 18.33 -2.59
C GLN D 150 -2.38 18.79 -2.05
N SER D 151 -3.46 18.11 -2.46
CA SER D 151 -4.78 18.46 -1.95
C SER D 151 -4.84 18.30 -0.44
N ALA D 152 -4.14 17.31 0.10
CA ALA D 152 -4.16 17.09 1.54
C ALA D 152 -3.57 18.26 2.33
N LEU D 153 -2.83 19.16 1.68
CA LEU D 153 -2.22 20.31 2.34
C LEU D 153 -3.14 21.53 2.41
N ARG D 154 -4.25 21.53 1.66
CA ARG D 154 -4.99 22.77 1.43
C ARG D 154 -5.50 23.38 2.73
N ARG D 155 -6.21 22.60 3.53
CA ARG D 155 -6.78 23.14 4.76
C ARG D 155 -5.79 23.15 5.91
N THR D 156 -4.76 22.30 5.87
CA THR D 156 -3.70 22.39 6.86
C THR D 156 -3.00 23.74 6.77
N MET D 157 -2.77 24.22 5.54
CA MET D 157 -2.10 25.51 5.39
C MET D 157 -2.96 26.65 5.94
N GLU D 158 -4.27 26.63 5.69
CA GLU D 158 -5.13 27.72 6.12
C GLU D 158 -5.39 27.67 7.63
N THR D 159 -5.66 26.48 8.17
CA THR D 159 -6.10 26.38 9.56
C THR D 159 -5.02 26.84 10.53
N TYR D 160 -3.76 26.48 10.27
CA TYR D 160 -2.66 26.72 11.19
C TYR D 160 -1.74 27.84 10.71
N SER D 161 -2.26 28.76 9.89
CA SER D 161 -1.44 29.86 9.40
C SER D 161 -1.00 30.79 10.53
N GLY D 162 -1.66 30.74 11.68
CA GLY D 162 -1.27 31.58 12.80
C GLY D 162 0.02 31.18 13.46
N VAL D 163 0.43 29.92 13.32
CA VAL D 163 1.66 29.42 13.93
C VAL D 163 2.58 28.74 12.93
N THR D 164 2.16 28.59 11.68
CA THR D 164 2.96 27.89 10.68
C THR D 164 2.84 28.59 9.33
N ARG D 165 3.94 28.63 8.60
CA ARG D 165 3.97 29.16 7.23
C ARG D 165 4.64 28.14 6.33
N PHE D 166 4.08 27.95 5.14
CA PHE D 166 4.56 26.96 4.19
C PHE D 166 5.36 27.64 3.09
N CYS D 167 6.40 26.95 2.63
CA CYS D 167 7.22 27.41 1.51
C CYS D 167 7.40 26.25 0.53
N LEU D 168 6.73 26.34 -0.61
CA LEU D 168 6.88 25.36 -1.68
C LEU D 168 7.88 25.90 -2.70
N ILE D 169 8.70 25.01 -3.26
CA ILE D 169 9.71 25.38 -4.23
C ILE D 169 9.62 24.42 -5.41
N CYS D 170 9.69 24.97 -6.62
CA CYS D 170 9.53 24.12 -7.81
C CYS D 170 10.19 24.74 -9.03
N ASN D 171 10.40 23.90 -10.03
CA ASN D 171 10.83 24.33 -11.35
C ASN D 171 9.69 24.42 -12.35
N TYR D 172 8.68 23.56 -12.22
CA TYR D 172 7.52 23.54 -13.12
C TYR D 172 6.30 23.91 -12.29
N VAL D 173 5.86 25.16 -12.41
CA VAL D 173 4.76 25.66 -11.59
C VAL D 173 3.45 24.97 -11.97
N THR D 174 3.30 24.56 -13.22
CA THR D 174 2.06 23.90 -13.64
C THR D 174 1.83 22.58 -12.90
N ARG D 175 2.88 22.00 -12.31
CA ARG D 175 2.72 20.77 -11.54
C ARG D 175 2.07 21.01 -10.19
N ILE D 176 1.98 22.25 -9.72
CA ILE D 176 1.32 22.58 -8.48
C ILE D 176 -0.16 22.77 -8.76
N ILE D 177 -1.01 22.09 -7.99
CA ILE D 177 -2.44 22.19 -8.20
C ILE D 177 -2.91 23.63 -7.96
N ASP D 178 -3.95 24.02 -8.69
CA ASP D 178 -4.40 25.41 -8.64
C ASP D 178 -4.77 25.88 -7.24
N PRO D 179 -5.47 25.11 -6.41
CA PRO D 179 -5.78 25.60 -5.05
C PRO D 179 -4.53 25.95 -4.24
N LEU D 180 -3.48 25.14 -4.34
CA LEU D 180 -2.26 25.45 -3.59
C LEU D 180 -1.59 26.71 -4.12
N ALA D 181 -1.56 26.88 -5.44
CA ALA D 181 -0.99 28.10 -6.01
C ALA D 181 -1.78 29.32 -5.58
N SER D 182 -3.11 29.21 -5.51
CA SER D 182 -3.94 30.31 -5.04
C SER D 182 -3.63 30.62 -3.58
N ARG D 183 -3.44 29.59 -2.75
CA ARG D 183 -3.18 29.82 -1.34
C ARG D 183 -1.83 30.49 -1.10
N CYS D 184 -0.86 30.26 -1.97
CA CYS D 184 0.51 30.72 -1.76
C CYS D 184 0.79 31.98 -2.57
N SER D 185 1.46 32.94 -1.94
CA SER D 185 1.99 34.08 -2.67
C SER D 185 3.15 33.62 -3.55
N LYS D 186 3.13 33.99 -4.82
CA LYS D 186 4.03 33.43 -5.81
C LYS D 186 5.24 34.33 -6.02
N PHE D 187 6.42 33.72 -6.10
CA PHE D 187 7.66 34.42 -6.40
C PHE D 187 8.37 33.67 -7.53
N ARG D 188 8.54 34.36 -8.66
CA ARG D 188 9.22 33.80 -9.81
C ARG D 188 10.68 34.21 -9.78
N PHE D 189 11.57 33.23 -9.77
CA PHE D 189 13.00 33.48 -9.81
C PHE D 189 13.45 33.58 -11.27
N LYS D 190 14.08 34.70 -11.61
CA LYS D 190 14.46 34.96 -12.99
C LYS D 190 15.73 34.19 -13.37
N ALA D 191 15.92 34.02 -14.67
CA ALA D 191 17.12 33.37 -15.18
C ALA D 191 18.33 34.25 -14.93
N LEU D 192 19.45 33.63 -14.58
CA LEU D 192 20.70 34.33 -14.30
C LEU D 192 21.57 34.31 -15.54
N ASP D 193 21.82 35.47 -16.12
CA ASP D 193 22.54 35.61 -17.37
C ASP D 193 23.72 36.55 -17.19
N ALA D 194 24.37 36.90 -18.29
CA ALA D 194 25.56 37.73 -18.25
C ALA D 194 25.28 39.16 -17.81
N SER D 195 24.01 39.57 -17.74
CA SER D 195 23.67 40.95 -17.39
C SER D 195 23.36 41.12 -15.91
N ASN D 196 22.77 40.12 -15.25
CA ASN D 196 22.35 40.26 -13.87
C ASN D 196 23.16 39.43 -12.88
N ALA D 197 23.99 38.50 -13.34
CA ALA D 197 24.76 37.63 -12.46
C ALA D 197 26.26 37.75 -12.68
N ILE D 198 26.71 38.74 -13.47
CA ILE D 198 28.13 38.85 -13.76
C ILE D 198 28.91 39.24 -12.50
N ASP D 199 28.33 40.10 -11.66
CA ASP D 199 29.05 40.60 -10.50
C ASP D 199 29.40 39.48 -9.53
N ARG D 200 28.43 38.58 -9.28
CA ARG D 200 28.70 37.47 -8.35
C ARG D 200 29.79 36.55 -8.89
N LEU D 201 29.73 36.23 -10.19
CA LEU D 201 30.75 35.37 -10.78
C LEU D 201 32.13 36.03 -10.74
N ARG D 202 32.18 37.34 -11.00
CA ARG D 202 33.45 38.05 -10.94
C ARG D 202 34.00 38.06 -9.51
N PHE D 203 33.12 38.24 -8.53
CA PHE D 203 33.56 38.18 -7.14
C PHE D 203 34.10 36.80 -6.80
N ILE D 204 33.43 35.75 -7.25
CA ILE D 204 33.91 34.39 -6.98
C ILE D 204 35.26 34.17 -7.62
N SER D 205 35.43 34.63 -8.87
CA SER D 205 36.71 34.47 -9.55
C SER D 205 37.81 35.22 -8.82
N GLU D 206 37.52 36.43 -8.36
CA GLU D 206 38.52 37.22 -7.63
C GLU D 206 38.90 36.54 -6.32
N GLN D 207 37.92 35.98 -5.60
CA GLN D 207 38.23 35.29 -4.35
C GLN D 207 39.18 34.13 -4.57
N GLU D 208 39.06 33.44 -5.71
CA GLU D 208 39.91 32.30 -6.02
C GLU D 208 41.10 32.67 -6.90
N ASN D 209 41.30 33.95 -7.20
CA ASN D 209 42.43 34.41 -8.01
C ASN D 209 42.48 33.69 -9.36
N VAL D 210 41.31 33.52 -9.97
CA VAL D 210 41.22 32.90 -11.29
C VAL D 210 41.51 33.97 -12.33
N LYS D 211 42.60 33.79 -13.07
CA LYS D 211 43.01 34.74 -14.11
C LYS D 211 42.40 34.29 -15.44
N CYS D 212 41.59 35.16 -16.04
CA CYS D 212 40.90 34.85 -17.28
C CYS D 212 40.95 36.05 -18.21
N ASP D 213 40.88 35.78 -19.51
CA ASP D 213 40.84 36.84 -20.50
C ASP D 213 39.53 37.61 -20.41
N ASP D 214 39.57 38.86 -20.85
CA ASP D 214 38.37 39.69 -20.84
C ASP D 214 37.28 39.03 -21.68
N GLY D 215 36.06 38.98 -21.12
CA GLY D 215 34.93 38.37 -21.79
C GLY D 215 34.72 36.91 -21.49
N VAL D 216 35.64 36.26 -20.78
CA VAL D 216 35.50 34.83 -20.49
C VAL D 216 34.31 34.59 -19.56
N LEU D 217 34.16 35.43 -18.53
CA LEU D 217 33.05 35.26 -17.60
C LEU D 217 31.71 35.43 -18.31
N GLU D 218 31.62 36.42 -19.20
CA GLU D 218 30.40 36.61 -19.98
C GLU D 218 30.12 35.40 -20.86
N ARG D 219 31.16 34.82 -21.46
CA ARG D 219 30.97 33.63 -22.27
C ARG D 219 30.46 32.47 -21.42
N ILE D 220 31.02 32.30 -20.21
CA ILE D 220 30.56 31.24 -19.33
C ILE D 220 29.09 31.44 -18.99
N LEU D 221 28.71 32.67 -18.67
CA LEU D 221 27.32 32.93 -18.32
C LEU D 221 26.39 32.70 -19.50
N ASP D 222 26.83 33.09 -20.70
CA ASP D 222 26.02 32.83 -21.90
C ASP D 222 25.84 31.34 -22.14
N ILE D 223 26.91 30.56 -21.95
CA ILE D 223 26.82 29.12 -22.16
C ILE D 223 25.90 28.48 -21.12
N SER D 224 25.98 28.95 -19.88
CA SER D 224 25.20 28.32 -18.81
C SER D 224 23.70 28.45 -19.06
N ALA D 225 23.27 29.50 -19.76
CA ALA D 225 21.88 29.68 -20.15
C ALA D 225 20.95 29.71 -18.93
N GLY D 226 21.16 30.72 -18.08
CA GLY D 226 20.29 30.96 -16.96
C GLY D 226 20.58 30.18 -15.70
N ASP D 227 21.68 29.43 -15.66
CA ASP D 227 22.02 28.57 -14.52
C ASP D 227 23.38 29.01 -13.97
N LEU D 228 23.37 29.68 -12.82
CA LEU D 228 24.63 30.15 -12.23
C LEU D 228 25.43 29.00 -11.64
N ARG D 229 24.76 27.93 -11.19
CA ARG D 229 25.49 26.77 -10.69
C ARG D 229 26.37 26.16 -11.76
N ARG D 230 25.83 26.02 -12.98
CA ARG D 230 26.62 25.49 -14.09
C ARG D 230 27.79 26.39 -14.42
N GLY D 231 27.57 27.72 -14.39
CA GLY D 231 28.66 28.64 -14.67
C GLY D 231 29.76 28.55 -13.63
N ILE D 232 29.39 28.42 -12.35
CA ILE D 232 30.40 28.31 -11.30
C ILE D 232 31.18 27.01 -11.46
N THR D 233 30.49 25.91 -11.78
CA THR D 233 31.18 24.64 -11.99
C THR D 233 32.15 24.75 -13.18
N LEU D 234 31.71 25.39 -14.26
CA LEU D 234 32.59 25.56 -15.42
C LEU D 234 33.81 26.40 -15.06
N LEU D 235 33.62 27.47 -14.30
CA LEU D 235 34.74 28.30 -13.88
C LEU D 235 35.71 27.50 -13.01
N GLN D 236 35.18 26.68 -12.12
CA GLN D 236 36.06 25.85 -11.28
C GLN D 236 36.85 24.85 -12.14
N SER D 237 36.20 24.25 -13.13
CA SER D 237 36.90 23.32 -14.00
C SER D 237 38.02 24.03 -14.77
N ALA D 238 37.74 25.23 -15.30
CA ALA D 238 38.76 25.98 -16.00
C ALA D 238 39.91 26.34 -15.07
N SER D 239 39.60 26.74 -13.84
CA SER D 239 40.65 27.07 -12.88
C SER D 239 41.51 25.86 -12.56
N LYS D 240 40.89 24.70 -12.39
CA LYS D 240 41.65 23.48 -12.13
C LYS D 240 42.58 23.16 -13.29
N GLY D 241 42.06 23.27 -14.52
CA GLY D 241 42.91 23.01 -15.68
C GLY D 241 44.08 23.97 -15.75
N ALA D 242 43.83 25.26 -15.52
CA ALA D 242 44.89 26.25 -15.56
C ALA D 242 45.93 25.98 -14.48
N GLN D 243 45.48 25.64 -13.27
CA GLN D 243 46.41 25.35 -12.18
C GLN D 243 47.26 24.12 -12.50
N TYR D 244 46.65 23.08 -13.05
CA TYR D 244 47.42 21.89 -13.41
C TYR D 244 48.46 22.22 -14.48
N LEU D 245 48.07 23.00 -15.49
CA LEU D 245 49.04 23.39 -16.52
C LEU D 245 50.17 24.21 -15.90
N GLY D 246 49.85 25.15 -15.03
CA GLY D 246 50.88 25.90 -14.32
C GLY D 246 51.78 26.70 -15.24
N ASP D 247 51.21 27.34 -16.25
CA ASP D 247 51.97 28.17 -17.18
C ASP D 247 51.85 29.66 -16.88
N GLY D 248 50.92 30.06 -16.01
CA GLY D 248 50.72 31.46 -15.70
C GLY D 248 49.90 32.23 -16.71
N LYS D 249 49.37 31.58 -17.73
CA LYS D 249 48.60 32.25 -18.76
C LYS D 249 47.13 32.33 -18.37
N ASN D 250 46.44 33.34 -18.92
CA ASN D 250 45.04 33.55 -18.61
C ASN D 250 44.17 32.54 -19.37
N ILE D 251 43.05 32.17 -18.74
CA ILE D 251 42.12 31.24 -19.37
C ILE D 251 41.50 31.90 -20.61
N THR D 252 41.18 31.08 -21.60
CA THR D 252 40.66 31.54 -22.87
C THR D 252 39.24 31.02 -23.09
N SER D 253 38.52 31.72 -23.97
CA SER D 253 37.14 31.32 -24.27
C SER D 253 37.10 29.97 -24.98
N THR D 254 38.13 29.64 -25.76
CA THR D 254 38.15 28.35 -26.44
C THR D 254 38.20 27.21 -25.43
N GLN D 255 39.02 27.36 -24.39
CA GLN D 255 39.08 26.32 -23.35
C GLN D 255 37.75 26.19 -22.64
N VAL D 256 37.09 27.30 -22.36
CA VAL D 256 35.78 27.26 -21.70
C VAL D 256 34.77 26.54 -22.59
N GLU D 257 34.77 26.85 -23.89
CA GLU D 257 33.86 26.18 -24.80
C GLU D 257 34.14 24.68 -24.85
N GLU D 258 35.42 24.29 -24.91
CA GLU D 258 35.76 22.88 -24.94
C GLU D 258 35.29 22.18 -23.67
N LEU D 259 35.49 22.81 -22.51
CA LEU D 259 35.04 22.22 -21.25
C LEU D 259 33.53 22.14 -21.17
N ALA D 260 32.82 23.08 -21.80
CA ALA D 260 31.37 23.12 -21.74
C ALA D 260 30.70 22.16 -22.72
N GLY D 261 31.46 21.52 -23.60
CA GLY D 261 30.88 20.62 -24.57
C GLY D 261 30.30 21.30 -25.79
N VAL D 262 30.75 22.51 -26.11
CA VAL D 262 30.28 23.23 -27.27
C VAL D 262 30.96 22.68 -28.51
N VAL D 263 30.18 22.36 -29.54
CA VAL D 263 30.76 21.86 -30.78
C VAL D 263 31.62 22.93 -31.41
N PRO D 264 32.84 22.64 -31.88
CA PRO D 264 33.65 23.66 -32.53
C PRO D 264 32.96 24.21 -33.77
N HIS D 265 33.25 25.49 -34.05
CA HIS D 265 32.58 26.17 -35.16
C HIS D 265 32.82 25.45 -36.48
N ASP D 266 34.01 24.89 -36.67
CA ASP D 266 34.31 24.22 -37.94
C ASP D 266 33.42 22.99 -38.13
N ILE D 267 33.16 22.24 -37.06
CA ILE D 267 32.29 21.08 -37.16
C ILE D 267 30.87 21.49 -37.52
N LEU D 268 30.38 22.57 -36.89
CA LEU D 268 29.05 23.08 -37.21
C LEU D 268 28.98 23.53 -38.67
N ILE D 269 30.04 24.18 -39.15
CA ILE D 269 30.06 24.61 -40.55
C ILE D 269 30.03 23.40 -41.48
N GLU D 270 30.78 22.35 -41.13
CA GLU D 270 30.75 21.14 -41.94
C GLU D 270 29.36 20.54 -41.97
N ILE D 271 28.68 20.50 -40.83
CA ILE D 271 27.32 19.99 -40.79
C ILE D 271 26.41 20.84 -41.67
N VAL D 272 26.57 22.16 -41.61
CA VAL D 272 25.72 23.06 -42.40
C VAL D 272 25.94 22.83 -43.88
N GLU D 273 27.20 22.69 -44.31
CA GLU D 273 27.47 22.41 -45.71
C GLU D 273 26.90 21.06 -46.13
N LYS D 274 27.00 20.05 -45.27
CA LYS D 274 26.41 18.76 -45.60
C LYS D 274 24.90 18.87 -45.77
N VAL D 275 24.24 19.61 -44.88
CA VAL D 275 22.80 19.80 -45.01
C VAL D 275 22.47 20.55 -46.30
N LYS D 276 23.27 21.57 -46.63
CA LYS D 276 23.05 22.31 -47.87
C LYS D 276 23.22 21.43 -49.10
N SER D 277 24.14 20.46 -49.04
CA SER D 277 24.34 19.58 -50.19
C SER D 277 23.07 18.80 -50.52
N GLY D 278 22.37 18.31 -49.49
CA GLY D 278 21.10 17.65 -49.68
C GLY D 278 21.16 16.19 -50.05
N ASP D 279 22.34 15.56 -49.98
CA ASP D 279 22.48 14.14 -50.29
C ASP D 279 22.25 13.35 -49.01
N PHE D 280 21.26 12.46 -49.04
CA PHE D 280 20.90 11.71 -47.85
C PHE D 280 22.05 10.82 -47.37
N ASP D 281 22.73 10.15 -48.31
CA ASP D 281 23.77 9.20 -47.92
C ASP D 281 24.96 9.91 -47.27
N GLU D 282 25.39 11.04 -47.85
CA GLU D 282 26.50 11.78 -47.26
C GLU D 282 26.14 12.29 -45.88
N ILE D 283 24.92 12.81 -45.72
CA ILE D 283 24.49 13.27 -44.41
C ILE D 283 24.49 12.12 -43.41
N LYS D 284 24.00 10.96 -43.83
CA LYS D 284 23.97 9.80 -42.94
C LYS D 284 25.37 9.41 -42.50
N LYS D 285 26.32 9.34 -43.45
CA LYS D 285 27.68 8.97 -43.11
C LYS D 285 28.31 9.99 -42.17
N TYR D 286 28.13 11.28 -42.48
CA TYR D 286 28.73 12.31 -41.65
C TYR D 286 28.15 12.28 -40.23
N VAL D 287 26.84 12.07 -40.10
CA VAL D 287 26.23 12.00 -38.79
C VAL D 287 26.73 10.77 -38.03
N ASN D 288 26.87 9.64 -38.72
CA ASN D 288 27.37 8.44 -38.06
C ASN D 288 28.77 8.67 -37.52
N THR D 289 29.63 9.33 -38.30
CA THR D 289 30.97 9.64 -37.81
C THR D 289 30.93 10.66 -36.69
N PHE D 290 30.03 11.65 -36.78
CA PHE D 290 29.97 12.73 -35.81
C PHE D 290 29.53 12.22 -34.44
N MET D 291 28.54 11.32 -34.41
CA MET D 291 28.06 10.82 -33.12
C MET D 291 29.09 9.99 -32.38
N LYS D 292 30.18 9.57 -33.03
CA LYS D 292 31.24 8.86 -32.32
C LYS D 292 31.91 9.76 -31.29
N SER D 293 32.00 11.06 -31.57
CA SER D 293 32.65 11.97 -30.64
C SER D 293 31.89 12.09 -29.32
N GLY D 294 30.58 11.86 -29.34
CA GLY D 294 29.78 11.92 -28.14
C GLY D 294 29.14 13.26 -27.85
N TRP D 295 29.10 14.16 -28.82
CA TRP D 295 28.46 15.46 -28.60
C TRP D 295 27.01 15.29 -28.20
N SER D 296 26.58 16.07 -27.21
CA SER D 296 25.18 16.03 -26.78
C SER D 296 24.30 16.66 -27.84
N ALA D 297 23.20 15.98 -28.18
CA ALA D 297 22.32 16.46 -29.25
C ALA D 297 21.71 17.81 -28.91
N ALA D 298 21.42 18.06 -27.63
CA ALA D 298 20.81 19.33 -27.25
C ALA D 298 21.71 20.50 -27.62
N SER D 299 23.01 20.39 -27.34
CA SER D 299 23.93 21.48 -27.67
C SER D 299 24.00 21.70 -29.18
N VAL D 300 24.04 20.62 -29.96
CA VAL D 300 24.09 20.75 -31.41
C VAL D 300 22.83 21.42 -31.92
N VAL D 301 21.67 21.04 -31.39
CA VAL D 301 20.41 21.64 -31.83
C VAL D 301 20.38 23.12 -31.48
N ASN D 302 20.85 23.47 -30.27
CA ASN D 302 20.88 24.87 -29.88
C ASN D 302 21.79 25.69 -30.78
N GLN D 303 22.97 25.15 -31.10
CA GLN D 303 23.89 25.86 -31.98
C GLN D 303 23.32 26.00 -33.38
N LEU D 304 22.64 24.96 -33.89
CA LEU D 304 22.02 25.05 -35.20
C LEU D 304 20.91 26.08 -35.21
N HIS D 305 20.12 26.15 -34.14
CA HIS D 305 19.09 27.18 -34.05
C HIS D 305 19.71 28.57 -34.07
N GLU D 306 20.76 28.76 -33.29
CA GLU D 306 21.43 30.07 -33.27
C GLU D 306 21.96 30.43 -34.65
N TYR D 307 22.56 29.45 -35.34
CA TYR D 307 23.13 29.72 -36.66
C TYR D 307 22.05 30.07 -37.67
N TYR D 308 21.00 29.26 -37.76
CA TYR D 308 20.01 29.44 -38.82
C TYR D 308 19.08 30.62 -38.56
N ILE D 309 18.61 30.78 -37.32
CA ILE D 309 17.62 31.81 -37.04
C ILE D 309 18.22 33.21 -37.23
N THR D 310 19.49 33.38 -36.89
CA THR D 310 20.15 34.68 -37.02
C THR D 310 20.82 34.88 -38.37
N ASN D 311 20.70 33.93 -39.29
CA ASN D 311 21.30 34.07 -40.61
C ASN D 311 20.43 34.95 -41.50
N ASP D 312 21.07 35.86 -42.23
CA ASP D 312 20.39 36.78 -43.11
C ASP D 312 20.28 36.28 -44.55
N ASN D 313 20.78 35.09 -44.84
CA ASN D 313 20.77 34.53 -46.18
C ASN D 313 19.56 33.66 -46.45
N PHE D 314 18.62 33.55 -45.51
CA PHE D 314 17.45 32.71 -45.66
C PHE D 314 16.18 33.56 -45.57
N ASP D 315 15.11 33.03 -46.16
CA ASP D 315 13.85 33.76 -46.27
C ASP D 315 12.93 33.46 -45.09
N THR D 316 11.81 34.19 -45.05
CA THR D 316 10.89 34.08 -43.92
C THR D 316 10.27 32.69 -43.84
N ASN D 317 9.85 32.12 -44.97
CA ASN D 317 9.23 30.81 -44.96
C ASN D 317 10.20 29.75 -44.45
N PHE D 318 11.46 29.81 -44.92
CA PHE D 318 12.47 28.88 -44.43
C PHE D 318 12.64 29.01 -42.93
N LYS D 319 12.69 30.24 -42.42
CA LYS D 319 12.89 30.43 -40.99
C LYS D 319 11.70 29.92 -40.18
N ASN D 320 10.48 30.15 -40.65
CA ASN D 320 9.32 29.61 -39.95
C ASN D 320 9.37 28.09 -39.90
N GLN D 321 9.63 27.45 -41.06
CA GLN D 321 9.65 25.99 -41.10
C GLN D 321 10.76 25.44 -40.22
N ILE D 322 11.95 26.04 -40.27
CA ILE D 322 13.07 25.53 -39.48
C ILE D 322 12.82 25.77 -37.99
N SER D 323 12.19 26.88 -37.63
CA SER D 323 11.85 27.09 -36.22
C SER D 323 10.92 26.01 -35.72
N TRP D 324 9.88 25.67 -36.50
CA TRP D 324 8.99 24.60 -36.07
C TRP D 324 9.71 23.27 -36.00
N LEU D 325 10.58 22.98 -36.98
CA LEU D 325 11.32 21.72 -36.95
C LEU D 325 12.22 21.63 -35.73
N LEU D 326 12.93 22.71 -35.41
CA LEU D 326 13.81 22.73 -34.24
C LEU D 326 13.00 22.57 -32.97
N PHE D 327 11.84 23.21 -32.88
CA PHE D 327 10.99 23.05 -31.71
C PHE D 327 10.56 21.60 -31.54
N THR D 328 10.13 20.97 -32.63
CA THR D 328 9.71 19.57 -32.55
C THR D 328 10.86 18.66 -32.11
N THR D 329 12.04 18.87 -32.70
CA THR D 329 13.19 18.04 -32.34
C THR D 329 13.58 18.26 -30.89
N ASP D 330 13.57 19.50 -30.42
CA ASP D 330 13.93 19.78 -29.03
C ASP D 330 12.95 19.15 -28.07
N SER D 331 11.65 19.22 -28.39
CA SER D 331 10.65 18.56 -27.54
C SER D 331 10.88 17.06 -27.50
N ARG D 332 11.14 16.45 -28.65
CA ARG D 332 11.38 15.01 -28.69
C ARG D 332 12.61 14.64 -27.87
N LEU D 333 13.69 15.43 -27.99
CA LEU D 333 14.88 15.16 -27.18
C LEU D 333 14.59 15.31 -25.70
N ASN D 334 13.85 16.35 -25.32
CA ASN D 334 13.47 16.53 -23.92
C ASN D 334 12.68 15.34 -23.42
N ASN D 335 11.95 14.66 -24.31
CA ASN D 335 11.25 13.44 -23.91
C ASN D 335 12.20 12.28 -23.64
N GLY D 336 13.49 12.42 -23.97
CA GLY D 336 14.46 11.37 -23.68
C GLY D 336 14.55 10.33 -24.78
N THR D 337 14.83 10.78 -26.00
CA THR D 337 14.85 9.93 -27.18
C THR D 337 16.28 9.67 -27.63
N ASN D 338 16.42 8.73 -28.56
CA ASN D 338 17.73 8.43 -29.13
C ASN D 338 18.28 9.63 -29.88
N GLU D 339 19.47 10.09 -29.49
CA GLU D 339 20.02 11.32 -30.06
C GLU D 339 20.35 11.15 -31.53
N HIS D 340 20.91 10.01 -31.91
CA HIS D 340 21.32 9.80 -33.30
C HIS D 340 20.13 9.90 -34.25
N ILE D 341 19.04 9.20 -33.92
CA ILE D 341 17.86 9.19 -34.80
C ILE D 341 17.29 10.60 -34.93
N GLN D 342 17.10 11.28 -33.80
CA GLN D 342 16.50 12.61 -33.84
C GLN D 342 17.38 13.59 -34.61
N LEU D 343 18.69 13.55 -34.39
CA LEU D 343 19.58 14.44 -35.10
C LEU D 343 19.56 14.18 -36.60
N LEU D 344 19.60 12.91 -37.00
CA LEU D 344 19.56 12.59 -38.43
C LEU D 344 18.25 13.05 -39.05
N ASN D 345 17.13 12.82 -38.36
CA ASN D 345 15.84 13.26 -38.88
C ASN D 345 15.80 14.78 -39.05
N LEU D 346 16.28 15.51 -38.05
CA LEU D 346 16.28 16.97 -38.14
C LEU D 346 17.14 17.44 -39.30
N LEU D 347 18.33 16.86 -39.46
CA LEU D 347 19.22 17.29 -40.53
C LEU D 347 18.61 16.99 -41.90
N VAL D 348 18.00 15.81 -42.04
CA VAL D 348 17.35 15.48 -43.32
C VAL D 348 16.21 16.45 -43.60
N LYS D 349 15.39 16.75 -42.59
CA LYS D 349 14.28 17.67 -42.78
C LYS D 349 14.77 19.03 -43.21
N ILE D 350 15.82 19.54 -42.56
CA ILE D 350 16.36 20.84 -42.95
C ILE D 350 16.91 20.78 -44.37
N SER D 351 17.51 19.65 -44.74
CA SER D 351 18.04 19.51 -46.09
C SER D 351 16.93 19.54 -47.14
N GLN D 352 15.76 18.98 -46.82
CA GLN D 352 14.65 19.00 -47.77
C GLN D 352 13.95 20.35 -47.85
N LEU D 353 14.25 21.28 -46.95
CA LEU D 353 13.63 22.61 -47.01
C LEU D 353 14.10 23.35 -48.25
N MET E 1 42.02 -18.20 -18.85
CA MET E 1 42.26 -16.96 -18.06
C MET E 1 41.13 -15.95 -18.29
N SER E 2 41.34 -14.73 -17.82
CA SER E 2 40.35 -13.68 -18.00
C SER E 2 40.26 -13.27 -19.46
N LEU E 3 39.09 -12.77 -19.85
CA LEU E 3 38.90 -12.30 -21.22
C LEU E 3 39.84 -11.14 -21.52
N TRP E 4 40.29 -11.06 -22.78
CA TRP E 4 41.23 -10.02 -23.16
C TRP E 4 40.67 -8.62 -22.93
N VAL E 5 39.35 -8.49 -22.87
CA VAL E 5 38.77 -7.19 -22.52
C VAL E 5 39.22 -6.77 -21.13
N ASP E 6 39.22 -7.69 -20.17
CA ASP E 6 39.65 -7.38 -18.82
C ASP E 6 41.13 -7.67 -18.56
N LYS E 7 41.73 -8.58 -19.34
CA LYS E 7 43.11 -8.95 -19.10
C LYS E 7 44.05 -7.75 -19.28
N TYR E 8 43.82 -6.96 -20.34
CA TYR E 8 44.68 -5.83 -20.66
C TYR E 8 44.00 -4.50 -20.30
N ARG E 9 43.17 -4.50 -19.28
CA ARG E 9 42.50 -3.28 -18.85
C ARG E 9 43.51 -2.32 -18.23
N PRO E 10 43.64 -1.10 -18.72
CA PRO E 10 44.54 -0.15 -18.06
C PRO E 10 44.11 0.09 -16.62
N LYS E 11 45.11 0.22 -15.74
CA LYS E 11 44.87 0.37 -14.31
C LYS E 11 45.41 1.69 -13.76
N SER E 12 45.70 2.65 -14.63
CA SER E 12 46.22 3.94 -14.20
C SER E 12 45.99 4.96 -15.30
N LEU E 13 46.01 6.23 -14.91
CA LEU E 13 45.85 7.31 -15.88
C LEU E 13 46.99 7.32 -16.89
N ASN E 14 48.23 7.10 -16.41
CA ASN E 14 49.37 7.09 -17.30
C ASN E 14 49.36 5.91 -18.26
N ALA E 15 48.55 4.88 -17.99
CA ALA E 15 48.47 3.73 -18.87
C ALA E 15 47.50 3.93 -20.03
N LEU E 16 46.76 5.04 -20.04
CA LEU E 16 45.83 5.30 -21.14
C LEU E 16 46.61 5.56 -22.43
N SER E 17 45.94 5.31 -23.56
CA SER E 17 46.60 5.35 -24.86
C SER E 17 45.76 5.98 -25.96
N HIS E 18 44.57 6.49 -25.67
CA HIS E 18 43.77 7.20 -26.67
C HIS E 18 43.01 8.31 -25.98
N ASN E 19 42.70 9.36 -26.74
CA ASN E 19 42.07 10.57 -26.21
C ASN E 19 42.96 11.18 -25.12
N GLU E 20 44.15 11.63 -25.55
CA GLU E 20 45.12 12.17 -24.60
C GLU E 20 44.61 13.42 -23.91
N GLU E 21 43.80 14.24 -24.60
CA GLU E 21 43.27 15.44 -23.97
C GLU E 21 42.38 15.09 -22.78
N LEU E 22 41.56 14.06 -22.92
CA LEU E 22 40.72 13.62 -21.81
C LEU E 22 41.59 13.12 -20.65
N THR E 23 42.67 12.40 -20.97
CA THR E 23 43.58 11.94 -19.92
C THR E 23 44.20 13.11 -19.19
N ASN E 24 44.63 14.15 -19.92
CA ASN E 24 45.20 15.33 -19.28
C ASN E 24 44.18 16.03 -18.40
N PHE E 25 42.94 16.13 -18.87
CA PHE E 25 41.90 16.76 -18.06
C PHE E 25 41.65 15.96 -16.78
N LEU E 26 41.59 14.63 -16.89
CA LEU E 26 41.40 13.79 -15.71
C LEU E 26 42.56 13.95 -14.74
N LYS E 27 43.79 14.02 -15.25
CA LYS E 27 44.94 14.22 -14.39
C LYS E 27 44.85 15.57 -13.68
N SER E 28 44.42 16.60 -14.39
CA SER E 28 44.23 17.91 -13.76
C SER E 28 43.18 17.85 -12.67
N LEU E 29 42.13 17.03 -12.87
CA LEU E 29 41.13 16.88 -11.83
C LEU E 29 41.70 16.26 -10.57
N SER E 30 42.69 15.38 -10.71
CA SER E 30 43.26 14.65 -9.57
C SER E 30 44.38 15.42 -8.87
N ASP E 31 44.74 16.60 -9.36
CA ASP E 31 45.81 17.36 -8.72
C ASP E 31 45.42 17.76 -7.30
N GLN E 32 44.22 18.33 -7.13
CA GLN E 32 43.71 18.75 -5.83
C GLN E 32 42.31 18.16 -5.68
N PRO E 33 42.20 16.86 -5.37
CA PRO E 33 40.88 16.21 -5.33
C PRO E 33 40.04 16.59 -4.12
N ARG E 34 40.52 17.48 -3.24
CA ARG E 34 39.75 17.82 -2.06
C ARG E 34 38.42 18.48 -2.44
N ASP E 35 38.44 19.39 -3.41
CA ASP E 35 37.24 20.08 -3.87
C ASP E 35 36.71 19.52 -5.18
N LEU E 36 36.85 18.21 -5.40
CA LEU E 36 36.38 17.59 -6.62
C LEU E 36 34.86 17.68 -6.69
N PRO E 37 34.28 18.28 -7.72
CA PRO E 37 32.82 18.29 -7.85
C PRO E 37 32.29 16.94 -8.32
N HIS E 38 30.97 16.80 -8.24
CA HIS E 38 30.32 15.63 -8.80
C HIS E 38 30.56 15.57 -10.30
N LEU E 39 30.77 14.37 -10.81
CA LEU E 39 31.14 14.17 -12.21
C LEU E 39 30.06 13.38 -12.94
N LEU E 40 29.86 13.71 -14.21
CA LEU E 40 28.95 12.99 -15.10
C LEU E 40 29.69 12.77 -16.42
N LEU E 41 30.17 11.55 -16.64
CA LEU E 41 30.86 11.19 -17.86
C LEU E 41 29.83 10.63 -18.84
N TYR E 42 29.75 11.24 -20.03
CA TYR E 42 28.83 10.79 -21.06
C TYR E 42 29.61 10.49 -22.34
N GLY E 43 29.24 9.38 -22.98
CA GLY E 43 29.85 9.02 -24.24
C GLY E 43 29.37 7.70 -24.80
N PRO E 44 29.76 7.39 -26.04
CA PRO E 44 29.28 6.16 -26.68
C PRO E 44 29.68 4.93 -25.88
N ASN E 45 28.81 3.93 -25.92
CA ASN E 45 29.02 2.72 -25.14
C ASN E 45 30.30 2.00 -25.56
N GLY E 46 31.03 1.50 -24.58
CA GLY E 46 32.24 0.74 -24.83
C GLY E 46 33.45 1.55 -25.22
N THR E 47 33.48 2.84 -24.89
CA THR E 47 34.61 3.70 -25.23
C THR E 47 35.65 3.79 -24.12
N GLY E 48 35.36 3.28 -22.92
CA GLY E 48 36.31 3.30 -21.84
C GLY E 48 36.00 4.32 -20.76
N LYS E 49 34.71 4.57 -20.51
CA LYS E 49 34.31 5.53 -19.48
C LYS E 49 34.53 4.96 -18.09
N LYS E 50 34.11 3.71 -17.86
CA LYS E 50 34.33 3.08 -16.56
C LYS E 50 35.81 2.92 -16.27
N THR E 51 36.60 2.57 -17.30
CA THR E 51 38.03 2.44 -17.12
C THR E 51 38.65 3.76 -16.68
N ARG E 52 38.24 4.87 -17.30
CA ARG E 52 38.78 6.17 -16.91
C ARG E 52 38.33 6.58 -15.52
N CYS E 53 37.08 6.27 -15.16
CA CYS E 53 36.63 6.56 -13.81
C CYS E 53 37.45 5.80 -12.78
N MET E 54 37.72 4.51 -13.05
CA MET E 54 38.54 3.72 -12.14
C MET E 54 39.97 4.24 -12.09
N ALA E 55 40.50 4.70 -13.23
CA ALA E 55 41.85 5.27 -13.23
C ALA E 55 41.90 6.53 -12.38
N LEU E 56 40.88 7.38 -12.47
CA LEU E 56 40.84 8.57 -11.63
C LEU E 56 40.75 8.21 -10.16
N LEU E 57 39.92 7.21 -9.83
CA LEU E 57 39.83 6.77 -8.43
C LEU E 57 41.16 6.21 -7.95
N GLU E 58 41.86 5.46 -8.80
CA GLU E 58 43.16 4.92 -8.43
C GLU E 58 44.15 6.05 -8.17
N SER E 59 44.15 7.07 -9.04
CA SER E 59 45.05 8.20 -8.84
C SER E 59 44.74 8.93 -7.54
N ILE E 60 43.46 9.08 -7.21
CA ILE E 60 43.10 9.79 -5.99
C ILE E 60 43.48 8.97 -4.75
N PHE E 61 43.18 7.67 -4.76
CA PHE E 61 43.39 6.80 -3.60
C PHE E 61 44.55 5.84 -3.77
N GLY E 62 44.58 5.07 -4.86
CA GLY E 62 45.62 4.10 -5.07
C GLY E 62 45.10 2.83 -5.70
N PRO E 63 45.98 1.85 -5.93
CA PRO E 63 45.55 0.61 -6.59
C PRO E 63 44.48 -0.15 -5.82
N GLY E 64 44.33 0.09 -4.52
CA GLY E 64 43.34 -0.64 -3.74
C GLY E 64 41.92 -0.45 -4.21
N VAL E 65 41.66 0.58 -5.01
CA VAL E 65 40.33 0.78 -5.56
C VAL E 65 39.92 -0.40 -6.42
N TYR E 66 40.90 -1.13 -6.98
CA TYR E 66 40.60 -2.25 -7.85
C TYR E 66 40.30 -3.54 -7.10
N ARG E 67 40.43 -3.54 -5.77
CA ARG E 67 40.07 -4.70 -4.96
C ARG E 67 38.59 -4.57 -4.62
N LEU E 68 37.75 -5.27 -5.36
CA LEU E 68 36.30 -5.12 -5.30
C LEU E 68 35.65 -6.37 -4.73
N LYS E 69 34.67 -6.17 -3.85
CA LYS E 69 33.83 -7.24 -3.34
C LYS E 69 32.37 -6.88 -3.61
N ILE E 70 31.50 -7.87 -3.42
CA ILE E 70 30.08 -7.74 -3.75
C ILE E 70 29.26 -8.08 -2.51
N ASP E 71 28.26 -7.24 -2.23
CA ASP E 71 27.32 -7.47 -1.15
C ASP E 71 25.90 -7.40 -1.71
N VAL E 72 24.95 -7.95 -0.96
CA VAL E 72 23.55 -7.95 -1.35
C VAL E 72 22.79 -7.12 -0.33
N ARG E 73 22.12 -6.07 -0.80
CA ARG E 73 21.31 -5.19 0.04
C ARG E 73 19.84 -5.46 -0.23
N GLN E 74 19.08 -5.70 0.83
CA GLN E 74 17.68 -6.06 0.72
C GLN E 74 16.80 -4.84 0.96
N PHE E 75 15.80 -4.66 0.08
CA PHE E 75 14.84 -3.57 0.19
C PHE E 75 13.43 -4.15 0.20
N VAL E 76 12.53 -3.42 0.85
CA VAL E 76 11.13 -3.81 0.96
C VAL E 76 10.27 -2.65 0.50
N THR E 77 9.33 -2.92 -0.41
CA THR E 77 8.45 -1.89 -0.94
C THR E 77 7.27 -1.67 0.00
N ALA E 78 6.36 -0.77 -0.40
CA ALA E 78 5.17 -0.52 0.41
C ALA E 78 4.28 -1.75 0.47
N SER E 79 4.16 -2.48 -0.64
CA SER E 79 3.35 -3.69 -0.70
C SER E 79 4.03 -4.90 -0.07
N ASN E 80 5.14 -4.70 0.62
CA ASN E 80 5.93 -5.74 1.29
C ASN E 80 6.78 -6.53 0.29
N ARG E 81 6.78 -6.16 -1.00
CA ARG E 81 7.58 -6.86 -1.98
C ARG E 81 9.06 -6.77 -1.62
N LYS E 82 9.66 -7.90 -1.26
CA LYS E 82 11.09 -7.95 -0.91
C LYS E 82 11.91 -8.18 -2.17
N LEU E 83 12.97 -7.39 -2.33
CA LEU E 83 13.86 -7.52 -3.48
C LEU E 83 15.26 -7.15 -3.05
N GLU E 84 16.22 -7.37 -3.94
CA GLU E 84 17.63 -7.25 -3.59
C GLU E 84 18.39 -6.49 -4.67
N LEU E 85 19.49 -5.86 -4.26
CA LEU E 85 20.38 -5.16 -5.16
C LEU E 85 21.82 -5.55 -4.85
N ASN E 86 22.65 -5.58 -5.89
CA ASN E 86 24.06 -5.89 -5.75
C ASN E 86 24.85 -4.60 -5.58
N VAL E 87 25.63 -4.52 -4.51
CA VAL E 87 26.46 -3.37 -4.20
C VAL E 87 27.91 -3.80 -4.33
N VAL E 88 28.62 -3.22 -5.29
CA VAL E 88 30.05 -3.48 -5.49
C VAL E 88 30.82 -2.44 -4.70
N SER E 89 31.67 -2.89 -3.78
CA SER E 89 32.35 -2.01 -2.85
C SER E 89 33.85 -2.26 -2.86
N SER E 90 34.60 -1.18 -2.72
CA SER E 90 36.04 -1.22 -2.50
C SER E 90 36.32 -0.45 -1.21
N PRO E 91 37.54 -0.49 -0.69
CA PRO E 91 37.83 0.24 0.56
C PRO E 91 37.64 1.74 0.45
N TYR E 92 37.65 2.30 -0.77
CA TYR E 92 37.55 3.74 -0.95
C TYR E 92 36.30 4.20 -1.69
N HIS E 93 35.58 3.31 -2.37
CA HIS E 93 34.45 3.73 -3.18
C HIS E 93 33.41 2.60 -3.26
N LEU E 94 32.21 2.99 -3.68
CA LEU E 94 31.09 2.06 -3.88
C LEU E 94 30.59 2.17 -5.32
N GLU E 95 29.99 1.09 -5.79
CA GLU E 95 29.45 1.01 -7.15
C GLU E 95 28.03 0.46 -7.08
N ILE E 96 27.09 1.14 -7.73
CA ILE E 96 25.71 0.69 -7.76
C ILE E 96 25.11 0.93 -9.14
N THR E 97 24.10 0.14 -9.48
CA THR E 97 23.34 0.26 -10.72
C THR E 97 21.87 0.25 -10.37
N PRO E 98 21.32 1.38 -9.91
CA PRO E 98 19.93 1.38 -9.44
C PRO E 98 18.93 0.97 -10.51
N SER E 99 19.25 1.17 -11.79
CA SER E 99 18.32 0.82 -12.85
C SER E 99 17.98 -0.66 -12.86
N ASP E 100 18.82 -1.50 -12.25
CA ASP E 100 18.51 -2.92 -12.15
C ASP E 100 17.20 -3.16 -11.40
N MET E 101 16.77 -2.19 -10.59
CA MET E 101 15.54 -2.29 -9.82
C MET E 101 14.35 -1.69 -10.54
N GLY E 102 14.52 -1.29 -11.81
CA GLY E 102 13.42 -0.77 -12.59
C GLY E 102 12.78 0.43 -11.92
N ASN E 103 11.45 0.41 -11.88
CA ASN E 103 10.71 1.53 -11.30
C ASN E 103 10.96 1.70 -9.81
N ASN E 104 11.57 0.72 -9.15
CA ASN E 104 11.91 0.83 -7.75
C ASN E 104 13.28 1.47 -7.53
N ASP E 105 13.95 1.90 -8.60
CA ASP E 105 15.27 2.50 -8.45
C ASP E 105 15.25 3.67 -7.46
N ARG E 106 14.15 4.43 -7.44
CA ARG E 106 14.07 5.57 -6.54
C ARG E 106 14.26 5.14 -5.09
N ILE E 107 13.73 3.98 -4.72
CA ILE E 107 13.90 3.48 -3.36
C ILE E 107 15.40 3.40 -3.04
N VAL E 108 16.18 2.87 -3.97
CA VAL E 108 17.63 2.76 -3.74
C VAL E 108 18.22 4.13 -3.45
N ILE E 109 17.76 5.15 -4.17
CA ILE E 109 18.27 6.50 -3.93
C ILE E 109 17.81 7.02 -2.57
N GLN E 110 16.58 6.69 -2.19
CA GLN E 110 16.00 7.28 -0.99
C GLN E 110 16.55 6.65 0.29
N GLU E 111 16.83 5.35 0.25
CA GLU E 111 17.25 4.62 1.45
C GLU E 111 18.76 4.39 1.49
N LEU E 112 19.31 3.73 0.47
CA LEU E 112 20.73 3.36 0.52
C LEU E 112 21.62 4.59 0.36
N LEU E 113 21.55 5.25 -0.80
CA LEU E 113 22.47 6.34 -1.07
C LEU E 113 22.40 7.42 0.01
N LYS E 114 21.18 7.83 0.36
CA LYS E 114 21.01 8.83 1.41
C LYS E 114 21.76 8.41 2.66
N GLU E 115 21.57 7.16 3.10
CA GLU E 115 22.27 6.70 4.29
C GLU E 115 23.78 6.81 4.09
N VAL E 116 24.27 6.38 2.93
CA VAL E 116 25.70 6.50 2.66
C VAL E 116 26.13 7.95 2.73
N ALA E 117 25.28 8.86 2.24
CA ALA E 117 25.61 10.27 2.31
C ALA E 117 25.57 10.79 3.73
N GLN E 118 24.70 10.22 4.58
CA GLN E 118 24.53 10.75 5.93
C GLN E 118 25.62 10.27 6.89
N MET E 119 26.16 9.08 6.66
CA MET E 119 27.17 8.52 7.56
C MET E 119 28.53 9.09 7.18
N GLU E 120 29.02 10.03 7.98
CA GLU E 120 30.33 10.60 7.74
C GLU E 120 31.42 9.58 7.99
N GLN E 121 32.42 9.55 7.11
CA GLN E 121 33.53 8.60 7.21
C GLN E 121 34.65 9.26 8.00
N VAL E 122 34.95 8.70 9.18
CA VAL E 122 36.01 9.19 10.04
C VAL E 122 36.89 8.01 10.44
N ASP E 123 38.15 8.31 10.75
CA ASP E 123 39.10 7.27 11.12
C ASP E 123 40.17 7.87 12.03
N PHE E 124 40.69 7.03 12.92
CA PHE E 124 41.79 7.46 13.78
C PHE E 124 43.03 7.73 12.95
N GLN E 125 43.70 8.85 13.25
CA GLN E 125 44.92 9.21 12.54
C GLN E 125 46.09 8.37 13.05
N ASP E 126 46.84 7.79 12.11
CA ASP E 126 47.94 6.91 12.48
C ASP E 126 49.04 7.68 13.21
N SER E 127 49.36 8.88 12.76
CA SER E 127 50.44 9.68 13.31
C SER E 127 49.95 10.91 14.06
N LYS E 128 49.15 11.76 13.41
CA LYS E 128 48.66 12.98 14.04
C LYS E 128 47.57 12.66 15.06
N ASP E 129 47.27 13.66 15.88
CA ASP E 129 46.22 13.55 16.89
C ASP E 129 44.88 13.98 16.32
N GLY E 130 43.82 13.32 16.76
CA GLY E 130 42.49 13.62 16.30
C GLY E 130 42.07 12.76 15.11
N LEU E 131 40.76 12.77 14.85
CA LEU E 131 40.22 11.98 13.76
C LEU E 131 40.48 12.66 12.41
N ALA E 132 40.38 11.87 11.35
CA ALA E 132 40.51 12.36 9.98
C ALA E 132 39.29 11.90 9.19
N HIS E 133 38.77 12.80 8.36
CA HIS E 133 37.56 12.54 7.59
C HIS E 133 37.88 12.54 6.09
N ARG E 134 37.24 11.63 5.37
CA ARG E 134 37.40 11.53 3.92
C ARG E 134 36.03 11.30 3.29
N TYR E 135 35.77 11.98 2.17
CA TYR E 135 34.51 11.79 1.49
C TYR E 135 34.49 10.44 0.77
N LYS E 136 33.30 9.85 0.69
CA LYS E 136 33.11 8.59 -0.01
C LYS E 136 32.78 8.84 -1.48
N CYS E 137 33.36 8.04 -2.35
CA CYS E 137 33.09 8.09 -3.78
C CYS E 137 32.04 7.02 -4.12
N VAL E 138 31.04 7.40 -4.90
CA VAL E 138 29.98 6.50 -5.32
C VAL E 138 29.83 6.60 -6.83
N ILE E 139 29.80 5.45 -7.50
CA ILE E 139 29.62 5.36 -8.95
C ILE E 139 28.21 4.85 -9.21
N ILE E 140 27.50 5.55 -10.10
CA ILE E 140 26.15 5.17 -10.51
C ILE E 140 26.24 4.75 -11.97
N ASN E 141 26.20 3.45 -12.22
CA ASN E 141 26.21 2.93 -13.57
C ASN E 141 24.84 3.12 -14.23
N GLU E 142 24.86 3.31 -15.55
CA GLU E 142 23.63 3.48 -16.32
C GLU E 142 22.76 4.58 -15.72
N ALA E 143 23.35 5.76 -15.56
CA ALA E 143 22.63 6.87 -14.94
C ALA E 143 21.42 7.28 -15.79
N ASN E 144 21.55 7.23 -17.11
CA ASN E 144 20.47 7.64 -18.00
C ASN E 144 19.24 6.75 -17.91
N SER E 145 19.36 5.57 -17.30
CA SER E 145 18.23 4.66 -17.15
C SER E 145 17.41 4.91 -15.89
N LEU E 146 17.83 5.85 -15.05
CA LEU E 146 17.08 6.16 -13.83
C LEU E 146 15.75 6.81 -14.17
N THR E 147 14.72 6.48 -13.41
CA THR E 147 13.44 7.16 -13.55
C THR E 147 13.56 8.59 -13.03
N LYS E 148 12.65 9.45 -13.50
CA LYS E 148 12.70 10.85 -13.11
C LYS E 148 12.59 11.03 -11.60
N ASP E 149 11.83 10.17 -10.93
CA ASP E 149 11.70 10.28 -9.48
C ASP E 149 13.03 10.05 -8.78
N ALA E 150 13.79 9.04 -9.20
CA ALA E 150 15.10 8.79 -8.61
C ALA E 150 16.05 9.96 -8.86
N GLN E 151 16.03 10.51 -10.07
CA GLN E 151 16.86 11.67 -10.37
C GLN E 151 16.49 12.85 -9.49
N ALA E 152 15.19 13.07 -9.27
CA ALA E 152 14.77 14.14 -8.37
C ALA E 152 15.26 13.89 -6.95
N ALA E 153 15.17 12.63 -6.49
CA ALA E 153 15.63 12.30 -5.14
C ALA E 153 17.13 12.51 -4.99
N LEU E 154 17.88 12.42 -6.09
CA LEU E 154 19.33 12.62 -6.02
C LEU E 154 19.73 14.05 -5.67
N ARG E 155 18.87 15.03 -5.93
CA ARG E 155 19.30 16.43 -5.94
C ARG E 155 19.79 16.89 -4.56
N ARG E 156 18.90 16.87 -3.57
CA ARG E 156 19.28 17.39 -2.27
C ARG E 156 20.30 16.49 -1.58
N THR E 157 20.31 15.19 -1.90
CA THR E 157 21.36 14.33 -1.39
C THR E 157 22.72 14.79 -1.89
N MET E 158 22.82 15.11 -3.19
CA MET E 158 24.08 15.61 -3.72
C MET E 158 24.45 16.95 -3.09
N GLU E 159 23.47 17.83 -2.89
CA GLU E 159 23.78 19.18 -2.43
C GLU E 159 24.15 19.21 -0.96
N LYS E 160 23.24 18.76 -0.09
CA LYS E 160 23.42 18.93 1.35
C LYS E 160 24.65 18.18 1.87
N TYR E 161 24.85 16.95 1.40
CA TYR E 161 25.90 16.08 1.92
C TYR E 161 27.13 16.06 1.03
N SER E 162 27.44 17.18 0.37
CA SER E 162 28.61 17.23 -0.50
C SER E 162 29.89 16.93 0.26
N LYS E 163 29.93 17.23 1.56
CA LYS E 163 31.14 16.98 2.34
C LYS E 163 31.46 15.49 2.41
N ASN E 164 30.44 14.64 2.57
CA ASN E 164 30.65 13.23 2.83
C ASN E 164 30.59 12.36 1.58
N ILE E 165 30.20 12.89 0.43
CA ILE E 165 29.97 12.06 -0.74
C ILE E 165 30.28 12.85 -2.00
N ARG E 166 30.82 12.16 -3.00
CA ARG E 166 31.03 12.71 -4.34
C ARG E 166 30.57 11.67 -5.36
N LEU E 167 29.60 12.04 -6.18
CA LEU E 167 29.02 11.11 -7.14
C LEU E 167 29.75 11.17 -8.47
N ILE E 168 29.92 10.00 -9.09
CA ILE E 168 30.49 9.88 -10.43
C ILE E 168 29.50 9.04 -11.24
N MET E 169 28.70 9.70 -12.06
CA MET E 169 27.71 9.04 -12.90
C MET E 169 28.25 8.85 -14.30
N VAL E 170 27.84 7.75 -14.94
CA VAL E 170 28.29 7.39 -16.28
C VAL E 170 27.07 7.10 -17.15
N CYS E 171 27.09 7.61 -18.38
CA CYS E 171 25.95 7.44 -19.26
C CYS E 171 26.38 7.44 -20.73
N ASP E 172 25.52 6.87 -21.56
CA ASP E 172 25.73 6.86 -23.00
C ASP E 172 25.08 8.04 -23.70
N SER E 173 24.02 8.61 -23.11
CA SER E 173 23.38 9.78 -23.66
C SER E 173 22.79 10.60 -22.51
N MET E 174 22.90 11.92 -22.63
CA MET E 174 22.40 12.82 -21.60
C MET E 174 20.95 13.26 -21.85
N SER E 175 20.34 12.83 -22.95
CA SER E 175 18.96 13.22 -23.23
C SER E 175 18.01 12.82 -22.10
N PRO E 176 18.08 11.63 -21.51
CA PRO E 176 17.16 11.27 -20.43
C PRO E 176 17.52 11.85 -19.07
N ILE E 177 18.63 12.58 -18.94
CA ILE E 177 19.01 13.17 -17.66
C ILE E 177 18.26 14.48 -17.48
N ILE E 178 17.57 14.62 -16.34
CA ILE E 178 16.80 15.83 -16.08
C ILE E 178 17.75 17.02 -15.90
N ALA E 179 17.26 18.20 -16.25
CA ALA E 179 18.10 19.39 -16.19
C ALA E 179 18.67 19.65 -14.80
N PRO E 180 17.92 19.51 -13.71
CA PRO E 180 18.52 19.76 -12.38
C PRO E 180 19.74 18.90 -12.10
N ILE E 181 19.73 17.65 -12.54
CA ILE E 181 20.88 16.77 -12.30
C ILE E 181 22.08 17.22 -13.13
N LYS E 182 21.86 17.55 -14.41
CA LYS E 182 22.94 18.06 -15.23
C LYS E 182 23.52 19.34 -14.65
N SER E 183 22.69 20.16 -14.01
CA SER E 183 23.17 21.40 -13.42
C SER E 183 24.11 21.13 -12.25
N ARG E 184 23.96 19.99 -11.58
CA ARG E 184 24.71 19.68 -10.37
C ARG E 184 25.99 18.89 -10.63
N CYS E 185 26.35 18.66 -11.89
CA CYS E 185 27.49 17.80 -12.22
C CYS E 185 28.43 18.51 -13.18
N LEU E 186 29.71 18.14 -13.08
CA LEU E 186 30.69 18.51 -14.10
C LEU E 186 30.59 17.51 -15.24
N LEU E 187 30.21 17.99 -16.43
CA LEU E 187 29.96 17.12 -17.57
C LEU E 187 31.26 16.87 -18.31
N ILE E 188 31.57 15.61 -18.54
CA ILE E 188 32.80 15.19 -19.20
C ILE E 188 32.43 14.35 -20.41
N ARG E 189 32.80 14.83 -21.60
CA ARG E 189 32.56 14.10 -22.84
C ARG E 189 33.68 13.09 -23.07
N CYS E 190 33.30 11.86 -23.41
CA CYS E 190 34.26 10.78 -23.63
C CYS E 190 34.16 10.31 -25.08
N PRO E 191 34.97 10.85 -25.99
CA PRO E 191 34.90 10.43 -27.39
C PRO E 191 35.36 8.99 -27.56
N ALA E 192 34.84 8.35 -28.61
CA ALA E 192 35.25 7.00 -28.93
C ALA E 192 36.65 7.01 -29.55
N PRO E 193 37.41 5.93 -29.38
CA PRO E 193 38.74 5.87 -30.01
C PRO E 193 38.62 5.80 -31.53
N SER E 194 39.63 6.37 -32.20
CA SER E 194 39.69 6.30 -33.65
C SER E 194 40.07 4.89 -34.10
N ASP E 195 39.87 4.62 -35.38
CA ASP E 195 40.21 3.31 -35.93
C ASP E 195 41.69 3.01 -35.74
N SER E 196 42.54 4.01 -35.89
CA SER E 196 43.98 3.79 -35.73
C SER E 196 44.34 3.35 -34.32
N GLU E 197 43.74 4.01 -33.32
CA GLU E 197 44.03 3.64 -31.93
C GLU E 197 43.51 2.25 -31.60
N ILE E 198 42.32 1.91 -32.11
CA ILE E 198 41.78 0.57 -31.91
C ILE E 198 42.70 -0.46 -32.54
N SER E 199 43.19 -0.19 -33.75
CA SER E 199 44.10 -1.12 -34.41
C SER E 199 45.39 -1.26 -33.63
N THR E 200 45.90 -0.16 -33.09
CA THR E 200 47.12 -0.22 -32.29
C THR E 200 46.93 -1.09 -31.05
N ILE E 201 45.80 -0.90 -30.35
CA ILE E 201 45.53 -1.71 -29.17
C ILE E 201 45.40 -3.18 -29.53
N LEU E 202 44.69 -3.47 -30.62
CA LEU E 202 44.53 -4.85 -31.05
C LEU E 202 45.86 -5.47 -31.43
N SER E 203 46.72 -4.71 -32.09
CA SER E 203 48.04 -5.22 -32.47
C SER E 203 48.89 -5.48 -31.24
N ASP E 204 48.80 -4.61 -30.22
CA ASP E 204 49.50 -4.87 -28.98
C ASP E 204 49.02 -6.16 -28.33
N VAL E 205 47.70 -6.38 -28.31
CA VAL E 205 47.17 -7.62 -27.76
C VAL E 205 47.66 -8.81 -28.56
N VAL E 206 47.69 -8.68 -29.89
CA VAL E 206 48.16 -9.78 -30.74
C VAL E 206 49.61 -10.11 -30.42
N THR E 207 50.45 -9.08 -30.29
CA THR E 207 51.84 -9.31 -29.95
C THR E 207 51.98 -9.99 -28.59
N ASN E 208 51.17 -9.56 -27.62
CA ASN E 208 51.21 -10.17 -26.30
C ASN E 208 50.82 -11.65 -26.36
N GLU E 209 49.81 -11.97 -27.16
CA GLU E 209 49.27 -13.33 -27.23
C GLU E 209 49.99 -14.20 -28.27
N ARG E 210 50.99 -13.67 -28.96
CA ARG E 210 51.76 -14.44 -29.94
C ARG E 210 50.85 -15.02 -31.02
N ILE E 211 49.87 -14.22 -31.45
CA ILE E 211 48.95 -14.63 -32.51
C ILE E 211 49.52 -14.18 -33.84
N GLN E 212 49.64 -15.12 -34.79
CA GLN E 212 50.21 -14.83 -36.09
C GLN E 212 49.17 -14.05 -36.93
N LEU E 213 49.55 -12.86 -37.37
CA LEU E 213 48.69 -11.99 -38.16
C LEU E 213 49.27 -11.88 -39.56
N GLU E 214 48.47 -12.23 -40.57
CA GLU E 214 48.93 -12.15 -41.95
C GLU E 214 49.22 -10.70 -42.33
N THR E 215 48.29 -9.80 -42.03
CA THR E 215 48.47 -8.38 -42.32
C THR E 215 47.66 -7.58 -41.31
N LYS E 216 48.05 -6.31 -41.14
CA LYS E 216 47.37 -5.43 -40.20
C LYS E 216 45.99 -4.99 -40.69
N ASP E 217 45.66 -5.29 -41.95
CA ASP E 217 44.34 -4.91 -42.47
C ASP E 217 43.22 -5.62 -41.72
N ILE E 218 43.50 -6.79 -41.16
CA ILE E 218 42.49 -7.52 -40.40
C ILE E 218 42.05 -6.72 -39.18
N LEU E 219 43.02 -6.11 -38.49
CA LEU E 219 42.68 -5.29 -37.33
C LEU E 219 41.85 -4.08 -37.74
N LYS E 220 42.19 -3.46 -38.87
CA LYS E 220 41.41 -2.31 -39.33
C LYS E 220 39.99 -2.73 -39.68
N ARG E 221 39.83 -3.90 -40.32
CA ARG E 221 38.48 -4.39 -40.62
C ARG E 221 37.70 -4.68 -39.34
N ILE E 222 38.34 -5.25 -38.34
CA ILE E 222 37.68 -5.51 -37.07
C ILE E 222 37.24 -4.19 -36.42
N ALA E 223 38.12 -3.19 -36.45
CA ALA E 223 37.78 -1.89 -35.89
C ALA E 223 36.60 -1.26 -36.62
N GLN E 224 36.57 -1.37 -37.95
CA GLN E 224 35.44 -0.86 -38.71
C GLN E 224 34.15 -1.59 -38.32
N ALA E 225 34.23 -2.91 -38.19
CA ALA E 225 33.04 -3.68 -37.85
C ALA E 225 32.54 -3.37 -36.44
N SER E 226 33.45 -2.96 -35.55
CA SER E 226 33.05 -2.65 -34.18
C SER E 226 32.36 -1.31 -34.05
N ASN E 227 32.48 -0.42 -35.04
CA ASN E 227 31.86 0.90 -35.00
C ASN E 227 32.29 1.70 -33.78
N GLY E 228 33.58 1.61 -33.45
CA GLY E 228 34.15 2.39 -32.37
C GLY E 228 34.05 1.78 -30.99
N ASN E 229 33.41 0.62 -30.86
CA ASN E 229 33.29 -0.06 -29.57
C ASN E 229 34.52 -0.92 -29.35
N LEU E 230 35.40 -0.49 -28.44
CA LEU E 230 36.66 -1.21 -28.22
C LEU E 230 36.41 -2.56 -27.55
N ARG E 231 35.43 -2.63 -26.64
CA ARG E 231 35.11 -3.89 -25.99
C ARG E 231 34.68 -4.93 -27.02
N VAL E 232 33.80 -4.54 -27.93
CA VAL E 232 33.37 -5.44 -29.00
C VAL E 232 34.55 -5.81 -29.89
N SER E 233 35.42 -4.83 -30.17
CA SER E 233 36.58 -5.12 -31.00
C SER E 233 37.43 -6.23 -30.37
N LEU E 234 37.70 -6.11 -29.08
CA LEU E 234 38.51 -7.12 -28.40
C LEU E 234 37.80 -8.47 -28.36
N LEU E 235 36.49 -8.46 -28.10
CA LEU E 235 35.76 -9.73 -28.05
C LEU E 235 35.80 -10.45 -29.39
N MET E 236 35.57 -9.73 -30.48
CA MET E 236 35.64 -10.34 -31.80
C MET E 236 37.07 -10.77 -32.14
N LEU E 237 38.07 -10.00 -31.72
CA LEU E 237 39.45 -10.42 -31.94
C LEU E 237 39.71 -11.76 -31.27
N GLU E 238 39.29 -11.90 -30.01
CA GLU E 238 39.50 -13.16 -29.31
C GLU E 238 38.74 -14.30 -29.98
N SER E 239 37.49 -14.07 -30.37
CA SER E 239 36.69 -15.11 -31.01
C SER E 239 37.32 -15.56 -32.32
N MET E 240 37.76 -14.60 -33.15
CA MET E 240 38.37 -14.94 -34.42
C MET E 240 39.68 -15.67 -34.23
N ALA E 241 40.50 -15.24 -33.25
CA ALA E 241 41.76 -15.91 -33.00
C ALA E 241 41.54 -17.35 -32.55
N LEU E 242 40.57 -17.56 -31.66
CA LEU E 242 40.31 -18.92 -31.18
C LEU E 242 39.74 -19.80 -32.28
N ASN E 243 38.84 -19.25 -33.11
CA ASN E 243 38.22 -20.05 -34.17
C ASN E 243 39.16 -20.32 -35.33
N ASN E 244 40.30 -19.63 -35.40
CA ASN E 244 41.24 -19.78 -36.51
C ASN E 244 42.58 -20.34 -36.04
N GLU E 245 42.57 -21.08 -34.92
CA GLU E 245 43.78 -21.70 -34.39
C GLU E 245 44.86 -20.67 -34.12
N LEU E 246 44.44 -19.49 -33.64
CA LEU E 246 45.37 -18.41 -33.31
C LEU E 246 46.25 -18.02 -34.50
N ALA E 247 45.69 -18.08 -35.70
CA ALA E 247 46.39 -17.69 -36.93
C ALA E 247 45.36 -16.98 -37.83
N LEU E 248 45.28 -15.67 -37.69
CA LEU E 248 44.31 -14.89 -38.45
C LEU E 248 44.76 -14.70 -39.88
N LYS E 249 43.78 -14.65 -40.79
CA LYS E 249 44.05 -14.46 -42.21
C LYS E 249 42.98 -13.56 -42.80
N SER E 250 43.29 -12.98 -43.96
CA SER E 250 42.36 -12.07 -44.62
C SER E 250 41.05 -12.76 -44.96
N SER E 251 41.04 -14.08 -45.09
CA SER E 251 39.82 -14.81 -45.40
C SER E 251 39.02 -15.19 -44.15
N SER E 252 39.56 -14.96 -42.96
CA SER E 252 38.86 -15.31 -41.74
C SER E 252 37.60 -14.46 -41.60
N PRO E 253 36.43 -15.06 -41.39
CA PRO E 253 35.21 -14.24 -41.26
C PRO E 253 35.23 -13.39 -40.00
N ILE E 254 34.52 -12.26 -40.08
CA ILE E 254 34.39 -11.35 -38.96
C ILE E 254 33.11 -11.69 -38.20
N ILE E 255 33.25 -12.06 -36.93
CA ILE E 255 32.11 -12.47 -36.13
C ILE E 255 31.43 -11.23 -35.55
N LYS E 256 30.12 -11.15 -35.72
CA LYS E 256 29.30 -10.06 -35.22
C LYS E 256 28.25 -10.62 -34.27
N PRO E 257 27.68 -9.79 -33.39
CA PRO E 257 26.66 -10.28 -32.47
C PRO E 257 25.49 -10.90 -33.23
N ASP E 258 24.99 -12.02 -32.71
CA ASP E 258 23.98 -12.79 -33.44
C ASP E 258 22.72 -11.96 -33.69
N TRP E 259 22.30 -11.17 -32.71
CA TRP E 259 21.11 -10.35 -32.89
C TRP E 259 21.29 -9.34 -34.02
N ILE E 260 22.54 -8.92 -34.28
CA ILE E 260 22.78 -8.00 -35.38
C ILE E 260 22.51 -8.67 -36.72
N ILE E 261 23.00 -9.90 -36.90
CA ILE E 261 22.71 -10.64 -38.13
C ILE E 261 21.21 -10.90 -38.24
N VAL E 262 20.55 -11.18 -37.11
CA VAL E 262 19.11 -11.40 -37.15
C VAL E 262 18.39 -10.15 -37.63
N ILE E 263 18.81 -8.98 -37.15
CA ILE E 263 18.19 -7.72 -37.57
C ILE E 263 18.48 -7.45 -39.04
N HIS E 264 19.68 -7.80 -39.51
CA HIS E 264 19.98 -7.65 -40.94
C HIS E 264 19.06 -8.52 -41.79
N LYS E 265 18.84 -9.77 -41.36
CA LYS E 265 17.93 -10.65 -42.07
C LYS E 265 16.52 -10.10 -42.05
N LEU E 266 16.09 -9.55 -40.91
CA LEU E 266 14.76 -8.94 -40.84
C LEU E 266 14.64 -7.78 -41.81
N THR E 267 15.67 -6.94 -41.89
CA THR E 267 15.65 -5.83 -42.84
C THR E 267 15.55 -6.33 -44.27
N ARG E 268 16.32 -7.37 -44.61
CA ARG E 268 16.26 -7.92 -45.96
C ARG E 268 14.86 -8.44 -46.27
N LYS E 269 14.26 -9.15 -45.32
CA LYS E 269 12.90 -9.65 -45.53
C LYS E 269 11.91 -8.52 -45.71
N ILE E 270 12.04 -7.47 -44.89
CA ILE E 270 11.12 -6.33 -44.98
C ILE E 270 11.22 -5.69 -46.36
N VAL E 271 12.45 -5.49 -46.84
CA VAL E 271 12.64 -4.88 -48.16
C VAL E 271 12.07 -5.78 -49.25
N LYS E 272 12.30 -7.09 -49.15
CA LYS E 272 11.90 -8.00 -50.22
C LYS E 272 10.38 -8.06 -50.35
N GLU E 273 9.69 -8.51 -49.30
CA GLU E 273 8.25 -8.73 -49.32
C GLU E 273 7.57 -7.79 -48.35
N ARG E 274 6.46 -7.19 -48.80
CA ARG E 274 5.68 -6.25 -48.00
C ARG E 274 4.22 -6.68 -48.03
N SER E 275 3.76 -7.30 -46.96
CA SER E 275 2.38 -7.75 -46.85
C SER E 275 2.07 -8.01 -45.39
N VAL E 276 0.80 -8.35 -45.11
CA VAL E 276 0.38 -8.60 -43.74
C VAL E 276 1.12 -9.81 -43.17
N ASN E 277 1.21 -10.89 -43.95
CA ASN E 277 1.91 -12.08 -43.48
C ASN E 277 3.38 -11.80 -43.21
N SER E 278 4.02 -11.02 -44.08
CA SER E 278 5.38 -10.59 -43.82
C SER E 278 5.47 -9.81 -42.52
N LEU E 279 4.46 -8.98 -42.25
CA LEU E 279 4.45 -8.22 -41.00
C LEU E 279 4.33 -9.15 -39.79
N ILE E 280 3.53 -10.21 -39.90
CA ILE E 280 3.40 -11.15 -38.80
C ILE E 280 4.73 -11.88 -38.57
N GLU E 281 5.41 -12.27 -39.64
CA GLU E 281 6.71 -12.90 -39.50
C GLU E 281 7.72 -11.94 -38.85
N CYS E 282 7.68 -10.67 -39.25
CA CYS E 282 8.55 -9.68 -38.63
C CYS E 282 8.23 -9.52 -37.15
N ARG E 283 6.95 -9.58 -36.79
CA ARG E 283 6.56 -9.53 -35.39
C ARG E 283 7.13 -10.72 -34.63
N ALA E 284 7.10 -11.91 -35.24
CA ALA E 284 7.70 -13.08 -34.61
C ALA E 284 9.18 -12.85 -34.36
N VAL E 285 9.89 -12.31 -35.35
CA VAL E 285 11.31 -12.01 -35.18
C VAL E 285 11.53 -11.00 -34.06
N LEU E 286 10.69 -9.96 -34.01
CA LEU E 286 10.82 -8.94 -32.97
C LEU E 286 10.60 -9.55 -31.58
N TYR E 287 9.60 -10.42 -31.45
CA TYR E 287 9.33 -11.04 -30.16
C TYR E 287 10.49 -11.95 -29.76
N ASP E 288 11.08 -12.66 -30.72
CA ASP E 288 12.26 -13.46 -30.42
C ASP E 288 13.40 -12.58 -29.92
N LEU E 289 13.61 -11.44 -30.56
CA LEU E 289 14.66 -10.52 -30.12
C LEU E 289 14.38 -10.01 -28.71
N LEU E 290 13.13 -9.65 -28.42
CA LEU E 290 12.78 -9.14 -27.10
C LEU E 290 12.91 -10.22 -26.03
N ALA E 291 12.73 -11.49 -26.41
CA ALA E 291 12.85 -12.57 -25.44
C ALA E 291 14.25 -12.64 -24.85
N HIS E 292 15.25 -12.13 -25.57
CA HIS E 292 16.63 -12.11 -25.10
C HIS E 292 16.95 -10.84 -24.31
N CYS E 293 15.93 -10.07 -23.93
CA CYS E 293 16.10 -8.87 -23.12
C CYS E 293 16.91 -7.79 -23.86
N ILE E 294 16.84 -7.78 -25.18
CA ILE E 294 17.43 -6.68 -25.95
C ILE E 294 16.52 -5.45 -25.82
N PRO E 295 17.05 -4.28 -25.46
CA PRO E 295 16.18 -3.12 -25.30
C PRO E 295 15.44 -2.79 -26.59
N ALA E 296 14.19 -2.35 -26.44
CA ALA E 296 13.36 -2.02 -27.60
C ALA E 296 13.95 -0.87 -28.39
N ASN E 297 14.45 0.16 -27.71
CA ASN E 297 15.02 1.31 -28.40
C ASN E 297 16.24 0.90 -29.21
N ILE E 298 17.08 0.01 -28.66
CA ILE E 298 18.23 -0.47 -29.40
C ILE E 298 17.79 -1.25 -30.64
N ILE E 299 16.76 -2.08 -30.50
CA ILE E 299 16.24 -2.81 -31.65
C ILE E 299 15.78 -1.84 -32.73
N LEU E 300 15.03 -0.82 -32.34
CA LEU E 300 14.54 0.15 -33.30
C LEU E 300 15.68 0.86 -34.01
N LYS E 301 16.70 1.29 -33.24
CA LYS E 301 17.81 2.00 -33.85
C LYS E 301 18.58 1.11 -34.83
N GLU E 302 18.86 -0.13 -34.42
CA GLU E 302 19.59 -1.04 -35.30
C GLU E 302 18.78 -1.34 -36.56
N LEU E 303 17.48 -1.58 -36.42
CA LEU E 303 16.65 -1.86 -37.59
C LEU E 303 16.62 -0.65 -38.53
N THR E 304 16.46 0.56 -37.96
CA THR E 304 16.40 1.75 -38.79
C THR E 304 17.69 1.93 -39.58
N PHE E 305 18.84 1.82 -38.91
CA PHE E 305 20.10 2.07 -39.61
C PHE E 305 20.45 0.93 -40.55
N SER E 306 20.00 -0.29 -40.27
CA SER E 306 20.16 -1.37 -41.23
C SER E 306 19.32 -1.12 -42.48
N LEU E 307 18.09 -0.64 -42.30
CA LEU E 307 17.25 -0.31 -43.45
C LEU E 307 17.86 0.81 -44.28
N LEU E 308 18.42 1.82 -43.61
CA LEU E 308 18.99 2.96 -44.34
C LEU E 308 20.19 2.56 -45.19
N ASP E 309 20.82 1.42 -44.91
CA ASP E 309 21.99 1.00 -45.68
C ASP E 309 21.63 0.27 -46.97
N VAL E 310 20.36 -0.04 -47.20
CA VAL E 310 19.97 -0.80 -48.38
C VAL E 310 20.13 0.08 -49.60
N GLU E 311 20.80 -0.45 -50.63
CA GLU E 311 21.13 0.35 -51.81
C GLU E 311 19.92 0.56 -52.73
N THR E 312 19.02 -0.41 -52.81
CA THR E 312 17.90 -0.30 -53.73
C THR E 312 16.97 0.85 -53.35
N LEU E 313 16.89 1.19 -52.07
CA LEU E 313 15.99 2.26 -51.64
C LEU E 313 16.45 3.61 -52.17
N ASN E 314 15.49 4.50 -52.34
CA ASN E 314 15.74 5.84 -52.87
C ASN E 314 15.70 6.86 -51.73
N THR E 315 15.89 8.13 -52.09
CA THR E 315 15.95 9.19 -51.09
C THR E 315 14.61 9.34 -50.36
N THR E 316 13.50 9.29 -51.09
CA THR E 316 12.19 9.44 -50.46
C THR E 316 11.93 8.33 -49.45
N ASN E 317 12.26 7.09 -49.82
CA ASN E 317 12.05 5.98 -48.91
C ASN E 317 12.87 6.14 -47.64
N LYS E 318 14.13 6.55 -47.77
CA LYS E 318 14.98 6.73 -46.59
C LYS E 318 14.47 7.87 -45.72
N SER E 319 14.01 8.96 -46.34
CA SER E 319 13.47 10.08 -45.56
C SER E 319 12.22 9.65 -44.79
N SER E 320 11.32 8.91 -45.44
CA SER E 320 10.15 8.41 -44.73
C SER E 320 10.55 7.45 -43.62
N ILE E 321 11.56 6.62 -43.86
CA ILE E 321 12.00 5.67 -42.84
C ILE E 321 12.51 6.41 -41.61
N ILE E 322 13.32 7.44 -41.82
CA ILE E 322 13.88 8.16 -40.67
C ILE E 322 12.80 8.95 -39.95
N GLU E 323 11.84 9.52 -40.69
CA GLU E 323 10.69 10.16 -40.05
C GLU E 323 9.95 9.18 -39.13
N TYR E 324 9.60 8.01 -39.67
CA TYR E 324 8.89 7.03 -38.88
C TYR E 324 9.71 6.57 -37.69
N SER E 325 11.02 6.41 -37.88
CA SER E 325 11.89 6.00 -36.79
C SER E 325 11.86 7.02 -35.66
N SER E 326 11.96 8.30 -36.00
CA SER E 326 11.91 9.33 -34.97
C SER E 326 10.58 9.32 -34.22
N VAL E 327 9.48 9.24 -34.98
CA VAL E 327 8.16 9.29 -34.35
C VAL E 327 7.98 8.10 -33.41
N PHE E 328 8.32 6.89 -33.88
CA PHE E 328 8.12 5.71 -33.07
C PHE E 328 9.14 5.60 -31.93
N ASP E 329 10.32 6.23 -32.07
CA ASP E 329 11.23 6.30 -30.93
C ASP E 329 10.65 7.17 -29.83
N GLU E 330 10.04 8.31 -30.20
CA GLU E 330 9.33 9.09 -29.20
C GLU E 330 8.20 8.29 -28.57
N ARG E 331 7.44 7.55 -29.40
CA ARG E 331 6.35 6.74 -28.88
C ARG E 331 6.86 5.70 -27.90
N LEU E 332 7.98 5.05 -28.22
CA LEU E 332 8.58 4.09 -27.30
C LEU E 332 8.97 4.76 -25.99
N SER E 333 9.57 5.95 -26.08
CA SER E 333 9.96 6.65 -24.86
C SER E 333 8.75 6.95 -23.98
N LEU E 334 7.64 7.36 -24.59
CA LEU E 334 6.43 7.70 -23.85
C LEU E 334 5.49 6.52 -23.65
N GLY E 335 5.83 5.35 -24.18
CA GLY E 335 4.93 4.21 -24.16
C GLY E 335 5.17 3.27 -22.99
N ASN E 336 4.36 2.21 -22.96
CA ASN E 336 4.43 1.16 -21.95
C ASN E 336 4.85 -0.18 -22.51
N LYS E 337 4.31 -0.58 -23.67
CA LYS E 337 4.66 -1.82 -24.32
C LYS E 337 5.32 -1.52 -25.66
N ALA E 338 6.51 -2.07 -25.88
CA ALA E 338 7.30 -1.74 -27.06
C ALA E 338 6.80 -2.42 -28.32
N ILE E 339 6.06 -3.53 -28.20
CA ILE E 339 5.67 -4.29 -29.40
C ILE E 339 4.80 -3.44 -30.31
N PHE E 340 3.85 -2.69 -29.73
CA PHE E 340 2.98 -1.83 -30.53
C PHE E 340 3.81 -0.92 -31.43
N HIS E 341 4.81 -0.26 -30.85
CA HIS E 341 5.55 0.76 -31.59
C HIS E 341 6.47 0.15 -32.64
N LEU E 342 7.15 -0.94 -32.31
CA LEU E 342 8.00 -1.61 -33.30
C LEU E 342 7.17 -2.14 -34.47
N GLU E 343 6.03 -2.78 -34.17
CA GLU E 343 5.18 -3.26 -35.24
C GLU E 343 4.63 -2.11 -36.08
N GLY E 344 4.26 -1.00 -35.44
CA GLY E 344 3.79 0.15 -36.19
C GLY E 344 4.86 0.72 -37.11
N PHE E 345 6.10 0.79 -36.61
CA PHE E 345 7.20 1.26 -37.44
C PHE E 345 7.39 0.36 -38.65
N ILE E 346 7.38 -0.96 -38.43
CA ILE E 346 7.57 -1.89 -39.55
C ILE E 346 6.42 -1.76 -40.55
N ALA E 347 5.19 -1.61 -40.05
CA ALA E 347 4.05 -1.45 -40.95
C ALA E 347 4.16 -0.18 -41.77
N LYS E 348 4.56 0.93 -41.14
CA LYS E 348 4.73 2.17 -41.87
C LYS E 348 5.82 2.05 -42.92
N VAL E 349 6.92 1.38 -42.58
CA VAL E 349 7.99 1.17 -43.55
C VAL E 349 7.48 0.34 -44.73
N MET E 350 6.71 -0.71 -44.44
CA MET E 350 6.17 -1.53 -45.51
C MET E 350 5.24 -0.72 -46.41
N CYS E 351 4.42 0.14 -45.81
CA CYS E 351 3.53 0.99 -46.60
C CYS E 351 4.33 1.94 -47.49
N CYS E 352 5.37 2.56 -46.95
CA CYS E 352 6.15 3.51 -47.73
C CYS E 352 6.91 2.83 -48.86
N LEU E 353 7.50 1.66 -48.58
CA LEU E 353 8.26 0.95 -49.61
C LEU E 353 7.35 0.48 -50.75
N ASP E 354 6.18 -0.05 -50.42
CA ASP E 354 5.26 -0.56 -51.42
C ASP E 354 4.52 0.58 -52.10
N LEU F 7 10.71 24.56 42.86
CA LEU F 7 11.41 24.57 41.58
C LEU F 7 11.12 25.86 40.81
N ALA F 8 11.93 26.10 39.78
CA ALA F 8 11.75 27.29 38.95
C ALA F 8 10.63 27.16 37.94
N ASN F 9 10.05 25.97 37.79
CA ASN F 9 8.96 25.78 36.84
C ASN F 9 7.69 26.44 37.34
N LYS F 10 6.83 26.84 36.40
CA LYS F 10 5.54 27.43 36.78
C LYS F 10 4.68 26.41 37.51
N PHE F 11 4.67 25.16 37.06
CA PHE F 11 3.94 24.09 37.71
C PHE F 11 4.89 22.91 37.94
N SER F 12 4.87 22.36 39.15
CA SER F 12 5.69 21.20 39.48
C SER F 12 5.00 20.39 40.56
N ALA F 13 4.67 19.14 40.26
CA ALA F 13 3.97 18.27 41.20
C ALA F 13 4.70 16.93 41.27
N SER F 14 5.13 16.55 42.48
CA SER F 14 5.88 15.32 42.69
C SER F 14 5.15 14.44 43.69
N THR F 15 5.20 13.12 43.44
CA THR F 15 4.51 12.14 44.26
C THR F 15 5.37 10.89 44.36
N VAL F 16 4.99 10.02 45.29
CA VAL F 16 5.68 8.74 45.49
C VAL F 16 4.83 7.54 45.11
N HIS F 17 3.55 7.74 44.80
CA HIS F 17 2.66 6.67 44.38
C HIS F 17 2.57 6.66 42.87
N LEU F 18 2.98 5.55 42.25
CA LEU F 18 2.93 5.39 40.80
C LEU F 18 1.63 4.78 40.31
N GLU F 19 0.71 4.43 41.22
CA GLU F 19 -0.54 3.82 40.81
C GLU F 19 -1.48 4.84 40.18
N HIS F 20 -1.45 6.09 40.64
CA HIS F 20 -2.38 7.09 40.13
C HIS F 20 -2.16 7.34 38.63
N ILE F 21 -0.89 7.51 38.23
CA ILE F 21 -0.59 7.84 36.84
C ILE F 21 -1.01 6.70 35.92
N THR F 22 -0.59 5.47 36.25
CA THR F 22 -0.92 4.34 35.40
C THR F 22 -2.41 4.09 35.37
N THR F 23 -3.09 4.26 36.51
CA THR F 23 -4.54 4.10 36.55
C THR F 23 -5.23 5.12 35.65
N ALA F 24 -4.80 6.38 35.71
CA ALA F 24 -5.39 7.41 34.86
C ALA F 24 -5.15 7.10 33.38
N LEU F 25 -3.93 6.68 33.04
CA LEU F 25 -3.65 6.36 31.64
C LEU F 25 -4.51 5.18 31.16
N SER F 26 -4.66 4.16 32.00
CA SER F 26 -5.52 3.03 31.64
C SER F 26 -6.96 3.47 31.46
N CYS F 27 -7.45 4.34 32.34
CA CYS F 27 -8.83 4.83 32.22
C CYS F 27 -9.00 5.62 30.93
N LEU F 28 -7.99 6.40 30.54
CA LEU F 28 -8.07 7.20 29.32
C LEU F 28 -7.88 6.37 28.05
N THR F 29 -7.25 5.20 28.16
CA THR F 29 -6.97 4.38 26.98
C THR F 29 -8.20 4.08 26.13
N PRO F 30 -9.35 3.67 26.68
CA PRO F 30 -10.49 3.30 25.82
C PRO F 30 -10.96 4.42 24.89
N PHE F 31 -10.46 5.64 25.04
CA PHE F 31 -10.84 6.74 24.17
C PHE F 31 -9.92 6.88 22.95
N GLY F 32 -9.15 5.84 22.63
CA GLY F 32 -8.28 5.87 21.48
C GLY F 32 -6.82 5.89 21.85
N SER F 33 -6.05 4.93 21.33
CA SER F 33 -4.64 4.83 21.64
C SER F 33 -3.78 5.85 20.91
N LYS F 34 -4.29 6.44 19.82
CA LYS F 34 -3.54 7.42 19.03
C LYS F 34 -4.46 8.62 18.78
N ASP F 35 -4.45 9.56 19.72
CA ASP F 35 -5.21 10.80 19.59
C ASP F 35 -4.68 11.79 20.63
N ASP F 36 -5.41 12.88 20.83
CA ASP F 36 -4.98 13.98 21.68
C ASP F 36 -5.57 13.86 23.09
N VAL F 37 -4.85 14.41 24.06
CA VAL F 37 -5.31 14.52 25.44
C VAL F 37 -5.04 15.94 25.90
N LEU F 38 -6.03 16.56 26.52
CA LEU F 38 -5.90 17.90 27.07
C LEU F 38 -5.54 17.82 28.55
N ILE F 39 -4.60 18.65 28.97
CA ILE F 39 -4.18 18.73 30.36
C ILE F 39 -4.51 20.12 30.88
N PHE F 40 -5.30 20.16 31.95
CA PHE F 40 -5.65 21.37 32.67
C PHE F 40 -4.88 21.38 33.99
N ILE F 41 -4.23 22.51 34.29
CA ILE F 41 -3.44 22.65 35.51
C ILE F 41 -3.99 23.84 36.28
N ASP F 42 -4.28 23.63 37.56
CA ASP F 42 -4.73 24.72 38.43
C ASP F 42 -4.37 24.38 39.86
N ALA F 43 -4.51 25.38 40.73
CA ALA F 43 -4.16 25.17 42.14
C ALA F 43 -4.90 23.99 42.74
N ASP F 44 -6.13 23.74 42.28
CA ASP F 44 -6.88 22.60 42.79
C ASP F 44 -6.20 21.27 42.41
N GLY F 45 -5.71 21.17 41.18
CA GLY F 45 -5.07 19.94 40.75
C GLY F 45 -4.88 19.90 39.25
N LEU F 46 -4.70 18.68 38.75
CA LEU F 46 -4.42 18.43 37.34
C LEU F 46 -5.47 17.51 36.76
N SER F 47 -6.05 17.90 35.62
CA SER F 47 -7.14 17.18 35.00
C SER F 47 -6.75 16.75 33.58
N PHE F 48 -7.11 15.52 33.23
CA PHE F 48 -6.94 14.98 31.89
C PHE F 48 -8.30 14.90 31.22
N VAL F 49 -8.40 15.44 30.01
CA VAL F 49 -9.66 15.53 29.29
C VAL F 49 -9.49 14.91 27.91
N ARG F 50 -10.46 14.10 27.51
CA ARG F 50 -10.49 13.54 26.17
C ARG F 50 -11.91 13.61 25.63
N GLU F 51 -12.03 13.72 24.31
CA GLU F 51 -13.33 13.74 23.65
C GLU F 51 -13.28 12.86 22.41
N ASN F 52 -14.38 12.19 22.12
CA ASN F 52 -14.51 11.34 20.95
C ASN F 52 -15.74 11.76 20.14
N ASN F 53 -15.50 12.04 18.85
CA ASN F 53 -16.52 12.25 17.84
C ASN F 53 -17.51 13.34 18.22
N HIS F 54 -17.11 14.25 19.09
CA HIS F 54 -17.98 15.30 19.63
C HIS F 54 -19.21 14.73 20.32
N VAL F 55 -19.23 13.42 20.59
CA VAL F 55 -20.38 12.79 21.21
C VAL F 55 -20.10 12.31 22.63
N ILE F 56 -18.84 12.01 22.97
CA ILE F 56 -18.53 11.58 24.32
C ILE F 56 -17.30 12.33 24.84
N LYS F 57 -17.25 12.52 26.15
CA LYS F 57 -16.19 13.26 26.82
C LYS F 57 -15.86 12.58 28.15
N ILE F 58 -14.58 12.56 28.50
CA ILE F 58 -14.11 12.03 29.77
C ILE F 58 -13.16 13.04 30.40
N GLN F 59 -13.28 13.21 31.72
CA GLN F 59 -12.43 14.12 32.49
C GLN F 59 -12.05 13.44 33.79
N LEU F 60 -10.76 13.19 33.98
CA LEU F 60 -10.23 12.55 35.17
C LEU F 60 -9.40 13.56 35.95
N LEU F 61 -9.71 13.72 37.23
CA LEU F 61 -9.08 14.76 38.06
C LEU F 61 -8.17 14.12 39.10
N LEU F 62 -6.94 14.60 39.17
CA LEU F 62 -5.99 14.25 40.23
C LEU F 62 -5.84 15.49 41.11
N SER F 63 -6.27 15.38 42.36
CA SER F 63 -6.33 16.51 43.27
C SER F 63 -4.95 16.81 43.86
N ARG F 64 -4.88 17.91 44.59
CA ARG F 64 -3.62 18.31 45.22
C ARG F 64 -3.18 17.31 46.28
N GLU F 65 -4.12 16.73 47.01
CA GLU F 65 -3.76 15.82 48.09
C GLU F 65 -3.03 14.59 47.58
N LEU F 66 -3.27 14.19 46.34
CA LEU F 66 -2.64 12.98 45.80
C LEU F 66 -1.14 13.14 45.63
N PHE F 67 -0.64 14.37 45.52
CA PHE F 67 0.78 14.62 45.31
C PHE F 67 1.43 15.03 46.61
N MET F 68 2.58 14.43 46.91
CA MET F 68 3.31 14.79 48.13
C MET F 68 3.75 16.25 48.10
N SER F 69 4.11 16.76 46.92
CA SER F 69 4.44 18.16 46.75
C SER F 69 3.74 18.70 45.51
N TYR F 70 3.21 19.91 45.62
CA TYR F 70 2.45 20.52 44.53
C TYR F 70 2.69 22.01 44.56
N SER F 71 3.27 22.57 43.50
CA SER F 71 3.55 23.99 43.39
C SER F 71 2.98 24.51 42.08
N TYR F 72 2.17 25.57 42.17
CA TYR F 72 1.56 26.24 41.02
C TYR F 72 1.84 27.73 41.17
N ARG F 73 2.96 28.18 40.61
CA ARG F 73 3.43 29.54 40.83
C ARG F 73 2.97 30.53 39.76
N ASN F 74 2.15 30.09 38.81
CA ASN F 74 1.67 31.00 37.78
C ASN F 74 0.80 32.08 38.39
N GLU F 75 1.01 33.32 37.93
CA GLU F 75 0.29 34.49 38.44
C GLU F 75 -0.63 35.12 37.41
N THR F 76 -0.17 35.27 36.17
CA THR F 76 -0.97 35.94 35.15
C THR F 76 -2.29 35.20 34.90
N GLU F 77 -2.22 33.87 34.80
CA GLU F 77 -3.39 33.05 34.50
C GLU F 77 -3.66 32.12 35.67
N ASP F 78 -4.95 31.93 35.97
CA ASP F 78 -5.36 31.05 37.05
C ASP F 78 -5.31 29.57 36.68
N HIS F 79 -5.20 29.25 35.40
CA HIS F 79 -5.07 27.86 34.97
C HIS F 79 -4.24 27.82 33.69
N MET F 80 -3.68 26.64 33.42
CA MET F 80 -2.85 26.41 32.25
C MET F 80 -3.42 25.26 31.44
N LYS F 81 -3.45 25.43 30.12
CA LYS F 81 -4.03 24.45 29.21
C LYS F 81 -2.94 23.98 28.24
N LEU F 82 -2.80 22.67 28.08
CA LEU F 82 -1.89 22.13 27.08
C LEU F 82 -2.49 20.88 26.46
N CYS F 83 -1.91 20.45 25.35
CA CYS F 83 -2.38 19.28 24.62
C CYS F 83 -1.19 18.39 24.26
N VAL F 84 -1.35 17.08 24.48
CA VAL F 84 -0.29 16.11 24.22
C VAL F 84 -0.88 14.93 23.46
N LYS F 85 0.02 14.11 22.92
CA LYS F 85 -0.37 12.90 22.20
C LYS F 85 -0.34 11.72 23.15
N ILE F 86 -1.45 10.98 23.22
CA ILE F 86 -1.56 9.91 24.20
C ILE F 86 -0.59 8.77 23.88
N ASN F 87 -0.35 8.50 22.60
CA ASN F 87 0.55 7.39 22.24
C ASN F 87 1.96 7.63 22.77
N HIS F 88 2.45 8.87 22.68
CA HIS F 88 3.78 9.19 23.20
C HIS F 88 3.88 8.85 24.68
N ILE F 89 2.93 9.34 25.48
CA ILE F 89 2.96 9.09 26.91
C ILE F 89 2.82 7.61 27.20
N LEU F 90 1.93 6.93 26.48
CA LEU F 90 1.73 5.50 26.71
C LEU F 90 3.03 4.73 26.49
N ASP F 91 3.69 4.97 25.35
CA ASP F 91 4.94 4.27 25.06
C ASP F 91 6.01 4.61 26.08
N SER F 92 6.16 5.90 26.39
CA SER F 92 7.21 6.33 27.30
C SER F 92 7.04 5.69 28.68
N VAL F 93 5.80 5.69 29.18
CA VAL F 93 5.55 5.10 30.49
C VAL F 93 5.72 3.58 30.44
N SER F 94 5.30 2.95 29.35
CA SER F 94 5.41 1.50 29.26
C SER F 94 6.87 1.06 29.32
N VAL F 95 7.75 1.73 28.58
CA VAL F 95 9.17 1.38 28.65
C VAL F 95 9.75 1.79 30.00
N MET F 96 9.43 3.00 30.48
CA MET F 96 10.04 3.47 31.72
C MET F 96 9.50 2.75 32.94
N ASN F 97 8.31 2.15 32.85
CA ASN F 97 7.69 1.48 33.98
C ASN F 97 7.91 -0.03 33.95
N ARG F 98 8.84 -0.52 33.13
CA ARG F 98 9.11 -1.95 33.09
C ARG F 98 9.60 -2.44 34.45
N ASN F 99 10.48 -1.69 35.10
CA ASN F 99 10.94 -2.02 36.44
C ASN F 99 10.10 -1.24 37.47
N SER F 100 8.82 -1.63 37.55
CA SER F 100 7.88 -0.93 38.42
C SER F 100 8.23 -1.06 39.89
N ASP F 101 8.98 -2.10 40.27
CA ASP F 101 9.30 -2.30 41.68
C ASP F 101 10.31 -1.28 42.18
N ASP F 102 11.20 -0.79 41.32
CA ASP F 102 12.29 0.07 41.76
C ASP F 102 11.93 1.55 41.73
N ILE F 103 10.96 1.96 40.91
CA ILE F 103 10.60 3.37 40.84
C ILE F 103 10.12 3.85 42.19
N VAL F 104 10.63 5.00 42.64
CA VAL F 104 10.29 5.54 43.95
C VAL F 104 9.64 6.91 43.88
N GLU F 105 9.92 7.71 42.85
CA GLU F 105 9.32 9.04 42.77
C GLU F 105 8.91 9.34 41.34
N CYS F 106 7.87 10.15 41.19
CA CYS F 106 7.35 10.54 39.89
C CYS F 106 6.97 12.02 39.96
N THR F 107 7.51 12.83 39.06
CA THR F 107 7.23 14.26 39.09
C THR F 107 6.86 14.77 37.69
N LEU F 108 5.79 15.57 37.65
CA LEU F 108 5.35 16.27 36.46
C LEU F 108 5.76 17.73 36.58
N SER F 109 6.10 18.35 35.45
CA SER F 109 6.47 19.75 35.46
C SER F 109 6.07 20.41 34.14
N TYR F 110 5.81 21.71 34.21
CA TYR F 110 5.43 22.50 33.04
C TYR F 110 5.81 23.95 33.30
N ASP F 111 6.22 24.65 32.24
CA ASP F 111 6.71 26.01 32.34
C ASP F 111 6.01 26.92 31.33
N GLY F 112 4.69 26.78 31.20
CA GLY F 112 3.91 27.67 30.38
C GLY F 112 3.92 27.32 28.92
N HIS F 113 3.19 28.11 28.14
CA HIS F 113 3.05 27.85 26.71
C HIS F 113 4.40 27.93 26.02
N GLY F 114 4.60 27.03 25.05
CA GLY F 114 5.85 26.97 24.31
C GLY F 114 6.89 26.03 24.89
N SER F 115 6.64 25.48 26.08
CA SER F 115 7.56 24.54 26.72
C SER F 115 6.97 23.14 26.74
N PRO F 116 7.82 22.11 26.80
CA PRO F 116 7.30 20.74 26.83
C PRO F 116 6.76 20.37 28.20
N PHE F 117 5.97 19.29 28.21
CA PHE F 117 5.49 18.70 29.45
C PHE F 117 6.52 17.68 29.91
N VAL F 118 7.09 17.89 31.10
CA VAL F 118 8.23 17.11 31.55
C VAL F 118 7.75 16.06 32.56
N LEU F 119 8.11 14.80 32.29
CA LEU F 119 7.81 13.67 33.17
C LEU F 119 9.13 13.07 33.61
N ILE F 120 9.35 12.98 34.92
CA ILE F 120 10.60 12.45 35.45
C ILE F 120 10.29 11.31 36.41
N PHE F 121 10.87 10.15 36.14
CA PHE F 121 10.83 9.00 37.04
C PHE F 121 12.16 8.95 37.79
N GLU F 122 12.11 9.12 39.11
CA GLU F 122 13.31 9.14 39.93
C GLU F 122 13.41 7.84 40.71
N ASP F 123 14.54 7.14 40.52
CA ASP F 123 14.86 5.91 41.21
C ASP F 123 15.89 6.20 42.29
N SER F 124 16.42 5.14 42.91
CA SER F 124 17.40 5.32 43.97
C SER F 124 18.66 6.02 43.47
N PHE F 125 19.14 5.64 42.28
CA PHE F 125 20.35 6.22 41.72
C PHE F 125 20.23 6.61 40.25
N ILE F 126 19.10 6.33 39.60
CA ILE F 126 18.90 6.62 38.19
C ILE F 126 17.60 7.39 38.02
N SER F 127 17.65 8.49 37.28
CA SER F 127 16.48 9.30 36.99
C SER F 127 16.31 9.39 35.47
N GLU F 128 15.08 9.18 35.00
CA GLU F 128 14.75 9.23 33.58
C GLU F 128 13.81 10.40 33.34
N ARG F 129 14.20 11.29 32.42
CA ARG F 129 13.45 12.50 32.13
C ARG F 129 13.00 12.46 30.67
N VAL F 130 11.70 12.66 30.45
CA VAL F 130 11.13 12.67 29.10
C VAL F 130 10.33 13.96 28.93
N GLU F 131 10.48 14.59 27.76
CA GLU F 131 9.80 15.83 27.44
C GLU F 131 8.81 15.55 26.31
N TYR F 132 7.54 15.88 26.53
CA TYR F 132 6.50 15.71 25.53
C TYR F 132 6.19 17.04 24.87
N SER F 133 6.25 17.06 23.54
CA SER F 133 5.87 18.26 22.79
C SER F 133 4.38 18.52 22.92
N THR F 134 4.01 19.79 22.90
CA THR F 134 2.63 20.22 23.03
C THR F 134 2.10 20.72 21.69
N TYR F 135 0.79 20.69 21.54
CA TYR F 135 0.12 21.06 20.30
C TYR F 135 -1.02 22.03 20.59
N LEU F 136 -1.41 22.76 19.55
CA LEU F 136 -2.53 23.69 19.67
C LEU F 136 -3.80 22.94 20.02
N ILE F 137 -4.63 23.56 20.85
CA ILE F 137 -5.87 22.95 21.30
C ILE F 137 -6.95 23.20 20.26
N LYS F 138 -7.70 22.15 19.92
CA LYS F 138 -8.71 22.26 18.88
C LYS F 138 -9.81 23.24 19.29
N ASP F 139 -10.42 23.88 18.29
CA ASP F 139 -11.44 24.88 18.56
C ASP F 139 -12.60 24.31 19.35
N PHE F 140 -12.88 23.02 19.21
CA PHE F 140 -13.98 22.41 19.93
C PHE F 140 -13.78 22.59 21.44
N ASP F 141 -14.82 23.03 22.13
CA ASP F 141 -14.77 23.29 23.56
C ASP F 141 -15.31 22.08 24.30
N THR F 142 -14.49 21.50 25.17
CA THR F 142 -14.93 20.34 25.95
C THR F 142 -16.07 20.69 26.89
N ASN F 143 -16.21 21.96 27.28
CA ASN F 143 -17.30 22.37 28.15
C ASN F 143 -18.65 22.39 27.43
N GLY F 144 -18.66 22.26 26.10
CA GLY F 144 -19.93 22.24 25.39
C GLY F 144 -20.80 21.07 25.78
N LEU F 145 -20.20 19.89 25.90
CA LEU F 145 -20.93 18.68 26.30
C LEU F 145 -20.93 18.63 27.82
N GLU F 146 -21.98 19.17 28.42
CA GLU F 146 -22.10 19.23 29.87
C GLU F 146 -23.55 18.95 30.26
N LEU F 147 -23.72 18.51 31.51
CA LEU F 147 -25.04 18.22 32.03
C LEU F 147 -25.71 19.49 32.51
N ASP F 148 -26.91 19.77 32.00
CA ASP F 148 -27.70 20.90 32.46
C ASP F 148 -28.22 20.58 33.86
N ARG F 149 -27.59 21.15 34.87
CA ARG F 149 -27.89 20.80 36.26
C ARG F 149 -29.27 21.25 36.70
N GLU F 150 -29.99 22.03 35.90
CA GLU F 150 -31.32 22.51 36.25
C GLU F 150 -32.44 21.70 35.60
N ARG F 151 -32.11 20.72 34.77
CA ARG F 151 -33.11 19.93 34.06
C ARG F 151 -32.75 18.45 34.11
N ILE F 152 -32.41 17.95 35.29
CA ILE F 152 -32.10 16.54 35.45
C ILE F 152 -33.37 15.73 35.25
N SER F 153 -33.34 14.80 34.29
CA SER F 153 -34.46 13.90 34.08
C SER F 153 -34.50 12.83 35.16
N PHE F 154 -33.35 12.29 35.53
CA PHE F 154 -33.29 11.29 36.60
C PHE F 154 -31.87 11.20 37.13
N GLU F 155 -31.76 10.69 38.36
CA GLU F 155 -30.47 10.40 38.97
C GLU F 155 -30.54 9.06 39.68
N ALA F 156 -29.37 8.41 39.79
CA ALA F 156 -29.28 7.10 40.40
C ALA F 156 -27.88 6.90 40.96
N ILE F 157 -27.80 6.16 42.07
CA ILE F 157 -26.52 5.82 42.69
C ILE F 157 -26.37 4.30 42.67
N ILE F 158 -25.24 3.82 42.15
CA ILE F 158 -25.00 2.40 41.94
C ILE F 158 -23.63 2.02 42.47
N LYS F 159 -23.51 0.78 42.91
CA LYS F 159 -22.24 0.22 43.37
C LYS F 159 -21.36 -0.13 42.17
N GLY F 160 -20.06 0.10 42.33
CA GLY F 160 -19.14 -0.07 41.21
C GLY F 160 -19.09 -1.49 40.68
N GLU F 161 -19.03 -2.47 41.58
CA GLU F 161 -18.85 -3.85 41.15
C GLU F 161 -20.01 -4.33 40.29
N ALA F 162 -21.25 -4.04 40.71
CA ALA F 162 -22.41 -4.50 39.95
C ALA F 162 -22.45 -3.85 38.57
N LEU F 163 -22.16 -2.55 38.49
CA LEU F 163 -22.15 -1.88 37.20
C LEU F 163 -21.06 -2.44 36.30
N HIS F 164 -19.88 -2.73 36.88
CA HIS F 164 -18.79 -3.30 36.09
C HIS F 164 -19.18 -4.67 35.56
N SER F 165 -19.83 -5.49 36.39
CA SER F 165 -20.30 -6.80 35.93
C SER F 165 -21.31 -6.66 34.79
N ALA F 166 -22.24 -5.71 34.93
CA ALA F 166 -23.22 -5.49 33.87
C ALA F 166 -22.55 -5.06 32.58
N LEU F 167 -21.57 -4.16 32.67
CA LEU F 167 -20.87 -3.71 31.47
C LEU F 167 -20.10 -4.86 30.82
N LYS F 168 -19.47 -5.71 31.63
CA LYS F 168 -18.79 -6.89 31.09
C LYS F 168 -19.78 -7.81 30.37
N ASP F 169 -20.93 -8.05 30.99
CA ASP F 169 -21.93 -8.92 30.37
C ASP F 169 -22.39 -8.35 29.04
N LEU F 170 -22.64 -7.04 28.99
CA LEU F 170 -23.05 -6.40 27.74
C LEU F 170 -21.96 -6.53 26.69
N LYS F 171 -20.71 -6.31 27.08
CA LYS F 171 -19.61 -6.36 26.12
C LYS F 171 -19.44 -7.76 25.55
N GLU F 172 -19.57 -8.79 26.39
CA GLU F 172 -19.27 -10.15 25.95
C GLU F 172 -20.34 -10.71 25.02
N ILE F 173 -21.56 -10.18 25.05
CA ILE F 173 -22.61 -10.66 24.16
C ILE F 173 -22.62 -9.87 22.87
N GLY F 174 -21.60 -9.03 22.67
CA GLY F 174 -21.56 -8.20 21.48
C GLY F 174 -22.69 -7.20 21.41
N CYS F 175 -23.00 -6.54 22.53
CA CYS F 175 -24.07 -5.56 22.56
C CYS F 175 -23.81 -4.46 21.53
N LYS F 176 -24.85 -4.10 20.79
CA LYS F 176 -24.77 -3.05 19.78
C LYS F 176 -25.52 -1.78 20.19
N GLU F 177 -26.71 -1.91 20.74
CA GLU F 177 -27.48 -0.76 21.22
C GLU F 177 -27.82 -0.95 22.69
N CYS F 178 -27.75 0.13 23.46
CA CYS F 178 -28.04 0.09 24.89
C CYS F 178 -29.18 1.06 25.20
N TYR F 179 -30.03 0.66 26.15
CA TYR F 179 -31.14 1.48 26.61
C TYR F 179 -31.14 1.49 28.13
N VAL F 180 -30.96 2.67 28.71
CA VAL F 180 -31.04 2.84 30.15
C VAL F 180 -32.48 3.14 30.50
N TYR F 181 -33.10 2.29 31.32
CA TYR F 181 -34.49 2.41 31.71
C TYR F 181 -34.55 2.68 33.21
N ALA F 182 -35.20 3.78 33.59
CA ALA F 182 -35.30 4.18 34.99
C ALA F 182 -36.75 4.49 35.32
N LYS F 183 -37.27 3.85 36.37
CA LYS F 183 -38.64 4.07 36.79
C LYS F 183 -38.73 4.00 38.31
N THR F 184 -39.67 4.76 38.86
CA THR F 184 -39.90 4.81 40.29
C THR F 184 -41.40 4.68 40.57
N GLU F 185 -41.72 4.05 41.71
CA GLU F 185 -43.10 3.88 42.13
C GLU F 185 -43.17 4.16 43.62
N ALA F 186 -44.31 3.86 44.23
CA ALA F 186 -44.50 4.04 45.66
C ALA F 186 -43.79 2.91 46.40
N ASN F 187 -43.98 2.86 47.73
CA ASN F 187 -43.38 1.84 48.58
C ASN F 187 -41.91 1.61 48.25
N ASP F 188 -41.20 2.67 47.90
CA ASP F 188 -39.76 2.62 47.65
C ASP F 188 -39.43 1.55 46.61
N GLU F 189 -40.20 1.53 45.53
CA GLU F 189 -39.99 0.61 44.42
C GLU F 189 -39.20 1.31 43.33
N ASN F 190 -38.03 0.76 43.00
CA ASN F 190 -37.13 1.33 42.00
C ASN F 190 -36.85 0.29 40.94
N VAL F 191 -36.74 0.74 39.69
CA VAL F 191 -36.41 -0.14 38.58
C VAL F 191 -35.39 0.56 37.67
N PHE F 192 -34.13 0.15 37.79
CA PHE F 192 -33.06 0.61 36.91
C PHE F 192 -32.55 -0.60 36.13
N ALA F 193 -32.55 -0.49 34.80
CA ALA F 193 -32.20 -1.62 33.96
C ALA F 193 -31.45 -1.14 32.72
N LEU F 194 -30.66 -2.06 32.16
CA LEU F 194 -29.97 -1.85 30.89
C LEU F 194 -30.50 -2.90 29.91
N ILE F 195 -31.05 -2.44 28.79
CA ILE F 195 -31.60 -3.31 27.76
C ILE F 195 -30.68 -3.26 26.55
N SER F 196 -30.21 -4.41 26.11
CA SER F 196 -29.22 -4.51 25.04
C SER F 196 -29.86 -5.12 23.79
N LYS F 197 -29.61 -4.48 22.65
CA LYS F 197 -29.91 -5.05 21.34
C LYS F 197 -28.60 -5.53 20.73
N SER F 198 -28.53 -6.83 20.46
CA SER F 198 -27.31 -7.47 19.97
C SER F 198 -27.71 -8.62 19.05
N GLN F 199 -26.72 -9.44 18.67
CA GLN F 199 -27.01 -10.61 17.85
C GLN F 199 -27.96 -11.57 18.55
N LEU F 200 -27.91 -11.61 19.88
CA LEU F 200 -28.84 -12.44 20.65
C LEU F 200 -30.28 -11.94 20.57
N GLY F 201 -30.50 -10.73 20.07
CA GLY F 201 -31.81 -10.12 20.10
C GLY F 201 -31.88 -9.03 21.15
N PHE F 202 -32.93 -9.04 21.97
CA PHE F 202 -33.09 -8.09 23.05
C PHE F 202 -32.91 -8.80 24.38
N SER F 203 -31.99 -8.29 25.20
CA SER F 203 -31.72 -8.86 26.52
C SER F 203 -31.81 -7.75 27.55
N LYS F 204 -31.96 -8.14 28.81
CA LYS F 204 -32.14 -7.20 29.91
C LYS F 204 -31.20 -7.56 31.06
N ILE F 205 -30.66 -6.53 31.71
CA ILE F 205 -29.93 -6.67 32.96
C ILE F 205 -30.56 -5.70 33.95
N LYS F 206 -31.15 -6.24 35.02
CA LYS F 206 -31.91 -5.46 35.98
C LYS F 206 -31.14 -5.39 37.29
N LEU F 207 -30.98 -4.17 37.82
CA LEU F 207 -30.34 -4.01 39.12
C LEU F 207 -31.35 -4.18 40.24
N PRO F 208 -30.99 -4.82 41.34
CA PRO F 208 -31.97 -5.06 42.41
C PRO F 208 -32.37 -3.77 43.11
N SER F 209 -33.58 -3.79 43.66
CA SER F 209 -34.12 -2.65 44.41
C SER F 209 -33.77 -2.79 45.90
N ASN F 210 -32.47 -2.74 46.18
CA ASN F 210 -31.95 -2.84 47.53
C ASN F 210 -30.89 -1.78 47.74
N ARG F 211 -30.71 -1.37 49.00
CA ARG F 211 -29.74 -0.33 49.33
C ARG F 211 -28.34 -0.91 49.53
N SER F 212 -27.92 -1.76 48.58
CA SER F 212 -26.54 -2.22 48.48
C SER F 212 -26.01 -2.23 47.06
N ILE F 213 -26.86 -2.30 46.05
CA ILE F 213 -26.46 -2.13 44.66
C ILE F 213 -27.06 -0.87 44.06
N LEU F 214 -28.30 -0.55 44.41
CA LEU F 214 -28.98 0.67 43.96
C LEU F 214 -29.28 1.50 45.21
N GLU F 215 -28.34 2.39 45.56
CA GLU F 215 -28.49 3.16 46.79
C GLU F 215 -29.71 4.05 46.74
N LYS F 216 -29.93 4.74 45.62
CA LYS F 216 -31.11 5.58 45.48
C LYS F 216 -31.37 5.83 44.00
N LEU F 217 -32.64 6.13 43.69
CA LEU F 217 -33.07 6.43 42.34
C LEU F 217 -34.19 7.45 42.41
N GLN F 218 -34.11 8.48 41.55
CA GLN F 218 -35.10 9.55 41.55
C GLN F 218 -35.37 9.98 40.12
N VAL F 219 -36.65 10.21 39.81
CA VAL F 219 -37.08 10.77 38.54
C VAL F 219 -37.76 12.10 38.84
N PHE F 220 -37.25 13.18 38.25
CA PHE F 220 -37.63 14.53 38.61
C PHE F 220 -38.53 15.21 37.58
N ASP F 221 -39.00 14.49 36.58
CA ASP F 221 -39.86 15.06 35.54
C ASP F 221 -39.12 16.12 34.73
N GLY F 222 -37.80 16.00 34.63
CA GLY F 222 -37.03 16.90 33.79
C GLY F 222 -36.78 18.27 34.34
N ASP F 223 -36.91 18.47 35.66
CA ASP F 223 -36.63 19.76 36.26
C ASP F 223 -35.82 19.66 37.56
N SER F 224 -35.48 18.46 38.01
CA SER F 224 -34.65 18.22 39.19
C SER F 224 -35.38 18.49 40.51
N THR F 225 -36.67 18.87 40.47
CA THR F 225 -37.39 19.25 41.67
C THR F 225 -38.55 18.32 42.00
N THR F 226 -39.49 18.14 41.08
CA THR F 226 -40.72 17.40 41.36
C THR F 226 -40.51 15.91 41.06
N VAL F 227 -40.59 15.10 42.11
CA VAL F 227 -40.46 13.66 41.95
C VAL F 227 -41.79 13.10 41.45
N ILE F 228 -41.72 12.28 40.41
CA ILE F 228 -42.91 11.71 39.78
C ILE F 228 -42.79 10.19 39.80
N ASP F 229 -43.88 9.52 40.18
CA ASP F 229 -43.95 8.07 40.25
C ASP F 229 -44.80 7.54 39.10
N GLY F 230 -44.41 6.39 38.57
CA GLY F 230 -45.11 5.78 37.45
C GLY F 230 -44.62 6.19 36.08
N PHE F 231 -43.67 7.12 36.01
CA PHE F 231 -43.11 7.56 34.73
C PHE F 231 -41.75 6.92 34.51
N ALA F 232 -41.51 6.47 33.29
CA ALA F 232 -40.28 5.77 32.93
C ALA F 232 -39.45 6.62 31.98
N VAL F 233 -38.17 6.78 32.30
CA VAL F 233 -37.23 7.52 31.48
C VAL F 233 -36.35 6.51 30.76
N ILE F 234 -36.28 6.65 29.43
CA ILE F 234 -35.52 5.73 28.58
C ILE F 234 -34.48 6.53 27.82
N GLY F 235 -33.23 6.09 27.91
CA GLY F 235 -32.14 6.72 27.18
C GLY F 235 -31.47 5.75 26.22
N PHE F 236 -31.41 6.13 24.94
CA PHE F 236 -30.89 5.26 23.89
C PHE F 236 -29.47 5.68 23.55
N PHE F 237 -28.54 4.73 23.62
CA PHE F 237 -27.13 5.00 23.38
C PHE F 237 -26.54 3.91 22.50
N ASP F 238 -25.49 4.28 21.76
CA ASP F 238 -24.70 3.33 21.00
C ASP F 238 -23.65 2.73 21.91
N PHE F 239 -23.55 1.39 21.90
CA PHE F 239 -22.66 0.72 22.84
C PHE F 239 -21.21 1.13 22.65
N THR F 240 -20.83 1.55 21.44
CA THR F 240 -19.44 1.95 21.20
C THR F 240 -19.01 3.07 22.14
N SER F 241 -19.94 3.94 22.54
CA SER F 241 -19.64 5.01 23.48
C SER F 241 -19.97 4.65 24.92
N PHE F 242 -21.03 3.86 25.14
CA PHE F 242 -21.39 3.47 26.51
C PHE F 242 -20.31 2.59 27.12
N ASP F 243 -19.70 1.71 26.33
CA ASP F 243 -18.70 0.78 26.84
C ASP F 243 -17.39 1.47 27.22
N LYS F 244 -17.21 2.74 26.85
CA LYS F 244 -15.97 3.42 27.14
C LYS F 244 -15.79 3.73 28.63
N ILE F 245 -16.82 3.53 29.45
CA ILE F 245 -16.72 3.73 30.89
C ILE F 245 -16.41 2.44 31.64
N ARG F 246 -16.22 1.32 30.94
CA ARG F 246 -15.96 0.06 31.62
C ARG F 246 -14.65 0.11 32.39
N LYS F 247 -13.59 0.65 31.78
CA LYS F 247 -12.30 0.74 32.47
C LYS F 247 -12.40 1.62 33.71
N SER F 248 -13.11 2.74 33.61
CA SER F 248 -13.28 3.61 34.77
C SER F 248 -14.08 2.92 35.86
N THR F 249 -15.13 2.19 35.49
CA THR F 249 -15.94 1.49 36.48
C THR F 249 -15.16 0.36 37.14
N LYS F 250 -14.18 -0.20 36.44
CA LYS F 250 -13.39 -1.28 37.02
C LYS F 250 -12.79 -0.87 38.35
N ILE F 251 -12.25 0.35 38.44
CA ILE F 251 -11.69 0.86 39.68
C ILE F 251 -12.70 1.66 40.51
N ALA F 252 -13.88 1.91 39.98
CA ALA F 252 -14.85 2.77 40.66
C ALA F 252 -15.32 2.13 41.96
N SER F 253 -15.53 2.97 42.97
CA SER F 253 -16.17 2.55 44.22
C SER F 253 -17.65 2.88 44.22
N LYS F 254 -18.04 4.05 43.70
CA LYS F 254 -19.45 4.41 43.56
C LYS F 254 -19.64 5.12 42.24
N VAL F 255 -20.83 4.96 41.66
CA VAL F 255 -21.17 5.57 40.39
C VAL F 255 -22.50 6.32 40.53
N LEU F 256 -22.55 7.52 39.96
CA LEU F 256 -23.75 8.35 39.98
C LEU F 256 -24.14 8.64 38.53
N PHE F 257 -25.30 8.14 38.13
CA PHE F 257 -25.88 8.44 36.83
C PHE F 257 -26.82 9.64 36.97
N ARG F 258 -26.74 10.55 36.00
CA ARG F 258 -27.61 11.72 35.97
C ARG F 258 -27.93 12.03 34.51
N MET F 259 -29.18 11.86 34.12
CA MET F 259 -29.62 12.16 32.77
C MET F 259 -30.53 13.37 32.77
N ASP F 260 -30.30 14.28 31.82
CA ASP F 260 -31.10 15.49 31.69
C ASP F 260 -32.10 15.33 30.54
N VAL F 261 -32.94 16.34 30.35
CA VAL F 261 -33.96 16.29 29.31
C VAL F 261 -33.35 16.46 27.92
N HIS F 262 -32.18 17.09 27.82
CA HIS F 262 -31.54 17.33 26.53
C HIS F 262 -30.85 16.09 25.97
N GLY F 263 -31.08 14.92 26.56
CA GLY F 263 -30.43 13.71 26.06
C GLY F 263 -28.99 13.56 26.45
N VAL F 264 -28.55 14.20 27.53
CA VAL F 264 -27.18 14.11 28.00
C VAL F 264 -27.15 13.27 29.27
N LEU F 265 -26.28 12.27 29.28
CA LEU F 265 -26.06 11.39 30.42
C LEU F 265 -24.69 11.65 30.99
N SER F 266 -24.63 11.87 32.31
CA SER F 266 -23.39 12.12 33.03
C SER F 266 -23.18 11.00 34.04
N VAL F 267 -21.98 10.44 34.04
CA VAL F 267 -21.57 9.39 34.96
C VAL F 267 -20.44 9.94 35.81
N ASN F 268 -20.66 10.01 37.11
CA ASN F 268 -19.65 10.41 38.09
C ASN F 268 -19.12 9.16 38.77
N ILE F 269 -17.82 8.93 38.67
CA ILE F 269 -17.18 7.74 39.21
C ILE F 269 -16.23 8.17 40.32
N LEU F 270 -16.45 7.65 41.52
CA LEU F 270 -15.58 7.87 42.66
C LEU F 270 -14.89 6.55 42.99
N SER F 271 -13.56 6.56 42.96
CA SER F 271 -12.77 5.35 43.23
C SER F 271 -12.17 5.39 44.63
N PRO F 302 -9.53 12.63 48.89
CA PRO F 302 -8.32 12.01 48.33
C PRO F 302 -8.62 10.79 47.49
N GLY F 303 -8.52 10.93 46.17
CA GLY F 303 -8.79 9.83 45.27
C GLY F 303 -8.86 10.31 43.85
N ILE F 304 -9.25 9.40 42.97
CA ILE F 304 -9.41 9.67 41.55
C ILE F 304 -10.90 9.80 41.25
N VAL F 305 -11.29 10.93 40.66
CA VAL F 305 -12.68 11.22 40.34
C VAL F 305 -12.79 11.39 38.84
N ILE F 306 -13.78 10.72 38.24
CA ILE F 306 -13.95 10.69 36.79
C ILE F 306 -15.34 11.18 36.44
N GLU F 307 -15.45 11.96 35.36
CA GLU F 307 -16.71 12.43 34.82
C GLU F 307 -16.78 12.02 33.35
N VAL F 308 -17.84 11.31 32.98
CA VAL F 308 -18.07 10.90 31.60
C VAL F 308 -19.41 11.46 31.15
N CYS F 309 -19.39 12.24 30.07
CA CYS F 309 -20.60 12.83 29.53
C CYS F 309 -20.83 12.31 28.12
N MET F 310 -22.04 11.82 27.86
CA MET F 310 -22.36 11.25 26.55
C MET F 310 -23.72 11.76 26.10
N LEU F 311 -23.89 11.75 24.78
CA LEU F 311 -25.13 12.19 24.14
C LEU F 311 -25.99 10.98 23.77
N GLU F 312 -27.30 11.18 23.82
CA GLU F 312 -28.27 10.14 23.46
C GLU F 312 -28.52 10.14 21.95
N LYS F 313 -28.97 9.00 21.45
CA LYS F 313 -29.28 8.89 20.03
C LYS F 313 -30.47 9.76 19.67
N GLU F 314 -30.63 10.00 18.36
CA GLU F 314 -31.65 10.93 17.90
C GLU F 314 -33.05 10.49 18.31
N SER F 315 -33.36 9.21 18.13
CA SER F 315 -34.69 8.71 18.43
C SER F 315 -34.65 7.19 18.54
N ILE F 316 -35.75 6.62 19.02
CA ILE F 316 -35.88 5.19 19.23
C ILE F 316 -36.88 4.65 18.22
N ASP F 317 -36.52 3.54 17.57
CA ASP F 317 -37.41 2.92 16.60
C ASP F 317 -38.63 2.32 17.28
N GLU F 318 -39.70 2.16 16.50
CA GLU F 318 -40.93 1.59 17.03
C GLU F 318 -40.70 0.16 17.52
N ALA F 319 -39.94 -0.63 16.76
CA ALA F 319 -39.67 -2.00 17.19
C ALA F 319 -38.91 -2.03 18.50
N ALA F 320 -37.90 -1.18 18.64
CA ALA F 320 -37.13 -1.14 19.88
C ALA F 320 -38.01 -0.70 21.05
N GLN F 321 -38.86 0.30 20.84
CA GLN F 321 -39.74 0.74 21.91
C GLN F 321 -40.70 -0.36 22.33
N THR F 322 -41.28 -1.07 21.35
CA THR F 322 -42.19 -2.16 21.67
C THR F 322 -41.48 -3.26 22.44
N GLU F 323 -40.26 -3.64 22.00
CA GLU F 323 -39.52 -4.68 22.69
C GLU F 323 -39.17 -4.26 24.11
N ILE F 324 -38.77 -2.99 24.30
CA ILE F 324 -38.43 -2.51 25.63
C ILE F 324 -39.66 -2.54 26.54
N GLU F 325 -40.81 -2.08 26.02
CA GLU F 325 -42.02 -2.09 26.82
C GLU F 325 -42.42 -3.51 27.20
N LEU F 326 -42.33 -4.45 26.25
CA LEU F 326 -42.64 -5.84 26.56
C LEU F 326 -41.69 -6.41 27.60
N LEU F 327 -40.40 -6.08 27.49
CA LEU F 327 -39.43 -6.56 28.47
C LEU F 327 -39.74 -6.02 29.86
N MET F 328 -40.08 -4.73 29.95
CA MET F 328 -40.35 -4.11 31.25
C MET F 328 -41.79 -4.33 31.72
N GLU F 329 -42.63 -4.97 30.92
CA GLU F 329 -44.01 -5.24 31.32
C GLU F 329 -44.48 -6.57 30.75
N MET G 35 -46.96 -20.73 30.26
CA MET G 35 -45.63 -21.39 30.18
C MET G 35 -45.76 -22.80 29.61
N SER G 36 -45.43 -22.96 28.34
CA SER G 36 -45.47 -24.28 27.73
C SER G 36 -44.44 -25.21 28.36
N PHE G 37 -43.24 -24.70 28.66
CA PHE G 37 -42.21 -25.51 29.27
C PHE G 37 -41.35 -24.64 30.18
N LYS G 38 -40.88 -25.23 31.28
CA LYS G 38 -40.02 -24.52 32.22
C LYS G 38 -39.14 -25.52 32.95
N ALA G 39 -37.88 -25.15 33.18
CA ALA G 39 -37.00 -25.91 34.05
C ALA G 39 -35.93 -24.99 34.62
N THR G 40 -35.40 -25.38 35.78
CA THR G 40 -34.47 -24.54 36.52
C THR G 40 -33.30 -25.38 37.03
N ILE G 41 -32.13 -24.76 37.09
CA ILE G 41 -30.91 -25.37 37.63
C ILE G 41 -30.38 -24.46 38.72
N THR G 42 -30.03 -25.05 39.86
CA THR G 42 -29.55 -24.30 41.01
C THR G 42 -28.11 -24.62 41.39
N GLU G 43 -27.73 -25.89 41.41
CA GLU G 43 -26.41 -26.27 41.87
C GLU G 43 -25.32 -25.76 40.92
N SER G 44 -24.14 -25.51 41.49
CA SER G 44 -23.03 -24.99 40.69
C SER G 44 -22.49 -26.05 39.74
N GLY G 45 -22.33 -27.29 40.22
CA GLY G 45 -21.83 -28.35 39.35
C GLY G 45 -22.78 -28.68 38.23
N LYS G 46 -24.10 -28.65 38.51
CA LYS G 46 -25.09 -28.86 37.46
C LYS G 46 -24.99 -27.78 36.39
N GLN G 47 -24.82 -26.52 36.81
CA GLN G 47 -24.63 -25.44 35.85
C GLN G 47 -23.36 -25.66 35.03
N ASN G 48 -22.28 -26.10 35.68
CA ASN G 48 -21.04 -26.34 34.98
C ASN G 48 -21.21 -27.42 33.90
N ILE G 49 -21.86 -28.52 34.25
CA ILE G 49 -22.01 -29.60 33.27
C ILE G 49 -22.96 -29.18 32.17
N TRP G 50 -24.00 -28.42 32.49
CA TRP G 50 -24.89 -27.92 31.45
C TRP G 50 -24.13 -27.05 30.46
N PHE G 51 -23.33 -26.12 30.98
CA PHE G 51 -22.56 -25.24 30.10
C PHE G 51 -21.58 -26.03 29.26
N ARG G 52 -20.90 -27.01 29.86
CA ARG G 52 -19.92 -27.79 29.11
C ARG G 52 -20.59 -28.59 28.00
N ALA G 53 -21.74 -29.22 28.30
CA ALA G 53 -22.45 -29.97 27.28
C ALA G 53 -22.90 -29.07 26.14
N ILE G 54 -23.45 -27.89 26.47
CA ILE G 54 -23.88 -26.97 25.42
C ILE G 54 -22.69 -26.54 24.58
N TYR G 55 -21.55 -26.26 25.23
CA TYR G 55 -20.37 -25.84 24.49
C TYR G 55 -19.87 -26.93 23.54
N VAL G 56 -19.83 -28.17 24.01
CA VAL G 56 -19.38 -29.27 23.15
C VAL G 56 -20.32 -29.44 21.97
N LEU G 57 -21.63 -29.43 22.23
CA LEU G 57 -22.58 -29.54 21.14
C LEU G 57 -22.41 -28.41 20.14
N SER G 58 -22.14 -27.20 20.63
CA SER G 58 -21.91 -26.06 19.75
C SER G 58 -20.65 -26.26 18.91
N THR G 59 -19.63 -26.90 19.49
CA THR G 59 -18.45 -27.22 18.70
C THR G 59 -18.78 -28.22 17.59
N ILE G 60 -19.70 -29.14 17.85
CA ILE G 60 -20.01 -30.15 16.84
C ILE G 60 -20.75 -29.53 15.66
N GLN G 61 -21.77 -28.71 15.91
CA GLN G 61 -22.58 -28.13 14.85
C GLN G 61 -22.98 -26.71 15.24
N ASP G 62 -23.22 -25.88 14.22
CA ASP G 62 -23.55 -24.48 14.46
C ASP G 62 -24.88 -24.33 15.20
N ASP G 63 -25.80 -25.27 15.01
CA ASP G 63 -27.11 -25.22 15.64
C ASP G 63 -27.33 -26.49 16.46
N ILE G 64 -27.81 -26.32 17.69
CA ILE G 64 -28.10 -27.43 18.59
C ILE G 64 -29.60 -27.70 18.52
N LYS G 65 -29.98 -28.96 18.71
CA LYS G 65 -31.37 -29.37 18.71
C LYS G 65 -31.79 -29.73 20.13
N ILE G 66 -32.91 -29.16 20.58
CA ILE G 66 -33.44 -29.40 21.91
C ILE G 66 -34.79 -30.07 21.77
N THR G 67 -34.96 -31.21 22.43
CA THR G 67 -36.22 -31.94 22.48
C THR G 67 -36.67 -32.03 23.93
N VAL G 68 -37.91 -31.60 24.19
CA VAL G 68 -38.49 -31.58 25.52
C VAL G 68 -39.58 -32.63 25.57
N THR G 69 -39.53 -33.48 26.59
CA THR G 69 -40.51 -34.52 26.83
C THR G 69 -40.98 -34.42 28.28
N THR G 70 -41.91 -35.30 28.65
CA THR G 70 -42.45 -35.29 30.00
C THR G 70 -41.46 -35.80 31.04
N ASN G 71 -40.36 -36.42 30.62
CA ASN G 71 -39.43 -37.04 31.55
C ASN G 71 -38.00 -36.54 31.45
N GLU G 72 -37.60 -35.93 30.34
CA GLU G 72 -36.21 -35.50 30.20
C GLU G 72 -36.10 -34.48 29.08
N LEU G 73 -34.95 -33.79 29.07
CA LEU G 73 -34.60 -32.83 28.04
C LEU G 73 -33.38 -33.33 27.31
N ILE G 74 -33.45 -33.41 25.98
CA ILE G 74 -32.38 -33.97 25.16
C ILE G 74 -31.79 -32.84 24.33
N ALA G 75 -30.49 -32.58 24.49
CA ALA G 75 -29.76 -31.65 23.66
C ALA G 75 -28.80 -32.44 22.80
N TRP G 76 -28.94 -32.33 21.48
CA TRP G 76 -28.14 -33.16 20.58
C TRP G 76 -27.67 -32.35 19.39
N SER G 77 -26.70 -32.92 18.69
CA SER G 77 -26.06 -32.26 17.57
C SER G 77 -25.45 -33.31 16.64
N MET G 78 -25.49 -33.01 15.34
CA MET G 78 -24.87 -33.83 14.30
C MET G 78 -24.13 -32.92 13.34
N ASN G 79 -22.94 -33.35 12.93
CA ASN G 79 -22.13 -32.51 12.05
C ASN G 79 -22.62 -32.61 10.61
N GLU G 80 -22.05 -31.74 9.76
CA GLU G 80 -22.53 -31.63 8.38
C GLU G 80 -22.34 -32.95 7.62
N THR G 81 -21.22 -33.63 7.84
CA THR G 81 -20.94 -34.87 7.13
C THR G 81 -21.69 -36.07 7.68
N ASP G 82 -22.43 -35.90 8.78
CA ASP G 82 -23.19 -36.99 9.39
C ASP G 82 -22.28 -38.13 9.85
N THR G 83 -21.03 -37.79 10.20
CA THR G 83 -20.08 -38.78 10.70
C THR G 83 -20.00 -38.83 12.21
N THR G 84 -20.64 -37.90 12.92
CA THR G 84 -20.61 -37.85 14.37
C THR G 84 -21.93 -37.32 14.91
N LEU G 85 -22.41 -37.96 15.98
CA LEU G 85 -23.64 -37.55 16.65
C LEU G 85 -23.38 -37.51 18.15
N CYS G 86 -23.75 -36.40 18.79
CA CYS G 86 -23.61 -36.27 20.24
C CYS G 86 -24.98 -35.96 20.84
N GLN G 87 -25.26 -36.56 21.98
CA GLN G 87 -26.57 -36.44 22.63
C GLN G 87 -26.39 -36.43 24.15
N VAL G 88 -26.95 -35.43 24.80
CA VAL G 88 -26.94 -35.30 26.25
C VAL G 88 -28.37 -35.26 26.74
N ARG G 89 -28.73 -36.19 27.61
CA ARG G 89 -30.07 -36.30 28.16
C ARG G 89 -30.04 -35.94 29.64
N PHE G 90 -30.75 -34.87 30.00
CA PHE G 90 -30.91 -34.44 31.38
C PHE G 90 -32.27 -34.94 31.87
N GLN G 91 -32.25 -35.75 32.93
CA GLN G 91 -33.51 -36.22 33.50
C GLN G 91 -34.21 -35.07 34.24
N LYS G 92 -35.53 -35.20 34.38
CA LYS G 92 -36.29 -34.16 35.06
C LYS G 92 -35.80 -33.96 36.49
N SER G 93 -35.27 -35.01 37.12
CA SER G 93 -34.68 -34.87 38.45
C SER G 93 -33.44 -33.99 38.44
N PHE G 94 -32.80 -33.82 37.28
CA PHE G 94 -31.62 -32.96 37.20
C PHE G 94 -31.97 -31.51 37.49
N PHE G 95 -33.20 -31.11 37.22
CA PHE G 95 -33.66 -29.74 37.44
C PHE G 95 -34.46 -29.66 38.73
N GLU G 96 -34.26 -28.57 39.47
CA GLU G 96 -35.02 -28.37 40.70
C GLU G 96 -36.51 -28.30 40.41
N GLU G 97 -36.90 -27.52 39.40
CA GLU G 97 -38.28 -27.42 38.95
C GLU G 97 -38.35 -27.87 37.50
N TYR G 98 -39.44 -28.55 37.15
CA TYR G 98 -39.64 -29.05 35.79
C TYR G 98 -41.12 -29.10 35.49
N GLU G 99 -41.54 -28.43 34.43
CA GLU G 99 -42.93 -28.43 33.99
C GLU G 99 -42.96 -28.49 32.47
N PHE G 100 -43.82 -29.34 31.93
CA PHE G 100 -43.96 -29.51 30.48
C PHE G 100 -45.45 -29.67 30.18
N LYS G 101 -45.99 -28.75 29.38
CA LYS G 101 -47.42 -28.72 29.06
C LYS G 101 -47.57 -28.68 27.54
N PRO G 102 -47.37 -29.80 26.86
CA PRO G 102 -47.46 -29.79 25.38
C PRO G 102 -48.83 -29.38 24.87
N HIS G 103 -49.91 -29.72 25.58
CA HIS G 103 -51.25 -29.42 25.10
C HIS G 103 -51.54 -27.92 25.07
N GLU G 104 -50.71 -27.10 25.71
CA GLU G 104 -50.92 -25.65 25.73
C GLU G 104 -50.23 -24.94 24.58
N ILE G 105 -49.41 -25.64 23.79
CA ILE G 105 -48.67 -24.99 22.71
C ILE G 105 -49.61 -24.63 21.58
N VAL G 106 -49.52 -23.38 21.11
CA VAL G 106 -50.34 -22.91 20.00
C VAL G 106 -49.43 -22.46 18.86
N PHE G 107 -48.60 -21.45 19.12
CA PHE G 107 -47.66 -20.99 18.11
C PHE G 107 -46.54 -22.01 17.94
N GLY G 108 -46.03 -22.11 16.71
CA GLY G 108 -44.97 -23.06 16.41
C GLY G 108 -45.38 -24.49 16.65
N GLU G 109 -46.61 -24.86 16.28
CA GLU G 109 -47.10 -26.20 16.50
C GLU G 109 -46.37 -27.25 15.67
N ASN G 110 -45.59 -26.84 14.67
CA ASN G 110 -44.88 -27.81 13.85
C ASN G 110 -43.91 -28.64 14.68
N GLY G 111 -43.45 -28.12 15.82
CA GLY G 111 -42.54 -28.85 16.68
C GLY G 111 -43.20 -29.89 17.57
N VAL G 112 -44.53 -29.88 17.66
CA VAL G 112 -45.24 -30.83 18.50
C VAL G 112 -45.33 -32.16 17.78
N GLN G 113 -44.94 -33.24 18.46
CA GLN G 113 -44.92 -34.57 17.88
C GLN G 113 -45.49 -35.56 18.88
N VAL G 114 -46.15 -36.59 18.36
CA VAL G 114 -46.73 -37.65 19.17
C VAL G 114 -46.09 -38.96 18.75
N ILE G 115 -45.62 -39.73 19.73
CA ILE G 115 -44.95 -41.01 19.49
C ILE G 115 -45.72 -42.10 20.24
N GLU G 116 -46.04 -43.17 19.53
CA GLU G 116 -46.76 -44.30 20.13
C GLU G 116 -45.78 -45.28 20.72
N ASP G 117 -46.05 -45.72 21.94
CA ASP G 117 -45.20 -46.67 22.64
C ASP G 117 -45.57 -48.11 22.31
N THR G 118 -44.62 -49.01 22.52
CA THR G 118 -44.87 -50.43 22.25
C THR G 118 -45.97 -50.99 23.13
N TYR G 119 -46.21 -50.40 24.30
CA TYR G 119 -47.25 -50.86 25.21
C TYR G 119 -48.59 -50.20 24.97
N GLY G 120 -48.70 -49.35 23.96
CA GLY G 120 -49.95 -48.68 23.66
C GLY G 120 -50.12 -47.39 24.43
N ASN G 121 -49.10 -46.53 24.37
CA ASN G 121 -49.13 -45.24 25.05
C ASN G 121 -48.66 -44.15 24.10
N SER G 122 -49.23 -42.97 24.25
CA SER G 122 -48.89 -41.81 23.44
C SER G 122 -48.06 -40.84 24.26
N HIS G 123 -46.91 -40.43 23.73
CA HIS G 123 -45.99 -39.51 24.39
C HIS G 123 -45.84 -38.26 23.54
N LYS G 124 -45.90 -37.10 24.18
CA LYS G 124 -45.78 -35.82 23.50
C LYS G 124 -44.35 -35.32 23.59
N LEU G 125 -43.87 -34.72 22.49
CA LEU G 125 -42.52 -34.17 22.42
C LEU G 125 -42.59 -32.83 21.73
N TYR G 126 -41.68 -31.93 22.11
CA TYR G 126 -41.54 -30.65 21.43
C TYR G 126 -40.08 -30.40 21.11
N SER G 127 -39.75 -30.25 19.83
CA SER G 127 -38.37 -30.12 19.39
C SER G 127 -38.18 -28.80 18.67
N PHE G 128 -37.00 -28.21 18.86
CA PHE G 128 -36.65 -26.97 18.17
C PHE G 128 -35.15 -26.88 18.00
N ARG G 129 -34.73 -25.94 17.17
CA ARG G 129 -33.33 -25.70 16.85
C ARG G 129 -32.94 -24.31 17.35
N VAL G 130 -31.75 -24.21 17.93
CA VAL G 130 -31.28 -22.95 18.50
C VAL G 130 -29.80 -22.77 18.21
N ASN G 131 -29.39 -21.54 17.95
CA ASN G 131 -27.99 -21.24 17.70
C ASN G 131 -27.13 -21.70 18.89
N GLY G 132 -26.18 -22.60 18.60
CA GLY G 132 -25.37 -23.16 19.68
C GLY G 132 -24.47 -22.14 20.34
N ARG G 133 -23.83 -21.27 19.55
CA ARG G 133 -22.91 -20.30 20.12
C ARG G 133 -23.64 -19.33 21.06
N HIS G 134 -24.84 -18.90 20.67
CA HIS G 134 -25.61 -17.99 21.51
C HIS G 134 -25.97 -18.64 22.84
N LEU G 135 -26.42 -19.90 22.78
CA LEU G 135 -26.78 -20.61 24.01
C LEU G 135 -25.56 -20.81 24.90
N THR G 136 -24.41 -21.12 24.30
CA THR G 136 -23.19 -21.28 25.09
C THR G 136 -22.81 -19.97 25.76
N THR G 137 -22.89 -18.85 25.03
CA THR G 137 -22.58 -17.56 25.62
C THR G 137 -23.53 -17.23 26.76
N ILE G 138 -24.80 -17.61 26.62
CA ILE G 138 -25.77 -17.32 27.67
C ILE G 138 -25.49 -18.15 28.92
N SER G 139 -25.05 -19.39 28.75
CA SER G 139 -25.00 -20.36 29.84
C SER G 139 -23.68 -20.38 30.59
N ARG G 140 -22.72 -19.54 30.25
CA ARG G 140 -21.42 -19.58 30.90
C ARG G 140 -21.42 -18.77 32.20
N LYS G 141 -20.63 -19.23 33.15
CA LYS G 141 -20.54 -18.56 34.45
C LYS G 141 -19.67 -17.31 34.34
N PRO G 142 -20.13 -16.15 34.77
CA PRO G 142 -19.29 -14.96 34.72
C PRO G 142 -18.04 -15.13 35.59
N ASP G 143 -16.96 -14.47 35.15
CA ASP G 143 -15.68 -14.64 35.82
C ASP G 143 -15.76 -14.25 37.28
N GLY G 144 -16.42 -13.12 37.57
CA GLY G 144 -16.48 -12.62 38.93
C GLY G 144 -17.67 -13.10 39.73
N ASP G 145 -18.87 -12.93 39.19
CA ASP G 145 -20.09 -13.20 39.93
C ASP G 145 -20.61 -14.60 39.64
N GLY G 146 -21.11 -15.26 40.69
CA GLY G 146 -21.69 -16.58 40.55
C GLY G 146 -23.17 -16.53 40.22
N ILE G 147 -23.72 -17.70 39.89
CA ILE G 147 -25.11 -17.85 39.49
C ILE G 147 -25.85 -18.61 40.58
N LYS G 148 -27.00 -18.08 41.00
CA LYS G 148 -27.83 -18.75 41.98
C LYS G 148 -28.92 -19.60 41.34
N SER G 149 -29.47 -19.16 40.21
CA SER G 149 -30.51 -19.89 39.52
C SER G 149 -30.38 -19.65 38.01
N PHE G 150 -30.69 -20.69 37.24
CA PHE G 150 -30.64 -20.61 35.77
C PHE G 150 -31.89 -21.29 35.24
N THR G 151 -32.83 -20.49 34.75
CA THR G 151 -34.12 -20.99 34.30
C THR G 151 -34.22 -20.87 32.78
N ILE G 152 -34.70 -21.94 32.14
CA ILE G 152 -34.99 -21.93 30.71
C ILE G 152 -36.45 -22.30 30.52
N ALA G 153 -37.16 -21.53 29.69
CA ALA G 153 -38.59 -21.71 29.52
C ALA G 153 -38.99 -21.35 28.10
N VAL G 154 -40.11 -21.94 27.67
CA VAL G 154 -40.69 -21.68 26.36
C VAL G 154 -42.17 -21.38 26.56
N ASN G 155 -42.64 -20.29 25.93
CA ASN G 155 -44.03 -19.88 25.98
C ASN G 155 -44.55 -19.75 24.56
N ASN G 156 -45.39 -20.70 24.15
CA ASN G 156 -46.06 -20.66 22.85
C ASN G 156 -47.56 -20.84 23.02
N THR G 157 -48.08 -20.46 24.19
CA THR G 157 -49.48 -20.65 24.50
C THR G 157 -50.33 -19.54 23.87
N SER G 158 -51.64 -19.59 24.14
CA SER G 158 -52.54 -18.60 23.53
C SER G 158 -52.20 -17.19 24.01
N THR G 159 -51.91 -17.03 25.29
CA THR G 159 -51.57 -15.72 25.86
C THR G 159 -50.07 -15.45 25.71
N CYS G 160 -49.65 -15.34 24.46
CA CYS G 160 -48.25 -15.10 24.12
C CYS G 160 -48.18 -13.96 23.11
N PRO G 161 -47.47 -12.87 23.39
CA PRO G 161 -47.32 -11.82 22.37
C PRO G 161 -46.65 -12.35 21.11
N GLU G 162 -47.06 -11.79 19.98
CA GLU G 162 -46.51 -12.25 18.70
C GLU G 162 -44.99 -12.11 18.67
N SER G 163 -44.46 -11.05 19.27
CA SER G 163 -43.01 -10.85 19.27
C SER G 163 -42.31 -11.96 20.03
N LEU G 164 -42.85 -12.36 21.19
CA LEU G 164 -42.22 -13.39 22.01
C LEU G 164 -42.38 -14.80 21.47
N ALA G 165 -43.18 -14.97 20.42
CA ALA G 165 -43.39 -16.31 19.87
C ALA G 165 -42.10 -16.86 19.30
N ASN G 166 -41.90 -18.18 19.47
CA ASN G 166 -40.72 -18.88 18.95
C ASN G 166 -39.44 -18.28 19.53
N ARG G 167 -39.45 -18.04 20.84
CA ARG G 167 -38.25 -17.58 21.55
C ARG G 167 -38.10 -18.35 22.84
N LEU G 168 -36.86 -18.71 23.16
CA LEU G 168 -36.55 -19.44 24.38
C LEU G 168 -36.18 -18.44 25.46
N ILE G 169 -36.94 -18.44 26.55
CA ILE G 169 -36.74 -17.50 27.65
C ILE G 169 -35.70 -18.09 28.61
N VAL G 170 -34.62 -17.33 28.84
CA VAL G 170 -33.57 -17.71 29.77
C VAL G 170 -33.44 -16.61 30.83
N VAL G 171 -33.63 -16.98 32.09
CA VAL G 171 -33.54 -16.05 33.22
C VAL G 171 -32.42 -16.53 34.12
N ILE G 172 -31.45 -15.65 34.37
CA ILE G 172 -30.29 -15.96 35.19
C ILE G 172 -30.30 -15.04 36.40
N GLU G 173 -30.33 -15.63 37.59
CA GLU G 173 -30.25 -14.87 38.84
C GLU G 173 -28.83 -14.93 39.37
N MET G 174 -28.31 -13.77 39.77
CA MET G 174 -26.96 -13.67 40.30
C MET G 174 -26.99 -13.56 41.81
N ASP G 175 -25.90 -14.00 42.44
CA ASP G 175 -25.81 -13.95 43.90
C ASP G 175 -25.94 -12.52 44.43
N SER G 176 -25.62 -11.52 43.60
CA SER G 176 -25.77 -10.12 43.97
C SER G 176 -27.18 -9.60 43.71
N LEU G 177 -28.15 -10.49 43.50
CA LEU G 177 -29.54 -10.15 43.21
C LEU G 177 -29.73 -9.51 41.84
N ILE G 178 -28.70 -9.50 41.01
CA ILE G 178 -28.83 -9.02 39.63
C ILE G 178 -29.52 -10.09 38.80
N VAL G 179 -30.38 -9.66 37.88
CA VAL G 179 -31.15 -10.56 37.04
C VAL G 179 -30.82 -10.26 35.58
N LYS G 180 -30.61 -11.31 34.80
CA LYS G 180 -30.37 -11.21 33.37
C LYS G 180 -31.42 -12.01 32.62
N GLU G 181 -31.92 -11.46 31.51
CA GLU G 181 -32.96 -12.08 30.73
C GLU G 181 -32.56 -12.12 29.26
N TYR G 182 -32.73 -13.26 28.62
CA TYR G 182 -32.45 -13.45 27.21
C TYR G 182 -33.61 -14.17 26.55
N CYS G 183 -33.85 -13.84 25.28
CA CYS G 183 -34.89 -14.49 24.47
C CYS G 183 -34.36 -14.81 23.09
N PRO G 184 -33.40 -15.73 22.99
CA PRO G 184 -32.93 -16.15 21.67
C PRO G 184 -34.04 -16.86 20.88
N GLN G 185 -34.05 -16.61 19.57
CA GLN G 185 -35.06 -17.23 18.70
C GLN G 185 -34.76 -18.70 18.49
N PHE G 186 -35.82 -19.48 18.30
CA PHE G 186 -35.70 -20.89 17.96
C PHE G 186 -36.69 -21.25 16.87
N GLN G 187 -36.36 -22.29 16.12
CA GLN G 187 -37.19 -22.77 15.01
C GLN G 187 -37.73 -24.16 15.32
N PRO G 188 -39.05 -24.36 15.38
CA PRO G 188 -39.56 -25.71 15.63
C PRO G 188 -39.12 -26.69 14.54
N ILE G 189 -38.86 -27.93 14.96
CA ILE G 189 -38.44 -29.00 14.05
C ILE G 189 -39.04 -30.31 14.55
N LYS G 190 -38.88 -31.36 13.75
CA LYS G 190 -39.33 -32.69 14.12
C LYS G 190 -38.17 -33.52 14.62
N TYR G 191 -38.48 -34.50 15.47
CA TYR G 191 -37.49 -35.34 16.12
C TYR G 191 -37.51 -36.74 15.51
N ASP G 192 -36.34 -37.22 15.08
CA ASP G 192 -36.18 -38.58 14.58
C ASP G 192 -35.25 -39.33 15.51
N PRO G 193 -35.77 -40.18 16.40
CA PRO G 193 -34.91 -40.85 17.38
C PRO G 193 -33.83 -41.69 16.72
N ILE G 194 -32.66 -41.72 17.34
CA ILE G 194 -31.54 -42.55 16.91
C ILE G 194 -31.56 -43.82 17.75
N ILE G 195 -31.47 -44.98 17.09
CA ILE G 195 -31.62 -46.27 17.74
C ILE G 195 -30.35 -47.11 17.65
N ILE G 196 -29.24 -46.52 17.23
CA ILE G 196 -28.00 -47.29 17.12
C ILE G 196 -27.59 -47.84 18.48
N ASN G 197 -27.74 -47.03 19.53
CA ASN G 197 -27.37 -47.48 20.86
C ASN G 197 -28.20 -48.68 21.30
N LEU G 198 -29.50 -48.66 21.03
CA LEU G 198 -30.36 -49.76 21.43
C LEU G 198 -29.97 -51.05 20.71
N LYS G 199 -29.71 -50.97 19.40
CA LYS G 199 -29.33 -52.16 18.66
C LYS G 199 -27.97 -52.69 19.13
N TYR G 200 -27.02 -51.79 19.38
CA TYR G 200 -25.72 -52.22 19.89
C TYR G 200 -25.86 -52.90 21.25
N LYS G 201 -26.69 -52.34 22.13
CA LYS G 201 -26.90 -52.94 23.44
C LYS G 201 -27.55 -54.31 23.33
N ARG G 202 -28.54 -54.45 22.45
CA ARG G 202 -29.19 -55.74 22.27
C ARG G 202 -28.20 -56.78 21.75
N ARG G 203 -27.39 -56.41 20.77
CA ARG G 203 -26.39 -57.33 20.23
C ARG G 203 -25.37 -57.71 21.30
N PHE G 204 -24.91 -56.73 22.08
CA PHE G 204 -23.95 -57.01 23.13
C PHE G 204 -24.52 -57.96 24.17
N LEU G 205 -25.78 -57.75 24.56
CA LEU G 205 -26.41 -58.65 25.53
C LEU G 205 -26.56 -60.04 24.95
N ASP G 206 -26.94 -60.15 23.67
CA ASP G 206 -27.11 -61.45 23.05
C ASP G 206 -25.79 -62.21 22.97
N VAL G 207 -24.71 -61.51 22.63
CA VAL G 207 -23.42 -62.17 22.45
C VAL G 207 -22.78 -62.52 23.79
N PHE G 208 -22.67 -61.54 24.69
CA PHE G 208 -21.99 -61.72 25.96
C PHE G 208 -22.95 -61.98 27.11
N GLY G 209 -24.23 -62.20 26.83
CA GLY G 209 -25.20 -62.46 27.88
C GLY G 209 -26.20 -63.54 27.48
N LEU G 221 -17.95 -65.43 37.33
CA LEU G 221 -18.38 -64.19 36.70
C LEU G 221 -18.35 -63.04 37.70
N ASP G 222 -17.69 -61.95 37.32
CA ASP G 222 -17.61 -60.80 38.20
C ASP G 222 -19.00 -60.20 38.40
N PRO G 223 -19.36 -59.82 39.64
CA PRO G 223 -20.68 -59.23 39.85
C PRO G 223 -20.89 -57.93 39.08
N LYS G 224 -19.82 -57.19 38.80
CA LYS G 224 -19.96 -55.95 38.04
C LYS G 224 -20.47 -56.22 36.64
N LEU G 225 -20.01 -57.30 36.01
CA LEU G 225 -20.51 -57.65 34.68
C LEU G 225 -22.00 -57.95 34.72
N LEU G 226 -22.45 -58.69 35.73
CA LEU G 226 -23.88 -58.97 35.87
C LEU G 226 -24.67 -57.69 36.09
N ASP G 227 -24.13 -56.78 36.90
CA ASP G 227 -24.80 -55.50 37.12
C ASP G 227 -24.91 -54.72 35.82
N VAL G 228 -23.85 -54.72 35.01
CA VAL G 228 -23.89 -54.02 33.73
C VAL G 228 -24.94 -54.65 32.82
N PHE G 229 -25.00 -55.98 32.79
CA PHE G 229 -26.01 -56.65 31.97
C PHE G 229 -27.41 -56.27 32.42
N THR G 230 -27.66 -56.27 33.73
CA THR G 230 -28.98 -55.92 34.24
C THR G 230 -29.33 -54.47 33.91
N ASN G 231 -28.36 -53.56 34.05
CA ASN G 231 -28.61 -52.17 33.72
C ASN G 231 -28.93 -52.00 32.24
N THR G 232 -28.19 -52.69 31.37
CA THR G 232 -28.47 -52.61 29.94
C THR G 232 -29.85 -53.16 29.62
N GLU G 233 -30.23 -54.27 30.26
CA GLU G 233 -31.55 -54.83 30.03
C GLU G 233 -32.64 -53.87 30.48
N ARG G 234 -32.45 -53.24 31.65
CA ARG G 234 -33.43 -52.28 32.14
C ARG G 234 -33.54 -51.08 31.20
N GLU G 235 -32.41 -50.59 30.70
CA GLU G 235 -32.44 -49.46 29.77
C GLU G 235 -33.17 -49.85 28.48
N LEU G 236 -32.90 -51.05 27.97
CA LEU G 236 -33.56 -51.49 26.74
C LEU G 236 -35.06 -51.62 26.96
N THR G 237 -35.47 -52.19 28.09
CA THR G 237 -36.89 -52.35 28.37
C THR G 237 -37.59 -51.00 28.53
N SER G 238 -36.95 -50.07 29.25
CA SER G 238 -37.56 -48.77 29.50
C SER G 238 -37.59 -47.90 28.26
N ALA G 239 -36.79 -48.20 27.25
CA ALA G 239 -36.77 -47.41 26.04
C ALA G 239 -38.12 -47.50 25.30
N LEU G 240 -38.49 -46.42 24.62
CA LEU G 240 -39.75 -46.37 23.91
C LEU G 240 -39.79 -47.29 22.70
N PHE G 241 -38.64 -47.84 22.28
CA PHE G 241 -38.56 -48.70 21.12
C PHE G 241 -37.84 -49.99 21.48
N ASN G 242 -38.14 -51.05 20.73
CA ASN G 242 -37.53 -52.35 20.95
C ASN G 242 -36.00 -52.26 20.83
N LEU G 255 -24.17 -67.40 15.73
CA LEU G 255 -22.82 -67.01 16.13
C LEU G 255 -21.98 -66.66 14.91
N THR G 256 -22.64 -66.11 13.88
CA THR G 256 -21.93 -65.75 12.66
C THR G 256 -21.06 -64.51 12.89
N ALA G 257 -20.11 -64.30 11.98
CA ALA G 257 -19.21 -63.16 12.09
C ALA G 257 -19.96 -61.83 12.00
N ALA G 258 -21.14 -61.82 11.38
CA ALA G 258 -21.91 -60.58 11.28
C ALA G 258 -22.38 -60.08 12.64
N ASP G 259 -22.42 -60.96 13.65
CA ASP G 259 -22.84 -60.57 15.00
C ASP G 259 -21.68 -60.15 15.89
N GLU G 260 -20.59 -59.67 15.30
CA GLU G 260 -19.44 -59.25 16.08
C GLU G 260 -19.79 -58.07 16.97
N ILE G 261 -19.23 -58.05 18.18
CA ILE G 261 -19.45 -56.98 19.13
C ILE G 261 -18.32 -56.99 20.14
N ASN G 262 -17.85 -55.81 20.50
CA ASN G 262 -16.73 -55.64 21.42
C ASN G 262 -17.03 -54.48 22.36
N TYR G 263 -16.80 -54.70 23.66
CA TYR G 263 -17.17 -53.76 24.70
C TYR G 263 -15.96 -53.47 25.59
N ILE G 264 -15.77 -52.21 25.94
CA ILE G 264 -14.64 -51.78 26.76
C ILE G 264 -15.12 -50.71 27.74
N CYS G 265 -15.08 -51.01 29.04
CA CYS G 265 -15.34 -50.03 30.07
C CYS G 265 -14.00 -49.61 30.69
N CYS G 266 -13.66 -48.34 30.54
CA CYS G 266 -12.33 -47.84 30.94
C CYS G 266 -12.46 -46.55 31.72
N ASN G 267 -11.64 -46.41 32.75
CA ASN G 267 -11.63 -45.18 33.54
C ASN G 267 -11.15 -44.02 32.68
N SER G 268 -11.99 -43.00 32.55
CA SER G 268 -11.70 -41.89 31.63
C SER G 268 -10.53 -41.04 32.08
N THR G 269 -10.05 -41.19 33.31
CA THR G 269 -8.94 -40.37 33.78
C THR G 269 -7.68 -40.60 32.95
N LEU G 270 -7.35 -41.87 32.70
CA LEU G 270 -6.15 -42.17 31.92
C LEU G 270 -6.28 -41.67 30.49
N LEU G 271 -7.46 -41.87 29.88
CA LEU G 271 -7.66 -41.40 28.51
C LEU G 271 -7.55 -39.88 28.44
N LYS G 272 -8.14 -39.17 29.40
CA LYS G 272 -8.04 -37.72 29.41
C LYS G 272 -6.60 -37.27 29.61
N ASN G 273 -5.86 -37.94 30.49
CA ASN G 273 -4.47 -37.57 30.72
C ASN G 273 -3.66 -37.74 29.43
N PHE G 274 -3.86 -38.86 28.73
CA PHE G 274 -3.15 -39.05 27.46
C PHE G 274 -3.57 -38.02 26.43
N LEU G 275 -4.86 -37.75 26.32
CA LEU G 275 -5.37 -36.84 25.29
C LEU G 275 -4.97 -35.39 25.54
N ASP G 276 -4.71 -35.03 26.80
CA ASP G 276 -4.30 -33.65 27.08
C ASP G 276 -3.10 -33.25 26.25
N ASN G 277 -2.17 -34.18 26.02
CA ASN G 277 -1.00 -33.92 25.19
C ASN G 277 -1.29 -34.10 23.71
N CYS G 278 -2.44 -34.66 23.34
CA CYS G 278 -2.79 -34.89 21.95
C CYS G 278 -3.41 -33.63 21.37
N ASN G 279 -2.71 -33.01 20.42
CA ASN G 279 -3.21 -31.82 19.73
C ASN G 279 -3.94 -32.28 18.47
N VAL G 280 -5.26 -32.10 18.45
CA VAL G 280 -6.06 -32.55 17.32
C VAL G 280 -5.67 -31.83 16.04
N ASN G 281 -5.09 -30.63 16.14
CA ASN G 281 -4.68 -29.90 14.95
C ASN G 281 -3.58 -30.60 14.17
N VAL G 282 -2.87 -31.54 14.80
CA VAL G 282 -1.81 -32.30 14.14
C VAL G 282 -2.11 -33.79 14.13
N THR G 283 -2.61 -34.34 15.24
CA THR G 283 -3.01 -35.75 15.32
C THR G 283 -4.52 -35.81 15.16
N ASP G 284 -4.99 -35.94 13.92
CA ASP G 284 -6.40 -35.90 13.62
C ASP G 284 -7.04 -37.27 13.54
N GLU G 285 -6.29 -38.35 13.76
CA GLU G 285 -6.85 -39.69 13.78
C GLU G 285 -6.55 -40.35 15.12
N VAL G 286 -7.47 -41.19 15.58
CA VAL G 286 -7.30 -41.96 16.80
C VAL G 286 -7.55 -43.43 16.48
N LYS G 287 -6.63 -44.28 16.90
CA LYS G 287 -6.72 -45.73 16.70
C LYS G 287 -6.69 -46.43 18.04
N LEU G 288 -7.63 -47.35 18.25
CA LEU G 288 -7.66 -48.20 19.43
C LEU G 288 -7.39 -49.64 19.01
N GLU G 289 -6.39 -50.25 19.64
CA GLU G 289 -6.02 -51.64 19.40
C GLU G 289 -6.07 -52.39 20.72
N ILE G 290 -6.93 -53.41 20.78
CA ILE G 290 -7.18 -54.14 22.02
C ILE G 290 -6.92 -55.62 21.78
N ASN G 291 -6.16 -56.24 22.68
CA ASN G 291 -6.02 -57.68 22.74
C ASN G 291 -6.27 -58.15 24.16
N VAL G 292 -6.02 -59.44 24.44
CA VAL G 292 -6.32 -60.00 25.75
C VAL G 292 -5.30 -59.63 26.82
N HIS G 293 -4.29 -58.82 26.48
CA HIS G 293 -3.25 -58.44 27.42
C HIS G 293 -3.07 -56.93 27.58
N ARG G 294 -3.53 -56.11 26.63
CA ARG G 294 -3.25 -54.68 26.67
C ARG G 294 -4.22 -53.96 25.76
N LEU G 295 -4.33 -52.65 25.97
CA LEU G 295 -5.15 -51.77 25.14
C LEU G 295 -4.34 -50.53 24.82
N SER G 296 -4.14 -50.26 23.54
CA SER G 296 -3.32 -49.14 23.09
C SER G 296 -4.17 -48.13 22.35
N ILE G 297 -4.00 -46.86 22.71
CA ILE G 297 -4.67 -45.74 22.05
C ILE G 297 -3.59 -44.88 21.44
N THR G 298 -3.70 -44.64 20.13
CA THR G 298 -2.67 -43.94 19.37
C THR G 298 -3.30 -42.78 18.63
N ALA G 299 -2.83 -41.57 18.89
CA ALA G 299 -3.21 -40.38 18.12
C ALA G 299 -2.18 -40.19 17.03
N PHE G 300 -2.62 -40.23 15.78
CA PHE G 300 -1.71 -40.28 14.65
C PHE G 300 -2.27 -39.51 13.46
N THR G 301 -1.38 -39.32 12.48
CA THR G 301 -1.70 -38.70 11.20
C THR G 301 -0.77 -39.27 10.15
N LYS G 302 -1.32 -39.59 8.99
CA LYS G 302 -0.53 -40.15 7.89
C LYS G 302 0.17 -39.05 7.11
N ALA G 303 1.27 -39.42 6.45
CA ALA G 303 2.03 -38.50 5.63
C ALA G 303 1.47 -38.46 4.21
N VAL G 304 1.65 -37.32 3.55
CA VAL G 304 1.23 -37.12 2.17
C VAL G 304 2.44 -36.67 1.37
N TYR G 305 2.67 -37.32 0.23
CA TYR G 305 3.81 -37.05 -0.63
C TYR G 305 3.36 -36.37 -1.91
N GLY G 306 4.08 -35.34 -2.31
CA GLY G 306 3.73 -34.56 -3.48
C GLY G 306 4.24 -35.17 -4.77
N LYS G 307 4.39 -34.31 -5.77
CA LYS G 307 4.80 -34.78 -7.10
C LYS G 307 6.12 -35.52 -7.04
N ASN G 308 7.19 -34.84 -6.67
CA ASN G 308 8.51 -35.46 -6.57
C ASN G 308 8.79 -35.97 -5.16
N ASN G 309 7.86 -36.76 -4.64
CA ASN G 309 7.97 -37.33 -3.29
C ASN G 309 8.24 -36.24 -2.25
N ASP G 310 7.75 -35.04 -2.50
CA ASP G 310 7.90 -33.95 -1.54
C ASP G 310 6.85 -34.08 -0.44
N LEU G 311 7.28 -33.87 0.80
CA LEU G 311 6.42 -34.06 1.96
C LEU G 311 5.38 -32.96 2.02
N LEU G 312 4.16 -33.25 1.54
CA LEU G 312 3.07 -32.30 1.67
C LEU G 312 2.50 -32.27 3.09
N ARG G 313 2.52 -33.41 3.78
CA ARG G 313 2.03 -33.49 5.15
C ARG G 313 2.86 -34.52 5.90
N ASN G 314 3.32 -34.17 7.09
CA ASN G 314 4.21 -35.02 7.86
C ASN G 314 3.42 -35.99 8.72
N ALA G 315 3.84 -37.25 8.71
CA ALA G 315 3.21 -38.25 9.56
C ALA G 315 3.64 -38.08 11.01
N LEU G 316 2.74 -38.45 11.93
CA LEU G 316 3.03 -38.37 13.34
C LEU G 316 2.24 -39.44 14.07
N SER G 317 2.73 -39.83 15.25
CA SER G 317 2.10 -40.86 16.04
C SER G 317 2.53 -40.74 17.49
N MET G 318 1.56 -40.89 18.39
CA MET G 318 1.83 -40.93 19.83
C MET G 318 0.88 -41.94 20.45
N SER G 319 1.43 -42.98 21.07
CA SER G 319 0.65 -44.10 21.57
C SER G 319 0.80 -44.24 23.08
N ASN G 320 -0.24 -44.77 23.71
CA ASN G 320 -0.23 -45.08 25.14
C ASN G 320 -0.90 -46.42 25.36
N THR G 321 -0.29 -47.24 26.22
CA THR G 321 -0.75 -48.60 26.47
C THR G 321 -1.21 -48.73 27.92
N ILE G 322 -2.34 -49.38 28.11
CA ILE G 322 -2.93 -49.62 29.43
C ILE G 322 -3.17 -51.12 29.58
N SER G 323 -2.74 -51.68 30.70
CA SER G 323 -2.91 -53.10 30.94
C SER G 323 -4.39 -53.44 31.07
N THR G 324 -4.74 -54.65 30.63
CA THR G 324 -6.13 -55.10 30.72
C THR G 324 -6.61 -55.12 32.17
N LEU G 325 -5.68 -55.31 33.12
CA LEU G 325 -6.06 -55.26 34.52
C LEU G 325 -6.56 -53.88 34.90
N ASP G 326 -5.91 -52.84 34.39
CA ASP G 326 -6.32 -51.46 34.72
C ASP G 326 -7.73 -51.18 34.22
N LEU G 327 -8.05 -51.64 33.02
CA LEU G 327 -9.38 -51.41 32.47
C LEU G 327 -10.44 -52.06 33.35
N GLU G 328 -11.57 -51.36 33.50
CA GLU G 328 -12.66 -51.88 34.33
C GLU G 328 -13.23 -53.15 33.74
N HIS G 329 -13.62 -53.13 32.47
CA HIS G 329 -14.17 -54.29 31.80
C HIS G 329 -13.71 -54.35 30.36
N TYR G 330 -13.57 -55.56 29.83
CA TYR G 330 -13.25 -55.76 28.42
C TYR G 330 -13.83 -57.09 27.96
N CYS G 331 -14.64 -57.05 26.91
CA CYS G 331 -15.22 -58.23 26.30
C CYS G 331 -15.00 -58.17 24.81
N LEU G 332 -14.49 -59.26 24.24
CA LEU G 332 -14.12 -59.32 22.83
C LEU G 332 -14.82 -60.50 22.16
N PHE G 333 -15.13 -60.31 20.88
CA PHE G 333 -15.79 -61.36 20.09
C PHE G 333 -14.72 -62.32 19.57
N THR G 334 -14.77 -63.56 20.03
CA THR G 334 -13.81 -64.57 19.61
C THR G 334 -14.48 -65.60 18.70
N MET G 353 -6.84 -59.52 18.16
CA MET G 353 -6.35 -58.15 18.30
C MET G 353 -7.23 -57.19 17.51
N LYS G 354 -8.35 -56.77 18.11
CA LYS G 354 -9.28 -55.88 17.43
C LYS G 354 -8.65 -54.50 17.27
N SER G 355 -8.96 -53.86 16.14
CA SER G 355 -8.45 -52.53 15.84
C SER G 355 -9.57 -51.68 15.26
N ILE G 356 -9.58 -50.40 15.63
CA ILE G 356 -10.58 -49.46 15.13
C ILE G 356 -9.94 -48.09 15.00
N ILE G 357 -10.37 -47.34 13.99
CA ILE G 357 -9.84 -46.00 13.71
C ILE G 357 -10.99 -45.05 13.49
N PHE G 358 -10.88 -43.84 14.03
CA PHE G 358 -11.90 -42.81 13.84
C PHE G 358 -11.27 -41.44 14.10
N LYS G 359 -12.12 -40.42 14.12
CA LYS G 359 -11.66 -39.05 14.35
C LYS G 359 -11.47 -38.79 15.84
N LEU G 360 -10.48 -37.96 16.16
CA LEU G 360 -10.09 -37.73 17.55
C LEU G 360 -10.71 -36.49 18.16
N LYS G 361 -10.95 -35.43 17.37
CA LYS G 361 -11.41 -34.16 17.93
C LYS G 361 -12.69 -34.33 18.73
N ASP G 362 -13.68 -35.01 18.14
CA ASP G 362 -14.98 -35.14 18.80
C ASP G 362 -14.86 -35.94 20.09
N PHE G 363 -14.10 -37.04 20.07
CA PHE G 363 -13.86 -37.79 21.30
C PHE G 363 -13.13 -36.95 22.35
N LYS G 364 -12.12 -36.19 21.92
CA LYS G 364 -11.38 -35.37 22.87
C LYS G 364 -12.30 -34.35 23.54
N ASN G 365 -13.20 -33.74 22.77
CA ASN G 365 -14.13 -32.78 23.36
C ASN G 365 -15.18 -33.48 24.22
N PHE G 366 -15.62 -34.66 23.80
CA PHE G 366 -16.70 -35.35 24.51
C PHE G 366 -16.24 -35.86 25.87
N ILE G 367 -14.98 -36.28 25.97
CA ILE G 367 -14.49 -36.87 27.22
C ILE G 367 -14.40 -35.85 28.36
N THR G 368 -14.59 -34.57 28.09
CA THR G 368 -14.43 -33.53 29.09
C THR G 368 -15.75 -32.99 29.64
N ILE G 369 -16.88 -33.66 29.36
CA ILE G 369 -18.17 -33.17 29.83
C ILE G 369 -18.51 -33.71 31.20
N GLY G 370 -18.37 -35.02 31.40
CA GLY G 370 -18.69 -35.65 32.66
C GLY G 370 -17.92 -35.08 33.84
N PRO G 371 -16.61 -34.90 33.69
CA PRO G 371 -15.80 -34.40 34.81
C PRO G 371 -16.19 -33.00 35.27
N SER G 372 -16.91 -32.23 34.46
CA SER G 372 -17.25 -30.86 34.83
C SER G 372 -18.08 -30.80 36.11
N TRP G 373 -18.79 -31.87 36.46
CA TRP G 373 -19.62 -31.88 37.65
C TRP G 373 -18.84 -32.28 38.89
N LYS G 374 -18.06 -33.35 38.80
CA LYS G 374 -17.22 -33.81 39.92
C LYS G 374 -18.07 -34.15 41.14
N THR G 375 -18.91 -35.17 40.99
CA THR G 375 -19.76 -35.65 42.08
C THR G 375 -19.00 -36.67 42.91
N THR G 376 -18.88 -36.40 44.21
CA THR G 376 -18.17 -37.34 45.09
C THR G 376 -18.94 -38.64 45.25
N GLN G 377 -20.24 -38.55 45.53
CA GLN G 377 -21.05 -39.76 45.71
C GLN G 377 -21.13 -40.53 44.39
N ASP G 378 -21.06 -41.86 44.50
CA ASP G 378 -21.06 -42.75 43.35
C ASP G 378 -20.19 -42.20 42.23
N GLY G 379 -18.99 -41.77 42.60
CA GLY G 379 -18.08 -41.16 41.65
C GLY G 379 -17.28 -42.17 40.86
N ASN G 380 -17.65 -42.36 39.60
CA ASN G 380 -16.92 -43.28 38.72
C ASN G 380 -16.99 -42.70 37.30
N ASP G 381 -15.94 -41.98 36.91
CA ASP G 381 -15.87 -41.36 35.59
C ASP G 381 -15.38 -42.40 34.59
N ASN G 382 -16.20 -43.43 34.38
CA ASN G 382 -15.91 -44.52 33.49
C ASN G 382 -16.62 -44.31 32.16
N ILE G 383 -15.90 -44.49 31.06
CA ILE G 383 -16.44 -44.37 29.71
C ILE G 383 -16.58 -45.77 29.15
N SER G 384 -17.73 -46.05 28.55
CA SER G 384 -18.01 -47.34 27.92
C SER G 384 -18.00 -47.18 26.41
N LEU G 385 -17.33 -48.11 25.72
CA LEU G 385 -17.20 -48.09 24.28
C LEU G 385 -17.67 -49.41 23.69
N TRP G 386 -18.44 -49.31 22.62
CA TRP G 386 -18.93 -50.47 21.87
C TRP G 386 -18.52 -50.30 20.40
N PHE G 387 -17.94 -51.36 19.84
CA PHE G 387 -17.56 -51.34 18.43
C PHE G 387 -17.67 -52.76 17.87
N CYS G 388 -18.10 -52.87 16.62
CA CYS G 388 -18.36 -54.15 16.00
C CYS G 388 -17.39 -54.48 14.88
N HIS G 389 -17.29 -53.63 13.86
CA HIS G 389 -16.47 -53.91 12.69
C HIS G 389 -15.99 -52.59 12.11
N PRO G 390 -14.91 -52.61 11.33
CA PRO G 390 -14.50 -51.39 10.63
C PRO G 390 -15.60 -50.91 9.70
N GLY G 391 -15.77 -49.58 9.64
CA GLY G 391 -16.83 -49.00 8.86
C GLY G 391 -18.12 -48.86 9.65
N ASP G 392 -18.34 -49.74 10.62
CA ASP G 392 -19.52 -49.66 11.46
C ASP G 392 -19.37 -48.55 12.49
N PRO G 393 -20.47 -48.05 13.03
CA PRO G 393 -20.37 -46.99 14.05
C PRO G 393 -19.73 -47.50 15.34
N ILE G 394 -19.06 -46.58 16.03
CA ILE G 394 -18.54 -46.80 17.38
C ILE G 394 -19.36 -45.95 18.33
N LEU G 395 -19.87 -46.58 19.39
CA LEU G 395 -20.73 -45.93 20.38
C LEU G 395 -19.95 -45.73 21.67
N MET G 396 -20.21 -44.61 22.34
CA MET G 396 -19.49 -44.25 23.56
C MET G 396 -20.46 -43.61 24.53
N GLN G 397 -20.40 -44.02 25.79
CA GLN G 397 -21.40 -43.62 26.77
C GLN G 397 -20.74 -43.26 28.10
N MET G 398 -21.26 -42.20 28.73
CA MET G 398 -20.87 -41.80 30.07
C MET G 398 -22.13 -41.42 30.85
N GLN G 399 -22.06 -41.56 32.17
CA GLN G 399 -23.22 -41.43 33.04
C GLN G 399 -22.90 -40.51 34.21
N LYS G 400 -23.94 -39.80 34.67
CA LYS G 400 -23.89 -38.98 35.87
C LYS G 400 -25.25 -39.08 36.54
N PRO G 401 -25.33 -38.79 37.85
CA PRO G 401 -26.56 -39.07 38.61
C PRO G 401 -27.86 -38.78 37.86
N GLY G 402 -27.88 -37.72 37.05
CA GLY G 402 -29.06 -37.38 36.28
C GLY G 402 -28.76 -36.95 34.87
N VAL G 403 -27.64 -37.41 34.31
CA VAL G 403 -27.23 -37.02 32.96
C VAL G 403 -26.72 -38.26 32.23
N LYS G 404 -27.07 -38.38 30.96
CA LYS G 404 -26.56 -39.43 30.09
C LYS G 404 -25.91 -38.80 28.87
N LEU G 405 -24.66 -39.14 28.61
CA LEU G 405 -23.90 -38.58 27.50
C LEU G 405 -23.56 -39.70 26.51
N GLU G 406 -23.90 -39.49 25.24
CA GLU G 406 -23.71 -40.48 24.20
C GLU G 406 -23.04 -39.84 23.00
N LEU G 407 -22.07 -40.56 22.43
CA LEU G 407 -21.35 -40.11 21.24
C LEU G 407 -21.22 -41.28 20.28
N VAL G 408 -21.66 -41.08 19.04
CA VAL G 408 -21.58 -42.09 17.99
C VAL G 408 -20.71 -41.53 16.88
N GLU G 409 -19.72 -42.32 16.43
CA GLU G 409 -18.80 -41.89 15.39
C GLU G 409 -18.71 -42.95 14.31
N VAL G 410 -18.34 -42.51 13.10
CA VAL G 410 -18.16 -43.40 11.96
C VAL G 410 -16.70 -43.84 11.92
N THR G 411 -16.48 -45.14 11.83
CA THR G 411 -15.14 -45.72 11.85
C THR G 411 -14.63 -45.99 10.45
N ASP G 412 -13.31 -46.12 10.34
CA ASP G 412 -12.68 -46.40 9.05
C ASP G 412 -13.12 -47.77 8.55
N SER G 413 -13.39 -47.84 7.24
CA SER G 413 -13.86 -49.08 6.62
C SER G 413 -12.72 -49.97 6.12
N ASN G 414 -11.47 -49.50 6.18
CA ASN G 414 -10.36 -50.28 5.68
C ASN G 414 -10.23 -51.58 6.49
N ILE G 415 -10.04 -52.69 5.79
CA ILE G 415 -9.90 -53.99 6.43
C ILE G 415 -11.18 -54.32 7.19
N MET H 1 61.52 -19.36 14.88
CA MET H 1 60.57 -18.42 15.53
C MET H 1 59.77 -19.14 16.62
N LYS H 2 60.47 -19.77 17.56
CA LYS H 2 59.80 -20.55 18.60
C LYS H 2 58.89 -19.65 19.43
N LEU H 3 57.69 -20.14 19.69
CA LEU H 3 56.69 -19.41 20.48
C LEU H 3 56.03 -20.37 21.47
N LYS H 4 56.83 -21.15 22.17
CA LYS H 4 56.30 -22.11 23.14
C LYS H 4 55.70 -21.38 24.33
N LEU H 5 54.42 -21.60 24.58
CA LEU H 5 53.70 -20.96 25.68
C LEU H 5 52.91 -21.99 26.45
N ILE H 6 52.77 -21.76 27.75
CA ILE H 6 52.01 -22.62 28.65
C ILE H 6 50.96 -21.78 29.36
N VAL H 7 49.72 -22.26 29.34
CA VAL H 7 48.59 -21.56 29.95
C VAL H 7 47.95 -22.48 30.98
N ASN H 8 47.72 -21.95 32.18
CA ASN H 8 47.06 -22.67 33.26
C ASN H 8 45.98 -21.80 33.87
N GLY H 9 44.81 -22.39 34.10
CA GLY H 9 43.69 -21.64 34.64
C GLY H 9 43.53 -21.80 36.15
N CYS H 10 44.20 -22.79 36.73
CA CYS H 10 44.11 -23.02 38.16
C CYS H 10 45.02 -22.10 38.97
N GLU H 11 45.98 -21.43 38.33
CA GLU H 11 46.87 -20.49 39.01
C GLU H 11 46.62 -19.09 38.46
N ALA H 12 46.38 -18.14 39.36
CA ALA H 12 46.09 -16.77 38.97
C ALA H 12 44.88 -16.75 38.05
N PRO H 13 43.69 -17.05 38.56
CA PRO H 13 42.50 -17.06 37.69
C PRO H 13 42.20 -15.71 37.05
N ASP H 14 42.67 -14.61 37.65
CA ASP H 14 42.43 -13.29 37.07
C ASP H 14 43.05 -13.18 35.67
N ASP H 15 44.27 -13.70 35.52
CA ASP H 15 44.93 -13.64 34.21
C ASP H 15 44.17 -14.47 33.18
N TYR H 16 43.72 -15.66 33.55
CA TYR H 16 42.96 -16.49 32.62
C TYR H 16 41.66 -15.81 32.23
N LYS H 17 40.98 -15.20 33.21
CA LYS H 17 39.75 -14.46 32.90
C LYS H 17 40.03 -13.31 31.95
N LEU H 18 41.13 -12.59 32.18
CA LEU H 18 41.48 -11.47 31.32
C LEU H 18 41.73 -11.94 29.89
N LEU H 19 42.48 -13.03 29.74
CA LEU H 19 42.73 -13.57 28.40
C LEU H 19 41.44 -14.02 27.73
N ARG H 20 40.58 -14.71 28.47
CA ARG H 20 39.30 -15.17 27.91
C ARG H 20 38.46 -13.99 27.46
N THR H 21 38.38 -12.95 28.30
CA THR H 21 37.60 -11.77 27.93
C THR H 21 38.18 -11.09 26.70
N THR H 22 39.51 -11.00 26.63
CA THR H 22 40.14 -10.35 25.47
C THR H 22 39.79 -11.12 24.19
N ILE H 23 39.94 -12.44 24.21
CA ILE H 23 39.64 -13.21 23.01
C ILE H 23 38.16 -13.10 22.66
N ASN H 24 37.28 -13.09 23.66
CA ASN H 24 35.85 -12.99 23.40
C ASN H 24 35.51 -11.65 22.76
N THR H 25 36.06 -10.56 23.29
CA THR H 25 35.76 -9.24 22.72
C THR H 25 36.32 -9.11 21.30
N VAL H 26 37.53 -9.60 21.06
CA VAL H 26 38.09 -9.48 19.71
C VAL H 26 37.29 -10.34 18.74
N ALA H 27 36.85 -11.52 19.17
CA ALA H 27 36.03 -12.34 18.29
C ALA H 27 34.68 -11.68 17.99
N SER H 28 34.07 -11.06 18.99
CA SER H 28 32.78 -10.41 18.78
C SER H 28 32.91 -9.09 18.02
N LEU H 29 34.11 -8.51 17.97
CA LEU H 29 34.29 -7.22 17.32
C LEU H 29 34.65 -7.36 15.85
N ARG H 30 35.44 -8.36 15.48
CA ARG H 30 35.86 -8.53 14.09
C ARG H 30 36.24 -9.99 13.87
N LYS H 31 36.36 -10.35 12.59
CA LYS H 31 36.59 -11.75 12.23
C LYS H 31 38.01 -12.20 12.58
N THR H 32 39.00 -11.34 12.35
CA THR H 32 40.40 -11.69 12.53
C THR H 32 41.05 -10.71 13.50
N ALA H 33 42.07 -11.18 14.22
CA ALA H 33 42.76 -10.40 15.21
C ALA H 33 44.27 -10.56 15.06
N ILE H 34 44.99 -9.48 15.34
CA ILE H 34 46.45 -9.47 15.28
C ILE H 34 47.00 -9.83 16.66
N LEU H 35 48.04 -10.65 16.67
CA LEU H 35 48.72 -11.06 17.89
C LEU H 35 50.20 -10.72 17.77
N ARG H 36 50.67 -9.83 18.63
CA ARG H 36 52.08 -9.48 18.71
C ARG H 36 52.67 -10.15 19.95
N PHE H 37 53.71 -10.95 19.75
CA PHE H 37 54.40 -11.64 20.84
C PHE H 37 55.76 -10.99 21.01
N ASN H 38 55.87 -10.13 22.03
CA ASN H 38 57.10 -9.46 22.38
C ASN H 38 57.82 -10.23 23.48
N SER H 39 59.06 -9.83 23.75
CA SER H 39 59.82 -10.42 24.83
C SER H 39 59.27 -10.06 26.21
N GLU H 40 58.35 -9.11 26.28
CA GLU H 40 57.82 -8.64 27.56
C GLU H 40 56.32 -8.89 27.74
N ARG H 41 55.53 -8.77 26.67
CA ARG H 41 54.09 -8.89 26.80
C ARG H 41 53.49 -9.34 25.47
N LEU H 42 52.24 -9.77 25.52
CA LEU H 42 51.49 -10.19 24.35
C LEU H 42 50.38 -9.17 24.09
N THR H 43 50.34 -8.63 22.88
CA THR H 43 49.36 -7.62 22.50
C THR H 43 48.36 -8.24 21.53
N ILE H 44 47.08 -8.14 21.88
CA ILE H 44 46.00 -8.62 21.02
C ILE H 44 45.27 -7.39 20.49
N ILE H 45 45.18 -7.27 19.18
CA ILE H 45 44.70 -6.06 18.52
C ILE H 45 43.55 -6.42 17.59
N SER H 46 42.48 -5.62 17.65
CA SER H 46 41.38 -5.67 16.70
C SER H 46 41.26 -4.28 16.07
N THR H 47 41.65 -4.17 14.80
CA THR H 47 41.66 -2.91 14.08
C THR H 47 41.16 -3.15 12.66
N PRO H 48 40.36 -2.23 12.11
CA PRO H 48 39.91 -2.41 10.71
C PRO H 48 41.04 -2.33 9.70
N LYS H 49 42.22 -1.86 10.09
CA LYS H 49 43.34 -1.70 9.19
C LYS H 49 44.13 -2.99 8.97
N SER H 50 43.77 -4.07 9.66
CA SER H 50 44.45 -5.34 9.45
C SER H 50 44.20 -5.85 8.04
N SER H 51 45.17 -6.59 7.50
CA SER H 51 45.09 -7.02 6.11
C SER H 51 43.83 -7.84 5.86
N LEU H 52 43.50 -8.77 6.77
CA LEU H 52 42.30 -9.57 6.60
C LEU H 52 41.04 -8.77 6.86
N ASN H 53 41.09 -7.83 7.81
CA ASN H 53 39.90 -7.05 8.15
C ASN H 53 39.58 -6.01 7.08
N SER H 54 40.61 -5.39 6.50
CA SER H 54 40.38 -4.35 5.50
C SER H 54 39.66 -4.88 4.28
N SER H 55 39.70 -6.18 4.03
CA SER H 55 39.01 -6.75 2.87
C SER H 55 37.50 -6.55 3.00
N ASN H 56 36.96 -6.69 4.21
CA ASN H 56 35.52 -6.55 4.42
C ASN H 56 35.03 -5.13 4.17
N ASN H 57 35.92 -4.15 4.07
CA ASN H 57 35.53 -2.77 3.78
C ASN H 57 34.48 -2.27 4.78
N GLY H 58 34.69 -2.60 6.06
CA GLY H 58 33.74 -2.18 7.08
C GLY H 58 33.70 -0.68 7.27
N THR H 59 34.84 -0.01 7.14
CA THR H 59 34.90 1.43 7.43
C THR H 59 33.97 2.22 6.51
N ILE H 60 33.97 1.91 5.21
CA ILE H 60 33.20 2.70 4.25
C ILE H 60 31.74 2.29 4.16
N LEU H 61 31.37 1.12 4.69
CA LEU H 61 30.01 0.61 4.56
C LEU H 61 29.22 0.67 5.86
N ARG H 62 29.86 0.51 7.01
CA ARG H 62 29.15 0.45 8.28
C ARG H 62 29.81 1.29 9.37
N GLY H 63 30.88 2.02 9.08
CA GLY H 63 31.54 2.83 10.08
C GLY H 63 32.21 2.05 11.20
N ASP H 64 32.90 0.97 10.85
CA ASP H 64 33.63 0.16 11.84
C ASP H 64 35.00 0.80 12.07
N THR H 65 35.04 1.78 12.96
CA THR H 65 36.27 2.51 13.24
C THR H 65 36.88 2.18 14.60
N GLY H 66 36.11 1.57 15.51
CA GLY H 66 36.63 1.32 16.84
C GLY H 66 37.83 0.39 16.82
N GLN H 67 38.76 0.65 17.73
CA GLN H 67 40.01 -0.11 17.81
C GLN H 67 40.17 -0.66 19.23
N LEU H 68 40.47 -1.96 19.33
CA LEU H 68 40.55 -2.64 20.61
C LEU H 68 41.97 -3.17 20.81
N TRP H 69 42.58 -2.82 21.93
CA TRP H 69 43.95 -3.23 22.24
C TRP H 69 44.00 -3.83 23.63
N CYS H 70 44.58 -5.02 23.75
CA CYS H 70 44.72 -5.72 25.02
C CYS H 70 46.18 -6.09 25.23
N THR H 71 46.70 -5.80 26.43
CA THR H 71 48.06 -6.13 26.81
C THR H 71 48.05 -7.19 27.90
N ILE H 72 48.78 -8.27 27.68
CA ILE H 72 48.87 -9.38 28.63
C ILE H 72 50.33 -9.51 29.06
N PRO H 73 50.66 -9.23 30.32
CA PRO H 73 52.05 -9.43 30.76
C PRO H 73 52.47 -10.88 30.62
N HIS H 74 53.77 -11.07 30.35
CA HIS H 74 54.28 -12.42 30.16
C HIS H 74 54.15 -13.28 31.40
N ASP H 75 53.95 -12.66 32.57
CA ASP H 75 53.75 -13.44 33.79
C ASP H 75 52.49 -14.29 33.72
N VAL H 76 51.55 -13.94 32.83
CA VAL H 76 50.31 -14.72 32.72
C VAL H 76 50.62 -16.15 32.32
N PHE H 77 51.50 -16.33 31.33
CA PHE H 77 51.87 -17.65 30.87
C PHE H 77 52.92 -18.26 31.80
N ARG H 78 52.74 -19.55 32.12
CA ARG H 78 53.72 -20.23 32.96
C ARG H 78 55.10 -20.24 32.31
N LEU H 79 55.14 -20.52 31.01
CA LEU H 79 56.37 -20.50 30.24
C LEU H 79 56.22 -19.52 29.10
N TYR H 80 57.20 -18.61 28.94
CA TYR H 80 57.18 -17.59 27.91
C TYR H 80 58.50 -17.71 27.15
N THR H 81 58.53 -18.56 26.13
CA THR H 81 59.70 -18.78 25.29
C THR H 81 59.44 -18.10 23.94
N VAL H 82 59.80 -16.81 23.87
CA VAL H 82 59.62 -16.01 22.67
C VAL H 82 61.00 -15.53 22.25
N ILE H 83 61.57 -16.15 21.23
CA ILE H 83 62.88 -15.79 20.70
C ILE H 83 62.71 -15.40 19.24
N SER H 84 63.19 -14.22 18.88
CA SER H 84 63.08 -13.72 17.52
C SER H 84 64.28 -12.83 17.22
N ALA H 85 64.39 -12.44 15.95
CA ALA H 85 65.50 -11.61 15.47
C ALA H 85 65.01 -10.24 15.02
N ARG H 86 64.00 -9.71 15.70
CA ARG H 86 63.44 -8.40 15.40
C ARG H 86 63.56 -7.51 16.64
N GLU H 87 63.04 -6.28 16.51
CA GLU H 87 63.12 -5.32 17.61
C GLU H 87 62.42 -5.87 18.84
N LEU H 88 63.19 -6.05 19.92
CA LEU H 88 62.67 -6.57 21.18
C LEU H 88 62.07 -7.96 21.01
N ASN H 89 62.55 -8.71 20.03
CA ASN H 89 62.08 -10.06 19.76
C ASN H 89 60.56 -10.10 19.65
N THR H 90 60.05 -9.38 18.65
CA THR H 90 58.62 -9.26 18.40
C THR H 90 58.23 -10.10 17.19
N ILE H 91 57.24 -10.96 17.36
CA ILE H 91 56.71 -11.79 16.28
C ILE H 91 55.24 -11.43 16.10
N THR H 92 54.88 -11.06 14.87
CA THR H 92 53.53 -10.60 14.56
C THR H 92 52.80 -11.66 13.76
N MET H 93 51.54 -11.92 14.13
CA MET H 93 50.71 -12.88 13.43
C MET H 93 49.30 -12.31 13.29
N GLU H 94 48.55 -12.83 12.32
CA GLU H 94 47.16 -12.45 12.09
C GLU H 94 46.33 -13.72 12.10
N CYS H 95 45.62 -13.96 13.20
CA CYS H 95 44.88 -15.20 13.40
C CYS H 95 43.39 -14.96 13.24
N ASN H 96 42.65 -16.06 13.09
CA ASN H 96 41.20 -16.03 12.97
C ASN H 96 40.59 -16.22 14.36
N CYS H 97 39.64 -15.36 14.70
CA CYS H 97 39.09 -15.36 16.06
C CYS H 97 38.18 -16.55 16.31
N ASP H 98 37.50 -17.06 15.28
CA ASP H 98 36.52 -18.11 15.49
C ASP H 98 37.17 -19.38 16.02
N SER H 99 38.24 -19.83 15.38
CA SER H 99 38.87 -21.08 15.80
C SER H 99 39.48 -20.95 17.19
N LEU H 100 40.15 -19.83 17.46
CA LEU H 100 40.74 -19.63 18.79
C LEU H 100 39.67 -19.59 19.86
N LEU H 101 38.56 -18.91 19.57
CA LEU H 101 37.46 -18.84 20.53
C LEU H 101 36.86 -20.23 20.78
N SER H 102 36.71 -21.03 19.72
CA SER H 102 36.19 -22.38 19.91
C SER H 102 37.14 -23.22 20.75
N VAL H 103 38.44 -23.12 20.49
CA VAL H 103 39.42 -23.88 21.27
C VAL H 103 39.36 -23.46 22.73
N PHE H 104 39.29 -22.16 23.00
CA PHE H 104 39.23 -21.69 24.39
C PHE H 104 37.92 -22.08 25.05
N LYS H 105 36.82 -22.13 24.29
CA LYS H 105 35.55 -22.61 24.85
C LYS H 105 35.66 -24.07 25.26
N ARG H 106 36.28 -24.90 24.41
CA ARG H 106 36.48 -26.29 24.76
C ARG H 106 37.38 -26.42 26.00
N TYR H 107 38.43 -25.60 26.07
CA TYR H 107 39.29 -25.61 27.24
C TYR H 107 38.52 -25.22 28.49
N ASP H 108 37.65 -24.22 28.40
CA ASP H 108 36.83 -23.83 29.53
C ASP H 108 35.91 -24.96 29.96
N ARG H 109 35.30 -25.64 28.99
CA ARG H 109 34.45 -26.78 29.32
C ARG H 109 35.23 -27.85 30.05
N VAL H 110 36.43 -28.17 29.56
CA VAL H 110 37.25 -29.19 30.21
C VAL H 110 37.62 -28.76 31.61
N MET H 111 37.99 -27.48 31.79
CA MET H 111 38.35 -27.00 33.12
C MET H 111 37.16 -27.07 34.07
N ASN H 112 35.98 -26.69 33.59
CA ASN H 112 34.78 -26.76 34.44
C ASN H 112 34.43 -28.20 34.77
N GLN H 113 34.80 -29.14 33.90
CA GLN H 113 34.55 -30.55 34.21
C GLN H 113 35.30 -30.98 35.47
N GLY H 114 36.53 -30.50 35.64
CA GLY H 114 37.29 -30.79 36.83
C GLY H 114 38.77 -31.02 36.57
N SER H 115 39.18 -30.99 35.31
CA SER H 115 40.58 -31.20 34.97
C SER H 115 41.42 -30.01 35.41
N SER H 116 42.70 -30.27 35.67
CA SER H 116 43.67 -29.26 36.07
C SER H 116 44.92 -29.35 35.22
N SER H 117 44.75 -29.59 33.93
CA SER H 117 45.88 -29.73 33.02
C SER H 117 46.35 -28.35 32.56
N ASN H 118 47.33 -28.35 31.65
CA ASN H 118 47.88 -27.12 31.09
C ASN H 118 47.79 -27.17 29.57
N MET H 119 47.65 -25.99 28.97
CA MET H 119 47.54 -25.85 27.53
C MET H 119 48.88 -25.40 26.97
N THR H 120 49.43 -26.17 26.04
CA THR H 120 50.70 -25.86 25.40
C THR H 120 50.44 -25.36 23.99
N ILE H 121 51.00 -24.19 23.67
CA ILE H 121 50.83 -23.55 22.38
C ILE H 121 52.20 -23.40 21.73
N LYS H 122 52.27 -23.71 20.44
CA LYS H 122 53.53 -23.63 19.69
C LYS H 122 53.24 -23.24 18.25
N LEU H 123 54.26 -22.72 17.58
CA LEU H 123 54.17 -22.36 16.18
C LEU H 123 54.81 -23.47 15.34
N GLN H 124 54.06 -24.00 14.38
CA GLN H 124 54.50 -25.14 13.59
C GLN H 124 54.29 -24.86 12.12
N SER H 125 55.01 -25.60 11.28
CA SER H 125 54.92 -25.48 9.83
C SER H 125 54.10 -26.67 9.31
N MET H 126 52.82 -26.42 9.03
CA MET H 126 51.96 -27.46 8.49
C MET H 126 52.35 -27.74 7.04
N PRO H 127 52.70 -28.98 6.68
CA PRO H 127 53.00 -29.26 5.27
C PRO H 127 51.77 -29.34 4.38
N GLU H 128 50.57 -29.31 4.96
CA GLU H 128 49.36 -29.38 4.14
C GLU H 128 49.25 -28.18 3.22
N TRP H 129 49.57 -26.99 3.71
CA TRP H 129 49.50 -25.77 2.92
C TRP H 129 50.88 -25.13 2.78
N ASN H 151 54.23 -13.88 2.80
CA ASN H 151 53.56 -14.16 4.06
C ASN H 151 53.14 -15.62 4.14
N PRO H 152 54.09 -16.51 4.42
CA PRO H 152 53.76 -17.93 4.55
C PRO H 152 52.78 -18.18 5.69
N ILE H 153 51.95 -19.19 5.51
CA ILE H 153 50.92 -19.55 6.49
C ILE H 153 51.43 -20.72 7.31
N CYS H 154 51.38 -20.59 8.63
CA CYS H 154 51.80 -21.61 9.57
C CYS H 154 50.59 -22.02 10.42
N ALA H 155 50.84 -22.87 11.42
CA ALA H 155 49.79 -23.36 12.30
C ALA H 155 50.15 -23.08 13.75
N LEU H 156 49.12 -22.90 14.56
CA LEU H 156 49.25 -22.68 16.00
C LEU H 156 48.84 -23.99 16.70
N GLY H 157 49.81 -24.87 16.89
CA GLY H 157 49.53 -26.15 17.53
C GLY H 157 49.20 -25.95 19.00
N ILE H 158 48.02 -26.39 19.41
CA ILE H 158 47.56 -26.29 20.79
C ILE H 158 47.26 -27.70 21.28
N THR H 159 47.80 -28.04 22.45
CA THR H 159 47.63 -29.38 23.02
C THR H 159 47.29 -29.28 24.49
N PHE H 160 46.48 -30.22 24.97
CA PHE H 160 46.17 -30.27 26.40
C PHE H 160 45.56 -31.62 26.73
N GLU H 161 45.70 -32.01 28.00
CA GLU H 161 45.19 -33.28 28.49
C GLU H 161 43.79 -33.12 29.04
N GLU H 162 43.01 -34.19 28.93
CA GLU H 162 41.64 -34.24 29.45
C GLU H 162 41.47 -35.56 30.21
N ILE H 163 41.37 -35.47 31.52
CA ILE H 163 41.21 -36.66 32.36
C ILE H 163 39.86 -37.32 32.07
N ILE H 201 44.26 -38.90 27.43
CA ILE H 201 43.60 -38.30 26.28
C ILE H 201 44.23 -36.95 25.97
N MET H 202 45.06 -36.91 24.91
CA MET H 202 45.78 -35.72 24.51
C MET H 202 45.00 -35.04 23.38
N HIS H 203 44.17 -34.07 23.74
CA HIS H 203 43.42 -33.31 22.76
C HIS H 203 44.32 -32.27 22.11
N SER H 204 44.46 -32.34 20.79
CA SER H 204 45.31 -31.43 20.04
C SER H 204 44.49 -30.82 18.91
N PHE H 205 44.58 -29.50 18.78
CA PHE H 205 43.93 -28.76 17.70
C PHE H 205 44.93 -27.78 17.09
N LYS H 206 44.71 -27.44 15.82
CA LYS H 206 45.60 -26.55 15.10
C LYS H 206 44.79 -25.46 14.41
N VAL H 207 45.37 -24.26 14.36
CA VAL H 207 44.70 -23.08 13.82
C VAL H 207 45.60 -22.43 12.78
N PRO H 208 45.10 -22.12 11.58
CA PRO H 208 45.94 -21.41 10.60
C PRO H 208 46.29 -20.02 11.09
N VAL H 209 47.48 -19.56 10.69
CA VAL H 209 47.99 -18.27 11.13
C VAL H 209 48.89 -17.71 10.03
N LYS H 210 48.92 -16.39 9.91
CA LYS H 210 49.73 -15.70 8.92
C LYS H 210 50.67 -14.72 9.62
N LEU H 211 51.96 -14.82 9.33
CA LEU H 211 52.94 -13.94 9.93
C LEU H 211 53.02 -12.62 9.15
N LEU H 212 53.47 -11.58 9.84
CA LEU H 212 53.57 -10.24 9.28
C LEU H 212 55.01 -9.76 9.31
N PHE H 213 55.39 -8.97 8.30
CA PHE H 213 56.73 -8.43 8.20
C PHE H 213 56.86 -7.18 9.07
N ARG H 214 58.10 -6.68 9.18
CA ARG H 214 58.33 -5.48 9.97
C ARG H 214 57.59 -4.28 9.38
N ALA H 215 57.61 -4.15 8.05
CA ALA H 215 56.86 -3.07 7.41
C ALA H 215 55.38 -3.19 7.68
N GLN H 216 54.84 -4.41 7.61
CA GLN H 216 53.43 -4.61 7.95
C GLN H 216 53.17 -4.40 9.44
N ASP H 217 54.10 -4.84 10.29
CA ASP H 217 53.90 -4.69 11.73
C ASP H 217 53.85 -3.22 12.13
N THR H 218 54.75 -2.40 11.58
CA THR H 218 54.85 -1.01 12.02
C THR H 218 53.67 -0.16 11.56
N ARG H 219 52.90 -0.61 10.57
CA ARG H 219 51.79 0.21 10.09
C ARG H 219 50.62 0.19 11.07
N ILE H 220 50.49 -0.89 11.85
CA ILE H 220 49.43 -1.02 12.84
C ILE H 220 49.91 -0.32 14.11
N GLN H 221 49.39 0.88 14.35
CA GLN H 221 49.77 1.69 15.50
C GLN H 221 48.56 2.00 16.35
N GLU H 222 48.77 2.05 17.67
CA GLU H 222 47.68 2.34 18.58
C GLU H 222 47.26 3.80 18.45
N PRO H 223 45.96 4.10 18.44
CA PRO H 223 45.52 5.50 18.38
C PRO H 223 46.01 6.27 19.60
N MET H 224 46.35 7.53 19.38
CA MET H 224 46.78 8.44 20.43
C MET H 224 45.78 9.58 20.55
N ILE H 225 45.36 9.89 21.78
CA ILE H 225 44.36 10.90 22.04
C ILE H 225 45.03 12.10 22.69
N ASN H 226 44.44 13.27 22.49
CA ASN H 226 44.92 14.51 23.10
C ASN H 226 44.57 14.49 24.57
N TYR H 227 45.54 14.05 25.39
CA TYR H 227 45.26 13.82 26.81
C TYR H 227 44.88 15.11 27.53
N ILE H 228 45.55 16.22 27.22
CA ILE H 228 45.24 17.47 27.89
C ILE H 228 43.80 17.88 27.60
N GLN H 229 43.33 17.66 26.37
CA GLN H 229 41.94 17.92 26.01
C GLN H 229 41.14 16.62 26.05
N LEU H 230 41.04 16.07 27.25
CA LEU H 230 40.38 14.79 27.47
C LEU H 230 39.89 14.75 28.91
N MET H 231 38.63 14.36 29.11
CA MET H 231 38.05 14.33 30.45
C MET H 231 37.80 12.87 30.84
N MET H 232 38.37 12.45 31.97
CA MET H 232 38.32 11.07 32.42
C MET H 232 37.44 10.96 33.66
N TYR H 233 36.60 9.93 33.69
CA TYR H 233 35.75 9.64 34.83
C TYR H 233 36.02 8.21 35.30
N LYS H 234 36.19 8.05 36.60
CA LYS H 234 36.43 6.74 37.21
C LYS H 234 35.08 6.11 37.53
N LEU H 235 34.72 5.06 36.79
CA LEU H 235 33.43 4.42 36.99
C LEU H 235 33.40 3.67 38.32
N PRO H 236 32.24 3.56 38.95
CA PRO H 236 32.15 2.79 40.19
C PRO H 236 32.52 1.34 39.95
N PRO H 237 33.17 0.68 40.93
CA PRO H 237 33.54 -0.72 40.74
C PRO H 237 32.30 -1.60 40.59
N ILE H 238 32.43 -2.62 39.73
CA ILE H 238 31.32 -3.56 39.55
C ILE H 238 31.10 -4.39 40.80
N SER H 239 32.19 -4.77 41.49
CA SER H 239 32.09 -5.56 42.69
C SER H 239 31.55 -4.77 43.88
N GLY H 240 31.46 -3.45 43.78
CA GLY H 240 30.96 -2.63 44.86
C GLY H 240 29.44 -2.64 44.92
N GLU H 241 28.93 -1.92 45.93
CA GLU H 241 27.49 -1.85 46.12
C GLU H 241 26.79 -1.10 44.98
N PHE H 242 27.52 -0.23 44.28
CA PHE H 242 26.95 0.55 43.18
C PHE H 242 27.17 -0.10 41.83
N GLY H 243 27.78 -1.29 41.80
CA GLY H 243 28.06 -1.92 40.52
C GLY H 243 26.80 -2.28 39.75
N SER H 244 25.82 -2.86 40.45
CA SER H 244 24.58 -3.25 39.78
C SER H 244 23.84 -2.04 39.23
N ALA H 245 23.79 -0.95 40.00
CA ALA H 245 23.09 0.24 39.55
C ALA H 245 23.71 0.79 38.27
N PHE H 246 25.04 0.88 38.23
CA PHE H 246 25.71 1.40 37.04
C PHE H 246 25.58 0.44 35.86
N HIS H 247 25.62 -0.87 36.13
CA HIS H 247 25.43 -1.85 35.06
C HIS H 247 24.05 -1.70 34.44
N GLY H 248 23.02 -1.52 35.28
CA GLY H 248 21.69 -1.28 34.74
C GLY H 248 21.60 0.04 34.00
N PHE H 249 22.28 1.07 34.51
CA PHE H 249 22.26 2.37 33.85
C PHE H 249 22.87 2.29 32.45
N ILE H 250 23.98 1.56 32.32
CA ILE H 250 24.61 1.42 31.01
C ILE H 250 23.69 0.68 30.05
N ARG H 251 23.03 -0.37 30.53
CA ARG H 251 22.17 -1.19 29.69
C ARG H 251 20.76 -0.63 29.53
N ARG H 252 20.46 0.52 30.14
CA ARG H 252 19.11 1.05 30.09
C ARG H 252 18.67 1.34 28.66
N VAL H 253 19.54 1.97 27.87
CA VAL H 253 19.17 2.38 26.52
C VAL H 253 18.88 1.18 25.63
N GLU H 254 19.30 -0.02 26.03
CA GLU H 254 18.98 -1.21 25.25
C GLU H 254 17.49 -1.52 25.28
N ARG H 255 16.73 -0.92 26.19
CA ARG H 255 15.30 -1.15 26.23
C ARG H 255 14.58 -0.55 25.02
N TYR H 256 15.23 0.33 24.27
CA TYR H 256 14.66 0.95 23.08
C TYR H 256 15.28 0.31 21.85
N SER H 257 14.50 -0.51 21.15
CA SER H 257 15.04 -1.29 20.03
C SER H 257 15.51 -0.39 18.90
N ASN H 258 14.74 0.65 18.59
CA ASN H 258 15.00 1.47 17.40
C ASN H 258 16.07 2.52 17.62
N VAL H 259 16.61 2.66 18.83
CA VAL H 259 17.64 3.64 19.10
C VAL H 259 18.97 3.12 18.57
N ASN H 260 19.64 3.91 17.74
CA ASN H 260 20.91 3.53 17.13
C ASN H 260 22.09 4.36 17.62
N HIS H 261 21.86 5.59 18.06
CA HIS H 261 22.91 6.47 18.55
C HIS H 261 22.56 6.97 19.94
N ILE H 262 23.59 7.14 20.76
CA ILE H 262 23.44 7.67 22.12
C ILE H 262 24.41 8.82 22.30
N HIS H 263 23.97 9.86 23.00
CA HIS H 263 24.75 11.07 23.23
C HIS H 263 25.20 11.04 24.69
N LEU H 264 26.47 10.70 24.91
CA LEU H 264 27.04 10.71 26.25
C LEU H 264 27.52 12.11 26.60
N MET H 265 27.18 12.56 27.81
CA MET H 265 27.55 13.88 28.30
C MET H 265 28.12 13.75 29.70
N GLY H 266 29.12 14.59 30.00
CA GLY H 266 29.70 14.65 31.33
C GLY H 266 29.87 16.08 31.76
N VAL H 267 29.31 16.44 32.92
CA VAL H 267 29.28 17.81 33.39
C VAL H 267 29.82 17.86 34.82
N LYS H 268 30.72 18.80 35.08
CA LYS H 268 31.22 18.99 36.43
C LYS H 268 30.08 19.40 37.35
N LYS H 269 30.00 18.76 38.52
CA LYS H 269 28.97 19.06 39.50
C LYS H 269 27.58 18.80 38.91
N ASP H 277 32.45 12.88 44.91
CA ASP H 277 31.48 13.06 43.83
C ASP H 277 31.39 14.53 43.43
N ASP H 278 31.95 14.86 42.27
CA ASP H 278 31.91 16.23 41.78
C ASP H 278 31.57 16.32 40.30
N VAL H 279 31.21 15.20 39.66
CA VAL H 279 30.84 15.20 38.24
C VAL H 279 29.62 14.31 38.05
N GLU H 280 28.94 14.51 36.92
CA GLU H 280 27.75 13.74 36.60
C GLU H 280 27.80 13.32 35.13
N LEU H 281 27.20 12.17 34.85
CA LEU H 281 27.18 11.58 33.53
C LEU H 281 25.73 11.37 33.09
N LYS H 282 25.46 11.63 31.81
CA LYS H 282 24.11 11.55 31.26
C LYS H 282 24.15 10.88 29.90
N ILE H 283 23.07 10.17 29.58
CA ILE H 283 22.87 9.56 28.26
C ILE H 283 21.61 10.15 27.66
N ILE H 284 21.73 10.72 26.48
CA ILE H 284 20.63 11.41 25.82
C ILE H 284 20.27 10.67 24.54
N VAL H 285 18.97 10.52 24.32
CA VAL H 285 18.43 9.89 23.12
C VAL H 285 17.40 10.85 22.53
N ASN H 286 17.60 11.24 21.27
CA ASN H 286 16.67 12.10 20.54
C ASN H 286 16.16 11.44 19.27
N GLU H 287 16.26 10.11 19.18
CA GLU H 287 15.77 9.37 18.03
C GLU H 287 14.32 8.94 18.17
N LEU H 288 13.69 9.21 19.30
CA LEU H 288 12.31 8.83 19.56
C LEU H 288 11.38 10.03 19.36
N ASP H 289 10.08 9.76 19.42
CA ASP H 289 9.09 10.82 19.32
C ASP H 289 9.20 11.81 20.47
N TRP H 290 9.81 11.41 21.58
CA TRP H 290 9.96 12.25 22.76
C TRP H 290 11.43 12.28 23.17
N HIS H 291 11.90 13.46 23.57
CA HIS H 291 13.27 13.60 24.05
C HIS H 291 13.47 12.74 25.30
N LEU H 292 14.58 12.01 25.36
CA LEU H 292 14.86 11.12 26.48
C LEU H 292 16.21 11.45 27.08
N GLU H 293 16.25 11.58 28.41
CA GLU H 293 17.48 11.85 29.15
C GLU H 293 17.55 10.89 30.33
N ILE H 294 18.71 10.25 30.49
CA ILE H 294 18.96 9.33 31.60
C ILE H 294 20.15 9.87 32.38
N CYS H 295 19.97 10.04 33.68
CA CYS H 295 20.96 10.65 34.55
C CYS H 295 21.38 9.69 35.65
N TRP H 296 22.68 9.64 35.92
CA TRP H 296 23.23 8.86 37.02
C TRP H 296 23.52 9.80 38.19
N ASN H 297 22.77 9.65 39.26
CA ASN H 297 22.89 10.52 40.43
C ASN H 297 23.77 9.93 41.53
N GLY H 298 24.37 8.77 41.30
CA GLY H 298 25.20 8.15 42.30
C GLY H 298 26.60 8.72 42.32
N PRO H 299 27.40 8.27 43.30
CA PRO H 299 28.77 8.76 43.39
C PRO H 299 29.57 8.38 42.16
N LEU H 300 30.45 9.29 41.74
CA LEU H 300 31.29 9.07 40.56
C LEU H 300 32.47 10.02 40.64
N ASP H 301 33.68 9.47 40.73
CA ASP H 301 34.90 10.25 40.88
C ASP H 301 35.57 10.45 39.52
N SER H 302 36.18 11.61 39.34
CA SER H 302 36.87 11.96 38.10
C SER H 302 38.38 11.94 38.34
N VAL H 303 39.10 11.28 37.46
CA VAL H 303 40.55 11.17 37.57
C VAL H 303 41.18 12.49 37.13
N ILE H 304 42.06 13.03 37.97
CA ILE H 304 42.74 14.28 37.66
C ILE H 304 44.14 14.00 37.13
N ASP H 390 46.57 13.20 -0.20
CA ASP H 390 45.30 12.50 -0.11
C ASP H 390 44.16 13.49 0.17
N ILE H 391 42.96 12.98 0.37
CA ILE H 391 41.79 13.80 0.60
C ILE H 391 41.41 13.85 2.09
N SER H 392 42.34 13.48 2.96
CA SER H 392 42.05 13.48 4.40
C SER H 392 42.00 14.91 4.94
N VAL H 393 40.99 15.16 5.78
CA VAL H 393 40.83 16.45 6.44
C VAL H 393 40.48 16.21 7.90
N MET H 394 40.72 17.23 8.72
CA MET H 394 40.41 17.16 10.14
C MET H 394 38.90 17.30 10.36
N VAL H 395 38.36 16.44 11.22
CA VAL H 395 36.94 16.51 11.53
C VAL H 395 36.63 17.83 12.22
N GLU H 396 35.45 18.39 11.92
CA GLU H 396 35.03 19.63 12.52
C GLU H 396 34.49 19.39 13.92
N LYS H 397 35.01 20.14 14.89
CA LYS H 397 34.61 20.02 16.28
C LYS H 397 33.72 21.20 16.65
N ALA H 398 32.53 20.89 17.17
CA ALA H 398 31.62 21.94 17.62
C ALA H 398 32.20 22.66 18.83
N GLU H 399 31.94 23.96 18.90
CA GLU H 399 32.40 24.75 20.04
C GLU H 399 31.77 24.25 21.32
N GLN H 400 32.59 24.13 22.38
CA GLN H 400 32.10 23.61 23.65
C GLN H 400 31.10 24.57 24.27
N GLU H 401 30.01 24.02 24.82
CA GLU H 401 29.03 24.84 25.51
C GLU H 401 29.65 25.53 26.72
N SER H 402 30.47 24.79 27.47
CA SER H 402 31.15 25.35 28.63
C SER H 402 32.46 24.60 28.82
N SER H 403 33.36 25.22 29.59
CA SER H 403 34.68 24.63 29.82
C SER H 403 34.62 23.35 30.65
N SER H 404 33.48 23.05 31.28
CA SER H 404 33.35 21.90 32.17
C SER H 404 32.27 20.94 31.69
N THR H 405 32.08 20.81 30.38
CA THR H 405 31.12 19.87 29.83
C THR H 405 31.73 19.21 28.60
N HIS H 406 31.72 17.88 28.57
CA HIS H 406 32.30 17.11 27.48
C HIS H 406 31.26 16.12 26.95
N GLU H 407 31.01 16.15 25.65
CA GLU H 407 29.94 15.36 25.05
C GLU H 407 30.44 14.66 23.80
N VAL H 408 29.81 13.53 23.48
CA VAL H 408 30.14 12.78 22.27
C VAL H 408 28.98 11.85 21.93
N ILE H 409 28.71 11.70 20.65
CA ILE H 409 27.67 10.82 20.15
C ILE H 409 28.31 9.57 19.57
N ILE H 410 27.85 8.40 20.02
CA ILE H 410 28.41 7.12 19.59
C ILE H 410 27.27 6.17 19.27
N ARG H 411 27.63 4.99 18.78
CA ARG H 411 26.66 3.97 18.39
C ARG H 411 26.29 3.10 19.59
N CYS H 412 25.17 2.39 19.45
CA CYS H 412 24.70 1.53 20.53
C CYS H 412 25.51 0.23 20.63
N LYS H 413 26.03 -0.27 19.51
CA LYS H 413 26.85 -1.48 19.56
C LYS H 413 28.13 -1.23 20.37
N ASP H 414 28.76 -0.07 20.16
CA ASP H 414 29.94 0.27 20.94
C ASP H 414 29.61 0.39 22.42
N TRP H 415 28.42 0.94 22.73
CA TRP H 415 28.01 1.03 24.13
C TRP H 415 27.79 -0.36 24.73
N LYS H 416 27.24 -1.30 23.95
CA LYS H 416 27.09 -2.66 24.43
C LYS H 416 28.45 -3.30 24.69
N VAL H 417 29.41 -3.06 23.80
CA VAL H 417 30.76 -3.59 24.01
C VAL H 417 31.35 -2.99 25.28
N CYS H 418 31.17 -1.69 25.49
CA CYS H 418 31.68 -1.05 26.70
C CYS H 418 31.02 -1.63 27.95
N SER H 419 29.73 -1.91 27.88
CA SER H 419 29.04 -2.54 29.01
C SER H 419 29.61 -3.92 29.30
N LYS H 420 29.88 -4.70 28.26
CA LYS H 420 30.50 -6.01 28.46
C LYS H 420 31.87 -5.88 29.10
N LEU H 421 32.68 -4.92 28.63
CA LEU H 421 33.99 -4.70 29.23
C LEU H 421 33.85 -4.30 30.70
N TYR H 422 32.91 -3.42 31.02
CA TYR H 422 32.71 -3.01 32.41
C TYR H 422 32.32 -4.19 33.27
N ALA H 423 31.41 -5.03 32.78
CA ALA H 423 31.01 -6.21 33.54
C ALA H 423 32.18 -7.20 33.68
N ALA H 424 33.13 -7.18 32.75
CA ALA H 424 34.24 -8.12 32.80
C ALA H 424 35.26 -7.72 33.87
N PHE H 425 35.69 -6.46 33.87
CA PHE H 425 36.77 -6.00 34.74
C PHE H 425 36.21 -5.20 35.91
N GLU H 426 37.11 -4.88 36.85
CA GLU H 426 36.75 -4.14 38.06
C GLU H 426 37.01 -2.64 37.88
N GLU H 427 38.26 -2.26 37.60
CA GLU H 427 38.62 -0.86 37.46
C GLU H 427 38.39 -0.42 36.02
N VAL H 428 37.46 0.50 35.81
CA VAL H 428 37.04 0.95 34.50
C VAL H 428 37.06 2.48 34.50
N VAL H 429 37.61 3.06 33.44
CA VAL H 429 37.70 4.51 33.28
C VAL H 429 37.11 4.88 31.92
N LEU H 430 36.27 5.91 31.91
CA LEU H 430 35.65 6.40 30.68
C LEU H 430 36.24 7.77 30.36
N ALA H 431 36.93 7.87 29.23
CA ALA H 431 37.54 9.12 28.78
C ALA H 431 36.77 9.65 27.59
N ILE H 432 36.45 10.94 27.62
CA ILE H 432 35.66 11.57 26.56
C ILE H 432 36.46 12.75 26.01
N SER H 433 36.59 12.78 24.68
CA SER H 433 37.14 13.92 23.95
C SER H 433 36.00 14.55 23.18
N HIS H 434 35.63 15.78 23.59
CA HIS H 434 34.40 16.44 23.13
C HIS H 434 34.25 16.34 21.61
N ASP H 435 33.15 15.78 21.18
CA ASP H 435 32.82 15.62 19.76
C ASP H 435 33.93 14.88 19.00
N GLU H 436 34.83 14.22 19.72
CA GLU H 436 35.94 13.51 19.09
C GLU H 436 35.87 12.01 19.30
N SER H 437 35.85 11.53 20.55
CA SER H 437 35.96 10.09 20.75
C SER H 437 35.66 9.72 22.19
N CYS H 438 35.47 8.41 22.40
CA CYS H 438 35.25 7.84 23.72
C CYS H 438 36.15 6.64 23.90
N VAL H 439 36.90 6.61 25.01
CA VAL H 439 37.85 5.56 25.30
C VAL H 439 37.43 4.84 26.57
N PHE H 440 37.33 3.52 26.48
CA PHE H 440 37.03 2.67 27.64
C PHE H 440 38.31 1.97 28.04
N HIS H 441 38.76 2.22 29.27
CA HIS H 441 40.04 1.70 29.77
C HIS H 441 39.76 0.81 30.96
N CYS H 442 39.95 -0.50 30.78
CA CYS H 442 39.82 -1.47 31.85
C CYS H 442 41.21 -1.88 32.32
N SER H 443 41.45 -1.76 33.62
CA SER H 443 42.76 -2.03 34.20
C SER H 443 42.64 -3.11 35.28
N LEU H 444 43.52 -4.10 35.21
CA LEU H 444 43.64 -5.14 36.22
C LEU H 444 44.97 -4.98 36.93
N ASP H 445 44.93 -4.90 38.26
CA ASP H 445 46.10 -4.63 39.08
C ASP H 445 46.53 -5.89 39.80
N ARG H 446 47.81 -6.21 39.72
CA ARG H 446 48.39 -7.34 40.43
C ARG H 446 49.77 -6.96 40.95
N GLY H 447 50.08 -7.39 42.17
CA GLY H 447 51.34 -7.05 42.79
C GLY H 447 51.97 -8.27 43.44
N SER H 448 53.26 -8.14 43.73
CA SER H 448 54.02 -9.21 44.36
C SER H 448 54.56 -8.75 45.71
N LYS H 457 57.61 -4.62 44.74
CA LYS H 457 57.83 -4.89 43.32
C LYS H 457 56.50 -5.11 42.59
N PRO H 458 55.77 -4.02 42.36
CA PRO H 458 54.49 -4.14 41.66
C PRO H 458 54.67 -4.75 40.27
N ARG H 459 53.71 -5.57 39.87
CA ARG H 459 53.75 -6.24 38.58
C ARG H 459 53.13 -5.36 37.51
N GLU H 460 53.23 -5.82 36.26
CA GLU H 460 52.67 -5.08 35.14
C GLU H 460 51.14 -5.02 35.26
N ARG H 461 50.58 -3.91 34.81
CA ARG H 461 49.14 -3.67 34.90
C ARG H 461 48.47 -4.17 33.62
N GLY H 462 47.54 -5.11 33.77
CA GLY H 462 46.78 -5.58 32.61
C GLY H 462 45.89 -4.48 32.08
N GLN H 463 45.96 -4.23 30.78
CA GLN H 463 45.27 -3.10 30.16
C GLN H 463 44.41 -3.59 29.00
N ILE H 464 43.20 -3.02 28.92
CA ILE H 464 42.32 -3.20 27.77
C ILE H 464 41.76 -1.83 27.42
N ILE H 465 42.12 -1.32 26.24
CA ILE H 465 41.70 0.00 25.79
C ILE H 465 40.85 -0.16 24.54
N TYR H 466 39.65 0.39 24.57
CA TYR H 466 38.73 0.38 23.43
C TYR H 466 38.48 1.81 23.02
N TYR H 467 38.92 2.18 21.82
CA TYR H 467 38.72 3.51 21.26
C TYR H 467 37.51 3.47 20.33
N ILE H 468 36.60 4.43 20.52
CA ILE H 468 35.38 4.54 19.71
C ILE H 468 35.35 5.95 19.13
N ALA H 469 35.26 6.04 17.81
CA ALA H 469 35.12 7.33 17.16
C ALA H 469 33.67 7.80 17.21
N ARG H 470 33.48 9.11 17.11
CA ARG H 470 32.14 9.67 17.14
C ARG H 470 31.31 9.13 15.98
N SER H 471 30.08 8.70 16.29
CA SER H 471 29.18 8.23 15.26
C SER H 471 28.56 9.38 14.47
N LYS H 472 28.40 10.54 15.11
CA LYS H 472 27.84 11.71 14.46
C LYS H 472 28.49 12.95 15.03
N GLY H 473 28.45 14.04 14.26
CA GLY H 473 28.94 15.31 14.74
C GLY H 473 27.98 15.98 15.68
N LEU H 474 28.51 16.94 16.45
CA LEU H 474 27.69 17.69 17.40
C LEU H 474 27.36 19.07 16.86
PG AGS K . -25.51 -22.45 -10.34
S1G AGS K . -26.01 -20.57 -10.49
O2G AGS K . -26.52 -23.19 -9.43
O3G AGS K . -24.10 -22.55 -9.72
PB AGS K . -26.16 -24.52 -12.03
O1B AGS K . -25.75 -25.03 -13.35
O2B AGS K . -25.69 -25.43 -10.90
O3B AGS K . -25.51 -23.10 -11.76
PA AGS K . -28.63 -25.59 -11.33
O1A AGS K . -28.01 -26.90 -11.59
O2A AGS K . -28.81 -25.28 -9.84
O3A AGS K . -27.74 -24.41 -11.92
O5' AGS K . -30.01 -25.53 -12.10
C5' AGS K . -30.75 -24.28 -12.22
C4' AGS K . -32.02 -24.35 -11.40
O4' AGS K . -33.14 -24.66 -12.27
C3' AGS K . -32.04 -25.39 -10.28
O3' AGS K . -32.56 -24.82 -9.07
C2' AGS K . -32.97 -26.48 -10.81
O2' AGS K . -33.67 -27.16 -9.79
C1' AGS K . -33.92 -25.67 -11.68
N9 AGS K . -34.57 -26.43 -12.74
C8 AGS K . -35.92 -26.52 -12.99
N7 AGS K . -36.22 -27.27 -14.03
C5 AGS K . -34.98 -27.72 -14.48
C6 AGS K . -34.61 -28.55 -15.55
N6 AGS K . -35.50 -29.12 -16.38
N1 AGS K . -33.30 -28.79 -15.74
C2 AGS K . -32.42 -28.23 -14.90
N3 AGS K . -32.65 -27.42 -13.86
C4 AGS K . -33.96 -27.20 -13.70
H5'1 AGS K . -30.98 -24.13 -13.15
H5'2 AGS K . -30.20 -23.56 -11.89
H4' AGS K . -32.16 -23.48 -11.01
H3' AGS K . -31.16 -25.75 -10.11
HO3' AGS K . -33.30 -24.37 -9.26
H2' AGS K . -32.46 -27.11 -11.36
HO2' AGS K . -33.65 -26.68 -9.04
H1' AGS K . -34.60 -25.26 -11.11
H8 AGS K . -36.58 -26.07 -12.46
HN61 AGS K . -36.39 -28.97 -16.27
HN62 AGS K . -35.20 -29.66 -17.06
H2 AGS K . -31.48 -28.42 -15.08
MG MG L . -27.51 -25.72 -8.57
MG MG M . -32.22 4.67 -3.50
PG AGS N . -31.07 6.53 -5.75
S1G AGS N . -29.56 7.75 -5.87
O2G AGS N . -31.30 6.14 -4.26
O3G AGS N . -30.74 5.24 -6.57
PB AGS N . -33.80 6.79 -5.89
O1B AGS N . -34.59 6.35 -7.06
O2B AGS N . -33.65 5.69 -4.84
O3B AGS N . -32.34 7.22 -6.33
PA AGS N . -35.66 7.81 -4.11
O1A AGS N . -36.56 6.71 -4.50
O2A AGS N . -34.98 7.58 -2.75
O3A AGS N . -34.50 8.02 -5.16
O5' AGS N . -36.48 9.16 -4.12
C5' AGS N . -35.98 10.35 -3.49
C4' AGS N . -37.09 11.36 -3.37
O4' AGS N . -37.36 11.92 -4.67
C3' AGS N . -38.43 10.80 -2.88
O3' AGS N . -38.50 10.86 -1.46
C2' AGS N . -39.44 11.73 -3.54
O2' AGS N . -39.65 12.92 -2.79
C1' AGS N . -38.76 12.04 -4.87
N9 AGS N . -39.14 11.15 -5.97
C8 AGS N . -38.30 10.40 -6.75
N7 AGS N . -38.92 9.68 -7.66
C5 AGS N . -40.25 9.98 -7.46
C6 AGS N . -41.43 9.55 -8.11
N6 AGS N . -41.44 8.68 -9.13
N1 AGS N . -42.61 10.04 -7.66
C2 AGS N . -42.60 10.90 -6.65
N3 AGS N . -41.56 11.38 -5.97
C4 AGS N . -40.41 10.88 -6.43
H5'1 AGS N . -35.25 10.73 -4.01
H5'2 AGS N . -35.66 10.13 -2.59
H4' AGS N . -36.81 12.08 -2.77
H3' AGS N . -38.55 9.89 -3.19
HO3' AGS N . -38.71 11.68 -1.20
H2' AGS N . -40.28 11.26 -3.68
HO2' AGS N . -38.96 13.47 -2.90
H1' AGS N . -38.97 12.96 -5.12
H8 AGS N . -37.34 10.39 -6.64
HN61 AGS N . -40.66 8.34 -9.44
HN62 AGS N . -42.23 8.44 -9.51
H2 AGS N . -43.48 11.23 -6.37
N GLU O . -3.69 35.51 -43.48
CA GLU O . -4.87 36.32 -43.69
C GLU O . -5.03 36.71 -45.15
O GLU O . -6.14 37.02 -45.61
CB GLU O . -4.80 37.58 -42.82
CG GLU O . -5.45 37.44 -41.46
CD GLU O . -5.75 38.77 -40.81
OE1 GLU O . -5.11 39.78 -41.17
OE2 GLU O . -6.65 38.83 -39.94
HA GLU O . -5.66 35.83 -43.42
HB2 GLU O . -3.87 37.82 -42.69
HB3 GLU O . -5.25 38.31 -43.28
HG2 GLU O . -6.28 36.95 -41.55
HG3 GLU O . -4.84 36.96 -40.87
N THR P . -3.93 36.68 -45.90
CA THR P . -3.95 37.03 -47.32
C THR P . -4.85 36.07 -48.09
O THR P . -5.02 36.21 -49.31
CB THR P . -2.54 36.99 -47.92
OG1 THR P . -2.02 35.66 -47.85
CG2 THR P . -1.60 37.94 -47.19
H THR P . -3.15 36.46 -45.61
HA THR P . -4.30 37.93 -47.41
HB THR P . -2.58 37.26 -48.86
HG1 THR P . -1.24 35.63 -48.18
HG21 THR P . -0.74 37.96 -47.62
HG22 THR P . -1.98 38.84 -47.20
HG23 THR P . -1.50 37.65 -46.26
MG MG Q . -12.29 26.37 0.64
PG AGS R . -11.11 26.72 -2.38
S1G AGS R . -9.41 26.52 -3.32
O2G AGS R . -10.92 26.40 -0.87
O3G AGS R . -12.16 25.74 -2.99
PB AGS R . -12.52 28.93 -1.51
O1B AGS R . -13.75 29.43 -2.17
O2B AGS R . -12.82 27.93 -0.38
O3B AGS R . -11.59 28.19 -2.56
PA AGS R . -12.09 30.71 0.57
O1A AGS R . -13.55 30.78 0.77
O2A AGS R . -11.38 29.84 1.61
O3A AGS R . -11.71 30.12 -0.86
O5' AGS R . -11.50 32.18 0.54
C5' AGS R . -10.09 32.42 0.71
C4' AGS R . -9.89 33.87 1.08
O4' AGS R . -10.14 34.69 -0.07
C3' AGS R . -10.83 34.39 2.17
O3' AGS R . -10.27 34.21 3.46
C2' AGS R . -10.96 35.87 1.80
O2' AGS R . -9.89 36.65 2.31
C1' AGS R . -10.93 35.82 0.27
N9 AGS R . -12.24 35.68 -0.34
C8 AGS R . -12.67 34.63 -1.12
N7 AGS R . -13.90 34.77 -1.55
C5 AGS R . -14.32 35.98 -1.00
C6 AGS R . -15.53 36.70 -1.09
N6 AGS R . -16.60 36.27 -1.77
N1 AGS R . -15.60 37.88 -0.43
C2 AGS R . -14.53 38.31 0.25
N3 AGS R . -13.34 37.71 0.39
C4 AGS R . -13.30 36.55 -0.26
H5'1 AGS R . -9.62 32.22 -0.11
H5'2 AGS R . -9.74 31.86 1.44
H4' AGS R . -8.97 34.00 1.37
H3' AGS R . -11.69 33.96 2.11
HO3' AGS R . -9.70 33.52 3.44
H2' AGS R . -11.81 36.22 2.11
HO2' AGS R . -9.39 36.16 2.86
H1' AGS R . -10.50 36.62 -0.06
H8 AGS R . -12.13 33.87 -1.34
HN61 AGS R . -16.56 35.48 -2.21
HN62 AGS R . -17.35 36.77 -1.79
H2 AGS R . -14.64 39.15 0.70
MG MG S . 17.02 24.00 -5.05
PG AGS T . 17.22 23.97 -8.40
S1G AGS T . 17.76 22.79 -9.86
O2G AGS T . 17.25 23.18 -7.06
O3G AGS T . 15.78 24.50 -8.66
PB AGS T . 18.09 26.32 -7.23
O1B AGS T . 17.17 27.37 -7.67
O2B AGS T . 17.66 25.65 -5.93
O3B AGS T . 18.22 25.18 -8.32
PA AGS T . 20.23 26.93 -5.58
O1A AGS T . 19.60 27.91 -4.67
O2A AGS T . 20.20 25.50 -5.05
O3A AGS T . 19.54 26.93 -7.00
O5' AGS T . 21.71 27.41 -5.87
C5' AGS T . 22.75 26.49 -6.22
C4' AGS T . 24.08 27.22 -6.15
O4' AGS T . 24.18 28.09 -7.30
C3' AGS T . 24.25 28.10 -4.93
O3' AGS T . 24.88 27.39 -3.87
C2' AGS T . 25.13 29.24 -5.46
O2' AGS T . 26.52 28.91 -5.42
C1' AGS T . 24.63 29.38 -6.90
N9 AGS T . 23.54 30.32 -7.07
C8 AGS T . 22.33 30.07 -7.69
N7 AGS T . 21.53 31.11 -7.70
C5 AGS T . 22.24 32.10 -7.06
C6 AGS T . 21.93 33.44 -6.74
N6 AGS T . 20.78 34.03 -7.05
N1 AGS T . 22.87 34.15 -6.08
C2 AGS T . 24.02 33.57 -5.76
N3 AGS T . 24.42 32.31 -6.00
C4 AGS T . 23.48 31.63 -6.66
H5'1 AGS T . 22.61 26.15 -7.12
H5'2 AGS T . 22.76 25.74 -5.59
H4' AGS T . 24.80 26.57 -6.18
H3' AGS T . 23.40 28.46 -4.64
HO3' AGS T . 24.66 26.53 -3.93
H2' AGS T . 24.96 30.05 -4.96
HO2' AGS T . 26.64 28.21 -4.89
H1' AGS T . 25.38 29.65 -7.47
H8 AGS T . 22.11 29.22 -8.08
HN61 AGS T . 20.14 33.57 -7.50
HN62 AGS T . 20.64 34.90 -6.83
H2 AGS T . 24.67 34.13 -5.29
PB ADP U . 32.27 1.95 -21.08
O1B ADP U . 32.67 3.37 -21.34
O2B ADP U . 32.16 1.58 -19.62
O3B ADP U . 31.10 1.46 -21.93
PA ADP U . 34.53 0.37 -20.60
O1A ADP U . 35.14 1.39 -19.68
O2A ADP U . 33.80 -0.83 -20.03
O3A ADP U . 33.52 1.09 -21.62
O5' ADP U . 35.67 -0.15 -21.61
C5' ADP U . 35.53 -1.42 -22.26
C4' ADP U . 36.89 -1.97 -22.66
O4' ADP U . 37.66 -1.01 -23.38
C3' ADP U . 37.70 -2.37 -21.44
O3' ADP U . 37.65 -3.78 -21.23
C2' ADP U . 39.12 -1.92 -21.74
O2' ADP U . 40.03 -3.01 -21.80
C1' ADP U . 39.05 -1.23 -23.10
N9 ADP U . 39.80 0.04 -23.06
C8 ADP U . 39.31 1.26 -22.80
N7 ADP U . 40.30 2.20 -22.84
C5 ADP U . 41.44 1.57 -23.16
C6 ADP U . 42.85 1.96 -23.36
N6 ADP U . 43.25 3.24 -23.25
N1 ADP U . 43.74 0.98 -23.68
C2 ADP U . 43.37 -0.31 -23.79
N3 ADP U . 42.11 -0.72 -23.61
C4 ADP U . 41.12 0.14 -23.29
H5'1 ADP U . 34.90 -1.29 -23.16
H5'2 ADP U . 35.02 -2.12 -21.60
H4' ADP U . 36.73 -2.86 -23.29
H3' ADP U . 37.33 -1.84 -20.56
HO3' ADP U . 37.97 -3.98 -20.35
H2' ADP U . 39.43 -1.19 -20.99
HO2' ADP U . 40.21 -3.33 -20.91
H1' ADP U . 39.47 -1.90 -23.86
H8 ADP U . 38.27 1.47 -22.56
HN61 ADP U . 42.58 3.96 -23.03
HN62 ADP U . 44.22 3.47 -23.41
H2 ADP U . 44.12 -1.05 -24.04
#